data_6HK0
#
_entry.id   6HK0
#
_cell.length_a   105.800
_cell.length_b   264.697
_cell.length_c   111.185
_cell.angle_alpha   90.000
_cell.angle_beta   108.800
_cell.angle_gamma   90.000
#
_symmetry.space_group_name_H-M   'P 1 21 1'
#
loop_
_entity.id
_entity.type
_entity.pdbx_description
1 polymer 'Cys-loop ligand-gated ion channel'
2 non-polymer DODECYL-BETA-D-MALTOSIDE
#
_entity_poly.entity_id   1
_entity_poly.type   'polypeptide(L)'
_entity_poly.pdbx_seq_one_letter_code
;PVDVSVSIFINKIYGVNTLEQTYKVDGYIVAQWTGKPRKTPGDKPLIVENTQIERWINNGLWVPALEFINVVGSPDTGNK
RLMLFPDGRVIYNARFLGSFSNDMDFRLFPFDRQQFVLELEPFSYNNQQQRFSDIQVYTENADNEEIDEWWIRGKASTHI
SDIRYDHLSSVQPNQNEFSRITVRIDAVRNPSYYLWSFILPLGLIIAASWSVFWLESFSERLQTSFTLMLTVVAYAFYTS
NILPRLPYTTVIDQMIIAGYGSIFAAILLIIFAHHRQANGVEDDLLIQRCRLAFPLGFLAIGCVLVI
;
_entity_poly.pdbx_strand_id   A,B,C,D,E,F,G,H,I,J
#
loop_
_chem_comp.id
_chem_comp.type
_chem_comp.name
_chem_comp.formula
LMT D-saccharide DODECYL-BETA-D-MALTOSIDE 'C24 H46 O11'
#
# COMPACT_ATOMS: atom_id res chain seq x y z
N PRO A 1 -32.36 16.63 48.10
CA PRO A 1 -31.29 17.22 47.29
C PRO A 1 -30.34 16.16 46.72
N VAL A 2 -30.50 15.80 45.45
CA VAL A 2 -29.72 14.71 44.85
C VAL A 2 -28.34 15.23 44.48
N ASP A 3 -27.31 14.51 44.91
CA ASP A 3 -25.94 14.84 44.56
C ASP A 3 -25.58 14.14 43.25
N VAL A 4 -25.19 14.92 42.24
CA VAL A 4 -24.82 14.41 40.93
C VAL A 4 -23.38 14.80 40.66
N SER A 5 -22.56 13.82 40.30
CA SER A 5 -21.18 14.04 39.90
C SER A 5 -21.08 13.85 38.40
N VAL A 6 -20.51 14.83 37.72
CA VAL A 6 -20.44 14.81 36.27
C VAL A 6 -18.99 14.66 35.85
N SER A 7 -18.80 14.33 34.58
CA SER A 7 -17.49 14.29 33.94
C SER A 7 -17.73 14.53 32.46
N ILE A 8 -17.05 15.54 31.92
CA ILE A 8 -17.23 15.96 30.53
C ILE A 8 -15.90 15.71 29.82
N PHE A 9 -15.92 14.83 28.82
CA PHE A 9 -14.75 14.56 27.99
C PHE A 9 -14.88 15.38 26.72
N ILE A 10 -13.82 16.08 26.36
CA ILE A 10 -13.83 17.01 25.22
C ILE A 10 -12.91 16.45 24.14
N ASN A 11 -13.51 15.99 23.05
CA ASN A 11 -12.78 15.39 21.93
C ASN A 11 -12.25 16.44 20.96
N LYS A 12 -13.09 17.40 20.58
CA LYS A 12 -12.65 18.38 19.59
C LYS A 12 -13.45 19.67 19.74
N ILE A 13 -12.77 20.78 19.47
CA ILE A 13 -13.36 22.11 19.38
C ILE A 13 -12.98 22.67 18.02
N TYR A 14 -13.96 23.14 17.26
CA TYR A 14 -13.66 23.61 15.91
C TYR A 14 -14.80 24.51 15.42
N GLY A 15 -14.79 24.81 14.12
CA GLY A 15 -15.89 25.48 13.46
C GLY A 15 -16.28 26.82 14.05
N VAL A 16 -15.30 27.70 14.27
CA VAL A 16 -15.62 29.02 14.79
C VAL A 16 -16.36 29.81 13.74
N ASN A 17 -17.49 30.39 14.11
CA ASN A 17 -18.27 31.27 13.24
C ASN A 17 -18.20 32.65 13.88
N THR A 18 -17.48 33.56 13.22
CA THR A 18 -17.18 34.86 13.82
C THR A 18 -18.43 35.72 13.95
N LEU A 19 -19.29 35.73 12.94
CA LEU A 19 -20.48 36.57 12.98
C LEU A 19 -21.47 36.09 14.03
N GLU A 20 -21.63 34.77 14.16
CA GLU A 20 -22.63 34.21 15.08
C GLU A 20 -22.09 34.05 16.50
N GLN A 21 -20.77 34.14 16.70
CA GLN A 21 -20.15 33.90 18.00
C GLN A 21 -20.51 32.51 18.53
N THR A 22 -20.32 31.51 17.67
CA THR A 22 -20.55 30.11 17.99
C THR A 22 -19.30 29.29 17.68
N TYR A 23 -19.23 28.11 18.32
CA TYR A 23 -18.14 27.17 18.10
C TYR A 23 -18.66 25.76 18.35
N LYS A 24 -18.22 24.80 17.53
CA LYS A 24 -18.71 23.43 17.65
C LYS A 24 -17.82 22.64 18.58
N VAL A 25 -18.44 21.87 19.46
CA VAL A 25 -17.74 21.07 20.46
C VAL A 25 -18.28 19.65 20.35
N ASP A 26 -17.38 18.68 20.21
CA ASP A 26 -17.72 17.27 20.16
C ASP A 26 -17.01 16.59 21.31
N GLY A 27 -17.75 15.77 22.05
CA GLY A 27 -17.16 15.10 23.20
C GLY A 27 -18.15 14.16 23.86
N TYR A 28 -17.85 13.78 25.09
CA TYR A 28 -18.69 12.90 25.88
C TYR A 28 -19.17 13.60 27.15
N ILE A 29 -20.28 13.12 27.69
CA ILE A 29 -20.82 13.62 28.95
C ILE A 29 -21.18 12.43 29.83
N VAL A 30 -20.72 12.44 31.07
CA VAL A 30 -21.00 11.40 32.05
C VAL A 30 -21.62 12.06 33.27
N ALA A 31 -22.67 11.46 33.81
CA ALA A 31 -23.33 11.95 35.00
C ALA A 31 -23.71 10.78 35.88
N GLN A 32 -23.38 10.86 37.17
CA GLN A 32 -23.62 9.75 38.10
C GLN A 32 -24.36 10.26 39.32
N TRP A 33 -25.34 9.48 39.77
CA TRP A 33 -26.00 9.77 41.04
C TRP A 33 -26.40 8.45 41.69
N THR A 34 -27.00 8.56 42.88
CA THR A 34 -27.38 7.40 43.66
C THR A 34 -28.87 7.47 43.93
N GLY A 35 -29.59 6.44 43.52
CA GLY A 35 -31.02 6.38 43.71
C GLY A 35 -31.38 5.19 44.56
N LYS A 36 -32.65 4.80 44.59
CA LYS A 36 -33.04 3.65 45.39
C LYS A 36 -32.35 2.40 44.84
N PRO A 37 -31.91 1.49 45.70
CA PRO A 37 -31.26 0.27 45.21
C PRO A 37 -32.21 -0.53 44.33
N ARG A 38 -31.64 -1.47 43.58
CA ARG A 38 -32.37 -2.17 42.53
C ARG A 38 -31.77 -3.55 42.36
N LYS A 39 -32.61 -4.49 41.93
CA LYS A 39 -32.15 -5.83 41.62
C LYS A 39 -31.74 -5.87 40.16
N THR A 40 -30.54 -6.38 39.89
CA THR A 40 -30.02 -6.55 38.54
C THR A 40 -29.96 -8.04 38.23
N PRO A 41 -29.74 -8.40 36.96
CA PRO A 41 -29.41 -9.80 36.67
C PRO A 41 -28.10 -10.18 37.34
N GLY A 42 -28.15 -11.03 38.37
CA GLY A 42 -27.00 -11.17 39.24
C GLY A 42 -26.74 -9.86 39.98
N ASP A 43 -25.59 -9.81 40.66
CA ASP A 43 -25.14 -8.56 41.27
C ASP A 43 -24.24 -7.76 40.34
N LYS A 44 -24.12 -8.19 39.09
CA LYS A 44 -23.34 -7.48 38.09
C LYS A 44 -24.13 -6.27 37.59
N PRO A 45 -23.45 -5.18 37.26
CA PRO A 45 -24.18 -3.99 36.79
C PRO A 45 -24.87 -4.24 35.46
N LEU A 46 -25.99 -3.55 35.25
CA LEU A 46 -26.77 -3.69 34.03
C LEU A 46 -26.45 -2.55 33.07
N ILE A 47 -26.44 -2.87 31.78
CA ILE A 47 -26.14 -1.90 30.72
C ILE A 47 -27.37 -1.76 29.84
N VAL A 48 -27.78 -0.51 29.60
CA VAL A 48 -28.92 -0.20 28.76
C VAL A 48 -28.44 0.76 27.67
N GLU A 49 -28.80 0.46 26.44
CA GLU A 49 -28.33 1.20 25.27
C GLU A 49 -29.53 1.86 24.59
N ASN A 50 -29.22 2.84 23.74
CA ASN A 50 -30.08 3.95 23.38
C ASN A 50 -31.60 3.70 23.43
N THR A 51 -32.13 2.83 22.56
CA THR A 51 -33.59 2.71 22.46
C THR A 51 -34.18 2.22 23.79
N GLN A 52 -33.60 1.13 24.32
CA GLN A 52 -34.10 0.56 25.57
C GLN A 52 -34.13 1.59 26.69
N ILE A 53 -33.25 2.60 26.64
CA ILE A 53 -33.23 3.61 27.70
C ILE A 53 -34.63 4.18 27.88
N GLU A 54 -35.26 4.59 26.77
CA GLU A 54 -36.58 5.20 26.85
C GLU A 54 -37.56 4.26 27.53
N ARG A 55 -37.49 2.96 27.20
CA ARG A 55 -38.38 1.98 27.83
C ARG A 55 -38.32 2.08 29.35
N TRP A 56 -37.11 2.12 29.92
CA TRP A 56 -36.99 2.12 31.38
C TRP A 56 -37.67 3.35 31.98
N ILE A 57 -37.66 4.47 31.25
CA ILE A 57 -38.28 5.68 31.77
C ILE A 57 -39.81 5.53 31.75
N ASN A 58 -40.36 4.87 30.73
CA ASN A 58 -41.82 4.71 30.64
C ASN A 58 -42.36 3.85 31.77
N ASN A 59 -41.54 2.97 32.35
CA ASN A 59 -41.92 2.12 33.47
C ASN A 59 -41.66 2.79 34.81
N GLY A 60 -41.22 4.05 34.83
CA GLY A 60 -41.09 4.81 36.06
C GLY A 60 -39.67 5.24 36.41
N LEU A 61 -38.65 4.94 35.61
CA LEU A 61 -37.30 5.36 35.98
C LEU A 61 -37.15 6.87 35.85
N TRP A 62 -36.50 7.47 36.84
CA TRP A 62 -36.31 8.92 36.90
C TRP A 62 -34.94 9.26 36.35
N VAL A 63 -34.91 9.88 35.17
CA VAL A 63 -33.68 10.35 34.54
C VAL A 63 -33.80 11.85 34.30
N PRO A 64 -33.06 12.69 35.01
CA PRO A 64 -33.21 14.14 34.84
C PRO A 64 -32.59 14.64 33.54
N ALA A 65 -33.20 15.67 32.98
CA ALA A 65 -32.73 16.28 31.73
C ALA A 65 -31.75 17.39 32.05
N LEU A 66 -30.50 17.20 31.62
CA LEU A 66 -29.47 18.21 31.82
C LEU A 66 -29.27 18.96 30.51
N GLU A 67 -29.55 20.27 30.53
CA GLU A 67 -29.51 21.11 29.34
C GLU A 67 -28.22 21.93 29.30
N PHE A 68 -27.60 21.96 28.13
CA PHE A 68 -26.52 22.90 27.86
C PHE A 68 -27.13 24.30 27.68
N ILE A 69 -26.81 25.21 28.60
CA ILE A 69 -27.40 26.54 28.57
C ILE A 69 -26.97 27.29 27.32
N ASN A 70 -25.67 27.42 27.13
CA ASN A 70 -25.10 28.23 26.06
C ASN A 70 -25.15 27.51 24.70
N VAL A 71 -25.93 26.45 24.57
CA VAL A 71 -26.02 25.73 23.29
C VAL A 71 -26.94 26.48 22.33
N VAL A 72 -26.81 26.14 21.05
CA VAL A 72 -27.62 26.73 19.97
C VAL A 72 -28.35 25.57 19.31
N GLY A 73 -29.62 25.38 19.68
CA GLY A 73 -30.43 24.32 19.12
C GLY A 73 -30.06 22.97 19.69
N SER A 74 -30.89 21.98 19.37
CA SER A 74 -30.68 20.61 19.85
C SER A 74 -29.34 20.06 19.37
N PRO A 75 -28.43 19.71 20.27
CA PRO A 75 -27.16 19.10 19.84
C PRO A 75 -27.39 17.70 19.29
N ASP A 76 -26.35 17.18 18.62
CA ASP A 76 -26.45 15.86 18.01
C ASP A 76 -25.91 14.84 19.01
N THR A 77 -26.82 14.26 19.80
CA THR A 77 -26.43 13.24 20.76
C THR A 77 -26.27 11.91 20.03
N GLY A 78 -25.06 11.35 20.10
CA GLY A 78 -24.78 10.07 19.48
C GLY A 78 -25.27 8.90 20.32
N ASN A 79 -24.44 7.87 20.50
CA ASN A 79 -24.85 6.75 21.33
C ASN A 79 -24.92 7.18 22.78
N LYS A 80 -25.88 6.60 23.51
CA LYS A 80 -26.04 6.89 24.93
C LYS A 80 -26.32 5.60 25.68
N ARG A 81 -25.85 5.56 26.92
CA ARG A 81 -25.92 4.37 27.74
C ARG A 81 -26.28 4.74 29.17
N LEU A 82 -26.99 3.82 29.81
CA LEU A 82 -27.26 3.85 31.24
C LEU A 82 -26.60 2.63 31.87
N MET A 83 -25.79 2.86 32.89
CA MET A 83 -25.20 1.79 33.67
C MET A 83 -25.84 1.83 35.05
N LEU A 84 -26.47 0.71 35.43
CA LEU A 84 -27.23 0.61 36.67
C LEU A 84 -26.53 -0.36 37.61
N PHE A 85 -26.23 0.09 38.75
CA PHE A 85 -25.57 -0.78 39.71
C PHE A 85 -26.59 -1.26 40.73
N PRO A 86 -26.41 -2.45 41.29
CA PRO A 86 -27.41 -2.95 42.26
C PRO A 86 -27.52 -2.10 43.51
N ASP A 87 -26.45 -1.43 43.93
CA ASP A 87 -26.46 -0.58 45.12
C ASP A 87 -27.18 0.75 44.91
N GLY A 88 -27.76 0.99 43.74
CA GLY A 88 -28.49 2.20 43.47
C GLY A 88 -27.79 3.18 42.57
N ARG A 89 -26.49 3.00 42.32
CA ARG A 89 -25.77 3.92 41.44
C ARG A 89 -26.37 3.90 40.04
N VAL A 90 -26.37 5.08 39.41
CA VAL A 90 -26.85 5.26 38.04
C VAL A 90 -25.87 6.16 37.32
N ILE A 91 -25.44 5.75 36.13
CA ILE A 91 -24.46 6.47 35.34
C ILE A 91 -25.03 6.66 33.93
N TYR A 92 -25.08 7.89 33.47
CA TYR A 92 -25.56 8.25 32.13
C TYR A 92 -24.35 8.72 31.33
N ASN A 93 -24.11 8.07 30.20
CA ASN A 93 -22.95 8.36 29.36
C ASN A 93 -23.43 8.61 27.95
N ALA A 94 -23.05 9.74 27.36
CA ALA A 94 -23.58 10.08 26.05
C ALA A 94 -22.56 10.84 25.23
N ARG A 95 -22.46 10.47 23.96
CA ARG A 95 -21.66 11.22 23.00
C ARG A 95 -22.51 12.37 22.48
N PHE A 96 -21.91 13.55 22.38
CA PHE A 96 -22.66 14.73 21.98
C PHE A 96 -21.80 15.61 21.09
N LEU A 97 -22.42 16.17 20.05
CA LEU A 97 -21.82 17.20 19.23
C LEU A 97 -22.79 18.37 19.18
N GLY A 98 -22.31 19.57 19.52
CA GLY A 98 -23.20 20.71 19.59
C GLY A 98 -22.51 22.02 19.33
N SER A 99 -23.31 22.99 18.88
CA SER A 99 -22.82 24.34 18.63
C SER A 99 -23.16 25.22 19.83
N PHE A 100 -22.14 25.87 20.39
CA PHE A 100 -22.31 26.66 21.59
C PHE A 100 -22.00 28.12 21.31
N SER A 101 -22.58 28.99 22.13
CA SER A 101 -22.45 30.43 21.99
C SER A 101 -21.73 31.00 23.21
N ASN A 102 -21.04 32.12 23.01
CA ASN A 102 -20.36 32.86 24.06
C ASN A 102 -19.94 34.19 23.48
N ASP A 103 -19.77 35.17 24.36
CA ASP A 103 -19.24 36.46 23.93
C ASP A 103 -17.82 36.25 23.38
N MET A 104 -17.61 36.65 22.13
CA MET A 104 -16.32 36.49 21.47
C MET A 104 -15.93 37.81 20.81
N ASP A 105 -14.77 38.34 21.19
CA ASP A 105 -14.26 39.61 20.70
C ASP A 105 -13.11 39.32 19.73
N PHE A 106 -13.29 39.70 18.48
CA PHE A 106 -12.31 39.45 17.43
C PHE A 106 -11.58 40.71 16.98
N ARG A 107 -11.55 41.76 17.81
CA ARG A 107 -10.96 43.02 17.39
C ARG A 107 -9.46 42.90 17.16
N LEU A 108 -8.78 42.11 17.99
CA LEU A 108 -7.34 41.94 17.88
C LEU A 108 -6.96 40.84 16.89
N PHE A 109 -7.89 40.45 16.01
CA PHE A 109 -7.61 39.46 14.99
C PHE A 109 -6.51 39.98 14.07
N PRO A 110 -5.59 39.11 13.61
CA PRO A 110 -5.57 37.65 13.79
C PRO A 110 -4.84 37.22 15.05
N PHE A 111 -4.55 38.16 15.93
CA PHE A 111 -3.86 37.89 17.18
C PHE A 111 -4.81 37.70 18.35
N ASP A 112 -6.10 37.50 18.06
CA ASP A 112 -7.11 37.35 19.11
C ASP A 112 -6.87 36.08 19.92
N ARG A 113 -7.42 36.08 21.13
CA ARG A 113 -7.47 34.90 21.97
C ARG A 113 -8.86 34.84 22.58
N GLN A 114 -9.43 33.64 22.60
CA GLN A 114 -10.80 33.46 23.03
C GLN A 114 -10.83 32.42 24.14
N GLN A 115 -12.03 32.17 24.66
CA GLN A 115 -12.23 31.10 25.63
C GLN A 115 -13.57 30.44 25.34
N PHE A 116 -13.52 29.14 25.06
CA PHE A 116 -14.73 28.38 24.80
C PHE A 116 -15.36 27.99 26.13
N VAL A 117 -16.65 28.31 26.29
CA VAL A 117 -17.33 28.07 27.55
C VAL A 117 -18.45 27.07 27.32
N LEU A 118 -18.72 26.27 28.35
CA LEU A 118 -19.84 25.35 28.39
C LEU A 118 -20.60 25.57 29.69
N GLU A 119 -21.92 25.55 29.61
CA GLU A 119 -22.78 25.79 30.77
C GLU A 119 -23.81 24.67 30.86
N LEU A 120 -23.68 23.85 31.89
CA LEU A 120 -24.59 22.74 32.12
C LEU A 120 -25.54 23.11 33.26
N GLU A 121 -26.81 22.72 33.12
CA GLU A 121 -27.76 23.05 34.16
C GLU A 121 -28.92 22.06 34.12
N PRO A 122 -29.44 21.62 35.26
CA PRO A 122 -30.66 20.82 35.24
C PRO A 122 -31.81 21.64 34.67
N PHE A 123 -32.63 21.00 33.82
CA PHE A 123 -33.62 21.75 33.06
C PHE A 123 -34.82 22.13 33.92
N SER A 124 -35.32 21.19 34.72
CA SER A 124 -36.54 21.40 35.49
C SER A 124 -36.34 21.42 36.99
N TYR A 125 -35.27 20.78 37.49
CA TYR A 125 -35.08 20.58 38.91
C TYR A 125 -34.17 21.66 39.48
N ASN A 126 -34.55 22.22 40.63
CA ASN A 126 -33.81 23.33 41.21
C ASN A 126 -32.62 22.79 42.02
N ASN A 127 -31.93 23.68 42.75
CA ASN A 127 -30.77 23.24 43.53
C ASN A 127 -31.21 22.60 44.85
N GLN A 128 -32.34 23.04 45.41
CA GLN A 128 -32.91 22.39 46.58
C GLN A 128 -33.41 20.99 46.28
N GLN A 129 -33.59 20.64 45.01
CA GLN A 129 -34.03 19.32 44.60
C GLN A 129 -32.91 18.45 44.05
N GLN A 130 -31.91 19.04 43.40
CA GLN A 130 -30.85 18.29 42.74
C GLN A 130 -29.60 19.15 42.66
N ARG A 131 -28.49 18.63 43.19
CA ARG A 131 -27.27 19.41 43.37
C ARG A 131 -26.11 18.79 42.61
N PHE A 132 -25.19 19.65 42.19
CA PHE A 132 -23.95 19.21 41.54
C PHE A 132 -22.84 19.13 42.59
N SER A 133 -22.12 18.00 42.61
CA SER A 133 -21.05 17.77 43.56
C SER A 133 -19.67 18.00 42.94
N ASP A 134 -19.39 17.37 41.80
CA ASP A 134 -18.08 17.41 41.20
C ASP A 134 -18.18 17.80 39.72
N ILE A 135 -17.16 18.50 39.25
CA ILE A 135 -16.93 18.70 37.82
C ILE A 135 -15.56 18.13 37.49
N GLN A 136 -15.46 17.46 36.36
CA GLN A 136 -14.19 16.91 35.90
C GLN A 136 -14.17 17.02 34.37
N VAL A 137 -13.26 17.85 33.85
CA VAL A 137 -13.12 18.09 32.42
C VAL A 137 -11.76 17.58 31.98
N TYR A 138 -11.75 16.70 30.97
CA TYR A 138 -10.54 16.12 30.44
C TYR A 138 -10.37 16.56 29.00
N THR A 139 -9.19 17.10 28.69
CA THR A 139 -8.86 17.57 27.35
C THR A 139 -7.63 16.83 26.84
N GLU A 140 -7.68 16.40 25.59
CA GLU A 140 -6.53 15.73 25.00
C GLU A 140 -5.38 16.72 24.80
N ASN A 141 -4.16 16.21 24.94
CA ASN A 141 -2.98 17.07 24.90
C ASN A 141 -2.81 17.77 23.56
N ALA A 142 -2.77 17.00 22.47
CA ALA A 142 -2.66 17.52 21.10
C ALA A 142 -1.53 18.55 20.98
N ASP A 143 -0.32 18.10 21.28
CA ASP A 143 0.84 18.99 21.35
C ASP A 143 1.46 19.32 19.98
N ASN A 144 0.96 18.75 18.89
CA ASN A 144 1.38 19.20 17.55
C ASN A 144 0.50 20.36 17.10
N GLU A 145 0.68 21.50 17.78
CA GLU A 145 -0.21 22.65 17.59
C GLU A 145 -0.07 23.29 16.21
N GLU A 146 1.10 23.17 15.58
CA GLU A 146 1.39 23.91 14.36
C GLU A 146 0.32 23.71 13.28
N ILE A 147 -0.38 22.58 13.31
CA ILE A 147 -1.38 22.28 12.29
C ILE A 147 -2.76 22.78 12.71
N ASP A 148 -3.06 22.77 14.01
CA ASP A 148 -4.40 23.09 14.47
C ASP A 148 -4.67 24.59 14.34
N GLU A 149 -5.94 24.93 14.08
CA GLU A 149 -6.33 26.33 13.93
C GLU A 149 -6.15 27.09 15.24
N TRP A 150 -6.55 26.50 16.36
CA TRP A 150 -6.45 27.10 17.68
C TRP A 150 -5.48 26.31 18.54
N TRP A 151 -4.83 27.03 19.45
CA TRP A 151 -3.89 26.46 20.40
C TRP A 151 -4.52 26.55 21.77
N ILE A 152 -4.79 25.40 22.38
CA ILE A 152 -5.27 25.38 23.76
C ILE A 152 -4.10 25.72 24.68
N ARG A 153 -4.32 26.61 25.63
CA ARG A 153 -3.23 27.09 26.46
C ARG A 153 -3.12 26.38 27.80
N GLY A 154 -4.25 26.03 28.43
CA GLY A 154 -4.18 25.40 29.74
C GLY A 154 -5.37 24.49 29.95
N LYS A 155 -5.31 23.75 31.05
CA LYS A 155 -6.42 22.88 31.43
C LYS A 155 -7.69 23.68 31.65
N ALA A 156 -8.82 22.99 31.64
CA ALA A 156 -10.09 23.68 31.76
C ALA A 156 -10.29 24.19 33.19
N SER A 157 -10.94 25.34 33.31
CA SER A 157 -11.33 25.86 34.61
C SER A 157 -12.81 25.57 34.81
N THR A 158 -13.14 25.00 35.96
CA THR A 158 -14.51 24.62 36.28
C THR A 158 -15.03 25.47 37.44
N HIS A 159 -16.36 25.56 37.54
CA HIS A 159 -16.97 26.32 38.62
C HIS A 159 -18.42 25.91 38.79
N ILE A 160 -18.77 25.41 39.96
CA ILE A 160 -20.17 25.22 40.34
C ILE A 160 -20.67 26.53 40.93
N SER A 161 -21.84 26.98 40.49
CA SER A 161 -22.42 28.21 41.00
C SER A 161 -23.92 27.98 41.17
N ASP A 162 -24.57 28.97 41.78
CA ASP A 162 -26.01 28.94 42.00
C ASP A 162 -26.62 30.12 41.25
N ILE A 163 -27.49 29.81 40.30
CA ILE A 163 -28.11 30.81 39.43
C ILE A 163 -29.51 31.06 39.94
N ARG A 164 -29.89 32.33 40.05
CA ARG A 164 -31.17 32.75 40.61
C ARG A 164 -32.00 33.42 39.52
N TYR A 165 -33.09 32.77 39.12
CA TYR A 165 -34.03 33.37 38.18
C TYR A 165 -35.08 34.16 38.96
N ASP A 166 -35.04 35.49 38.83
CA ASP A 166 -36.00 36.34 39.53
C ASP A 166 -37.42 36.13 39.02
N HIS A 167 -37.64 36.34 37.72
CA HIS A 167 -38.99 36.29 37.17
C HIS A 167 -39.48 34.85 37.16
N LEU A 168 -40.22 34.48 38.20
CA LEU A 168 -40.75 33.13 38.36
C LEU A 168 -42.12 33.26 39.02
N SER A 169 -42.64 32.14 39.53
CA SER A 169 -43.97 32.15 40.15
C SER A 169 -43.93 32.85 41.50
N SER A 170 -45.12 33.03 42.08
CA SER A 170 -45.30 33.72 43.35
C SER A 170 -45.70 32.77 44.48
N VAL A 171 -45.93 31.49 44.19
CA VAL A 171 -46.22 30.49 45.22
C VAL A 171 -44.96 29.80 45.71
N GLN A 172 -43.84 29.99 45.02
CA GLN A 172 -42.57 29.30 45.30
C GLN A 172 -41.79 29.98 46.41
N PRO A 173 -41.70 29.37 47.60
CA PRO A 173 -41.06 30.03 48.74
C PRO A 173 -39.57 30.25 48.54
N ASN A 174 -38.85 29.16 48.26
CA ASN A 174 -37.40 29.20 48.17
C ASN A 174 -36.86 28.43 46.97
N GLN A 175 -37.71 27.77 46.20
CA GLN A 175 -37.27 26.95 45.06
C GLN A 175 -37.13 27.83 43.81
N ASN A 176 -36.11 28.69 43.84
CA ASN A 176 -35.81 29.55 42.70
C ASN A 176 -34.32 29.57 42.34
N GLU A 177 -33.51 28.70 42.94
CA GLU A 177 -32.08 28.60 42.64
C GLU A 177 -31.79 27.31 41.90
N PHE A 178 -30.83 27.37 40.98
CA PHE A 178 -30.42 26.22 40.18
C PHE A 178 -28.92 26.03 40.27
N SER A 179 -28.48 24.79 40.15
CA SER A 179 -27.07 24.43 40.19
C SER A 179 -26.49 24.49 38.77
N ARG A 180 -25.52 25.37 38.54
CA ARG A 180 -24.94 25.54 37.21
C ARG A 180 -23.47 25.15 37.22
N ILE A 181 -23.09 24.31 36.26
CA ILE A 181 -21.70 23.96 36.03
C ILE A 181 -21.18 24.81 34.89
N THR A 182 -20.02 25.44 35.08
CA THR A 182 -19.44 26.29 34.05
C THR A 182 -18.01 25.84 33.79
N VAL A 183 -17.70 25.56 32.53
CA VAL A 183 -16.38 25.12 32.10
C VAL A 183 -15.85 26.16 31.12
N ARG A 184 -14.60 26.58 31.31
CA ARG A 184 -13.96 27.55 30.44
C ARG A 184 -12.63 26.98 29.97
N ILE A 185 -12.33 27.19 28.68
CA ILE A 185 -11.10 26.70 28.08
C ILE A 185 -10.51 27.84 27.25
N ASP A 186 -9.38 28.38 27.70
CA ASP A 186 -8.73 29.44 26.93
C ASP A 186 -8.07 28.85 25.68
N ALA A 187 -7.96 29.68 24.64
CA ALA A 187 -7.37 29.27 23.38
C ALA A 187 -6.90 30.51 22.64
N VAL A 188 -5.88 30.33 21.80
CA VAL A 188 -5.29 31.42 21.02
C VAL A 188 -5.24 31.02 19.55
N ARG A 189 -5.53 31.96 18.67
CA ARG A 189 -5.52 31.67 17.24
C ARG A 189 -4.09 31.60 16.70
N ASN A 190 -3.91 30.73 15.72
CA ASN A 190 -2.62 30.60 15.04
C ASN A 190 -2.49 31.70 13.99
N PRO A 191 -1.60 32.68 14.19
CA PRO A 191 -1.52 33.82 13.27
C PRO A 191 -0.53 33.64 12.13
N SER A 192 0.09 32.45 12.01
CA SER A 192 1.16 32.27 11.03
C SER A 192 0.70 32.63 9.61
N TYR A 193 -0.44 32.07 9.18
CA TYR A 193 -0.91 32.33 7.82
C TYR A 193 -1.12 33.82 7.58
N TYR A 194 -1.73 34.52 8.54
CA TYR A 194 -2.04 35.94 8.33
C TYR A 194 -0.79 36.80 8.43
N LEU A 195 0.21 36.38 9.21
CA LEU A 195 1.49 37.09 9.21
C LEU A 195 2.17 36.98 7.86
N TRP A 196 2.35 35.74 7.37
CA TRP A 196 3.20 35.53 6.21
C TRP A 196 2.47 35.87 4.90
N SER A 197 1.20 35.47 4.77
CA SER A 197 0.47 35.69 3.53
C SER A 197 -0.38 36.96 3.50
N PHE A 198 -0.56 37.65 4.64
CA PHE A 198 -1.31 38.91 4.64
C PHE A 198 -0.49 40.08 5.16
N ILE A 199 0.06 39.99 6.38
CA ILE A 199 0.71 41.16 6.98
C ILE A 199 1.98 41.52 6.22
N LEU A 200 2.83 40.54 5.96
CA LEU A 200 4.07 40.80 5.25
C LEU A 200 3.84 41.37 3.84
N PRO A 201 2.96 40.81 3.00
CA PRO A 201 2.72 41.43 1.70
C PRO A 201 2.12 42.82 1.81
N LEU A 202 1.27 43.07 2.80
CA LEU A 202 0.69 44.39 2.99
C LEU A 202 1.77 45.42 3.30
N GLY A 203 2.67 45.07 4.24
CA GLY A 203 3.76 45.97 4.56
C GLY A 203 4.73 46.18 3.40
N LEU A 204 5.02 45.11 2.65
CA LEU A 204 5.90 45.23 1.50
C LEU A 204 5.29 46.14 0.43
N ILE A 205 3.99 46.01 0.19
CA ILE A 205 3.31 46.89 -0.76
C ILE A 205 3.34 48.33 -0.25
N ILE A 206 3.20 48.52 1.06
CA ILE A 206 3.23 49.87 1.61
C ILE A 206 4.61 50.50 1.44
N ALA A 207 5.66 49.72 1.65
CA ALA A 207 7.02 50.21 1.41
C ALA A 207 7.23 50.56 -0.06
N ALA A 208 6.81 49.66 -0.95
CA ALA A 208 6.90 49.96 -2.38
C ALA A 208 6.13 51.25 -2.72
N SER A 209 4.99 51.48 -2.04
CA SER A 209 4.26 52.72 -2.26
C SER A 209 5.08 53.92 -1.81
N TRP A 210 5.78 53.79 -0.68
CA TRP A 210 6.68 54.86 -0.24
C TRP A 210 7.75 55.14 -1.28
N SER A 211 8.13 54.14 -2.06
CA SER A 211 9.19 54.36 -3.05
C SER A 211 8.80 55.36 -4.21
N VAL A 212 7.65 56.04 -4.16
CA VAL A 212 7.22 56.92 -5.26
C VAL A 212 8.03 58.21 -5.31
N PHE A 213 8.49 58.70 -4.14
CA PHE A 213 9.18 59.98 -4.10
C PHE A 213 10.56 59.93 -4.74
N TRP A 214 11.07 58.74 -5.07
CA TRP A 214 12.33 58.56 -5.75
C TRP A 214 12.19 58.64 -7.28
N LEU A 215 11.02 59.07 -7.75
CA LEU A 215 10.82 59.38 -9.17
C LEU A 215 11.31 60.79 -9.46
N GLU A 216 11.87 60.98 -10.66
CA GLU A 216 12.43 62.28 -11.00
C GLU A 216 11.34 63.27 -11.40
N SER A 217 10.45 62.88 -12.31
CA SER A 217 9.40 63.75 -12.81
C SER A 217 8.20 63.81 -11.88
N PHE A 218 7.47 64.93 -11.92
CA PHE A 218 6.24 65.06 -11.15
C PHE A 218 5.11 64.25 -11.77
N SER A 219 4.95 64.32 -13.11
CA SER A 219 3.91 63.58 -13.79
C SER A 219 4.03 62.09 -13.53
N GLU A 220 5.25 61.56 -13.57
CA GLU A 220 5.48 60.16 -13.24
C GLU A 220 4.98 59.85 -11.83
N ARG A 221 5.32 60.72 -10.88
CA ARG A 221 4.89 60.54 -9.49
C ARG A 221 3.36 60.46 -9.40
N LEU A 222 2.66 61.47 -9.93
CA LEU A 222 1.22 61.50 -9.78
C LEU A 222 0.55 60.33 -10.51
N GLN A 223 1.02 60.01 -11.72
CA GLN A 223 0.41 58.90 -12.46
C GLN A 223 0.63 57.58 -11.74
N THR A 224 1.83 57.37 -11.18
CA THR A 224 2.12 56.12 -10.49
C THR A 224 1.32 56.00 -9.20
N SER A 225 1.02 57.13 -8.56
CA SER A 225 0.21 57.09 -7.33
C SER A 225 -1.11 56.35 -7.53
N PHE A 226 -1.72 56.51 -8.70
CA PHE A 226 -3.02 55.89 -8.96
C PHE A 226 -2.87 54.39 -9.17
N THR A 227 -1.78 53.96 -9.82
CA THR A 227 -1.50 52.54 -9.90
C THR A 227 -1.29 51.95 -8.50
N LEU A 228 -0.67 52.73 -7.60
CA LEU A 228 -0.50 52.27 -6.23
C LEU A 228 -1.85 52.15 -5.51
N MET A 229 -2.72 53.14 -5.68
CA MET A 229 -4.07 53.06 -5.11
C MET A 229 -4.80 51.82 -5.61
N LEU A 230 -4.73 51.56 -6.91
CA LEU A 230 -5.38 50.38 -7.48
C LEU A 230 -4.78 49.09 -6.90
N THR A 231 -3.47 49.07 -6.69
CA THR A 231 -2.84 47.91 -6.06
C THR A 231 -3.43 47.68 -4.67
N VAL A 232 -3.51 48.76 -3.87
CA VAL A 232 -4.04 48.61 -2.51
C VAL A 232 -5.50 48.15 -2.56
N VAL A 233 -6.26 48.62 -3.56
CA VAL A 233 -7.65 48.21 -3.68
C VAL A 233 -7.75 46.73 -3.99
N ALA A 234 -6.96 46.26 -4.96
CA ALA A 234 -6.99 44.82 -5.28
C ALA A 234 -6.57 43.98 -4.09
N TYR A 235 -5.58 44.46 -3.33
CA TYR A 235 -5.12 43.74 -2.14
C TYR A 235 -6.20 43.68 -1.07
N ALA A 236 -6.87 44.80 -0.83
CA ALA A 236 -7.96 44.83 0.14
C ALA A 236 -9.10 43.90 -0.31
N PHE A 237 -9.33 43.82 -1.62
CA PHE A 237 -10.34 42.92 -2.14
C PHE A 237 -9.99 41.47 -1.83
N TYR A 238 -8.77 41.07 -2.17
CA TYR A 238 -8.28 39.72 -1.88
C TYR A 238 -8.40 39.39 -0.39
N THR A 239 -7.84 40.27 0.46
CA THR A 239 -7.99 40.19 1.91
C THR A 239 -9.44 39.94 2.30
N SER A 240 -10.34 40.88 1.95
CA SER A 240 -11.71 40.81 2.42
C SER A 240 -12.42 39.56 1.91
N ASN A 241 -12.04 39.06 0.73
CA ASN A 241 -12.64 37.83 0.24
C ASN A 241 -12.21 36.62 1.06
N ILE A 242 -10.99 36.64 1.61
CA ILE A 242 -10.53 35.51 2.43
C ILE A 242 -10.94 35.65 3.90
N LEU A 243 -10.73 36.83 4.50
CA LEU A 243 -10.89 36.98 5.94
C LEU A 243 -12.36 36.84 6.37
N PRO A 244 -12.60 36.47 7.64
CA PRO A 244 -13.97 36.21 8.07
C PRO A 244 -14.80 37.48 8.18
N ARG A 245 -16.08 37.36 7.86
CA ARG A 245 -16.99 38.49 8.01
C ARG A 245 -17.07 38.89 9.47
N LEU A 246 -17.13 40.20 9.72
CA LEU A 246 -17.14 40.73 11.06
C LEU A 246 -17.85 42.08 11.05
N PRO A 247 -18.35 42.54 12.19
CA PRO A 247 -18.98 43.87 12.27
C PRO A 247 -18.07 45.01 12.73
N TYR A 248 -16.77 44.77 12.89
CA TYR A 248 -15.83 45.79 13.34
C TYR A 248 -14.51 45.60 12.60
N THR A 249 -13.63 46.59 12.75
CA THR A 249 -12.35 46.63 12.03
C THR A 249 -11.37 45.68 12.70
N THR A 250 -10.81 44.75 11.93
CA THR A 250 -9.71 43.95 12.46
C THR A 250 -8.41 44.76 12.41
N VAL A 251 -7.35 44.19 12.98
CA VAL A 251 -6.04 44.81 12.86
C VAL A 251 -5.66 44.93 11.38
N ILE A 252 -5.90 43.86 10.60
CA ILE A 252 -5.60 43.89 9.17
C ILE A 252 -6.44 44.95 8.45
N ASP A 253 -7.72 45.09 8.83
CA ASP A 253 -8.51 46.19 8.26
C ASP A 253 -7.88 47.53 8.56
N GLN A 254 -7.35 47.69 9.77
CA GLN A 254 -6.71 48.95 10.12
C GLN A 254 -5.46 49.18 9.28
N MET A 255 -4.70 48.11 9.02
CA MET A 255 -3.53 48.27 8.15
C MET A 255 -3.93 48.62 6.72
N ILE A 256 -5.04 48.05 6.24
CA ILE A 256 -5.54 48.41 4.92
C ILE A 256 -5.88 49.90 4.88
N ILE A 257 -6.62 50.36 5.90
CA ILE A 257 -6.99 51.78 6.00
C ILE A 257 -5.74 52.64 6.10
N ALA A 258 -4.71 52.14 6.79
CA ALA A 258 -3.46 52.87 6.92
C ALA A 258 -2.77 53.01 5.57
N GLY A 259 -2.78 51.93 4.77
CA GLY A 259 -2.22 52.02 3.43
C GLY A 259 -2.97 53.01 2.56
N TYR A 260 -4.31 52.98 2.63
CA TYR A 260 -5.12 53.96 1.92
C TYR A 260 -4.74 55.39 2.31
N GLY A 261 -4.69 55.66 3.61
CA GLY A 261 -4.36 57.00 4.08
C GLY A 261 -2.94 57.40 3.75
N SER A 262 -2.01 56.44 3.77
CA SER A 262 -0.64 56.72 3.37
C SER A 262 -0.57 57.17 1.92
N ILE A 263 -1.24 56.45 1.03
CA ILE A 263 -1.22 56.84 -0.39
C ILE A 263 -1.89 58.19 -0.58
N PHE A 264 -3.00 58.44 0.13
CA PHE A 264 -3.70 59.71 -0.05
C PHE A 264 -2.86 60.88 0.45
N ALA A 265 -2.21 60.72 1.61
CA ALA A 265 -1.31 61.74 2.11
C ALA A 265 -0.11 61.94 1.21
N ALA A 266 0.36 60.86 0.57
CA ALA A 266 1.45 60.98 -0.39
C ALA A 266 1.04 61.84 -1.58
N ILE A 267 -0.18 61.62 -2.08
CA ILE A 267 -0.69 62.42 -3.19
C ILE A 267 -0.81 63.90 -2.78
N LEU A 268 -1.35 64.15 -1.59
CA LEU A 268 -1.45 65.51 -1.10
C LEU A 268 -0.08 66.19 -1.04
N LEU A 269 0.92 65.47 -0.50
CA LEU A 269 2.27 66.04 -0.41
C LEU A 269 2.90 66.23 -1.78
N ILE A 270 2.61 65.35 -2.74
CA ILE A 270 3.14 65.50 -4.09
C ILE A 270 2.62 66.80 -4.71
N ILE A 271 1.31 67.00 -4.63
CA ILE A 271 0.71 68.22 -5.15
C ILE A 271 1.28 69.44 -4.43
N PHE A 272 1.41 69.35 -3.10
CA PHE A 272 1.96 70.45 -2.31
C PHE A 272 3.38 70.80 -2.78
N ALA A 273 4.24 69.79 -2.90
CA ALA A 273 5.62 70.02 -3.35
C ALA A 273 5.65 70.64 -4.74
N HIS A 274 4.76 70.20 -5.64
CA HIS A 274 4.76 70.77 -6.97
C HIS A 274 4.31 72.23 -6.97
N HIS A 275 3.41 72.61 -6.08
CA HIS A 275 2.88 73.97 -6.10
C HIS A 275 3.11 74.71 -4.78
N ARG A 276 4.16 74.37 -4.04
CA ARG A 276 4.41 75.08 -2.80
C ARG A 276 5.10 76.42 -3.08
N GLN A 277 6.30 76.37 -3.65
CA GLN A 277 7.08 77.58 -3.91
C GLN A 277 6.53 78.29 -5.15
N ALA A 278 7.20 79.37 -5.53
CA ALA A 278 6.80 80.21 -6.65
C ALA A 278 7.59 79.85 -7.91
N ASN A 279 7.05 80.28 -9.06
CA ASN A 279 7.68 80.09 -10.37
C ASN A 279 7.89 78.61 -10.70
N GLY A 280 6.98 77.75 -10.25
CA GLY A 280 7.09 76.34 -10.57
C GLY A 280 8.28 75.63 -9.96
N VAL A 281 8.69 76.02 -8.75
CA VAL A 281 9.78 75.33 -8.08
C VAL A 281 9.29 73.99 -7.56
N GLU A 282 10.06 72.92 -7.83
CA GLU A 282 9.65 71.59 -7.42
C GLU A 282 9.65 71.39 -5.92
N ASP A 283 10.38 72.22 -5.17
CA ASP A 283 10.65 71.98 -3.75
C ASP A 283 11.16 70.55 -3.56
N ASP A 284 12.35 70.33 -4.10
CA ASP A 284 12.97 69.00 -4.03
C ASP A 284 13.37 68.66 -2.61
N LEU A 285 13.63 69.67 -1.78
CA LEU A 285 13.94 69.40 -0.38
C LEU A 285 12.80 68.66 0.29
N LEU A 286 11.55 69.05 0.00
CA LEU A 286 10.40 68.36 0.59
C LEU A 286 10.33 66.92 0.12
N ILE A 287 10.58 66.69 -1.16
CA ILE A 287 10.50 65.34 -1.72
C ILE A 287 11.58 64.45 -1.08
N GLN A 288 12.82 64.94 -1.07
CA GLN A 288 13.92 64.19 -0.47
C GLN A 288 13.67 63.93 1.01
N ARG A 289 13.19 64.94 1.74
CA ARG A 289 12.97 64.78 3.17
C ARG A 289 11.87 63.76 3.44
N CYS A 290 10.77 63.81 2.69
CA CYS A 290 9.69 62.86 2.96
C CYS A 290 10.06 61.45 2.53
N ARG A 291 10.99 61.31 1.56
CA ARG A 291 11.48 59.99 1.15
C ARG A 291 11.82 59.10 2.34
N LEU A 292 12.34 59.69 3.42
CA LEU A 292 12.60 58.96 4.64
C LEU A 292 11.81 59.46 5.85
N ALA A 293 11.11 60.59 5.73
CA ALA A 293 10.24 61.06 6.80
C ALA A 293 8.90 60.34 6.84
N PHE A 294 8.44 59.76 5.72
CA PHE A 294 7.22 58.96 5.77
C PHE A 294 7.42 57.67 6.56
N PRO A 295 8.50 56.90 6.37
CA PRO A 295 8.64 55.66 7.17
C PRO A 295 8.73 55.90 8.68
N LEU A 296 9.57 56.82 9.14
CA LEU A 296 9.72 57.05 10.57
C LEU A 296 8.43 57.59 11.18
N GLY A 297 7.80 58.57 10.53
CA GLY A 297 6.55 59.12 11.04
C GLY A 297 5.43 58.09 11.07
N PHE A 298 5.34 57.23 10.04
CA PHE A 298 4.28 56.24 10.02
C PHE A 298 4.53 55.12 11.03
N LEU A 299 5.79 54.74 11.24
CA LEU A 299 6.11 53.79 12.29
C LEU A 299 5.80 54.37 13.67
N ALA A 300 6.02 55.67 13.84
CA ALA A 300 5.63 56.31 15.10
C ALA A 300 4.12 56.33 15.27
N ILE A 301 3.38 56.55 14.17
CA ILE A 301 1.92 56.50 14.24
C ILE A 301 1.44 55.11 14.65
N GLY A 302 1.99 54.08 14.01
CA GLY A 302 1.62 52.72 14.36
C GLY A 302 2.04 52.34 15.78
N CYS A 303 3.15 52.91 16.27
CA CYS A 303 3.58 52.65 17.63
C CYS A 303 2.63 53.28 18.64
N VAL A 304 2.24 54.54 18.41
CA VAL A 304 1.24 55.17 19.28
C VAL A 304 -0.09 54.42 19.18
N LEU A 305 -0.35 53.76 18.06
CA LEU A 305 -1.53 52.90 17.95
C LEU A 305 -1.40 51.68 18.88
N VAL A 306 -0.30 50.95 18.77
CA VAL A 306 -0.21 49.62 19.41
C VAL A 306 -0.29 49.75 20.93
N ILE A 307 0.66 50.48 21.53
CA ILE A 307 0.86 50.63 22.98
C ILE A 307 0.48 49.37 23.79
N PRO B 1 -16.12 -12.80 27.83
CA PRO B 1 -15.46 -12.04 26.77
C PRO B 1 -15.94 -12.46 25.37
N VAL B 2 -16.88 -11.71 24.80
CA VAL B 2 -17.54 -12.10 23.54
C VAL B 2 -16.61 -11.77 22.38
N ASP B 3 -16.40 -12.76 21.50
CA ASP B 3 -15.55 -12.57 20.33
C ASP B 3 -16.41 -12.02 19.19
N VAL B 4 -16.02 -10.86 18.65
CA VAL B 4 -16.71 -10.19 17.56
C VAL B 4 -15.75 -10.05 16.38
N SER B 5 -16.17 -10.51 15.20
CA SER B 5 -15.40 -10.36 13.98
C SER B 5 -16.08 -9.33 13.08
N VAL B 6 -15.33 -8.32 12.64
CA VAL B 6 -15.90 -7.23 11.85
C VAL B 6 -15.37 -7.28 10.43
N SER B 7 -16.05 -6.57 9.54
CA SER B 7 -15.60 -6.38 8.17
C SER B 7 -16.23 -5.09 7.67
N ILE B 8 -15.41 -4.16 7.21
CA ILE B 8 -15.87 -2.84 6.78
C ILE B 8 -15.56 -2.70 5.29
N PHE B 9 -16.61 -2.51 4.49
CA PHE B 9 -16.47 -2.24 3.07
C PHE B 9 -16.54 -0.73 2.88
N ILE B 10 -15.61 -0.20 2.09
CA ILE B 10 -15.48 1.24 1.88
C ILE B 10 -15.85 1.54 0.42
N ASN B 11 -16.98 2.24 0.26
CA ASN B 11 -17.48 2.61 -1.06
C ASN B 11 -16.82 3.89 -1.56
N LYS B 12 -16.77 4.92 -0.72
CA LYS B 12 -16.18 6.18 -1.18
C LYS B 12 -15.68 7.01 -0.01
N ILE B 13 -14.58 7.73 -0.27
CA ILE B 13 -14.03 8.73 0.63
C ILE B 13 -13.95 10.03 -0.15
N TYR B 14 -14.47 11.10 0.43
CA TYR B 14 -14.57 12.39 -0.26
C TYR B 14 -14.74 13.48 0.79
N GLY B 15 -15.14 14.68 0.35
CA GLY B 15 -15.52 15.74 1.26
C GLY B 15 -14.43 16.16 2.22
N VAL B 16 -13.26 16.48 1.67
CA VAL B 16 -12.15 16.92 2.50
C VAL B 16 -12.47 18.29 3.08
N ASN B 17 -12.36 18.41 4.41
CA ASN B 17 -12.55 19.69 5.08
C ASN B 17 -11.21 20.06 5.72
N THR B 18 -10.52 21.03 5.13
CA THR B 18 -9.14 21.31 5.54
C THR B 18 -9.09 21.96 6.92
N LEU B 19 -9.95 22.95 7.15
CA LEU B 19 -9.90 23.66 8.43
C LEU B 19 -10.38 22.77 9.58
N GLU B 20 -11.43 21.98 9.35
CA GLU B 20 -12.01 21.15 10.39
C GLU B 20 -11.36 19.78 10.50
N GLN B 21 -10.55 19.39 9.51
CA GLN B 21 -9.89 18.07 9.47
C GLN B 21 -10.89 16.91 9.58
N THR B 22 -11.88 16.93 8.68
CA THR B 22 -12.85 15.87 8.55
C THR B 22 -12.90 15.37 7.12
N TYR B 23 -13.43 14.17 6.94
CA TYR B 23 -13.61 13.57 5.62
C TYR B 23 -14.80 12.62 5.65
N LYS B 24 -15.56 12.60 4.56
CA LYS B 24 -16.77 11.78 4.49
C LYS B 24 -16.43 10.40 3.93
N VAL B 25 -16.96 9.37 4.58
CA VAL B 25 -16.72 7.98 4.18
C VAL B 25 -18.08 7.29 4.11
N ASP B 26 -18.37 6.67 2.98
CA ASP B 26 -19.57 5.88 2.80
C ASP B 26 -19.15 4.45 2.48
N GLY B 27 -19.79 3.51 3.16
CA GLY B 27 -19.45 2.12 2.96
C GLY B 27 -20.38 1.23 3.77
N TYR B 28 -19.96 -0.01 3.98
CA TYR B 28 -20.73 -0.97 4.74
C TYR B 28 -19.93 -1.40 5.97
N ILE B 29 -20.64 -1.88 6.98
CA ILE B 29 -20.04 -2.43 8.18
C ILE B 29 -20.73 -3.74 8.51
N VAL B 30 -19.95 -4.80 8.72
CA VAL B 30 -20.45 -6.11 9.08
C VAL B 30 -19.80 -6.50 10.39
N ALA B 31 -20.60 -7.04 11.31
CA ALA B 31 -20.07 -7.50 12.59
C ALA B 31 -20.74 -8.83 12.91
N GLN B 32 -19.94 -9.81 13.29
CA GLN B 32 -20.46 -11.15 13.51
C GLN B 32 -20.02 -11.62 14.88
N TRP B 33 -20.94 -12.24 15.60
CA TRP B 33 -20.62 -12.88 16.87
C TRP B 33 -21.50 -14.11 17.02
N THR B 34 -21.30 -14.84 18.11
CA THR B 34 -21.98 -16.11 18.35
C THR B 34 -22.74 -16.03 19.67
N GLY B 35 -24.05 -16.28 19.62
CA GLY B 35 -24.86 -16.23 20.82
C GLY B 35 -25.50 -17.57 21.08
N LYS B 36 -26.49 -17.62 21.98
CA LYS B 36 -27.15 -18.87 22.28
C LYS B 36 -27.92 -19.36 21.05
N PRO B 37 -27.95 -20.67 20.81
CA PRO B 37 -28.72 -21.19 19.67
C PRO B 37 -30.19 -20.83 19.79
N ARG B 38 -30.89 -20.96 18.67
CA ARG B 38 -32.26 -20.45 18.60
C ARG B 38 -33.02 -21.22 17.52
N LYS B 39 -34.33 -21.29 17.69
CA LYS B 39 -35.19 -21.88 16.67
C LYS B 39 -35.60 -20.80 15.68
N THR B 40 -35.41 -21.08 14.41
CA THR B 40 -35.81 -20.20 13.32
C THR B 40 -36.94 -20.86 12.53
N PRO B 41 -37.61 -20.13 11.65
CA PRO B 41 -38.52 -20.79 10.71
C PRO B 41 -37.74 -21.75 9.80
N GLY B 42 -37.96 -23.05 9.95
CA GLY B 42 -37.07 -24.03 9.36
C GLY B 42 -35.71 -23.93 10.03
N ASP B 43 -34.73 -24.62 9.45
CA ASP B 43 -33.36 -24.46 9.89
C ASP B 43 -32.62 -23.37 9.10
N LYS B 44 -33.33 -22.64 8.24
CA LYS B 44 -32.80 -21.56 7.41
C LYS B 44 -32.63 -20.31 8.25
N PRO B 45 -31.61 -19.49 7.94
CA PRO B 45 -31.38 -18.28 8.74
C PRO B 45 -32.52 -17.29 8.60
N LEU B 46 -32.70 -16.50 9.65
CA LEU B 46 -33.76 -15.49 9.71
C LEU B 46 -33.17 -14.14 9.33
N ILE B 47 -33.95 -13.33 8.63
CA ILE B 47 -33.52 -12.02 8.17
C ILE B 47 -34.40 -10.99 8.87
N VAL B 48 -33.77 -9.99 9.47
CA VAL B 48 -34.47 -8.93 10.18
C VAL B 48 -34.02 -7.62 9.55
N GLU B 49 -34.98 -6.76 9.21
CA GLU B 49 -34.71 -5.55 8.47
C GLU B 49 -35.08 -4.35 9.34
N ASN B 50 -34.53 -3.19 8.96
CA ASN B 50 -34.26 -2.05 9.82
C ASN B 50 -35.19 -1.92 11.03
N THR B 51 -36.47 -1.63 10.79
CA THR B 51 -37.37 -1.31 11.89
C THR B 51 -37.53 -2.53 12.81
N GLN B 52 -37.79 -3.69 12.22
CA GLN B 52 -38.01 -4.91 12.99
C GLN B 52 -36.88 -5.17 13.98
N ILE B 53 -35.65 -4.70 13.66
CA ILE B 53 -34.52 -4.93 14.56
C ILE B 53 -34.87 -4.48 15.97
N GLU B 54 -35.42 -3.28 16.12
CA GLU B 54 -35.74 -2.75 17.44
C GLU B 54 -36.65 -3.70 18.22
N ARG B 55 -37.63 -4.29 17.53
CA ARG B 55 -38.53 -5.24 18.19
C ARG B 55 -37.73 -6.31 18.93
N TRP B 56 -36.74 -6.90 18.24
CA TRP B 56 -35.97 -7.98 18.87
C TRP B 56 -35.23 -7.48 20.11
N ILE B 57 -34.81 -6.21 20.12
CA ILE B 57 -34.13 -5.69 21.28
C ILE B 57 -35.10 -5.54 22.44
N ASN B 58 -36.34 -5.10 22.15
CA ASN B 58 -37.31 -4.93 23.22
C ASN B 58 -37.71 -6.25 23.85
N ASN B 59 -37.56 -7.35 23.11
CA ASN B 59 -37.86 -8.69 23.60
C ASN B 59 -36.65 -9.38 24.22
N GLY B 60 -35.52 -8.68 24.34
CA GLY B 60 -34.38 -9.19 25.06
C GLY B 60 -33.13 -9.48 24.24
N LEU B 61 -33.14 -9.26 22.93
CA LEU B 61 -31.94 -9.54 22.15
C LEU B 61 -30.82 -8.56 22.48
N TRP B 62 -29.60 -9.07 22.57
CA TRP B 62 -28.42 -8.30 22.91
C TRP B 62 -27.74 -7.91 21.60
N VAL B 63 -27.80 -6.62 21.26
CA VAL B 63 -27.11 -6.09 20.09
C VAL B 63 -26.18 -4.98 20.60
N PRO B 64 -24.87 -5.18 20.56
CA PRO B 64 -23.96 -4.17 21.11
C PRO B 64 -23.82 -2.95 20.21
N ALA B 65 -23.63 -1.80 20.84
CA ALA B 65 -23.46 -0.55 20.11
C ALA B 65 -21.97 -0.35 19.84
N LEU B 66 -21.59 -0.37 18.57
CA LEU B 66 -20.22 -0.12 18.16
C LEU B 66 -20.12 1.31 17.66
N GLU B 67 -19.32 2.14 18.34
CA GLU B 67 -19.21 3.56 18.06
C GLU B 67 -17.96 3.87 17.23
N PHE B 68 -18.14 4.71 16.22
CA PHE B 68 -17.01 5.32 15.53
C PHE B 68 -16.41 6.39 16.43
N ILE B 69 -15.18 6.17 16.89
CA ILE B 69 -14.53 7.13 17.77
C ILE B 69 -14.28 8.44 17.04
N ASN B 70 -13.58 8.36 15.89
CA ASN B 70 -13.15 9.53 15.14
C ASN B 70 -14.26 10.14 14.28
N VAL B 71 -15.53 9.78 14.49
CA VAL B 71 -16.63 10.29 13.69
C VAL B 71 -16.98 11.71 14.14
N VAL B 72 -17.76 12.42 13.32
CA VAL B 72 -18.20 13.78 13.61
C VAL B 72 -19.73 13.74 13.62
N GLY B 73 -20.32 13.65 14.80
CA GLY B 73 -21.77 13.61 14.93
C GLY B 73 -22.35 12.27 14.52
N SER B 74 -23.63 12.10 14.81
CA SER B 74 -24.32 10.86 14.46
C SER B 74 -24.28 10.66 12.95
N PRO B 75 -23.66 9.59 12.46
CA PRO B 75 -23.64 9.35 11.01
C PRO B 75 -25.02 8.95 10.48
N ASP B 76 -25.11 8.91 9.15
CA ASP B 76 -26.37 8.60 8.46
C ASP B 76 -26.43 7.09 8.26
N THR B 77 -27.12 6.40 9.17
CA THR B 77 -27.23 4.95 9.06
C THR B 77 -28.26 4.61 7.99
N GLY B 78 -27.81 3.94 6.94
CA GLY B 78 -28.70 3.55 5.86
C GLY B 78 -29.49 2.31 6.21
N ASN B 79 -29.60 1.35 5.29
CA ASN B 79 -30.28 0.10 5.61
C ASN B 79 -29.45 -0.71 6.59
N LYS B 80 -30.11 -1.39 7.51
CA LYS B 80 -29.41 -2.27 8.42
C LYS B 80 -30.21 -3.55 8.56
N ARG B 81 -29.50 -4.65 8.72
CA ARG B 81 -30.08 -5.98 8.74
C ARG B 81 -29.39 -6.79 9.82
N LEU B 82 -30.16 -7.70 10.40
CA LEU B 82 -29.65 -8.72 11.30
C LEU B 82 -29.93 -10.06 10.65
N MET B 83 -28.91 -10.90 10.55
CA MET B 83 -29.12 -12.27 10.12
C MET B 83 -28.91 -13.16 11.34
N LEU B 84 -29.95 -13.93 11.68
CA LEU B 84 -29.98 -14.75 12.87
C LEU B 84 -29.90 -16.22 12.49
N PHE B 85 -28.94 -16.90 13.05
CA PHE B 85 -28.73 -18.30 12.70
C PHE B 85 -29.26 -19.20 13.81
N PRO B 86 -29.73 -20.40 13.47
CA PRO B 86 -30.26 -21.31 14.49
C PRO B 86 -29.22 -21.77 15.49
N ASP B 87 -27.96 -21.89 15.07
CA ASP B 87 -26.86 -22.26 15.95
C ASP B 87 -26.41 -21.12 16.86
N GLY B 88 -27.03 -19.95 16.77
CA GLY B 88 -26.71 -18.83 17.63
C GLY B 88 -25.95 -17.69 16.97
N ARG B 89 -25.36 -17.90 15.79
CA ARG B 89 -24.63 -16.83 15.14
C ARG B 89 -25.55 -15.66 14.84
N VAL B 90 -24.99 -14.44 14.95
CA VAL B 90 -25.70 -13.20 14.68
C VAL B 90 -24.80 -12.30 13.87
N ILE B 91 -25.34 -11.75 12.78
CA ILE B 91 -24.59 -10.89 11.86
C ILE B 91 -25.33 -9.57 11.72
N TYR B 92 -24.64 -8.47 12.00
CA TYR B 92 -25.20 -7.14 11.89
C TYR B 92 -24.54 -6.46 10.69
N ASN B 93 -25.35 -6.05 9.71
CA ASN B 93 -24.84 -5.48 8.47
C ASN B 93 -25.52 -4.14 8.26
N ALA B 94 -24.74 -3.09 8.02
CA ALA B 94 -25.32 -1.75 7.92
C ALA B 94 -24.57 -0.89 6.92
N ARG B 95 -25.33 -0.13 6.15
CA ARG B 95 -24.76 0.90 5.29
C ARG B 95 -24.58 2.15 6.14
N PHE B 96 -23.43 2.82 5.99
CA PHE B 96 -23.13 3.96 6.82
C PHE B 96 -22.38 5.02 6.01
N LEU B 97 -22.76 6.28 6.22
CA LEU B 97 -22.03 7.43 5.70
C LEU B 97 -21.77 8.37 6.87
N GLY B 98 -20.52 8.78 7.04
CA GLY B 98 -20.17 9.59 8.19
C GLY B 98 -18.96 10.46 7.95
N SER B 99 -18.88 11.53 8.75
CA SER B 99 -17.75 12.45 8.72
C SER B 99 -16.78 12.04 9.82
N PHE B 100 -15.53 11.81 9.44
CA PHE B 100 -14.53 11.31 10.37
C PHE B 100 -13.41 12.34 10.54
N SER B 101 -12.72 12.22 11.67
CA SER B 101 -11.67 13.14 12.07
C SER B 101 -10.34 12.41 12.07
N ASN B 102 -9.28 13.17 11.79
CA ASN B 102 -7.90 12.70 11.85
C ASN B 102 -6.99 13.90 11.70
N ASP B 103 -5.79 13.81 12.28
CA ASP B 103 -4.78 14.84 12.08
C ASP B 103 -4.34 14.86 10.62
N MET B 104 -4.44 16.02 9.98
CA MET B 104 -4.14 16.18 8.56
C MET B 104 -3.23 17.39 8.38
N ASP B 105 -2.08 17.17 7.75
CA ASP B 105 -1.08 18.20 7.54
C ASP B 105 -1.13 18.64 6.08
N PHE B 106 -1.48 19.92 5.84
CA PHE B 106 -1.65 20.44 4.50
C PHE B 106 -0.53 21.40 4.11
N ARG B 107 0.61 21.35 4.82
CA ARG B 107 1.67 22.32 4.57
C ARG B 107 2.31 22.08 3.20
N LEU B 108 2.42 20.83 2.79
CA LEU B 108 3.03 20.48 1.52
C LEU B 108 2.03 20.49 0.37
N PHE B 109 0.88 21.15 0.56
CA PHE B 109 -0.12 21.25 -0.50
C PHE B 109 0.47 21.97 -1.71
N PRO B 110 0.15 21.54 -2.94
CA PRO B 110 -0.81 20.51 -3.35
C PRO B 110 -0.22 19.12 -3.43
N PHE B 111 0.98 18.97 -2.89
CA PHE B 111 1.69 17.70 -2.93
C PHE B 111 1.51 16.91 -1.64
N ASP B 112 0.57 17.31 -0.79
CA ASP B 112 0.38 16.61 0.47
C ASP B 112 -0.14 15.20 0.22
N ARG B 113 0.02 14.35 1.22
CA ARG B 113 -0.55 13.02 1.26
C ARG B 113 -1.10 12.81 2.66
N GLN B 114 -2.29 12.21 2.75
CA GLN B 114 -2.96 12.04 4.03
C GLN B 114 -3.29 10.56 4.24
N GLN B 115 -3.87 10.23 5.38
CA GLN B 115 -4.36 8.87 5.58
C GLN B 115 -5.66 8.92 6.36
N PHE B 116 -6.71 8.40 5.75
CA PHE B 116 -8.03 8.40 6.33
C PHE B 116 -8.13 7.24 7.31
N VAL B 117 -8.54 7.54 8.54
CA VAL B 117 -8.59 6.54 9.58
C VAL B 117 -10.04 6.37 10.03
N LEU B 118 -10.35 5.17 10.47
CA LEU B 118 -11.63 4.84 11.07
C LEU B 118 -11.34 4.20 12.42
N GLU B 119 -12.12 4.57 13.43
CA GLU B 119 -11.86 4.07 14.78
C GLU B 119 -13.15 3.51 15.34
N LEU B 120 -13.19 2.19 15.50
CA LEU B 120 -14.33 1.47 16.05
C LEU B 120 -14.04 1.05 17.47
N GLU B 121 -15.05 1.14 18.32
CA GLU B 121 -14.86 0.71 19.70
C GLU B 121 -16.24 0.38 20.24
N PRO B 122 -16.38 -0.69 21.02
CA PRO B 122 -17.68 -0.92 21.67
C PRO B 122 -18.00 0.25 22.60
N PHE B 123 -19.27 0.68 22.58
CA PHE B 123 -19.61 1.90 23.32
C PHE B 123 -19.73 1.62 24.81
N SER B 124 -20.36 0.50 25.17
CA SER B 124 -20.64 0.20 26.57
C SER B 124 -19.88 -1.00 27.12
N TYR B 125 -19.51 -1.97 26.29
CA TYR B 125 -18.91 -3.20 26.76
C TYR B 125 -17.39 -3.15 26.60
N ASN B 126 -16.66 -3.57 27.64
CA ASN B 126 -15.21 -3.53 27.66
C ASN B 126 -14.64 -4.79 26.98
N ASN B 127 -13.32 -4.97 27.07
CA ASN B 127 -12.68 -6.13 26.44
C ASN B 127 -12.83 -7.39 27.28
N GLN B 128 -12.94 -7.25 28.60
CA GLN B 128 -13.26 -8.40 29.45
C GLN B 128 -14.68 -8.88 29.20
N GLN B 129 -15.53 -8.06 28.60
CA GLN B 129 -16.90 -8.43 28.24
C GLN B 129 -17.06 -8.69 26.74
N GLN B 130 -16.31 -8.00 25.89
CA GLN B 130 -16.52 -8.10 24.44
C GLN B 130 -15.21 -7.79 23.73
N ARG B 131 -14.78 -8.71 22.88
CA ARG B 131 -13.44 -8.71 22.29
C ARG B 131 -13.54 -8.65 20.77
N PHE B 132 -12.54 -8.02 20.15
CA PHE B 132 -12.46 -7.98 18.70
C PHE B 132 -11.54 -9.09 18.21
N SER B 133 -12.03 -9.88 17.27
CA SER B 133 -11.28 -11.00 16.72
C SER B 133 -10.71 -10.69 15.34
N ASP B 134 -11.54 -10.20 14.42
CA ASP B 134 -11.17 -10.07 13.01
C ASP B 134 -11.45 -8.66 12.51
N ILE B 135 -10.57 -8.16 11.63
CA ILE B 135 -10.87 -7.00 10.81
C ILE B 135 -10.61 -7.35 9.35
N GLN B 136 -11.48 -6.89 8.46
CA GLN B 136 -11.25 -7.02 7.03
C GLN B 136 -11.81 -5.77 6.36
N VAL B 137 -10.95 -4.97 5.77
CA VAL B 137 -11.33 -3.75 5.08
C VAL B 137 -11.02 -3.94 3.61
N TYR B 138 -12.04 -3.80 2.76
CA TYR B 138 -11.93 -4.02 1.33
C TYR B 138 -12.15 -2.69 0.63
N THR B 139 -11.23 -2.36 -0.26
CA THR B 139 -11.32 -1.13 -1.06
C THR B 139 -11.35 -1.54 -2.52
N GLU B 140 -12.26 -0.92 -3.28
CA GLU B 140 -12.36 -1.21 -4.70
C GLU B 140 -11.08 -0.78 -5.41
N ASN B 141 -10.74 -1.50 -6.47
CA ASN B 141 -9.47 -1.24 -7.16
C ASN B 141 -9.42 0.17 -7.72
N ALA B 142 -10.38 0.51 -8.58
CA ALA B 142 -10.55 1.86 -9.14
C ALA B 142 -9.21 2.43 -9.59
N ASP B 143 -8.55 1.71 -10.50
CA ASP B 143 -7.22 2.12 -10.92
C ASP B 143 -7.24 3.20 -11.99
N ASN B 144 -8.42 3.66 -12.41
CA ASN B 144 -8.53 4.82 -13.30
C ASN B 144 -8.49 6.09 -12.44
N GLU B 145 -7.31 6.32 -11.84
CA GLU B 145 -7.12 7.37 -10.86
C GLU B 145 -7.19 8.77 -11.45
N GLU B 146 -6.89 8.91 -12.75
CA GLU B 146 -6.74 10.23 -13.36
C GLU B 146 -7.93 11.14 -13.12
N ILE B 147 -9.12 10.57 -12.91
CA ILE B 147 -10.34 11.37 -12.77
C ILE B 147 -10.56 11.76 -11.30
N ASP B 148 -10.20 10.90 -10.37
CA ASP B 148 -10.51 11.10 -8.97
C ASP B 148 -9.62 12.19 -8.36
N GLU B 149 -10.16 12.88 -7.35
CA GLU B 149 -9.39 13.92 -6.67
C GLU B 149 -8.21 13.32 -5.90
N TRP B 150 -8.43 12.20 -5.20
CA TRP B 150 -7.43 11.53 -4.39
C TRP B 150 -7.09 10.17 -4.98
N TRP B 151 -5.85 9.75 -4.75
CA TRP B 151 -5.36 8.46 -5.20
C TRP B 151 -5.05 7.61 -3.99
N ILE B 152 -5.78 6.50 -3.83
CA ILE B 152 -5.43 5.53 -2.81
C ILE B 152 -4.17 4.80 -3.27
N ARG B 153 -3.23 4.61 -2.35
CA ARG B 153 -1.95 4.00 -2.72
C ARG B 153 -1.90 2.49 -2.49
N GLY B 154 -2.51 1.99 -1.41
CA GLY B 154 -2.50 0.57 -1.16
C GLY B 154 -3.76 0.21 -0.40
N LYS B 155 -4.01 -1.09 -0.28
CA LYS B 155 -5.16 -1.53 0.48
C LYS B 155 -5.04 -1.13 1.95
N ALA B 156 -6.15 -1.25 2.68
CA ALA B 156 -6.21 -0.71 4.03
C ALA B 156 -5.29 -1.46 4.98
N SER B 157 -4.74 -0.71 5.93
CA SER B 157 -3.96 -1.24 7.03
C SER B 157 -4.83 -1.28 8.29
N THR B 158 -4.76 -2.40 9.01
CA THR B 158 -5.58 -2.55 10.21
C THR B 158 -4.70 -2.52 11.46
N HIS B 159 -5.35 -2.30 12.61
CA HIS B 159 -4.63 -2.27 13.88
C HIS B 159 -5.65 -2.50 14.99
N ILE B 160 -5.58 -3.66 15.66
CA ILE B 160 -6.33 -3.86 16.91
C ILE B 160 -5.44 -3.52 18.09
N SER B 161 -6.00 -2.75 19.03
CA SER B 161 -5.29 -2.38 20.25
C SER B 161 -6.26 -2.40 21.43
N ASP B 162 -5.71 -2.18 22.61
CA ASP B 162 -6.47 -2.07 23.85
C ASP B 162 -6.26 -0.67 24.40
N ILE B 163 -7.35 0.06 24.58
CA ILE B 163 -7.30 1.43 25.06
C ILE B 163 -7.68 1.42 26.53
N ARG B 164 -6.91 2.14 27.34
CA ARG B 164 -7.12 2.20 28.79
C ARG B 164 -7.58 3.60 29.14
N TYR B 165 -8.82 3.73 29.60
CA TYR B 165 -9.30 5.02 30.08
C TYR B 165 -8.93 5.13 31.56
N ASP B 166 -7.95 5.97 31.86
CA ASP B 166 -7.53 6.16 33.25
C ASP B 166 -8.64 6.84 34.04
N HIS B 167 -9.06 8.02 33.61
CA HIS B 167 -10.00 8.84 34.36
C HIS B 167 -11.39 8.21 34.34
N LEU B 168 -11.71 7.44 35.37
CA LEU B 168 -13.00 6.77 35.47
C LEU B 168 -13.37 6.68 36.95
N SER B 169 -14.33 5.82 37.28
CA SER B 169 -14.75 5.66 38.65
C SER B 169 -13.67 4.97 39.48
N SER B 170 -13.89 4.92 40.79
CA SER B 170 -12.93 4.30 41.70
C SER B 170 -13.43 3.01 42.32
N VAL B 171 -14.68 2.61 42.06
CA VAL B 171 -15.18 1.33 42.53
C VAL B 171 -14.95 0.23 41.51
N GLN B 172 -14.62 0.59 40.27
CA GLN B 172 -14.39 -0.38 39.19
C GLN B 172 -12.94 -0.83 39.25
N PRO B 173 -12.65 -2.06 39.69
CA PRO B 173 -11.25 -2.46 39.92
C PRO B 173 -10.37 -2.52 38.68
N ASN B 174 -10.78 -3.32 37.69
CA ASN B 174 -9.92 -3.58 36.53
C ASN B 174 -10.65 -3.55 35.20
N GLN B 175 -11.97 -3.35 35.18
CA GLN B 175 -12.74 -3.32 33.93
C GLN B 175 -12.71 -1.90 33.35
N ASN B 176 -11.53 -1.52 32.85
CA ASN B 176 -11.34 -0.20 32.27
C ASN B 176 -10.62 -0.20 30.93
N GLU B 177 -10.43 -1.36 30.31
CA GLU B 177 -9.80 -1.44 29.00
C GLU B 177 -10.82 -1.82 27.95
N PHE B 178 -10.68 -1.27 26.75
CA PHE B 178 -11.61 -1.52 25.66
C PHE B 178 -10.86 -1.93 24.40
N SER B 179 -11.52 -2.74 23.57
CA SER B 179 -10.93 -3.25 22.34
C SER B 179 -11.22 -2.25 21.21
N ARG B 180 -10.17 -1.66 20.64
CA ARG B 180 -10.35 -0.64 19.61
C ARG B 180 -9.76 -1.11 18.29
N ILE B 181 -10.57 -0.97 17.23
CA ILE B 181 -10.15 -1.24 15.86
C ILE B 181 -9.79 0.10 15.21
N THR B 182 -8.64 0.15 14.55
CA THR B 182 -8.20 1.34 13.83
C THR B 182 -7.84 0.93 12.41
N VAL B 183 -8.43 1.61 11.44
CA VAL B 183 -8.20 1.35 10.03
C VAL B 183 -7.54 2.58 9.43
N ARG B 184 -6.49 2.38 8.65
CA ARG B 184 -5.78 3.48 8.03
C ARG B 184 -5.66 3.23 6.54
N ILE B 185 -5.93 4.27 5.75
CA ILE B 185 -5.85 4.20 4.29
C ILE B 185 -5.07 5.41 3.81
N ASP B 186 -3.85 5.19 3.34
CA ASP B 186 -3.04 6.28 2.83
C ASP B 186 -3.57 6.70 1.46
N ALA B 187 -3.37 7.98 1.15
CA ALA B 187 -3.84 8.54 -0.12
C ALA B 187 -3.02 9.78 -0.41
N VAL B 188 -2.92 10.11 -1.70
CA VAL B 188 -2.13 11.24 -2.16
C VAL B 188 -3.01 12.13 -3.02
N ARG B 189 -2.83 13.45 -2.88
CA ARG B 189 -3.63 14.41 -3.63
C ARG B 189 -3.11 14.50 -5.07
N ASN B 190 -4.05 14.63 -6.01
CA ASN B 190 -3.68 14.77 -7.40
C ASN B 190 -3.33 16.23 -7.63
N PRO B 191 -2.07 16.56 -7.88
CA PRO B 191 -1.65 17.96 -8.01
C PRO B 191 -1.70 18.52 -9.42
N SER B 192 -2.25 17.77 -10.38
CA SER B 192 -2.22 18.16 -11.78
C SER B 192 -2.81 19.54 -11.99
N TYR B 193 -4.03 19.78 -11.48
CA TYR B 193 -4.65 21.09 -11.68
C TYR B 193 -3.79 22.18 -11.08
N TYR B 194 -3.27 21.98 -9.87
CA TYR B 194 -2.50 23.02 -9.22
C TYR B 194 -1.13 23.19 -9.87
N LEU B 195 -0.59 22.13 -10.47
CA LEU B 195 0.63 22.25 -11.25
C LEU B 195 0.42 23.15 -12.46
N TRP B 196 -0.59 22.81 -13.27
CA TRP B 196 -0.71 23.46 -14.58
C TRP B 196 -1.38 24.83 -14.49
N SER B 197 -2.45 24.96 -13.71
CA SER B 197 -3.19 26.21 -13.65
C SER B 197 -2.75 27.13 -12.51
N PHE B 198 -1.87 26.69 -11.62
CA PHE B 198 -1.38 27.56 -10.56
C PHE B 198 0.15 27.73 -10.59
N ILE B 199 0.91 26.62 -10.55
CA ILE B 199 2.36 26.73 -10.40
C ILE B 199 3.00 27.29 -11.66
N LEU B 200 2.67 26.69 -12.82
CA LEU B 200 3.26 27.12 -14.08
C LEU B 200 2.98 28.58 -14.41
N PRO B 201 1.75 29.08 -14.32
CA PRO B 201 1.55 30.51 -14.58
C PRO B 201 2.29 31.39 -13.59
N LEU B 202 2.40 30.98 -12.33
CA LEU B 202 3.10 31.80 -11.36
C LEU B 202 4.59 31.91 -11.73
N GLY B 203 5.19 30.78 -12.13
CA GLY B 203 6.57 30.84 -12.58
C GLY B 203 6.73 31.71 -13.82
N LEU B 204 5.78 31.63 -14.74
CA LEU B 204 5.84 32.47 -15.93
C LEU B 204 5.77 33.95 -15.56
N ILE B 205 4.89 34.30 -14.62
CA ILE B 205 4.75 35.68 -14.17
C ILE B 205 6.03 36.16 -13.52
N ILE B 206 6.66 35.30 -12.70
CA ILE B 206 7.90 35.70 -12.04
C ILE B 206 9.03 35.90 -13.05
N ALA B 207 9.07 35.03 -14.08
CA ALA B 207 10.04 35.22 -15.15
C ALA B 207 9.81 36.54 -15.89
N ALA B 208 8.56 36.85 -16.18
CA ALA B 208 8.24 38.14 -16.78
C ALA B 208 8.70 39.28 -15.86
N SER B 209 8.57 39.10 -14.55
CA SER B 209 9.05 40.11 -13.62
C SER B 209 10.55 40.29 -13.74
N TRP B 210 11.28 39.17 -13.87
CA TRP B 210 12.72 39.24 -14.12
C TRP B 210 13.02 40.01 -15.39
N SER B 211 12.11 39.95 -16.36
CA SER B 211 12.37 40.66 -17.62
C SER B 211 12.31 42.21 -17.46
N VAL B 212 12.18 42.76 -16.26
CA VAL B 212 12.07 44.21 -16.12
C VAL B 212 13.41 44.89 -16.38
N PHE B 213 14.53 44.22 -16.06
CA PHE B 213 15.84 44.84 -16.18
C PHE B 213 16.25 45.11 -17.63
N TRP B 214 15.50 44.60 -18.60
CA TRP B 214 15.79 44.87 -20.01
C TRP B 214 15.18 46.19 -20.48
N LEU B 215 14.67 47.01 -19.57
CA LEU B 215 14.24 48.35 -19.92
C LEU B 215 15.43 49.30 -19.90
N GLU B 216 15.44 50.25 -20.83
CA GLU B 216 16.53 51.21 -20.93
C GLU B 216 16.41 52.30 -19.88
N SER B 217 15.21 52.88 -19.74
CA SER B 217 15.01 54.01 -18.84
C SER B 217 14.80 53.55 -17.41
N PHE B 218 15.14 54.44 -16.46
CA PHE B 218 14.89 54.19 -15.04
C PHE B 218 13.41 54.33 -14.72
N SER B 219 12.79 55.40 -15.23
CA SER B 219 11.37 55.63 -14.98
C SER B 219 10.53 54.47 -15.48
N GLU B 220 10.85 53.95 -16.66
CA GLU B 220 10.14 52.78 -17.19
C GLU B 220 10.25 51.60 -16.23
N ARG B 221 11.47 51.30 -15.76
CA ARG B 221 11.69 50.19 -14.84
C ARG B 221 10.85 50.36 -13.57
N LEU B 222 10.97 51.52 -12.92
CA LEU B 222 10.29 51.69 -11.65
C LEU B 222 8.76 51.68 -11.81
N GLN B 223 8.25 52.34 -12.86
CA GLN B 223 6.80 52.35 -13.06
C GLN B 223 6.28 50.95 -13.36
N THR B 224 7.01 50.18 -14.18
CA THR B 224 6.59 48.82 -14.51
C THR B 224 6.65 47.90 -13.30
N SER B 225 7.57 48.19 -12.36
CA SER B 225 7.65 47.40 -11.13
C SER B 225 6.30 47.38 -10.40
N PHE B 226 5.57 48.49 -10.44
CA PHE B 226 4.28 48.55 -9.75
C PHE B 226 3.21 47.76 -10.50
N THR B 227 3.26 47.77 -11.83
CA THR B 227 2.38 46.91 -12.62
C THR B 227 2.64 45.45 -12.26
N LEU B 228 3.91 45.09 -12.05
CA LEU B 228 4.25 43.73 -11.65
C LEU B 228 3.72 43.41 -10.25
N MET B 229 3.88 44.35 -9.32
CA MET B 229 3.33 44.19 -7.96
C MET B 229 1.83 43.92 -8.03
N LEU B 230 1.11 44.74 -8.80
CA LEU B 230 -0.33 44.57 -8.92
C LEU B 230 -0.67 43.24 -9.57
N THR B 231 0.12 42.80 -10.55
CA THR B 231 -0.08 41.50 -11.18
C THR B 231 0.01 40.38 -10.14
N VAL B 232 1.05 40.42 -9.30
CA VAL B 232 1.21 39.38 -8.28
C VAL B 232 0.05 39.44 -7.29
N VAL B 233 -0.43 40.64 -6.96
CA VAL B 233 -1.56 40.73 -6.02
C VAL B 233 -2.81 40.10 -6.62
N ALA B 234 -3.10 40.43 -7.89
CA ALA B 234 -4.27 39.84 -8.55
C ALA B 234 -4.16 38.34 -8.65
N TYR B 235 -2.94 37.84 -8.94
CA TYR B 235 -2.76 36.39 -9.02
C TYR B 235 -2.97 35.74 -7.67
N ALA B 236 -2.45 36.36 -6.61
CA ALA B 236 -2.64 35.85 -5.26
C ALA B 236 -4.11 35.84 -4.87
N PHE B 237 -4.86 36.84 -5.33
CA PHE B 237 -6.29 36.85 -5.05
C PHE B 237 -6.98 35.69 -5.76
N TYR B 238 -6.73 35.53 -7.06
CA TYR B 238 -7.29 34.39 -7.79
C TYR B 238 -6.98 33.08 -7.05
N THR B 239 -5.71 32.90 -6.71
CA THR B 239 -5.28 31.79 -5.86
C THR B 239 -6.20 31.63 -4.66
N SER B 240 -6.22 32.63 -3.78
CA SER B 240 -6.90 32.48 -2.50
C SER B 240 -8.40 32.25 -2.67
N ASN B 241 -8.97 32.77 -3.76
CA ASN B 241 -10.37 32.49 -4.03
C ASN B 241 -10.59 31.03 -4.39
N ILE B 242 -9.61 30.39 -5.03
CA ILE B 242 -9.75 28.97 -5.34
C ILE B 242 -9.30 28.08 -4.19
N LEU B 243 -8.13 28.37 -3.60
CA LEU B 243 -7.52 27.45 -2.66
C LEU B 243 -8.28 27.35 -1.34
N PRO B 244 -8.16 26.22 -0.63
CA PRO B 244 -8.93 26.02 0.60
C PRO B 244 -8.40 26.86 1.77
N ARG B 245 -9.31 27.26 2.65
CA ARG B 245 -8.90 27.99 3.83
C ARG B 245 -7.97 27.11 4.67
N LEU B 246 -6.96 27.72 5.26
CA LEU B 246 -5.98 26.98 6.03
C LEU B 246 -5.41 27.89 7.11
N PRO B 247 -4.89 27.33 8.19
CA PRO B 247 -4.22 28.14 9.22
C PRO B 247 -2.70 28.21 9.09
N TYR B 248 -2.14 27.68 8.01
CA TYR B 248 -0.70 27.72 7.77
C TYR B 248 -0.46 27.94 6.29
N THR B 249 0.77 28.30 5.94
CA THR B 249 1.13 28.65 4.58
C THR B 249 1.31 27.39 3.73
N THR B 250 0.60 27.32 2.60
CA THR B 250 0.84 26.24 1.66
C THR B 250 2.10 26.52 0.85
N VAL B 251 2.52 25.53 0.06
CA VAL B 251 3.65 25.72 -0.84
C VAL B 251 3.35 26.83 -1.84
N ILE B 252 2.12 26.85 -2.37
CA ILE B 252 1.72 27.92 -3.30
C ILE B 252 1.77 29.29 -2.63
N ASP B 253 1.36 29.36 -1.35
CA ASP B 253 1.51 30.61 -0.62
C ASP B 253 2.97 31.03 -0.55
N GLN B 254 3.88 30.06 -0.38
CA GLN B 254 5.30 30.36 -0.34
C GLN B 254 5.81 30.88 -1.68
N MET B 255 5.33 30.30 -2.78
CA MET B 255 5.71 30.83 -4.09
C MET B 255 5.17 32.25 -4.29
N ILE B 256 3.97 32.52 -3.78
CA ILE B 256 3.41 33.87 -3.85
C ILE B 256 4.30 34.84 -3.09
N ILE B 257 4.68 34.48 -1.87
CA ILE B 257 5.55 35.33 -1.06
C ILE B 257 6.91 35.50 -1.73
N ALA B 258 7.39 34.45 -2.42
CA ALA B 258 8.65 34.53 -3.13
C ALA B 258 8.58 35.53 -4.28
N GLY B 259 7.46 35.53 -5.03
CA GLY B 259 7.29 36.54 -6.07
C GLY B 259 7.21 37.95 -5.52
N TYR B 260 6.45 38.13 -4.43
CA TYR B 260 6.39 39.43 -3.76
C TYR B 260 7.79 39.93 -3.41
N GLY B 261 8.56 39.07 -2.74
CA GLY B 261 9.89 39.49 -2.32
C GLY B 261 10.82 39.73 -3.48
N SER B 262 10.72 38.93 -4.54
CA SER B 262 11.55 39.15 -5.71
C SER B 262 11.29 40.51 -6.31
N ILE B 263 10.01 40.87 -6.47
CA ILE B 263 9.68 42.18 -7.02
C ILE B 263 10.16 43.29 -6.07
N PHE B 264 10.05 43.07 -4.75
CA PHE B 264 10.49 44.09 -3.80
C PHE B 264 12.00 44.29 -3.87
N ALA B 265 12.75 43.19 -3.95
CA ALA B 265 14.20 43.28 -4.11
C ALA B 265 14.58 43.90 -5.45
N ALA B 266 13.77 43.66 -6.49
CA ALA B 266 14.00 44.30 -7.78
C ALA B 266 13.84 45.81 -7.69
N ILE B 267 12.80 46.28 -6.99
CA ILE B 267 12.60 47.72 -6.79
C ILE B 267 13.76 48.31 -6.01
N LEU B 268 14.17 47.62 -4.94
CA LEU B 268 15.30 48.08 -4.13
C LEU B 268 16.56 48.18 -4.98
N LEU B 269 16.84 47.14 -5.77
CA LEU B 269 18.05 47.14 -6.60
C LEU B 269 17.98 48.19 -7.69
N ILE B 270 16.80 48.46 -8.25
CA ILE B 270 16.65 49.49 -9.27
C ILE B 270 16.98 50.87 -8.69
N ILE B 271 16.39 51.18 -7.53
CA ILE B 271 16.66 52.47 -6.88
C ILE B 271 18.15 52.59 -6.56
N PHE B 272 18.71 51.53 -5.98
CA PHE B 272 20.13 51.50 -5.63
C PHE B 272 21.01 51.72 -6.86
N ALA B 273 20.73 50.99 -7.93
CA ALA B 273 21.52 51.11 -9.15
C ALA B 273 21.47 52.52 -9.71
N HIS B 274 20.29 53.14 -9.70
CA HIS B 274 20.22 54.50 -10.24
C HIS B 274 20.96 55.50 -9.35
N HIS B 275 21.01 55.28 -8.04
CA HIS B 275 21.57 56.28 -7.15
C HIS B 275 22.80 55.81 -6.38
N ARG B 276 23.61 54.91 -6.96
CA ARG B 276 24.79 54.44 -6.24
C ARG B 276 25.94 55.43 -6.30
N GLN B 277 26.49 55.67 -7.49
CA GLN B 277 27.80 56.28 -7.64
C GLN B 277 27.72 57.79 -7.86
N ALA B 278 28.89 58.42 -7.89
CA ALA B 278 29.05 59.84 -8.12
C ALA B 278 29.18 60.12 -9.62
N ASN B 279 29.37 61.40 -9.96
CA ASN B 279 29.47 61.88 -11.34
C ASN B 279 28.24 61.48 -12.17
N GLY B 280 27.08 61.35 -11.52
CA GLY B 280 25.86 60.99 -12.21
C GLY B 280 25.92 59.64 -12.92
N VAL B 281 26.54 58.66 -12.30
CA VAL B 281 26.72 57.34 -12.89
C VAL B 281 25.67 56.38 -12.35
N GLU B 282 25.01 55.65 -13.24
CA GLU B 282 24.03 54.64 -12.86
C GLU B 282 24.63 53.28 -12.57
N ASP B 283 25.96 53.13 -12.66
CA ASP B 283 26.62 51.85 -12.49
C ASP B 283 26.06 50.84 -13.50
N ASP B 284 26.40 51.08 -14.77
CA ASP B 284 25.86 50.25 -15.84
C ASP B 284 26.27 48.80 -15.70
N LEU B 285 27.44 48.55 -15.09
CA LEU B 285 27.85 47.18 -14.82
C LEU B 285 26.82 46.48 -13.93
N LEU B 286 26.31 47.18 -12.91
CA LEU B 286 25.36 46.57 -11.99
C LEU B 286 24.06 46.20 -12.69
N ILE B 287 23.51 47.10 -13.50
CA ILE B 287 22.24 46.82 -14.17
C ILE B 287 22.40 45.69 -15.19
N GLN B 288 23.39 45.82 -16.09
CA GLN B 288 23.51 44.82 -17.15
C GLN B 288 24.09 43.50 -16.66
N ARG B 289 24.61 43.44 -15.43
CA ARG B 289 25.00 42.17 -14.84
C ARG B 289 23.86 41.57 -14.02
N CYS B 290 23.07 42.41 -13.35
CA CYS B 290 21.87 41.93 -12.66
C CYS B 290 20.86 41.35 -13.65
N ARG B 291 20.84 41.89 -14.87
CA ARG B 291 19.96 41.40 -15.93
C ARG B 291 20.03 39.88 -16.10
N LEU B 292 21.15 39.25 -15.71
CA LEU B 292 21.26 37.80 -15.71
C LEU B 292 21.54 37.21 -14.34
N ALA B 293 22.10 37.98 -13.41
CA ALA B 293 22.37 37.47 -12.07
C ALA B 293 21.10 37.30 -11.24
N PHE B 294 20.09 38.16 -11.46
CA PHE B 294 18.86 38.08 -10.66
C PHE B 294 18.13 36.77 -10.85
N PRO B 295 17.93 36.25 -12.08
CA PRO B 295 17.36 34.90 -12.20
C PRO B 295 18.17 33.83 -11.46
N LEU B 296 19.50 33.88 -11.54
CA LEU B 296 20.32 32.85 -10.90
C LEU B 296 20.34 33.00 -9.39
N GLY B 297 20.39 34.23 -8.89
CA GLY B 297 20.27 34.45 -7.46
C GLY B 297 18.95 33.93 -6.91
N PHE B 298 17.84 34.21 -7.62
CA PHE B 298 16.55 33.73 -7.15
C PHE B 298 16.45 32.20 -7.23
N LEU B 299 17.01 31.60 -8.29
CA LEU B 299 16.94 30.15 -8.42
C LEU B 299 17.76 29.45 -7.35
N ALA B 300 18.92 30.03 -7.00
CA ALA B 300 19.69 29.48 -5.88
C ALA B 300 18.94 29.62 -4.57
N ILE B 301 18.28 30.77 -4.36
CA ILE B 301 17.49 30.95 -3.14
C ILE B 301 16.35 29.95 -3.09
N GLY B 302 15.77 29.60 -4.24
CA GLY B 302 14.67 28.66 -4.25
C GLY B 302 15.13 27.22 -4.04
N CYS B 303 16.30 26.87 -4.58
CA CYS B 303 16.88 25.56 -4.33
C CYS B 303 17.28 25.40 -2.87
N VAL B 304 17.66 26.50 -2.21
CA VAL B 304 17.84 26.46 -0.76
C VAL B 304 16.50 26.36 -0.04
N LEU B 305 15.46 27.01 -0.59
CA LEU B 305 14.13 26.95 0.01
C LEU B 305 13.59 25.52 0.03
N VAL B 306 13.81 24.75 -1.02
CA VAL B 306 13.34 23.37 -1.06
C VAL B 306 14.32 22.52 -0.23
N ILE B 307 14.05 22.41 1.06
CA ILE B 307 15.00 21.79 2.00
C ILE B 307 14.31 21.45 3.32
N PRO C 1 -37.44 -18.46 -5.39
CA PRO C 1 -36.94 -17.27 -6.09
C PRO C 1 -38.06 -16.28 -6.40
N VAL C 2 -38.21 -15.21 -5.62
CA VAL C 2 -39.37 -14.33 -5.79
C VAL C 2 -39.11 -13.43 -7.00
N ASP C 3 -40.06 -13.38 -7.92
CA ASP C 3 -39.94 -12.53 -9.09
C ASP C 3 -40.48 -11.15 -8.74
N VAL C 4 -39.64 -10.13 -8.90
CA VAL C 4 -40.03 -8.75 -8.64
C VAL C 4 -39.86 -7.95 -9.92
N SER C 5 -40.92 -7.25 -10.31
CA SER C 5 -40.94 -6.39 -11.48
C SER C 5 -40.92 -4.94 -10.99
N VAL C 6 -40.00 -4.15 -11.52
CA VAL C 6 -39.81 -2.79 -11.06
C VAL C 6 -40.22 -1.83 -12.16
N SER C 7 -40.34 -0.56 -11.78
CA SER C 7 -40.57 0.56 -12.69
C SER C 7 -40.01 1.79 -12.02
N ILE C 8 -39.11 2.50 -12.70
CA ILE C 8 -38.47 3.69 -12.16
C ILE C 8 -38.86 4.88 -13.02
N PHE C 9 -39.57 5.82 -12.42
CA PHE C 9 -39.93 7.08 -13.05
C PHE C 9 -38.91 8.12 -12.62
N ILE C 10 -38.40 8.88 -13.57
CA ILE C 10 -37.35 9.85 -13.32
C ILE C 10 -37.94 11.22 -13.52
N ASN C 11 -38.06 11.97 -12.42
CA ASN C 11 -38.67 13.30 -12.46
C ASN C 11 -37.64 14.36 -12.85
N LYS C 12 -36.51 14.40 -12.16
CA LYS C 12 -35.51 15.41 -12.51
C LYS C 12 -34.13 14.96 -12.06
N ILE C 13 -33.14 15.36 -12.85
CA ILE C 13 -31.73 15.16 -12.55
C ILE C 13 -31.10 16.54 -12.54
N TYR C 14 -30.37 16.86 -11.47
CA TYR C 14 -29.80 18.20 -11.30
C TYR C 14 -28.68 18.12 -10.27
N GLY C 15 -28.21 19.30 -9.82
CA GLY C 15 -27.28 19.38 -8.72
C GLY C 15 -26.01 18.57 -8.91
N VAL C 16 -25.37 18.74 -10.06
CA VAL C 16 -24.13 18.02 -10.32
C VAL C 16 -23.05 18.60 -9.41
N ASN C 17 -22.32 17.73 -8.72
CA ASN C 17 -21.20 18.15 -7.88
C ASN C 17 -19.94 17.57 -8.53
N THR C 18 -19.12 18.46 -9.11
CA THR C 18 -18.00 18.01 -9.92
C THR C 18 -16.94 17.33 -9.07
N LEU C 19 -16.60 17.90 -7.91
CA LEU C 19 -15.56 17.30 -7.09
C LEU C 19 -16.00 15.97 -6.50
N GLU C 20 -17.27 15.87 -6.09
CA GLU C 20 -17.77 14.64 -5.49
C GLU C 20 -18.27 13.63 -6.50
N GLN C 21 -18.43 14.03 -7.77
CA GLN C 21 -18.95 13.15 -8.81
C GLN C 21 -20.31 12.58 -8.39
N THR C 22 -21.19 13.49 -7.95
CA THR C 22 -22.53 13.16 -7.52
C THR C 22 -23.53 14.03 -8.28
N TYR C 23 -24.77 13.56 -8.30
CA TYR C 23 -25.88 14.28 -8.92
C TYR C 23 -27.16 13.88 -8.21
N LYS C 24 -28.08 14.83 -8.05
CA LYS C 24 -29.34 14.56 -7.36
C LYS C 24 -30.38 14.10 -8.37
N VAL C 25 -31.13 13.06 -7.99
CA VAL C 25 -32.16 12.46 -8.83
C VAL C 25 -33.43 12.34 -7.99
N ASP C 26 -34.53 12.87 -8.52
CA ASP C 26 -35.83 12.79 -7.90
C ASP C 26 -36.74 12.03 -8.86
N GLY C 27 -37.49 11.09 -8.31
CA GLY C 27 -38.38 10.29 -9.14
C GLY C 27 -39.20 9.35 -8.29
N TYR C 28 -39.77 8.35 -8.93
CA TYR C 28 -40.60 7.36 -8.26
C TYR C 28 -39.95 5.99 -8.43
N ILE C 29 -40.30 5.08 -7.52
CA ILE C 29 -39.87 3.70 -7.60
C ILE C 29 -41.10 2.83 -7.38
N VAL C 30 -41.31 1.87 -8.27
CA VAL C 30 -42.42 0.94 -8.17
C VAL C 30 -41.81 -0.45 -8.17
N ALA C 31 -42.33 -1.32 -7.31
CA ALA C 31 -41.87 -2.70 -7.23
C ALA C 31 -43.11 -3.57 -7.08
N GLN C 32 -43.19 -4.62 -7.89
CA GLN C 32 -44.35 -5.48 -7.91
C GLN C 32 -43.89 -6.91 -7.77
N TRP C 33 -44.56 -7.67 -6.90
CA TRP C 33 -44.29 -9.10 -6.81
C TRP C 33 -45.59 -9.79 -6.46
N THR C 34 -45.55 -11.12 -6.37
CA THR C 34 -46.73 -11.93 -6.13
C THR C 34 -46.51 -12.78 -4.89
N GLY C 35 -47.41 -12.65 -3.92
CA GLY C 35 -47.34 -13.43 -2.71
C GLY C 35 -48.59 -14.27 -2.56
N LYS C 36 -48.81 -14.87 -1.40
CA LYS C 36 -50.02 -15.67 -1.21
C LYS C 36 -51.26 -14.79 -1.27
N PRO C 37 -52.36 -15.29 -1.84
CA PRO C 37 -53.60 -14.50 -1.89
C PRO C 37 -54.07 -14.09 -0.51
N ARG C 38 -55.02 -13.16 -0.48
CA ARG C 38 -55.42 -12.51 0.76
C ARG C 38 -56.87 -12.05 0.65
N LYS C 39 -57.54 -11.98 1.78
CA LYS C 39 -58.89 -11.43 1.85
C LYS C 39 -58.81 -9.93 2.06
N THR C 40 -59.47 -9.18 1.19
CA THR C 40 -59.56 -7.74 1.30
C THR C 40 -61.02 -7.34 1.54
N PRO C 41 -61.27 -6.11 1.99
CA PRO C 41 -62.65 -5.60 1.97
C PRO C 41 -63.17 -5.47 0.55
N GLY C 42 -64.16 -6.28 0.18
CA GLY C 42 -64.53 -6.43 -1.22
C GLY C 42 -63.43 -7.11 -2.02
N ASP C 43 -63.63 -7.12 -3.33
CA ASP C 43 -62.61 -7.62 -4.25
C ASP C 43 -61.68 -6.52 -4.74
N LYS C 44 -61.86 -5.30 -4.27
CA LYS C 44 -60.97 -4.23 -4.65
C LYS C 44 -59.68 -4.29 -3.83
N PRO C 45 -58.54 -3.92 -4.44
CA PRO C 45 -57.27 -3.99 -3.69
C PRO C 45 -57.26 -3.00 -2.55
N LEU C 46 -56.47 -3.31 -1.53
CA LEU C 46 -56.38 -2.46 -0.35
C LEU C 46 -55.17 -1.54 -0.49
N ILE C 47 -55.31 -0.32 0.01
CA ILE C 47 -54.26 0.70 -0.09
C ILE C 47 -53.80 1.05 1.33
N VAL C 48 -52.48 1.05 1.53
CA VAL C 48 -51.84 1.34 2.80
C VAL C 48 -50.91 2.51 2.56
N GLU C 49 -50.94 3.49 3.45
CA GLU C 49 -50.20 4.73 3.28
C GLU C 49 -49.17 4.84 4.39
N ASN C 50 -48.17 5.70 4.15
CA ASN C 50 -46.84 5.64 4.74
C ASN C 50 -46.75 4.99 6.13
N THR C 51 -47.34 5.63 7.14
CA THR C 51 -47.12 5.18 8.52
C THR C 51 -47.68 3.77 8.71
N GLN C 52 -48.91 3.54 8.25
CA GLN C 52 -49.52 2.23 8.43
C GLN C 52 -48.68 1.11 7.86
N ILE C 53 -47.90 1.39 6.80
CA ILE C 53 -47.04 0.35 6.21
C ILE C 53 -46.20 -0.29 7.31
N GLU C 54 -45.57 0.55 8.14
CA GLU C 54 -44.70 0.04 9.19
C GLU C 54 -45.45 -0.92 10.11
N ARG C 55 -46.67 -0.56 10.51
CA ARG C 55 -47.47 -1.46 11.34
C ARG C 55 -47.60 -2.82 10.67
N TRP C 56 -47.93 -2.83 9.38
CA TRP C 56 -48.13 -4.10 8.68
C TRP C 56 -46.88 -4.96 8.71
N ILE C 57 -45.69 -4.36 8.75
CA ILE C 57 -44.49 -5.19 8.82
C ILE C 57 -44.39 -5.88 10.18
N ASN C 58 -44.74 -5.18 11.27
CA ASN C 58 -44.64 -5.78 12.59
C ASN C 58 -45.62 -6.93 12.77
N ASN C 59 -46.71 -6.96 12.01
CA ASN C 59 -47.68 -8.05 12.07
C ASN C 59 -47.38 -9.16 11.09
N GLY C 60 -46.25 -9.10 10.39
CA GLY C 60 -45.82 -10.20 9.54
C GLY C 60 -45.79 -9.93 8.07
N LEU C 61 -46.10 -8.73 7.60
CA LEU C 61 -46.02 -8.48 6.16
C LEU C 61 -44.55 -8.47 5.73
N TRP C 62 -44.27 -9.14 4.62
CA TRP C 62 -42.92 -9.22 4.09
C TRP C 62 -42.75 -8.18 3.00
N VAL C 63 -41.98 -7.15 3.30
CA VAL C 63 -41.64 -6.13 2.32
C VAL C 63 -40.12 -6.09 2.23
N PRO C 64 -39.54 -6.52 1.12
CA PRO C 64 -38.07 -6.55 1.04
C PRO C 64 -37.52 -5.15 0.94
N ALA C 65 -36.35 -4.95 1.54
CA ALA C 65 -35.68 -3.66 1.48
C ALA C 65 -34.79 -3.65 0.25
N LEU C 66 -35.08 -2.76 -0.69
CA LEU C 66 -34.26 -2.59 -1.88
C LEU C 66 -33.39 -1.34 -1.71
N GLU C 67 -32.08 -1.53 -1.78
CA GLU C 67 -31.12 -0.46 -1.56
C GLU C 67 -30.59 0.06 -2.89
N PHE C 68 -30.48 1.39 -2.98
CA PHE C 68 -29.72 2.03 -4.05
C PHE C 68 -28.23 1.87 -3.78
N ILE C 69 -27.53 1.17 -4.68
CA ILE C 69 -26.10 0.91 -4.47
C ILE C 69 -25.32 2.22 -4.52
N ASN C 70 -25.44 2.95 -5.63
CA ASN C 70 -24.63 4.14 -5.88
C ASN C 70 -25.16 5.39 -5.17
N VAL C 71 -26.06 5.26 -4.20
CA VAL C 71 -26.56 6.42 -3.49
C VAL C 71 -25.55 6.86 -2.45
N VAL C 72 -25.70 8.08 -1.95
CA VAL C 72 -24.83 8.65 -0.94
C VAL C 72 -25.74 8.99 0.24
N GLY C 73 -25.73 8.13 1.27
CA GLY C 73 -26.54 8.35 2.45
C GLY C 73 -28.00 8.02 2.20
N SER C 74 -28.75 8.01 3.29
CA SER C 74 -30.18 7.69 3.23
C SER C 74 -30.89 8.67 2.31
N PRO C 75 -31.51 8.19 1.22
CA PRO C 75 -32.24 9.10 0.35
C PRO C 75 -33.48 9.64 1.05
N ASP C 76 -34.05 10.69 0.46
CA ASP C 76 -35.18 11.38 1.07
C ASP C 76 -36.44 10.67 0.59
N THR C 77 -36.95 9.77 1.42
CA THR C 77 -38.13 9.01 1.08
C THR C 77 -39.37 9.89 1.23
N GLY C 78 -40.07 10.13 0.13
CA GLY C 78 -41.29 10.90 0.18
C GLY C 78 -42.46 10.05 0.64
N ASN C 79 -43.61 10.18 -0.02
CA ASN C 79 -44.75 9.33 0.29
C ASN C 79 -44.53 7.91 -0.21
N LYS C 80 -45.06 6.94 0.54
CA LYS C 80 -44.97 5.54 0.14
C LYS C 80 -46.30 4.86 0.42
N ARG C 81 -46.63 3.92 -0.45
CA ARG C 81 -47.91 3.23 -0.40
C ARG C 81 -47.68 1.76 -0.73
N LEU C 82 -48.51 0.92 -0.13
CA LEU C 82 -48.57 -0.50 -0.44
C LEU C 82 -49.96 -0.77 -1.00
N MET C 83 -50.02 -1.41 -2.17
CA MET C 83 -51.28 -1.85 -2.74
C MET C 83 -51.29 -3.37 -2.66
N LEU C 84 -52.28 -3.92 -1.97
CA LEU C 84 -52.37 -5.34 -1.70
C LEU C 84 -53.54 -5.90 -2.50
N PHE C 85 -53.26 -6.90 -3.29
CA PHE C 85 -54.30 -7.41 -4.15
C PHE C 85 -54.86 -8.73 -3.61
N PRO C 86 -56.15 -8.99 -3.87
CA PRO C 86 -56.73 -10.27 -3.41
C PRO C 86 -56.12 -11.46 -4.13
N ASP C 87 -55.69 -11.31 -5.38
CA ASP C 87 -55.05 -12.40 -6.13
C ASP C 87 -53.62 -12.67 -5.67
N GLY C 88 -53.11 -11.95 -4.67
CA GLY C 88 -51.80 -12.17 -4.10
C GLY C 88 -50.76 -11.14 -4.51
N ARG C 89 -51.02 -10.35 -5.55
CA ARG C 89 -50.08 -9.33 -5.98
C ARG C 89 -49.88 -8.26 -4.91
N VAL C 90 -48.65 -7.77 -4.79
CA VAL C 90 -48.30 -6.73 -3.83
C VAL C 90 -47.43 -5.72 -4.57
N ILE C 91 -47.76 -4.43 -4.44
CA ILE C 91 -47.08 -3.36 -5.15
C ILE C 91 -46.65 -2.28 -4.16
N TYR C 92 -45.35 -1.95 -4.16
CA TYR C 92 -44.77 -0.93 -3.31
C TYR C 92 -44.42 0.27 -4.19
N ASN C 93 -44.95 1.44 -3.86
CA ASN C 93 -44.75 2.64 -4.67
C ASN C 93 -44.23 3.74 -3.76
N ALA C 94 -43.12 4.37 -4.13
CA ALA C 94 -42.52 5.36 -3.25
C ALA C 94 -41.84 6.47 -4.03
N ARG C 95 -42.05 7.70 -3.58
CA ARG C 95 -41.37 8.84 -4.14
C ARG C 95 -40.02 8.96 -3.44
N PHE C 96 -38.97 9.26 -4.21
CA PHE C 96 -37.62 9.28 -3.68
C PHE C 96 -36.80 10.40 -4.30
N LEU C 97 -36.00 11.08 -3.46
CA LEU C 97 -34.99 12.02 -3.90
C LEU C 97 -33.67 11.66 -3.24
N GLY C 98 -32.61 11.52 -4.04
CA GLY C 98 -31.34 11.03 -3.52
C GLY C 98 -30.15 11.52 -4.30
N SER C 99 -28.99 11.45 -3.66
CA SER C 99 -27.72 11.80 -4.30
C SER C 99 -27.04 10.53 -4.78
N PHE C 100 -26.68 10.49 -6.07
CA PHE C 100 -26.09 9.32 -6.69
C PHE C 100 -24.68 9.63 -7.17
N SER C 101 -23.84 8.59 -7.20
CA SER C 101 -22.44 8.70 -7.62
C SER C 101 -22.21 7.83 -8.84
N ASN C 102 -21.27 8.24 -9.67
CA ASN C 102 -20.88 7.47 -10.86
C ASN C 102 -19.59 8.08 -11.36
N ASP C 103 -18.81 7.27 -12.07
CA ASP C 103 -17.60 7.79 -12.68
C ASP C 103 -17.97 8.87 -13.69
N MET C 104 -17.46 10.09 -13.47
CA MET C 104 -17.78 11.23 -14.32
C MET C 104 -16.49 11.94 -14.72
N ASP C 105 -16.24 12.03 -16.02
CA ASP C 105 -15.01 12.59 -16.55
C ASP C 105 -15.32 13.97 -17.12
N PHE C 106 -14.71 15.01 -16.54
CA PHE C 106 -14.97 16.38 -16.94
C PHE C 106 -13.81 17.00 -17.74
N ARG C 107 -12.97 16.15 -18.35
CA ARG C 107 -11.79 16.66 -19.04
C ARG C 107 -12.16 17.46 -20.28
N LEU C 108 -13.18 17.03 -21.03
CA LEU C 108 -13.59 17.73 -22.24
C LEU C 108 -14.57 18.86 -21.97
N PHE C 109 -14.64 19.33 -20.73
CA PHE C 109 -15.51 20.44 -20.39
C PHE C 109 -15.09 21.67 -21.19
N PRO C 110 -16.05 22.48 -21.68
CA PRO C 110 -17.49 22.44 -21.45
C PRO C 110 -18.26 21.56 -22.43
N PHE C 111 -17.54 20.75 -23.19
CA PHE C 111 -18.13 19.82 -24.15
C PHE C 111 -18.26 18.41 -23.57
N ASP C 112 -18.14 18.28 -22.26
CA ASP C 112 -18.18 16.97 -21.64
C ASP C 112 -19.53 16.30 -21.86
N ARG C 113 -19.54 14.98 -21.75
CA ARG C 113 -20.78 14.23 -21.76
C ARG C 113 -20.68 13.17 -20.66
N GLN C 114 -21.76 13.03 -19.92
CA GLN C 114 -21.77 12.16 -18.74
C GLN C 114 -22.92 11.17 -18.90
N GLN C 115 -23.05 10.26 -17.94
CA GLN C 115 -24.21 9.37 -17.91
C GLN C 115 -24.62 9.13 -16.48
N PHE C 116 -25.86 9.51 -16.18
CA PHE C 116 -26.41 9.34 -14.83
C PHE C 116 -26.91 7.91 -14.69
N VAL C 117 -26.44 7.21 -13.66
CA VAL C 117 -26.77 5.80 -13.50
C VAL C 117 -27.49 5.62 -12.17
N LEU C 118 -28.34 4.60 -12.14
CA LEU C 118 -28.99 4.14 -10.93
C LEU C 118 -28.77 2.64 -10.79
N GLU C 119 -28.50 2.19 -9.59
CA GLU C 119 -28.18 0.79 -9.34
C GLU C 119 -29.04 0.29 -8.18
N LEU C 120 -29.97 -0.59 -8.49
CA LEU C 120 -30.89 -1.15 -7.52
C LEU C 120 -30.45 -2.55 -7.14
N GLU C 121 -30.54 -2.87 -5.85
CA GLU C 121 -30.16 -4.22 -5.44
C GLU C 121 -30.85 -4.57 -4.14
N PRO C 122 -31.35 -5.80 -3.97
CA PRO C 122 -31.89 -6.19 -2.68
C PRO C 122 -30.82 -6.16 -1.60
N PHE C 123 -31.21 -5.69 -0.40
CA PHE C 123 -30.24 -5.48 0.68
C PHE C 123 -29.87 -6.78 1.36
N SER C 124 -30.88 -7.60 1.68
CA SER C 124 -30.67 -8.82 2.46
C SER C 124 -30.96 -10.11 1.70
N TYR C 125 -31.81 -10.08 0.69
CA TYR C 125 -32.24 -11.30 0.00
C TYR C 125 -31.40 -11.51 -1.26
N ASN C 126 -30.93 -12.73 -1.45
CA ASN C 126 -30.07 -13.08 -2.57
C ASN C 126 -30.94 -13.36 -3.80
N ASN C 127 -30.31 -13.85 -4.88
CA ASN C 127 -31.07 -14.14 -6.10
C ASN C 127 -31.81 -15.47 -6.02
N GLN C 128 -31.29 -16.45 -5.26
CA GLN C 128 -32.08 -17.64 -5.01
C GLN C 128 -33.27 -17.36 -4.09
N GLN C 129 -33.26 -16.22 -3.39
CA GLN C 129 -34.39 -15.84 -2.55
C GLN C 129 -35.26 -14.78 -3.19
N GLN C 130 -34.67 -13.85 -3.96
CA GLN C 130 -35.42 -12.72 -4.52
C GLN C 130 -34.72 -12.23 -5.78
N ARG C 131 -35.47 -12.22 -6.88
CA ARG C 131 -34.96 -11.98 -8.22
C ARG C 131 -35.68 -10.81 -8.87
N PHE C 132 -34.99 -10.12 -9.76
CA PHE C 132 -35.59 -9.04 -10.54
C PHE C 132 -36.04 -9.58 -11.90
N SER C 133 -37.30 -9.30 -12.27
CA SER C 133 -37.86 -9.82 -13.50
C SER C 133 -37.88 -8.79 -14.62
N ASP C 134 -38.40 -7.57 -14.35
CA ASP C 134 -38.63 -6.58 -15.39
C ASP C 134 -38.01 -5.26 -14.99
N ILE C 135 -37.52 -4.53 -15.99
CA ILE C 135 -37.12 -3.14 -15.82
C ILE C 135 -37.97 -2.30 -16.77
N GLN C 136 -38.42 -1.15 -16.27
CA GLN C 136 -39.11 -0.18 -17.10
C GLN C 136 -38.72 1.18 -16.57
N VAL C 137 -38.00 1.96 -17.38
CA VAL C 137 -37.57 3.29 -16.99
C VAL C 137 -38.28 4.27 -17.89
N TYR C 138 -39.01 5.20 -17.27
CA TYR C 138 -39.78 6.20 -17.97
C TYR C 138 -39.20 7.58 -17.65
N THR C 139 -38.85 8.31 -18.69
CA THR C 139 -38.29 9.65 -18.59
C THR C 139 -39.16 10.61 -19.37
N GLU C 140 -39.44 11.77 -18.78
CA GLU C 140 -40.23 12.78 -19.47
C GLU C 140 -39.44 13.30 -20.67
N ASN C 141 -40.18 13.68 -21.72
CA ASN C 141 -39.53 14.09 -22.97
C ASN C 141 -38.64 15.31 -22.76
N ALA C 142 -39.22 16.40 -22.23
CA ALA C 142 -38.51 17.63 -21.91
C ALA C 142 -37.59 18.08 -23.06
N ASP C 143 -38.22 18.30 -24.23
CA ASP C 143 -37.49 18.63 -25.44
C ASP C 143 -37.14 20.11 -25.56
N ASN C 144 -37.53 20.95 -24.60
CA ASN C 144 -37.07 22.34 -24.56
C ASN C 144 -35.73 22.39 -23.81
N GLU C 145 -34.71 21.82 -24.45
CA GLU C 145 -33.41 21.60 -23.82
C GLU C 145 -32.67 22.91 -23.58
N GLU C 146 -32.92 23.93 -24.42
CA GLU C 146 -32.15 25.18 -24.39
C GLU C 146 -32.17 25.84 -23.01
N ILE C 147 -33.19 25.58 -22.20
CA ILE C 147 -33.32 26.23 -20.90
C ILE C 147 -32.60 25.42 -19.83
N ASP C 148 -32.63 24.11 -19.96
CA ASP C 148 -32.12 23.20 -18.96
C ASP C 148 -30.60 23.13 -19.04
N GLU C 149 -29.97 22.87 -17.87
CA GLU C 149 -28.51 22.78 -17.81
C GLU C 149 -27.98 21.61 -18.62
N TRP C 150 -28.60 20.43 -18.50
CA TRP C 150 -28.17 19.24 -19.22
C TRP C 150 -29.21 18.81 -20.24
N TRP C 151 -28.73 18.21 -21.33
CA TRP C 151 -29.59 17.71 -22.40
C TRP C 151 -29.49 16.19 -22.42
N ILE C 152 -30.60 15.51 -22.17
CA ILE C 152 -30.65 14.06 -22.31
C ILE C 152 -30.64 13.72 -23.79
N ARG C 153 -29.84 12.73 -24.18
CA ARG C 153 -29.70 12.42 -25.59
C ARG C 153 -30.58 11.27 -26.08
N GLY C 154 -30.83 10.26 -25.26
CA GLY C 154 -31.69 9.18 -25.68
C GLY C 154 -32.36 8.62 -24.45
N LYS C 155 -33.34 7.76 -24.68
CA LYS C 155 -33.99 7.14 -23.54
C LYS C 155 -32.99 6.26 -22.77
N ALA C 156 -33.37 5.90 -21.56
CA ALA C 156 -32.47 5.19 -20.67
C ALA C 156 -32.21 3.78 -21.18
N SER C 157 -31.00 3.29 -20.92
CA SER C 157 -30.66 1.90 -21.17
C SER C 157 -30.76 1.17 -19.84
N THR C 158 -31.44 0.02 -19.85
CA THR C 158 -31.66 -0.77 -18.65
C THR C 158 -30.89 -2.08 -18.79
N HIS C 159 -30.58 -2.70 -17.65
CA HIS C 159 -29.86 -3.98 -17.70
C HIS C 159 -29.96 -4.69 -16.36
N ILE C 160 -30.54 -5.89 -16.35
CA ILE C 160 -30.46 -6.77 -15.18
C ILE C 160 -29.17 -7.59 -15.28
N SER C 161 -28.45 -7.67 -14.17
CA SER C 161 -27.22 -8.45 -14.10
C SER C 161 -27.19 -9.15 -12.76
N ASP C 162 -26.19 -10.02 -12.58
CA ASP C 162 -25.99 -10.75 -11.33
C ASP C 162 -24.61 -10.38 -10.77
N ILE C 163 -24.60 -9.84 -9.56
CA ILE C 163 -23.39 -9.35 -8.91
C ILE C 163 -22.97 -10.39 -7.88
N ARG C 164 -21.68 -10.74 -7.87
CA ARG C 164 -21.14 -11.80 -7.03
C ARG C 164 -20.20 -11.21 -5.99
N TYR C 165 -20.58 -11.32 -4.72
CA TYR C 165 -19.74 -10.87 -3.61
C TYR C 165 -18.82 -12.01 -3.20
N ASP C 166 -17.52 -11.85 -3.46
CA ASP C 166 -16.56 -12.88 -3.09
C ASP C 166 -16.45 -13.01 -1.57
N HIS C 167 -16.09 -11.92 -0.89
CA HIS C 167 -15.80 -11.97 0.53
C HIS C 167 -17.08 -12.15 1.34
N LEU C 168 -17.42 -13.40 1.62
CA LEU C 168 -18.61 -13.78 2.37
C LEU C 168 -18.25 -15.05 3.12
N SER C 169 -19.25 -15.78 3.62
CA SER C 169 -18.93 -17.01 4.31
C SER C 169 -18.47 -18.08 3.32
N SER C 170 -17.96 -19.20 3.85
CA SER C 170 -17.44 -20.27 3.02
C SER C 170 -18.27 -21.54 3.06
N VAL C 171 -19.29 -21.61 3.93
CA VAL C 171 -20.20 -22.75 3.95
C VAL C 171 -21.39 -22.53 3.03
N GLN C 172 -21.57 -21.31 2.52
CA GLN C 172 -22.69 -20.95 1.67
C GLN C 172 -22.36 -21.41 0.25
N PRO C 173 -23.04 -22.44 -0.25
CA PRO C 173 -22.63 -23.02 -1.54
C PRO C 173 -22.77 -22.08 -2.71
N ASN C 174 -23.96 -21.52 -2.94
CA ASN C 174 -24.24 -20.72 -4.11
C ASN C 174 -24.96 -19.42 -3.78
N GLN C 175 -25.28 -19.17 -2.51
CA GLN C 175 -26.00 -17.96 -2.13
C GLN C 175 -25.01 -16.82 -1.92
N ASN C 176 -24.38 -16.43 -3.04
CA ASN C 176 -23.47 -15.29 -3.07
C ASN C 176 -23.73 -14.40 -4.29
N GLU C 177 -24.81 -14.63 -5.02
CA GLU C 177 -25.17 -13.81 -6.17
C GLU C 177 -26.42 -12.99 -5.85
N PHE C 178 -26.46 -11.77 -6.38
CA PHE C 178 -27.56 -10.84 -6.18
C PHE C 178 -28.02 -10.30 -7.53
N SER C 179 -29.32 -9.99 -7.61
CA SER C 179 -29.91 -9.45 -8.83
C SER C 179 -29.81 -7.93 -8.79
N ARG C 180 -29.10 -7.34 -9.75
CA ARG C 180 -28.89 -5.89 -9.76
C ARG C 180 -29.51 -5.28 -11.02
N ILE C 181 -30.26 -4.19 -10.80
CA ILE C 181 -30.82 -3.40 -11.88
C ILE C 181 -29.88 -2.22 -12.12
N THR C 182 -29.53 -1.98 -13.39
CA THR C 182 -28.65 -0.88 -13.74
C THR C 182 -29.34 -0.03 -14.79
N VAL C 183 -29.45 1.26 -14.50
CA VAL C 183 -30.07 2.25 -15.38
C VAL C 183 -28.99 3.23 -15.77
N ARG C 184 -28.90 3.54 -17.06
CA ARG C 184 -27.93 4.49 -17.57
C ARG C 184 -28.66 5.51 -18.43
N ILE C 185 -28.32 6.79 -18.26
CA ILE C 185 -28.94 7.88 -19.00
C ILE C 185 -27.83 8.79 -19.51
N ASP C 186 -27.60 8.78 -20.82
CA ASP C 186 -26.57 9.62 -21.39
C ASP C 186 -27.04 11.07 -21.39
N ALA C 187 -26.08 11.99 -21.30
CA ALA C 187 -26.43 13.41 -21.28
C ALA C 187 -25.23 14.23 -21.70
N VAL C 188 -25.53 15.40 -22.26
CA VAL C 188 -24.51 16.32 -22.77
C VAL C 188 -24.76 17.70 -22.15
N ARG C 189 -23.68 18.38 -21.79
CA ARG C 189 -23.77 19.70 -21.16
C ARG C 189 -24.04 20.78 -22.20
N ASN C 190 -24.81 21.79 -21.79
CA ASN C 190 -25.11 22.94 -22.62
C ASN C 190 -23.90 23.87 -22.61
N PRO C 191 -23.19 24.00 -23.73
CA PRO C 191 -21.96 24.79 -23.75
C PRO C 191 -22.15 26.25 -24.14
N SER C 192 -23.39 26.68 -24.37
CA SER C 192 -23.63 28.01 -24.90
C SER C 192 -23.01 29.09 -24.01
N TYR C 193 -23.32 29.04 -22.70
CA TYR C 193 -22.80 30.05 -21.79
C TYR C 193 -21.28 30.07 -21.78
N TYR C 194 -20.66 28.89 -21.72
CA TYR C 194 -19.21 28.80 -21.65
C TYR C 194 -18.57 29.13 -23.00
N LEU C 195 -19.28 28.90 -24.10
CA LEU C 195 -18.80 29.34 -25.41
C LEU C 195 -18.74 30.87 -25.47
N TRP C 196 -19.87 31.52 -25.22
CA TRP C 196 -19.97 32.94 -25.53
C TRP C 196 -19.33 33.81 -24.46
N SER C 197 -19.54 33.52 -23.18
CA SER C 197 -19.02 34.40 -22.14
C SER C 197 -17.64 33.99 -21.64
N PHE C 198 -17.11 32.85 -22.07
CA PHE C 198 -15.77 32.43 -21.67
C PHE C 198 -14.84 32.25 -22.86
N ILE C 199 -15.21 31.43 -23.83
CA ILE C 199 -14.27 31.09 -24.91
C ILE C 199 -14.03 32.31 -25.81
N LEU C 200 -15.11 32.92 -26.28
CA LEU C 200 -15.00 34.07 -27.20
C LEU C 200 -14.27 35.25 -26.59
N PRO C 201 -14.57 35.70 -25.36
CA PRO C 201 -13.77 36.80 -24.80
C PRO C 201 -12.32 36.43 -24.62
N LEU C 202 -12.03 35.18 -24.29
CA LEU C 202 -10.64 34.74 -24.12
C LEU C 202 -9.89 34.83 -25.45
N GLY C 203 -10.51 34.35 -26.53
CA GLY C 203 -9.89 34.45 -27.84
C GLY C 203 -9.68 35.88 -28.29
N LEU C 204 -10.68 36.74 -28.02
CA LEU C 204 -10.53 38.15 -28.37
C LEU C 204 -9.38 38.79 -27.60
N ILE C 205 -9.27 38.46 -26.30
CA ILE C 205 -8.17 38.99 -25.48
C ILE C 205 -6.82 38.52 -26.02
N ILE C 206 -6.74 37.26 -26.43
CA ILE C 206 -5.48 36.73 -26.95
C ILE C 206 -5.10 37.40 -28.28
N ALA C 207 -6.08 37.63 -29.15
CA ALA C 207 -5.81 38.35 -30.39
C ALA C 207 -5.36 39.77 -30.09
N ALA C 208 -6.04 40.46 -29.18
CA ALA C 208 -5.61 41.79 -28.78
C ALA C 208 -4.19 41.77 -28.22
N SER C 209 -3.85 40.70 -27.48
CA SER C 209 -2.49 40.58 -26.96
C SER C 209 -1.49 40.48 -28.10
N TRP C 210 -1.84 39.73 -29.16
CA TRP C 210 -1.00 39.68 -30.33
C TRP C 210 -0.84 41.05 -30.97
N SER C 211 -1.87 41.89 -30.86
CA SER C 211 -1.79 43.19 -31.53
C SER C 211 -0.70 44.12 -30.94
N VAL C 212 0.14 43.64 -30.02
CA VAL C 212 1.15 44.49 -29.40
C VAL C 212 2.28 44.78 -30.38
N PHE C 213 2.57 43.86 -31.30
CA PHE C 213 3.72 44.04 -32.18
C PHE C 213 3.57 45.20 -33.15
N TRP C 214 2.38 45.79 -33.26
CA TRP C 214 2.14 46.97 -34.08
C TRP C 214 2.50 48.27 -33.36
N LEU C 215 3.12 48.18 -32.19
CA LEU C 215 3.64 49.35 -31.50
C LEU C 215 4.99 49.71 -32.11
N GLU C 216 5.27 51.02 -32.17
CA GLU C 216 6.49 51.49 -32.80
C GLU C 216 7.71 51.33 -31.90
N SER C 217 7.61 51.81 -30.66
CA SER C 217 8.75 51.79 -29.75
C SER C 217 8.90 50.43 -29.07
N PHE C 218 10.13 50.15 -28.64
CA PHE C 218 10.41 48.92 -27.89
C PHE C 218 9.85 49.01 -26.47
N SER C 219 10.07 50.15 -25.81
CA SER C 219 9.56 50.35 -24.46
C SER C 219 8.04 50.20 -24.40
N GLU C 220 7.34 50.76 -25.40
CA GLU C 220 5.89 50.62 -25.46
C GLU C 220 5.49 49.16 -25.47
N ARG C 221 6.12 48.36 -26.33
CA ARG C 221 5.83 46.93 -26.44
C ARG C 221 6.04 46.23 -25.10
N LEU C 222 7.24 46.40 -24.52
CA LEU C 222 7.57 45.66 -23.32
C LEU C 222 6.68 46.07 -22.14
N GLN C 223 6.43 47.37 -21.97
CA GLN C 223 5.59 47.82 -20.87
C GLN C 223 4.14 47.36 -21.05
N THR C 224 3.63 47.38 -22.28
CA THR C 224 2.25 46.94 -22.55
C THR C 224 2.09 45.45 -22.32
N SER C 225 3.15 44.67 -22.54
CA SER C 225 3.09 43.23 -22.30
C SER C 225 2.63 42.93 -20.86
N PHE C 226 3.03 43.76 -19.90
CA PHE C 226 2.66 43.50 -18.51
C PHE C 226 1.20 43.79 -18.24
N THR C 227 0.65 44.84 -18.87
CA THR C 227 -0.79 45.07 -18.79
C THR C 227 -1.56 43.91 -19.40
N LEU C 228 -1.02 43.33 -20.48
CA LEU C 228 -1.66 42.15 -21.07
C LEU C 228 -1.61 40.95 -20.12
N MET C 229 -0.45 40.73 -19.49
CA MET C 229 -0.32 39.68 -18.50
C MET C 229 -1.34 39.86 -17.37
N LEU C 230 -1.47 41.10 -16.88
CA LEU C 230 -2.43 41.37 -15.81
C LEU C 230 -3.86 41.12 -16.28
N THR C 231 -4.16 41.46 -17.53
CA THR C 231 -5.48 41.17 -18.10
C THR C 231 -5.76 39.68 -18.06
N VAL C 232 -4.79 38.88 -18.51
CA VAL C 232 -4.97 37.42 -18.49
C VAL C 232 -5.15 36.91 -17.07
N VAL C 233 -4.45 37.51 -16.10
CA VAL C 233 -4.58 37.08 -14.71
C VAL C 233 -5.99 37.37 -14.20
N ALA C 234 -6.49 38.58 -14.43
CA ALA C 234 -7.84 38.90 -13.99
C ALA C 234 -8.86 38.00 -14.66
N TYR C 235 -8.64 37.69 -15.94
CA TYR C 235 -9.57 36.82 -16.66
C TYR C 235 -9.56 35.40 -16.08
N ALA C 236 -8.37 34.85 -15.80
CA ALA C 236 -8.28 33.54 -15.20
C ALA C 236 -8.94 33.53 -13.83
N PHE C 237 -8.82 34.64 -13.10
CA PHE C 237 -9.48 34.76 -11.81
C PHE C 237 -10.99 34.68 -11.97
N TYR C 238 -11.53 35.49 -12.88
CA TYR C 238 -12.97 35.48 -13.16
C TYR C 238 -13.46 34.07 -13.53
N THR C 239 -12.80 33.45 -14.51
CA THR C 239 -13.06 32.06 -14.87
C THR C 239 -13.10 31.17 -13.63
N SER C 240 -11.97 31.05 -12.92
CA SER C 240 -11.86 30.07 -11.86
C SER C 240 -12.85 30.33 -10.72
N ASN C 241 -13.19 31.59 -10.46
CA ASN C 241 -14.19 31.82 -9.43
C ASN C 241 -15.57 31.40 -9.91
N ILE C 242 -15.84 31.48 -11.22
CA ILE C 242 -17.13 31.03 -11.74
C ILE C 242 -17.16 29.53 -12.03
N LEU C 243 -16.11 29.00 -12.65
CA LEU C 243 -16.13 27.63 -13.14
C LEU C 243 -16.11 26.64 -11.96
N PRO C 244 -16.61 25.42 -12.15
CA PRO C 244 -16.71 24.47 -11.03
C PRO C 244 -15.35 23.94 -10.62
N ARG C 245 -15.20 23.68 -9.31
CA ARG C 245 -13.96 23.10 -8.81
C ARG C 245 -13.74 21.72 -9.43
N LEU C 246 -12.48 21.43 -9.74
CA LEU C 246 -12.09 20.17 -10.36
C LEU C 246 -10.65 19.88 -9.97
N PRO C 247 -10.24 18.62 -10.05
CA PRO C 247 -8.82 18.28 -9.80
C PRO C 247 -7.95 18.19 -11.04
N TYR C 248 -8.47 18.55 -12.22
CA TYR C 248 -7.70 18.49 -13.46
C TYR C 248 -8.05 19.69 -14.34
N THR C 249 -7.23 19.88 -15.37
CA THR C 249 -7.35 21.04 -16.25
C THR C 249 -8.49 20.84 -17.26
N THR C 250 -9.41 21.80 -17.31
CA THR C 250 -10.43 21.84 -18.33
C THR C 250 -9.84 22.37 -19.65
N VAL C 251 -10.66 22.33 -20.71
CA VAL C 251 -10.23 22.94 -21.97
C VAL C 251 -10.01 24.44 -21.79
N ILE C 252 -10.91 25.10 -21.05
CA ILE C 252 -10.77 26.54 -20.78
C ILE C 252 -9.48 26.84 -20.04
N ASP C 253 -9.12 26.00 -19.05
CA ASP C 253 -7.84 26.16 -18.36
C ASP C 253 -6.67 26.05 -19.34
N GLN C 254 -6.80 25.16 -20.33
CA GLN C 254 -5.75 25.02 -21.34
C GLN C 254 -5.65 26.28 -22.18
N MET C 255 -6.78 26.90 -22.51
CA MET C 255 -6.74 28.17 -23.24
C MET C 255 -6.11 29.28 -22.41
N ILE C 256 -6.38 29.29 -21.10
CA ILE C 256 -5.76 30.28 -20.22
C ILE C 256 -4.24 30.11 -20.22
N ILE C 257 -3.77 28.87 -20.03
CA ILE C 257 -2.35 28.59 -20.04
C ILE C 257 -1.74 28.97 -21.39
N ALA C 258 -2.51 28.76 -22.47
CA ALA C 258 -2.03 29.12 -23.79
C ALA C 258 -1.85 30.63 -23.93
N GLY C 259 -2.79 31.40 -23.38
CA GLY C 259 -2.63 32.85 -23.38
C GLY C 259 -1.42 33.28 -22.58
N TYR C 260 -1.23 32.67 -21.41
CA TYR C 260 -0.03 32.93 -20.61
C TYR C 260 1.23 32.70 -21.44
N GLY C 261 1.31 31.54 -22.09
CA GLY C 261 2.48 31.20 -22.89
C GLY C 261 2.66 32.10 -24.08
N SER C 262 1.56 32.55 -24.68
CA SER C 262 1.63 33.50 -25.78
C SER C 262 2.29 34.79 -25.31
N ILE C 263 1.84 35.32 -24.17
CA ILE C 263 2.43 36.56 -23.65
C ILE C 263 3.90 36.37 -23.31
N PHE C 264 4.24 35.21 -22.72
CA PHE C 264 5.63 34.96 -22.33
C PHE C 264 6.53 34.85 -23.56
N ALA C 265 6.08 34.13 -24.59
CA ALA C 265 6.83 34.04 -25.84
C ALA C 265 6.93 35.39 -26.52
N ALA C 266 5.90 36.23 -26.39
CA ALA C 266 5.95 37.58 -26.94
C ALA C 266 7.04 38.41 -26.26
N ILE C 267 7.14 38.32 -24.94
CA ILE C 267 8.20 39.03 -24.21
C ILE C 267 9.57 38.51 -24.64
N LEU C 268 9.71 37.18 -24.73
CA LEU C 268 10.98 36.59 -25.17
C LEU C 268 11.36 37.10 -26.56
N LEU C 269 10.40 37.11 -27.48
CA LEU C 269 10.69 37.58 -28.83
C LEU C 269 11.00 39.06 -28.87
N ILE C 270 10.37 39.85 -28.00
CA ILE C 270 10.66 41.29 -27.93
C ILE C 270 12.10 41.52 -27.51
N ILE C 271 12.51 40.86 -26.42
CA ILE C 271 13.89 41.00 -25.95
C ILE C 271 14.88 40.51 -27.01
N PHE C 272 14.58 39.36 -27.62
CA PHE C 272 15.44 38.82 -28.67
C PHE C 272 15.58 39.81 -29.81
N ALA C 273 14.46 40.39 -30.27
CA ALA C 273 14.51 41.38 -31.33
C ALA C 273 15.34 42.59 -30.92
N HIS C 274 15.25 43.01 -29.66
CA HIS C 274 16.04 44.16 -29.20
C HIS C 274 17.54 43.85 -29.22
N HIS C 275 17.92 42.60 -28.95
CA HIS C 275 19.33 42.22 -28.87
C HIS C 275 19.68 41.09 -29.82
N ARG C 276 19.08 41.04 -31.01
CA ARG C 276 19.42 39.96 -31.94
C ARG C 276 20.77 40.21 -32.59
N GLN C 277 20.88 41.30 -33.36
CA GLN C 277 22.14 41.64 -34.00
C GLN C 277 23.00 42.48 -33.06
N ALA C 278 24.26 42.64 -33.44
CA ALA C 278 25.18 43.46 -32.66
C ALA C 278 24.67 44.90 -32.59
N ASN C 279 25.17 45.63 -31.58
CA ASN C 279 24.77 47.02 -31.32
C ASN C 279 23.31 47.14 -30.95
N GLY C 280 22.70 46.07 -30.44
CA GLY C 280 21.30 46.10 -30.06
C GLY C 280 20.35 46.42 -31.19
N VAL C 281 20.65 45.95 -32.40
CA VAL C 281 19.75 46.18 -33.54
C VAL C 281 18.39 45.58 -33.25
N GLU C 282 17.34 46.34 -33.56
CA GLU C 282 15.98 45.96 -33.18
C GLU C 282 15.37 44.92 -34.11
N ASP C 283 15.94 44.69 -35.30
CA ASP C 283 15.48 43.65 -36.23
C ASP C 283 14.01 43.86 -36.60
N ASP C 284 13.77 44.90 -37.38
CA ASP C 284 12.40 45.19 -37.80
C ASP C 284 11.84 44.05 -38.64
N LEU C 285 12.71 43.30 -39.32
CA LEU C 285 12.27 42.11 -40.06
C LEU C 285 11.64 41.09 -39.11
N LEU C 286 12.23 40.91 -37.92
CA LEU C 286 11.67 39.95 -36.96
C LEU C 286 10.27 40.37 -36.52
N ILE C 287 10.06 41.66 -36.28
CA ILE C 287 8.75 42.13 -35.86
C ILE C 287 7.73 41.94 -37.00
N GLN C 288 8.11 42.34 -38.21
CA GLN C 288 7.25 42.12 -39.38
C GLN C 288 6.85 40.65 -39.50
N ARG C 289 7.84 39.75 -39.37
CA ARG C 289 7.57 38.33 -39.54
C ARG C 289 6.69 37.79 -38.42
N CYS C 290 6.99 38.19 -37.17
CA CYS C 290 6.25 37.65 -36.04
C CYS C 290 4.81 38.13 -36.01
N ARG C 291 4.55 39.35 -36.52
CA ARG C 291 3.18 39.86 -36.57
C ARG C 291 2.21 38.87 -37.20
N LEU C 292 2.70 38.00 -38.10
CA LEU C 292 1.87 36.98 -38.71
C LEU C 292 2.26 35.56 -38.31
N ALA C 293 3.50 35.35 -37.84
CA ALA C 293 3.89 34.02 -37.37
C ALA C 293 3.21 33.69 -36.05
N PHE C 294 3.14 34.65 -35.13
CA PHE C 294 2.50 34.40 -33.83
C PHE C 294 1.04 33.97 -33.97
N PRO C 295 0.18 34.67 -34.73
CA PRO C 295 -1.21 34.18 -34.89
C PRO C 295 -1.29 32.85 -35.62
N LEU C 296 -0.56 32.73 -36.73
CA LEU C 296 -0.61 31.50 -37.52
C LEU C 296 0.02 30.33 -36.77
N GLY C 297 1.14 30.59 -36.09
CA GLY C 297 1.75 29.54 -35.28
C GLY C 297 0.88 29.11 -34.12
N PHE C 298 0.16 30.06 -33.51
CA PHE C 298 -0.78 29.71 -32.45
C PHE C 298 -1.94 28.88 -32.99
N LEU C 299 -2.48 29.24 -34.16
CA LEU C 299 -3.51 28.43 -34.79
C LEU C 299 -3.00 27.02 -35.07
N ALA C 300 -1.76 26.91 -35.57
CA ALA C 300 -1.22 25.60 -35.91
C ALA C 300 -1.03 24.73 -34.67
N ILE C 301 -0.47 25.31 -33.60
CA ILE C 301 -0.23 24.54 -32.38
C ILE C 301 -1.55 24.18 -31.69
N GLY C 302 -2.55 25.06 -31.77
CA GLY C 302 -3.85 24.74 -31.21
C GLY C 302 -4.54 23.63 -31.96
N CYS C 303 -4.45 23.65 -33.30
CA CYS C 303 -4.99 22.56 -34.10
C CYS C 303 -4.24 21.25 -33.84
N VAL C 304 -2.94 21.33 -33.56
CA VAL C 304 -2.16 20.14 -33.22
C VAL C 304 -2.63 19.57 -31.87
N LEU C 305 -2.85 20.44 -30.88
CA LEU C 305 -3.14 20.02 -29.51
C LEU C 305 -4.53 19.37 -29.35
N VAL C 306 -5.33 19.28 -30.41
CA VAL C 306 -6.61 18.57 -30.37
C VAL C 306 -6.62 17.55 -31.51
N ILE C 307 -6.77 16.27 -31.15
CA ILE C 307 -6.84 15.19 -32.14
C ILE C 307 -7.50 13.96 -31.52
N PRO D 1 -66.76 7.82 -5.48
CA PRO D 1 -65.89 8.97 -5.79
C PRO D 1 -66.04 10.13 -4.82
N VAL D 2 -65.11 10.27 -3.87
CA VAL D 2 -65.23 11.26 -2.81
C VAL D 2 -64.82 12.63 -3.33
N ASP D 3 -65.67 13.64 -3.10
CA ASP D 3 -65.38 15.01 -3.49
C ASP D 3 -64.60 15.69 -2.38
N VAL D 4 -63.42 16.21 -2.70
CA VAL D 4 -62.56 16.90 -1.73
C VAL D 4 -62.31 18.32 -2.21
N SER D 5 -62.58 19.29 -1.33
CA SER D 5 -62.32 20.69 -1.57
C SER D 5 -61.12 21.12 -0.74
N VAL D 6 -60.13 21.73 -1.38
CA VAL D 6 -58.89 22.09 -0.71
C VAL D 6 -58.83 23.61 -0.59
N SER D 7 -57.88 24.07 0.22
CA SER D 7 -57.61 25.50 0.35
C SER D 7 -56.13 25.66 0.67
N ILE D 8 -55.45 26.46 -0.13
CA ILE D 8 -54.01 26.68 -0.02
C ILE D 8 -53.78 28.14 0.31
N PHE D 9 -53.21 28.39 1.49
CA PHE D 9 -52.80 29.72 1.89
C PHE D 9 -51.32 29.87 1.59
N ILE D 10 -50.94 30.97 0.95
CA ILE D 10 -49.56 31.21 0.55
C ILE D 10 -49.05 32.35 1.40
N ASN D 11 -48.11 32.05 2.31
CA ASN D 11 -47.56 33.07 3.18
C ASN D 11 -46.43 33.82 2.49
N LYS D 12 -45.51 33.08 1.87
CA LYS D 12 -44.36 33.72 1.22
C LYS D 12 -43.79 32.82 0.13
N ILE D 13 -43.30 33.47 -0.93
CA ILE D 13 -42.54 32.85 -2.01
C ILE D 13 -41.19 33.56 -2.07
N TYR D 14 -40.11 32.80 -2.04
CA TYR D 14 -38.77 33.38 -1.96
C TYR D 14 -37.75 32.35 -2.42
N GLY D 15 -36.47 32.66 -2.19
CA GLY D 15 -35.41 31.68 -2.39
C GLY D 15 -35.38 31.07 -3.77
N VAL D 16 -35.42 31.88 -4.82
CA VAL D 16 -35.37 31.35 -6.17
C VAL D 16 -33.97 30.79 -6.40
N ASN D 17 -33.91 29.54 -6.89
CA ASN D 17 -32.65 28.90 -7.24
C ASN D 17 -32.63 28.75 -8.75
N THR D 18 -31.74 29.52 -9.39
CA THR D 18 -31.75 29.62 -10.83
C THR D 18 -31.30 28.32 -11.49
N LEU D 19 -30.23 27.72 -10.98
CA LEU D 19 -29.72 26.51 -11.61
C LEU D 19 -30.67 25.35 -11.41
N GLU D 20 -31.25 25.23 -10.21
CA GLU D 20 -32.12 24.12 -9.88
C GLU D 20 -33.57 24.33 -10.30
N GLN D 21 -33.93 25.56 -10.68
CA GLN D 21 -35.31 25.91 -11.02
C GLN D 21 -36.23 25.54 -9.87
N THR D 22 -35.87 26.00 -8.67
CA THR D 22 -36.64 25.78 -7.47
C THR D 22 -36.95 27.11 -6.81
N TYR D 23 -38.00 27.11 -5.99
CA TYR D 23 -38.39 28.28 -5.22
C TYR D 23 -39.05 27.82 -3.93
N LYS D 24 -38.78 28.54 -2.84
CA LYS D 24 -39.30 28.16 -1.53
C LYS D 24 -40.67 28.79 -1.35
N VAL D 25 -41.61 27.98 -0.84
CA VAL D 25 -43.00 28.38 -0.63
C VAL D 25 -43.38 28.00 0.79
N ASP D 26 -43.85 28.99 1.56
CA ASP D 26 -44.31 28.79 2.92
C ASP D 26 -45.77 29.20 2.97
N GLY D 27 -46.59 28.35 3.56
CA GLY D 27 -48.01 28.65 3.64
C GLY D 27 -48.74 27.56 4.38
N TYR D 28 -50.06 27.52 4.20
CA TYR D 28 -50.90 26.51 4.80
C TYR D 28 -51.64 25.72 3.73
N ILE D 29 -52.07 24.53 4.09
CA ILE D 29 -52.90 23.70 3.21
C ILE D 29 -54.06 23.18 4.04
N VAL D 30 -55.27 23.39 3.53
CA VAL D 30 -56.48 22.91 4.17
C VAL D 30 -57.20 22.06 3.14
N ALA D 31 -57.72 20.91 3.58
CA ALA D 31 -58.45 19.99 2.72
C ALA D 31 -59.67 19.49 3.49
N GLN D 32 -60.84 19.56 2.86
CA GLN D 32 -62.09 19.21 3.52
C GLN D 32 -62.84 18.19 2.67
N TRP D 33 -63.39 17.18 3.33
CA TRP D 33 -64.29 16.24 2.66
C TRP D 33 -65.35 15.81 3.67
N THR D 34 -66.28 14.99 3.20
CA THR D 34 -67.44 14.59 4.01
C THR D 34 -67.45 13.08 4.15
N GLY D 35 -67.45 12.60 5.38
CA GLY D 35 -67.48 11.18 5.64
C GLY D 35 -68.69 10.74 6.43
N LYS D 36 -68.66 9.51 6.93
CA LYS D 36 -69.77 9.02 7.73
C LYS D 36 -69.85 9.82 9.04
N PRO D 37 -71.06 10.09 9.53
CA PRO D 37 -71.20 10.86 10.77
C PRO D 37 -70.50 10.19 11.94
N ARG D 38 -70.35 10.95 13.02
CA ARG D 38 -69.49 10.50 14.12
C ARG D 38 -69.96 11.15 15.42
N LYS D 39 -69.69 10.46 16.53
CA LYS D 39 -69.95 10.97 17.87
C LYS D 39 -68.73 11.74 18.38
N THR D 40 -68.96 12.94 18.92
CA THR D 40 -67.88 13.74 19.49
C THR D 40 -67.99 13.87 21.00
N PRO D 41 -66.92 14.30 21.69
CA PRO D 41 -67.05 14.72 23.09
C PRO D 41 -67.95 15.95 23.20
N GLY D 42 -69.11 15.79 23.84
CA GLY D 42 -70.16 16.77 23.70
C GLY D 42 -70.67 16.73 22.26
N ASP D 43 -71.53 17.69 21.93
CA ASP D 43 -71.99 17.76 20.55
C ASP D 43 -71.16 18.73 19.70
N LYS D 44 -70.13 19.34 20.28
CA LYS D 44 -69.21 20.27 19.63
C LYS D 44 -68.15 19.51 18.84
N PRO D 45 -67.65 20.09 17.74
CA PRO D 45 -66.68 19.38 16.92
C PRO D 45 -65.39 19.12 17.67
N LEU D 46 -64.72 18.02 17.31
CA LEU D 46 -63.50 17.59 17.99
C LEU D 46 -62.26 18.02 17.22
N ILE D 47 -61.21 18.36 17.97
CA ILE D 47 -59.95 18.84 17.41
C ILE D 47 -58.86 17.84 17.79
N VAL D 48 -58.05 17.43 16.81
CA VAL D 48 -56.96 16.49 17.00
C VAL D 48 -55.68 17.15 16.49
N GLU D 49 -54.62 17.07 17.29
CA GLU D 49 -53.38 17.78 17.02
C GLU D 49 -52.25 16.78 16.78
N ASN D 50 -51.18 17.27 16.15
CA ASN D 50 -50.23 16.50 15.36
C ASN D 50 -50.06 15.04 15.77
N THR D 51 -49.55 14.80 16.98
CA THR D 51 -49.20 13.44 17.37
C THR D 51 -50.45 12.56 17.38
N GLN D 52 -51.50 13.04 18.05
CA GLN D 52 -52.73 12.26 18.15
C GLN D 52 -53.27 11.85 16.78
N ILE D 53 -52.98 12.66 15.74
CA ILE D 53 -53.47 12.32 14.41
C ILE D 53 -53.10 10.88 14.05
N GLU D 54 -51.82 10.53 14.23
CA GLU D 54 -51.40 9.18 13.86
C GLU D 54 -52.22 8.12 14.59
N ARG D 55 -52.45 8.32 15.89
CA ARG D 55 -53.26 7.37 16.63
C ARG D 55 -54.63 7.21 15.98
N TRP D 56 -55.26 8.33 15.63
CA TRP D 56 -56.59 8.27 15.02
C TRP D 56 -56.56 7.53 13.69
N ILE D 57 -55.44 7.56 12.98
CA ILE D 57 -55.33 6.82 11.72
C ILE D 57 -55.28 5.32 12.00
N ASN D 58 -54.60 4.92 13.09
CA ASN D 58 -54.48 3.51 13.42
C ASN D 58 -55.80 2.88 13.81
N ASN D 59 -56.77 3.68 14.27
CA ASN D 59 -58.07 3.20 14.67
C ASN D 59 -59.07 3.18 13.52
N GLY D 60 -58.63 3.45 12.29
CA GLY D 60 -59.46 3.31 11.11
C GLY D 60 -59.79 4.59 10.38
N LEU D 61 -59.31 5.75 10.84
CA LEU D 61 -59.62 7.00 10.16
C LEU D 61 -58.93 7.05 8.80
N TRP D 62 -59.67 7.47 7.79
CA TRP D 62 -59.17 7.50 6.42
C TRP D 62 -58.73 8.93 6.11
N VAL D 63 -57.42 9.14 6.04
CA VAL D 63 -56.87 10.44 5.64
C VAL D 63 -55.98 10.24 4.42
N PRO D 64 -56.37 10.72 3.25
CA PRO D 64 -55.60 10.47 2.05
C PRO D 64 -54.33 11.30 2.02
N ALA D 65 -53.30 10.75 1.40
CA ALA D 65 -52.04 11.46 1.26
C ALA D 65 -52.11 12.28 -0.03
N LEU D 66 -52.08 13.59 0.10
CA LEU D 66 -52.06 14.47 -1.06
C LEU D 66 -50.62 14.93 -1.25
N GLU D 67 -50.05 14.60 -2.41
CA GLU D 67 -48.64 14.86 -2.71
C GLU D 67 -48.51 16.08 -3.60
N PHE D 68 -47.57 16.96 -3.24
CA PHE D 68 -47.13 18.00 -4.15
C PHE D 68 -46.29 17.34 -5.23
N ILE D 69 -46.80 17.34 -6.46
CA ILE D 69 -46.11 16.60 -7.54
C ILE D 69 -44.74 17.20 -7.81
N ASN D 70 -44.72 18.51 -8.11
CA ASN D 70 -43.49 19.20 -8.52
C ASN D 70 -42.60 19.58 -7.35
N VAL D 71 -42.83 19.03 -6.15
CA VAL D 71 -41.98 19.36 -5.02
C VAL D 71 -40.64 18.65 -5.17
N VAL D 72 -39.67 19.08 -4.39
CA VAL D 72 -38.34 18.48 -4.40
C VAL D 72 -38.09 17.98 -2.98
N GLY D 73 -38.28 16.69 -2.75
CA GLY D 73 -38.05 16.10 -1.45
C GLY D 73 -39.15 16.41 -0.45
N SER D 74 -39.05 15.73 0.69
CA SER D 74 -40.03 15.89 1.77
C SER D 74 -40.06 17.33 2.26
N PRO D 75 -41.19 18.02 2.14
CA PRO D 75 -41.29 19.38 2.70
C PRO D 75 -41.39 19.37 4.21
N ASP D 76 -41.19 20.55 4.80
CA ASP D 76 -41.19 20.68 6.26
C ASP D 76 -42.62 20.97 6.72
N THR D 77 -43.33 19.91 7.08
CA THR D 77 -44.69 20.05 7.57
C THR D 77 -44.63 20.44 9.04
N GLY D 78 -45.17 21.62 9.35
CA GLY D 78 -45.19 22.14 10.71
C GLY D 78 -46.33 21.50 11.48
N ASN D 79 -47.12 22.32 12.18
CA ASN D 79 -48.27 21.76 12.89
C ASN D 79 -49.31 21.28 11.90
N LYS D 80 -50.00 20.19 12.26
CA LYS D 80 -51.09 19.66 11.47
C LYS D 80 -52.21 19.26 12.43
N ARG D 81 -53.43 19.44 11.97
CA ARG D 81 -54.61 19.25 12.79
C ARG D 81 -55.69 18.60 11.96
N LEU D 82 -56.52 17.82 12.64
CA LEU D 82 -57.75 17.28 12.09
C LEU D 82 -58.91 17.88 12.87
N MET D 83 -59.86 18.46 12.15
CA MET D 83 -61.11 18.91 12.73
C MET D 83 -62.17 17.94 12.26
N LEU D 84 -62.82 17.29 13.23
CA LEU D 84 -63.80 16.25 12.97
C LEU D 84 -65.16 16.77 13.43
N PHE D 85 -66.08 16.76 12.57
CA PHE D 85 -67.39 17.26 12.89
C PHE D 85 -68.35 16.09 13.12
N PRO D 86 -69.36 16.26 13.95
CA PRO D 86 -70.32 15.16 14.18
C PRO D 86 -71.09 14.78 12.92
N ASP D 87 -71.31 15.72 12.00
CA ASP D 87 -72.00 15.41 10.75
C ASP D 87 -71.14 14.62 9.76
N GLY D 88 -69.91 14.27 10.11
CA GLY D 88 -69.04 13.46 9.28
C GLY D 88 -67.94 14.22 8.58
N ARG D 89 -68.02 15.54 8.52
CA ARG D 89 -67.00 16.33 7.83
C ARG D 89 -65.63 16.10 8.46
N VAL D 90 -64.59 16.16 7.62
CA VAL D 90 -63.21 15.98 8.04
C VAL D 90 -62.40 17.08 7.39
N ILE D 91 -61.61 17.79 8.20
CA ILE D 91 -60.81 18.92 7.74
C ILE D 91 -59.37 18.69 8.19
N TYR D 92 -58.45 18.71 7.24
CA TYR D 92 -57.02 18.56 7.50
C TYR D 92 -56.34 19.90 7.25
N ASN D 93 -55.67 20.44 8.28
CA ASN D 93 -55.03 21.75 8.19
C ASN D 93 -53.58 21.62 8.62
N ALA D 94 -52.66 22.08 7.77
CA ALA D 94 -51.25 21.88 8.07
C ALA D 94 -50.42 23.05 7.54
N ARG D 95 -49.45 23.46 8.34
CA ARG D 95 -48.48 24.46 7.89
C ARG D 95 -47.42 23.71 7.09
N PHE D 96 -47.02 24.29 5.97
CA PHE D 96 -46.08 23.61 5.08
C PHE D 96 -45.09 24.61 4.50
N LEU D 97 -43.82 24.20 4.49
CA LEU D 97 -42.75 24.91 3.80
C LEU D 97 -42.00 23.92 2.92
N GLY D 98 -41.83 24.28 1.66
CA GLY D 98 -41.23 23.35 0.71
C GLY D 98 -40.54 24.04 -0.44
N SER D 99 -39.64 23.28 -1.08
CA SER D 99 -38.96 23.73 -2.30
C SER D 99 -39.66 23.11 -3.51
N PHE D 100 -40.13 23.95 -4.43
CA PHE D 100 -40.89 23.48 -5.58
C PHE D 100 -40.14 23.76 -6.87
N SER D 101 -40.42 22.95 -7.89
CA SER D 101 -39.76 23.04 -9.18
C SER D 101 -40.78 23.41 -10.26
N ASN D 102 -40.29 24.11 -11.28
CA ASN D 102 -41.07 24.50 -12.45
C ASN D 102 -40.11 25.00 -13.50
N ASP D 103 -40.52 24.90 -14.76
CA ASP D 103 -39.71 25.43 -15.85
C ASP D 103 -39.56 26.93 -15.69
N MET D 104 -38.32 27.40 -15.58
CA MET D 104 -38.04 28.82 -15.41
C MET D 104 -37.00 29.22 -16.43
N ASP D 105 -37.34 30.22 -17.25
CA ASP D 105 -36.49 30.71 -18.31
C ASP D 105 -35.92 32.05 -17.86
N PHE D 106 -34.59 32.13 -17.71
CA PHE D 106 -33.92 33.33 -17.23
C PHE D 106 -33.13 34.05 -18.32
N ARG D 107 -33.46 33.80 -19.59
CA ARG D 107 -32.66 34.34 -20.70
C ARG D 107 -32.79 35.87 -20.77
N LEU D 108 -33.97 36.41 -20.52
CA LEU D 108 -34.19 37.85 -20.57
C LEU D 108 -33.89 38.54 -19.24
N PHE D 109 -33.16 37.87 -18.35
CA PHE D 109 -32.78 38.46 -17.09
C PHE D 109 -31.94 39.72 -17.36
N PRO D 110 -32.10 40.79 -16.56
CA PRO D 110 -32.92 40.91 -15.36
C PRO D 110 -34.35 41.38 -15.63
N PHE D 111 -34.75 41.32 -16.89
CA PHE D 111 -36.08 41.69 -17.31
C PHE D 111 -37.01 40.48 -17.45
N ASP D 112 -36.57 39.33 -16.94
CA ASP D 112 -37.36 38.11 -17.03
C ASP D 112 -38.64 38.21 -16.21
N ARG D 113 -39.61 37.38 -16.57
CA ARG D 113 -40.83 37.22 -15.80
C ARG D 113 -41.15 35.73 -15.75
N GLN D 114 -41.55 35.26 -14.57
CA GLN D 114 -41.72 33.84 -14.34
C GLN D 114 -43.13 33.57 -13.81
N GLN D 115 -43.42 32.29 -13.56
CA GLN D 115 -44.69 31.90 -12.98
C GLN D 115 -44.47 30.73 -12.02
N PHE D 116 -44.80 30.94 -10.74
CA PHE D 116 -44.64 29.90 -9.75
C PHE D 116 -45.83 28.95 -9.79
N VAL D 117 -45.56 27.65 -9.89
CA VAL D 117 -46.64 26.68 -10.00
C VAL D 117 -46.57 25.74 -8.81
N LEU D 118 -47.73 25.25 -8.40
CA LEU D 118 -47.88 24.22 -7.39
C LEU D 118 -48.76 23.14 -7.99
N GLU D 119 -48.40 21.87 -7.74
CA GLU D 119 -49.14 20.76 -8.34
C GLU D 119 -49.48 19.76 -7.25
N LEU D 120 -50.78 19.64 -6.96
CA LEU D 120 -51.30 18.72 -5.96
C LEU D 120 -51.99 17.55 -6.64
N GLU D 121 -51.79 16.36 -6.08
CA GLU D 121 -52.44 15.18 -6.62
C GLU D 121 -52.53 14.14 -5.51
N PRO D 122 -53.64 13.42 -5.39
CA PRO D 122 -53.69 12.33 -4.41
C PRO D 122 -52.66 11.27 -4.76
N PHE D 123 -52.00 10.74 -3.72
CA PHE D 123 -50.88 9.83 -3.96
C PHE D 123 -51.36 8.44 -4.35
N SER D 124 -52.36 7.90 -3.65
CA SER D 124 -52.77 6.52 -3.86
C SER D 124 -54.14 6.36 -4.48
N TYR D 125 -55.05 7.32 -4.31
CA TYR D 125 -56.42 7.17 -4.74
C TYR D 125 -56.66 7.87 -6.07
N ASN D 126 -57.37 7.19 -6.99
CA ASN D 126 -57.61 7.72 -8.32
C ASN D 126 -58.83 8.65 -8.29
N ASN D 127 -59.30 9.07 -9.46
CA ASN D 127 -60.41 10.02 -9.52
C ASN D 127 -61.75 9.35 -9.25
N GLN D 128 -61.91 8.08 -9.63
CA GLN D 128 -63.11 7.36 -9.25
C GLN D 128 -63.15 7.06 -7.75
N GLN D 129 -62.01 7.18 -7.06
CA GLN D 129 -61.97 6.95 -5.62
C GLN D 129 -61.95 8.25 -4.83
N GLN D 130 -61.29 9.29 -5.34
CA GLN D 130 -61.15 10.54 -4.60
C GLN D 130 -60.97 11.66 -5.59
N ARG D 131 -61.86 12.65 -5.52
CA ARG D 131 -62.00 13.69 -6.54
C ARG D 131 -61.80 15.07 -5.94
N PHE D 132 -61.29 15.99 -6.75
CA PHE D 132 -61.13 17.37 -6.34
C PHE D 132 -62.33 18.19 -6.82
N SER D 133 -62.94 18.94 -5.88
CA SER D 133 -64.11 19.74 -6.17
C SER D 133 -63.78 21.23 -6.31
N ASP D 134 -63.11 21.80 -5.30
CA ASP D 134 -62.89 23.24 -5.23
C ASP D 134 -61.43 23.55 -4.97
N ILE D 135 -60.96 24.66 -5.53
CA ILE D 135 -59.68 25.24 -5.14
C ILE D 135 -59.94 26.67 -4.70
N GLN D 136 -59.25 27.08 -3.64
CA GLN D 136 -59.29 28.47 -3.19
C GLN D 136 -57.89 28.79 -2.71
N VAL D 137 -57.22 29.71 -3.41
CA VAL D 137 -55.85 30.09 -3.13
C VAL D 137 -55.85 31.54 -2.67
N TYR D 138 -55.25 31.79 -1.52
CA TYR D 138 -55.18 33.12 -0.94
C TYR D 138 -53.73 33.57 -0.93
N THR D 139 -53.48 34.72 -1.53
CA THR D 139 -52.15 35.29 -1.64
C THR D 139 -52.16 36.65 -0.95
N GLU D 140 -51.10 36.92 -0.20
CA GLU D 140 -50.99 38.20 0.48
C GLU D 140 -50.92 39.33 -0.53
N ASN D 141 -51.47 40.48 -0.13
CA ASN D 141 -51.53 41.64 -1.01
C ASN D 141 -50.14 42.12 -1.42
N ALA D 142 -49.27 42.36 -0.43
CA ALA D 142 -47.88 42.76 -0.61
C ALA D 142 -47.73 43.90 -1.62
N ASP D 143 -48.38 45.02 -1.32
CA ASP D 143 -48.37 46.16 -2.21
C ASP D 143 -47.13 47.03 -2.03
N ASN D 144 -46.26 46.71 -1.06
CA ASN D 144 -44.97 47.40 -0.94
C ASN D 144 -43.98 46.71 -1.88
N GLU D 145 -44.27 46.86 -3.18
CA GLU D 145 -43.56 46.12 -4.21
C GLU D 145 -42.11 46.59 -4.37
N GLU D 146 -41.84 47.87 -4.08
CA GLU D 146 -40.51 48.43 -4.30
C GLU D 146 -39.43 47.63 -3.56
N ILE D 147 -39.79 47.02 -2.44
CA ILE D 147 -38.85 46.30 -1.59
C ILE D 147 -38.75 44.84 -1.99
N ASP D 148 -39.85 44.24 -2.42
CA ASP D 148 -39.83 42.82 -2.72
C ASP D 148 -39.08 42.59 -4.03
N GLU D 149 -38.40 41.44 -4.11
CA GLU D 149 -37.63 41.15 -5.31
C GLU D 149 -38.55 40.96 -6.51
N TRP D 150 -39.67 40.27 -6.33
CA TRP D 150 -40.61 39.96 -7.39
C TRP D 150 -41.93 40.69 -7.17
N TRP D 151 -42.60 41.01 -8.28
CA TRP D 151 -43.91 41.66 -8.27
C TRP D 151 -44.92 40.64 -8.77
N ILE D 152 -45.89 40.31 -7.91
CA ILE D 152 -46.99 39.46 -8.33
C ILE D 152 -47.90 40.24 -9.26
N ARG D 153 -48.35 39.59 -10.33
CA ARG D 153 -49.16 40.31 -11.31
C ARG D 153 -50.64 40.24 -10.98
N GLY D 154 -51.10 39.12 -10.46
CA GLY D 154 -52.49 38.94 -10.10
C GLY D 154 -52.62 37.87 -9.04
N LYS D 155 -53.84 37.73 -8.54
CA LYS D 155 -54.14 36.65 -7.62
C LYS D 155 -53.91 35.31 -8.33
N ALA D 156 -53.89 34.23 -7.56
CA ALA D 156 -53.53 32.95 -8.14
C ALA D 156 -54.59 32.49 -9.14
N SER D 157 -54.14 31.88 -10.22
CA SER D 157 -55.03 31.21 -11.17
C SER D 157 -54.93 29.69 -10.98
N THR D 158 -56.08 29.02 -10.89
CA THR D 158 -56.12 27.59 -10.62
C THR D 158 -56.67 26.83 -11.82
N HIS D 159 -56.45 25.51 -11.80
CA HIS D 159 -56.93 24.64 -12.88
C HIS D 159 -56.94 23.20 -12.38
N ILE D 160 -58.15 22.59 -12.30
CA ILE D 160 -58.32 21.17 -12.03
C ILE D 160 -58.31 20.40 -13.33
N SER D 161 -57.57 19.29 -13.37
CA SER D 161 -57.51 18.45 -14.56
C SER D 161 -57.50 16.99 -14.11
N ASP D 162 -57.63 16.10 -15.10
CA ASP D 162 -57.58 14.66 -14.88
C ASP D 162 -56.41 14.14 -15.70
N ILE D 163 -55.45 13.52 -15.02
CA ILE D 163 -54.21 13.08 -15.64
C ILE D 163 -54.26 11.57 -15.86
N ARG D 164 -53.86 11.14 -17.06
CA ARG D 164 -53.84 9.74 -17.48
C ARG D 164 -52.38 9.34 -17.64
N TYR D 165 -51.93 8.42 -16.79
CA TYR D 165 -50.60 7.84 -16.89
C TYR D 165 -50.66 6.68 -17.86
N ASP D 166 -50.04 6.84 -19.03
CA ASP D 166 -50.07 5.77 -20.03
C ASP D 166 -49.33 4.55 -19.54
N HIS D 167 -48.05 4.70 -19.22
CA HIS D 167 -47.20 3.56 -18.91
C HIS D 167 -47.58 2.95 -17.56
N LEU D 168 -48.46 1.96 -17.60
CA LEU D 168 -48.95 1.27 -16.41
C LEU D 168 -49.23 -0.18 -16.78
N SER D 169 -50.00 -0.87 -15.94
CA SER D 169 -50.36 -2.26 -16.16
C SER D 169 -51.36 -2.38 -17.32
N SER D 170 -51.64 -3.63 -17.70
CA SER D 170 -52.56 -3.92 -18.78
C SER D 170 -53.86 -4.56 -18.30
N VAL D 171 -53.98 -4.88 -17.01
CA VAL D 171 -55.22 -5.41 -16.47
C VAL D 171 -56.16 -4.32 -15.93
N GLN D 172 -55.65 -3.10 -15.74
CA GLN D 172 -56.47 -2.02 -15.20
C GLN D 172 -57.25 -1.39 -16.35
N PRO D 173 -58.59 -1.58 -16.41
CA PRO D 173 -59.34 -1.15 -17.60
C PRO D 173 -59.34 0.35 -17.82
N ASN D 174 -59.82 1.12 -16.84
CA ASN D 174 -59.91 2.56 -17.01
C ASN D 174 -59.50 3.35 -15.77
N GLN D 175 -59.14 2.69 -14.67
CA GLN D 175 -58.75 3.39 -13.44
C GLN D 175 -57.27 3.75 -13.53
N ASN D 176 -57.00 4.71 -14.42
CA ASN D 176 -55.65 5.25 -14.64
C ASN D 176 -55.67 6.76 -14.63
N GLU D 177 -56.75 7.37 -14.17
CA GLU D 177 -56.90 8.82 -14.12
C GLU D 177 -56.81 9.31 -12.68
N PHE D 178 -56.17 10.46 -12.48
CA PHE D 178 -56.02 11.08 -11.18
C PHE D 178 -56.43 12.54 -11.26
N SER D 179 -56.96 13.07 -10.16
CA SER D 179 -57.41 14.46 -10.11
C SER D 179 -56.23 15.34 -9.68
N ARG D 180 -55.81 16.25 -10.55
CA ARG D 180 -54.65 17.08 -10.29
C ARG D 180 -55.07 18.55 -10.21
N ILE D 181 -54.65 19.20 -9.14
CA ILE D 181 -54.85 20.64 -8.93
C ILE D 181 -53.57 21.33 -9.35
N THR D 182 -53.71 22.40 -10.14
CA THR D 182 -52.56 23.17 -10.61
C THR D 182 -52.79 24.63 -10.25
N VAL D 183 -51.84 25.23 -9.54
CA VAL D 183 -51.93 26.62 -9.12
C VAL D 183 -50.79 27.36 -9.79
N ARG D 184 -51.09 28.51 -10.41
CA ARG D 184 -50.12 29.32 -11.12
C ARG D 184 -50.20 30.75 -10.62
N ILE D 185 -49.03 31.36 -10.42
CA ILE D 185 -48.93 32.74 -9.97
C ILE D 185 -47.88 33.42 -10.83
N ASP D 186 -48.31 34.31 -11.72
CA ASP D 186 -47.37 35.03 -12.55
C ASP D 186 -46.68 36.12 -11.75
N ALA D 187 -45.45 36.44 -12.13
CA ALA D 187 -44.68 37.45 -11.43
C ALA D 187 -43.61 38.00 -12.36
N VAL D 188 -43.20 39.23 -12.09
CA VAL D 188 -42.22 39.94 -12.89
C VAL D 188 -41.10 40.41 -11.97
N ARG D 189 -39.85 40.26 -12.43
CA ARG D 189 -38.71 40.64 -11.61
C ARG D 189 -38.49 42.15 -11.66
N ASN D 190 -38.14 42.73 -10.51
CA ASN D 190 -37.87 44.17 -10.41
C ASN D 190 -36.44 44.44 -10.86
N PRO D 191 -36.25 45.11 -11.99
CA PRO D 191 -34.89 45.31 -12.53
C PRO D 191 -34.16 46.57 -12.07
N SER D 192 -34.72 47.32 -11.12
CA SER D 192 -34.14 48.60 -10.72
C SER D 192 -32.69 48.44 -10.26
N TYR D 193 -32.45 47.47 -9.35
CA TYR D 193 -31.09 47.26 -8.84
C TYR D 193 -30.12 46.94 -9.97
N TYR D 194 -30.52 46.02 -10.85
CA TYR D 194 -29.64 45.60 -11.95
C TYR D 194 -29.53 46.68 -13.01
N LEU D 195 -30.56 47.51 -13.16
CA LEU D 195 -30.47 48.66 -14.05
C LEU D 195 -29.39 49.64 -13.56
N TRP D 196 -29.51 50.08 -12.30
CA TRP D 196 -28.67 51.18 -11.83
C TRP D 196 -27.26 50.73 -11.46
N SER D 197 -27.12 49.60 -10.75
CA SER D 197 -25.79 49.23 -10.28
C SER D 197 -25.06 48.30 -11.24
N PHE D 198 -25.72 47.82 -12.29
CA PHE D 198 -25.05 46.99 -13.27
C PHE D 198 -25.06 47.58 -14.67
N ILE D 199 -26.23 47.93 -15.19
CA ILE D 199 -26.32 48.37 -16.58
C ILE D 199 -25.68 49.74 -16.74
N LEU D 200 -26.04 50.69 -15.88
CA LEU D 200 -25.51 52.05 -16.02
C LEU D 200 -23.99 52.11 -15.89
N PRO D 201 -23.35 51.48 -14.89
CA PRO D 201 -21.87 51.52 -14.86
C PRO D 201 -21.23 50.86 -16.08
N LEU D 202 -21.85 49.79 -16.58
CA LEU D 202 -21.29 49.13 -17.76
C LEU D 202 -21.37 50.05 -18.99
N GLY D 203 -22.51 50.71 -19.18
CA GLY D 203 -22.63 51.66 -20.27
C GLY D 203 -21.67 52.83 -20.13
N LEU D 204 -21.48 53.32 -18.91
CA LEU D 204 -20.52 54.40 -18.68
C LEU D 204 -19.10 53.95 -19.04
N ILE D 205 -18.75 52.72 -18.68
CA ILE D 205 -17.44 52.17 -19.02
C ILE D 205 -17.27 52.07 -20.54
N ILE D 206 -18.33 51.64 -21.24
CA ILE D 206 -18.27 51.51 -22.69
C ILE D 206 -18.14 52.89 -23.35
N ALA D 207 -18.85 53.89 -22.83
CA ALA D 207 -18.70 55.25 -23.35
C ALA D 207 -17.29 55.78 -23.12
N ALA D 208 -16.74 55.57 -21.92
CA ALA D 208 -15.34 55.93 -21.70
C ALA D 208 -14.44 55.20 -22.69
N SER D 209 -14.77 53.95 -23.02
CA SER D 209 -14.00 53.21 -24.01
C SER D 209 -14.09 53.88 -25.38
N TRP D 210 -15.27 54.40 -25.72
CA TRP D 210 -15.39 55.20 -26.93
C TRP D 210 -14.47 56.42 -26.88
N SER D 211 -14.24 56.94 -25.68
CA SER D 211 -13.41 58.17 -25.59
C SER D 211 -11.94 57.94 -26.00
N VAL D 212 -11.55 56.76 -26.50
CA VAL D 212 -10.16 56.52 -26.83
C VAL D 212 -9.77 57.29 -28.09
N PHE D 213 -10.71 57.47 -29.02
CA PHE D 213 -10.37 58.07 -30.30
C PHE D 213 -10.03 59.56 -30.18
N TRP D 214 -10.30 60.17 -29.04
CA TRP D 214 -9.94 61.56 -28.80
C TRP D 214 -8.51 61.72 -28.27
N LEU D 215 -7.72 60.64 -28.30
CA LEU D 215 -6.30 60.75 -28.00
C LEU D 215 -5.55 61.22 -29.23
N GLU D 216 -4.53 62.04 -29.03
CA GLU D 216 -3.81 62.64 -30.14
C GLU D 216 -2.80 61.66 -30.74
N SER D 217 -1.99 61.03 -29.91
CA SER D 217 -0.96 60.12 -30.38
C SER D 217 -1.55 58.74 -30.65
N PHE D 218 -0.89 57.99 -31.54
CA PHE D 218 -1.30 56.62 -31.82
C PHE D 218 -0.92 55.67 -30.68
N SER D 219 0.32 55.80 -30.17
CA SER D 219 0.77 54.94 -29.09
C SER D 219 -0.13 55.08 -27.87
N GLU D 220 -0.55 56.30 -27.55
CA GLU D 220 -1.48 56.53 -26.46
C GLU D 220 -2.76 55.73 -26.67
N ARG D 221 -3.34 55.81 -27.88
CA ARG D 221 -4.57 55.10 -28.20
C ARG D 221 -4.41 53.59 -28.00
N LEU D 222 -3.41 53.00 -28.65
CA LEU D 222 -3.28 51.54 -28.61
C LEU D 222 -2.94 51.06 -27.20
N GLN D 223 -2.06 51.77 -26.49
CA GLN D 223 -1.70 51.36 -25.14
C GLN D 223 -2.89 51.48 -24.19
N THR D 224 -3.70 52.54 -24.34
CA THR D 224 -4.87 52.73 -23.49
C THR D 224 -5.95 51.68 -23.77
N SER D 225 -6.01 51.18 -25.02
CA SER D 225 -6.98 50.14 -25.35
C SER D 225 -6.85 48.92 -24.44
N PHE D 226 -5.63 48.57 -24.04
CA PHE D 226 -5.43 47.38 -23.21
C PHE D 226 -5.88 47.61 -21.77
N THR D 227 -5.64 48.81 -21.23
CA THR D 227 -6.22 49.15 -19.94
C THR D 227 -7.75 49.11 -20.00
N LEU D 228 -8.33 49.52 -21.14
CA LEU D 228 -9.77 49.44 -21.33
C LEU D 228 -10.26 47.99 -21.35
N MET D 229 -9.53 47.12 -22.05
CA MET D 229 -9.83 45.68 -22.03
C MET D 229 -9.82 45.16 -20.60
N LEU D 230 -8.79 45.54 -19.84
CA LEU D 230 -8.67 45.10 -18.45
C LEU D 230 -9.84 45.62 -17.61
N THR D 231 -10.27 46.85 -17.86
CA THR D 231 -11.43 47.41 -17.17
C THR D 231 -12.68 46.56 -17.43
N VAL D 232 -12.92 46.23 -18.69
CA VAL D 232 -14.09 45.41 -19.02
C VAL D 232 -13.96 44.04 -18.37
N VAL D 233 -12.74 43.49 -18.30
CA VAL D 233 -12.54 42.18 -17.70
C VAL D 233 -12.88 42.24 -16.20
N ALA D 234 -12.34 43.23 -15.49
CA ALA D 234 -12.62 43.36 -14.07
C ALA D 234 -14.11 43.58 -13.82
N TYR D 235 -14.77 44.38 -14.66
CA TYR D 235 -16.20 44.56 -14.50
C TYR D 235 -16.95 43.28 -14.76
N ALA D 236 -16.56 42.52 -15.78
CA ALA D 236 -17.24 41.27 -16.08
C ALA D 236 -17.12 40.31 -14.93
N PHE D 237 -15.97 40.31 -14.27
CA PHE D 237 -15.79 39.45 -13.11
C PHE D 237 -16.70 39.89 -11.96
N TYR D 238 -16.71 41.18 -11.65
CA TYR D 238 -17.62 41.68 -10.62
C TYR D 238 -19.06 41.25 -10.89
N THR D 239 -19.51 41.50 -12.12
CA THR D 239 -20.81 41.02 -12.59
C THR D 239 -21.03 39.55 -12.28
N SER D 240 -20.20 38.67 -12.84
CA SER D 240 -20.45 37.24 -12.74
C SER D 240 -20.35 36.76 -11.30
N ASN D 241 -19.55 37.43 -10.47
CA ASN D 241 -19.49 37.06 -9.06
C ASN D 241 -20.79 37.41 -8.34
N ILE D 242 -21.46 38.50 -8.74
CA ILE D 242 -22.72 38.82 -8.09
C ILE D 242 -23.90 38.11 -8.74
N LEU D 243 -23.95 38.09 -10.07
CA LEU D 243 -25.14 37.63 -10.77
C LEU D 243 -25.34 36.12 -10.55
N PRO D 244 -26.58 35.63 -10.67
CA PRO D 244 -26.83 34.21 -10.37
C PRO D 244 -26.24 33.28 -11.43
N ARG D 245 -25.79 32.12 -10.97
CA ARG D 245 -25.28 31.12 -11.89
C ARG D 245 -26.38 30.69 -12.86
N LEU D 246 -26.01 30.48 -14.11
CA LEU D 246 -26.98 30.13 -15.14
C LEU D 246 -26.28 29.32 -16.21
N PRO D 247 -27.02 28.54 -16.98
CA PRO D 247 -26.43 27.80 -18.11
C PRO D 247 -26.51 28.52 -19.45
N TYR D 248 -26.98 29.75 -19.47
CA TYR D 248 -27.15 30.50 -20.72
C TYR D 248 -26.76 31.94 -20.50
N THR D 249 -26.61 32.67 -21.60
CA THR D 249 -26.16 34.05 -21.57
C THR D 249 -27.32 34.96 -21.17
N THR D 250 -27.13 35.75 -20.12
CA THR D 250 -28.10 36.77 -19.76
C THR D 250 -27.93 37.99 -20.67
N VAL D 251 -28.86 38.94 -20.54
CA VAL D 251 -28.71 40.20 -21.28
C VAL D 251 -27.42 40.89 -20.86
N ILE D 252 -27.13 40.91 -19.56
CA ILE D 252 -25.92 41.55 -19.05
C ILE D 252 -24.67 40.88 -19.62
N ASP D 253 -24.68 39.54 -19.73
CA ASP D 253 -23.56 38.85 -20.39
C ASP D 253 -23.42 39.31 -21.84
N GLN D 254 -24.55 39.56 -22.50
CA GLN D 254 -24.49 40.05 -23.87
C GLN D 254 -23.89 41.45 -23.93
N MET D 255 -24.23 42.31 -22.97
CA MET D 255 -23.62 43.65 -22.93
C MET D 255 -22.11 43.56 -22.66
N ILE D 256 -21.71 42.61 -21.82
CA ILE D 256 -20.28 42.38 -21.58
C ILE D 256 -19.58 41.98 -22.88
N ILE D 257 -20.16 41.00 -23.60
CA ILE D 257 -19.58 40.57 -24.86
C ILE D 257 -19.56 41.72 -25.86
N ALA D 258 -20.58 42.59 -25.81
CA ALA D 258 -20.63 43.74 -26.70
C ALA D 258 -19.52 44.73 -26.39
N GLY D 259 -19.25 44.97 -25.10
CA GLY D 259 -18.12 45.82 -24.75
C GLY D 259 -16.78 45.24 -25.18
N TYR D 260 -16.60 43.94 -24.96
CA TYR D 260 -15.40 43.24 -25.42
C TYR D 260 -15.18 43.43 -26.91
N GLY D 261 -16.22 43.15 -27.70
CA GLY D 261 -16.13 43.28 -29.14
C GLY D 261 -15.93 44.72 -29.57
N SER D 262 -16.54 45.67 -28.85
CA SER D 262 -16.34 47.08 -29.14
C SER D 262 -14.87 47.45 -28.98
N ILE D 263 -14.25 47.03 -27.88
CA ILE D 263 -12.83 47.33 -27.67
C ILE D 263 -11.97 46.65 -28.73
N PHE D 264 -12.31 45.41 -29.09
CA PHE D 264 -11.52 44.68 -30.08
C PHE D 264 -11.62 45.35 -31.46
N ALA D 265 -12.84 45.74 -31.86
CA ALA D 265 -13.03 46.46 -33.10
C ALA D 265 -12.37 47.83 -33.05
N ALA D 266 -12.32 48.45 -31.87
CA ALA D 266 -11.61 49.71 -31.72
C ALA D 266 -10.12 49.55 -31.97
N ILE D 267 -9.53 48.48 -31.43
CA ILE D 267 -8.12 48.19 -31.69
C ILE D 267 -7.89 47.95 -33.17
N LEU D 268 -8.78 47.17 -33.80
CA LEU D 268 -8.67 46.93 -35.24
C LEU D 268 -8.71 48.25 -36.02
N LEU D 269 -9.64 49.14 -35.67
CA LEU D 269 -9.76 50.42 -36.35
C LEU D 269 -8.54 51.30 -36.11
N ILE D 270 -7.97 51.23 -34.90
CA ILE D 270 -6.79 52.01 -34.57
C ILE D 270 -5.59 51.60 -35.44
N ILE D 271 -5.32 50.29 -35.48
CA ILE D 271 -4.21 49.80 -36.30
C ILE D 271 -4.47 50.10 -37.78
N PHE D 272 -5.71 49.89 -38.24
CA PHE D 272 -6.05 50.18 -39.63
C PHE D 272 -5.79 51.65 -39.97
N ALA D 273 -6.27 52.57 -39.11
CA ALA D 273 -6.04 53.98 -39.34
C ALA D 273 -4.55 54.30 -39.36
N HIS D 274 -3.77 53.63 -38.50
CA HIS D 274 -2.33 53.89 -38.49
C HIS D 274 -1.66 53.43 -39.78
N HIS D 275 -2.12 52.32 -40.38
CA HIS D 275 -1.46 51.81 -41.58
C HIS D 275 -2.39 51.68 -42.78
N ARG D 276 -3.43 52.52 -42.89
CA ARG D 276 -4.27 52.42 -44.08
C ARG D 276 -3.60 53.11 -45.27
N GLN D 277 -2.99 54.27 -45.03
CA GLN D 277 -2.29 55.02 -46.06
C GLN D 277 -0.86 54.52 -46.19
N ALA D 278 -0.33 54.59 -47.41
CA ALA D 278 1.05 54.24 -47.64
C ALA D 278 1.98 55.19 -46.88
N ASN D 279 3.20 54.71 -46.60
CA ASN D 279 4.17 55.40 -45.76
C ASN D 279 3.65 55.64 -44.35
N GLY D 280 2.61 54.92 -43.95
CA GLY D 280 2.02 55.04 -42.63
C GLY D 280 1.54 56.42 -42.24
N VAL D 281 0.75 57.08 -43.11
CA VAL D 281 0.13 58.35 -42.73
C VAL D 281 -0.99 58.08 -41.74
N GLU D 282 -1.06 58.92 -40.69
CA GLU D 282 -1.91 58.61 -39.54
C GLU D 282 -3.40 58.56 -39.90
N ASP D 283 -3.82 59.35 -40.89
CA ASP D 283 -5.22 59.44 -41.31
C ASP D 283 -6.11 59.81 -40.12
N ASP D 284 -5.93 61.05 -39.65
CA ASP D 284 -6.74 61.55 -38.55
C ASP D 284 -8.18 61.76 -38.97
N LEU D 285 -8.43 61.95 -40.27
CA LEU D 285 -9.80 62.07 -40.77
C LEU D 285 -10.64 60.86 -40.38
N LEU D 286 -10.05 59.66 -40.48
CA LEU D 286 -10.78 58.44 -40.10
C LEU D 286 -11.14 58.47 -38.62
N ILE D 287 -10.20 58.94 -37.79
CA ILE D 287 -10.46 59.04 -36.35
C ILE D 287 -11.58 60.04 -36.07
N GLN D 288 -11.55 61.18 -36.76
CA GLN D 288 -12.57 62.20 -36.56
C GLN D 288 -13.94 61.72 -37.04
N ARG D 289 -13.98 60.83 -38.02
CA ARG D 289 -15.25 60.25 -38.44
C ARG D 289 -15.73 59.21 -37.42
N CYS D 290 -14.83 58.32 -36.99
CA CYS D 290 -15.26 57.19 -36.17
C CYS D 290 -15.56 57.60 -34.73
N ARG D 291 -14.98 58.69 -34.23
CA ARG D 291 -15.23 59.09 -32.85
C ARG D 291 -16.72 59.30 -32.58
N LEU D 292 -17.48 59.73 -33.59
CA LEU D 292 -18.92 59.85 -33.45
C LEU D 292 -19.69 58.97 -34.43
N ALA D 293 -19.03 58.18 -35.25
CA ALA D 293 -19.72 57.13 -35.99
C ALA D 293 -19.83 55.83 -35.20
N PHE D 294 -18.85 55.55 -34.34
CA PHE D 294 -18.85 54.33 -33.54
C PHE D 294 -20.00 54.26 -32.55
N PRO D 295 -20.27 55.29 -31.74
CA PRO D 295 -21.46 55.23 -30.87
C PRO D 295 -22.75 55.14 -31.66
N LEU D 296 -22.78 55.68 -32.87
CA LEU D 296 -23.98 55.61 -33.70
C LEU D 296 -24.29 54.17 -34.10
N GLY D 297 -23.32 53.47 -34.68
CA GLY D 297 -23.52 52.07 -35.02
C GLY D 297 -23.76 51.20 -33.82
N PHE D 298 -23.10 51.52 -32.69
CA PHE D 298 -23.32 50.75 -31.47
C PHE D 298 -24.76 50.88 -30.98
N LEU D 299 -25.27 52.11 -30.88
CA LEU D 299 -26.63 52.29 -30.38
C LEU D 299 -27.67 51.83 -31.40
N ALA D 300 -27.33 51.87 -32.70
CA ALA D 300 -28.17 51.22 -33.68
C ALA D 300 -28.29 49.73 -33.42
N ILE D 301 -27.16 49.07 -33.14
CA ILE D 301 -27.19 47.67 -32.76
C ILE D 301 -27.96 47.45 -31.47
N GLY D 302 -27.84 48.41 -30.54
CA GLY D 302 -28.52 48.26 -29.26
C GLY D 302 -30.03 48.32 -29.40
N CYS D 303 -30.52 49.17 -30.31
CA CYS D 303 -31.95 49.19 -30.61
C CYS D 303 -32.37 47.97 -31.42
N VAL D 304 -31.51 47.51 -32.33
CA VAL D 304 -31.85 46.38 -33.19
C VAL D 304 -32.01 45.11 -32.37
N LEU D 305 -31.03 44.81 -31.52
CA LEU D 305 -31.00 43.54 -30.78
C LEU D 305 -32.28 43.31 -29.98
N VAL D 306 -32.98 44.39 -29.60
CA VAL D 306 -34.21 44.27 -28.82
C VAL D 306 -35.24 43.42 -29.54
N ILE D 307 -35.24 43.42 -30.87
CA ILE D 307 -36.18 42.61 -31.64
C ILE D 307 -35.76 41.15 -31.62
N PRO E 1 -63.79 29.53 27.42
CA PRO E 1 -62.62 30.36 27.07
C PRO E 1 -61.47 30.23 28.06
N VAL E 2 -60.45 29.43 27.72
CA VAL E 2 -59.34 29.14 28.64
C VAL E 2 -58.37 30.32 28.63
N ASP E 3 -58.03 30.82 29.82
CA ASP E 3 -57.08 31.91 29.95
C ASP E 3 -55.67 31.34 30.02
N VAL E 4 -54.81 31.78 29.11
CA VAL E 4 -53.43 31.32 29.05
C VAL E 4 -52.52 32.51 29.28
N SER E 5 -51.61 32.37 30.24
CA SER E 5 -50.59 33.37 30.52
C SER E 5 -49.26 32.82 30.02
N VAL E 6 -48.58 33.60 29.19
CA VAL E 6 -47.35 33.15 28.56
C VAL E 6 -46.19 34.01 29.07
N SER E 7 -44.98 33.53 28.82
CA SER E 7 -43.75 34.26 29.09
C SER E 7 -42.71 33.76 28.11
N ILE E 8 -42.09 34.67 27.36
CA ILE E 8 -41.10 34.33 26.35
C ILE E 8 -39.76 34.93 26.77
N PHE E 9 -38.79 34.06 27.02
CA PHE E 9 -37.43 34.50 27.30
C PHE E 9 -36.66 34.43 26.00
N ILE E 10 -35.94 35.50 25.69
CA ILE E 10 -35.22 35.63 24.43
C ILE E 10 -33.74 35.60 24.77
N ASN E 11 -33.08 34.50 24.37
CA ASN E 11 -31.68 34.33 24.71
C ASN E 11 -30.77 35.03 23.71
N LYS E 12 -31.02 34.84 22.42
CA LYS E 12 -30.14 35.43 21.43
C LYS E 12 -30.87 35.65 20.12
N ILE E 13 -30.48 36.74 19.43
CA ILE E 13 -30.95 37.06 18.09
C ILE E 13 -29.72 37.20 17.20
N TYR E 14 -29.71 36.48 16.08
CA TYR E 14 -28.55 36.48 15.19
C TYR E 14 -28.98 35.98 13.81
N GLY E 15 -28.00 35.67 12.97
CA GLY E 15 -28.22 35.00 11.70
C GLY E 15 -29.22 35.64 10.75
N VAL E 16 -29.09 36.96 10.56
CA VAL E 16 -29.96 37.67 9.64
C VAL E 16 -29.60 37.30 8.21
N ASN E 17 -30.62 36.95 7.42
CA ASN E 17 -30.47 36.65 6.00
C ASN E 17 -31.18 37.74 5.21
N THR E 18 -30.40 38.56 4.52
CA THR E 18 -30.95 39.74 3.86
C THR E 18 -31.85 39.34 2.68
N LEU E 19 -31.43 38.36 1.89
CA LEU E 19 -32.23 37.98 0.73
C LEU E 19 -33.56 37.36 1.15
N GLU E 20 -33.54 36.53 2.18
CA GLU E 20 -34.77 35.90 2.63
C GLU E 20 -35.55 36.76 3.62
N GLN E 21 -34.91 37.80 4.16
CA GLN E 21 -35.51 38.63 5.21
C GLN E 21 -35.93 37.76 6.40
N THR E 22 -35.01 36.94 6.87
CA THR E 22 -35.20 36.04 8.01
C THR E 22 -34.11 36.31 9.03
N TYR E 23 -34.39 35.90 10.27
CA TYR E 23 -33.41 36.05 11.36
C TYR E 23 -33.64 34.94 12.37
N LYS E 24 -32.55 34.40 12.93
CA LYS E 24 -32.65 33.30 13.88
C LYS E 24 -32.79 33.83 15.31
N VAL E 25 -33.71 33.23 16.06
CA VAL E 25 -33.99 33.61 17.44
C VAL E 25 -34.01 32.34 18.29
N ASP E 26 -33.24 32.36 19.38
CA ASP E 26 -33.17 31.26 20.33
C ASP E 26 -33.61 31.75 21.69
N GLY E 27 -34.46 30.98 22.35
CA GLY E 27 -34.95 31.37 23.67
C GLY E 27 -35.84 30.30 24.27
N TYR E 28 -36.62 30.69 25.27
CA TYR E 28 -37.57 29.82 25.93
C TYR E 28 -38.98 30.34 25.73
N ILE E 29 -39.96 29.44 25.87
CA ILE E 29 -41.36 29.79 25.81
C ILE E 29 -42.07 29.11 26.98
N VAL E 30 -42.84 29.88 27.74
CA VAL E 30 -43.59 29.38 28.86
C VAL E 30 -45.06 29.72 28.63
N ALA E 31 -45.94 28.77 28.94
CA ALA E 31 -47.38 28.98 28.83
C ALA E 31 -48.03 28.35 30.05
N GLN E 32 -48.90 29.11 30.71
CA GLN E 32 -49.52 28.64 31.94
C GLN E 32 -51.03 28.79 31.84
N TRP E 33 -51.74 27.76 32.28
CA TRP E 33 -53.19 27.85 32.38
C TRP E 33 -53.62 27.03 33.60
N THR E 34 -54.93 27.03 33.86
CA THR E 34 -55.49 26.38 35.04
C THR E 34 -56.50 25.35 34.58
N GLY E 35 -56.31 24.09 34.98
CA GLY E 35 -57.23 23.05 34.59
C GLY E 35 -57.85 22.38 35.80
N LYS E 36 -58.53 21.26 35.59
CA LYS E 36 -59.14 20.53 36.69
C LYS E 36 -58.04 19.93 37.58
N PRO E 37 -58.25 19.92 38.90
CA PRO E 37 -57.23 19.36 39.80
C PRO E 37 -56.91 17.91 39.49
N ARG E 38 -55.80 17.44 40.07
CA ARG E 38 -55.23 16.15 39.75
C ARG E 38 -54.46 15.65 40.96
N LYS E 39 -54.33 14.33 41.07
CA LYS E 39 -53.55 13.72 42.14
C LYS E 39 -52.10 13.63 41.70
N THR E 40 -51.20 14.16 42.53
CA THR E 40 -49.77 14.09 42.35
C THR E 40 -49.14 13.25 43.46
N PRO E 41 -47.88 12.84 43.30
CA PRO E 41 -47.16 12.29 44.45
C PRO E 41 -46.97 13.35 45.53
N GLY E 42 -47.65 13.19 46.67
CA GLY E 42 -47.72 14.29 47.61
C GLY E 42 -48.50 15.45 47.01
N ASP E 43 -48.45 16.59 47.70
CA ASP E 43 -49.03 17.81 47.18
C ASP E 43 -48.02 18.65 46.38
N LYS E 44 -46.81 18.13 46.19
CA LYS E 44 -45.83 18.84 45.39
C LYS E 44 -46.11 18.66 43.90
N PRO E 45 -45.81 19.68 43.09
CA PRO E 45 -46.11 19.58 41.67
C PRO E 45 -45.32 18.47 40.99
N LEU E 46 -45.89 17.94 39.91
CA LEU E 46 -45.30 16.85 39.16
C LEU E 46 -44.58 17.41 37.94
N ILE E 47 -43.45 16.79 37.58
CA ILE E 47 -42.61 17.24 36.48
C ILE E 47 -42.62 16.13 35.42
N VAL E 48 -42.85 16.52 34.16
CA VAL E 48 -42.87 15.59 33.04
C VAL E 48 -41.89 16.11 31.99
N GLU E 49 -41.06 15.21 31.46
CA GLU E 49 -39.98 15.53 30.55
C GLU E 49 -40.23 14.86 29.21
N ASN E 50 -39.54 15.38 28.17
CA ASN E 50 -39.92 15.29 26.76
C ASN E 50 -40.76 14.08 26.34
N THR E 51 -40.17 12.87 26.42
CA THR E 51 -40.84 11.70 25.86
C THR E 51 -42.15 11.43 26.59
N GLN E 52 -42.10 11.42 27.92
CA GLN E 52 -43.28 11.13 28.72
C GLN E 52 -44.45 12.06 28.35
N ILE E 53 -44.13 13.26 27.84
CA ILE E 53 -45.19 14.20 27.46
C ILE E 53 -46.22 13.50 26.56
N GLU E 54 -45.75 12.81 25.52
CA GLU E 54 -46.69 12.18 24.59
C GLU E 54 -47.63 11.22 25.33
N ARG E 55 -47.08 10.44 26.26
CA ARG E 55 -47.94 9.51 27.02
C ARG E 55 -49.11 10.27 27.63
N TRP E 56 -48.81 11.40 28.29
CA TRP E 56 -49.88 12.14 28.95
C TRP E 56 -50.92 12.64 27.95
N ILE E 57 -50.48 12.98 26.73
CA ILE E 57 -51.44 13.43 25.73
C ILE E 57 -52.30 12.25 25.27
N ASN E 58 -51.67 11.07 25.14
CA ASN E 58 -52.39 9.89 24.67
C ASN E 58 -53.42 9.40 25.69
N ASN E 59 -53.23 9.73 26.97
CA ASN E 59 -54.17 9.36 28.03
C ASN E 59 -55.23 10.43 28.27
N GLY E 60 -55.25 11.49 27.45
CA GLY E 60 -56.31 12.47 27.49
C GLY E 60 -55.91 13.86 27.93
N LEU E 61 -54.64 14.11 28.26
CA LEU E 61 -54.25 15.45 28.68
C LEU E 61 -54.31 16.41 27.50
N TRP E 62 -54.84 17.60 27.75
CA TRP E 62 -55.04 18.60 26.71
C TRP E 62 -53.88 19.60 26.75
N VAL E 63 -53.04 19.56 25.72
CA VAL E 63 -51.93 20.48 25.55
C VAL E 63 -52.13 21.20 24.22
N PRO E 64 -52.46 22.48 24.22
CA PRO E 64 -52.74 23.18 22.96
C PRO E 64 -51.47 23.45 22.17
N ALA E 65 -51.61 23.44 20.84
CA ALA E 65 -50.48 23.70 19.96
C ALA E 65 -50.40 25.20 19.70
N LEU E 66 -49.31 25.81 20.14
CA LEU E 66 -49.06 27.22 19.91
C LEU E 66 -48.06 27.31 18.75
N GLU E 67 -48.47 27.96 17.66
CA GLU E 67 -47.65 28.07 16.47
C GLU E 67 -47.01 29.45 16.41
N PHE E 68 -45.72 29.48 16.11
CA PHE E 68 -45.07 30.73 15.74
C PHE E 68 -45.53 31.08 14.33
N ILE E 69 -46.26 32.19 14.20
CA ILE E 69 -46.80 32.56 12.91
C ILE E 69 -45.68 32.89 11.94
N ASN E 70 -44.83 33.84 12.33
CA ASN E 70 -43.79 34.38 11.47
C ASN E 70 -42.53 33.50 11.39
N VAL E 71 -42.59 32.25 11.86
CA VAL E 71 -41.43 31.38 11.80
C VAL E 71 -41.27 30.84 10.38
N VAL E 72 -40.09 30.30 10.08
CA VAL E 72 -39.79 29.72 8.78
C VAL E 72 -39.45 28.26 9.03
N GLY E 73 -40.43 27.38 8.78
CA GLY E 73 -40.23 25.97 8.98
C GLY E 73 -40.25 25.57 10.45
N SER E 74 -40.30 24.26 10.67
CA SER E 74 -40.35 23.72 12.02
C SER E 74 -39.13 24.16 12.81
N PRO E 75 -39.30 24.85 13.93
CA PRO E 75 -38.15 25.24 14.76
C PRO E 75 -37.53 24.03 15.44
N ASP E 76 -36.34 24.25 15.99
CA ASP E 76 -35.58 23.17 16.64
C ASP E 76 -35.98 23.18 18.11
N THR E 77 -36.94 22.32 18.48
CA THR E 77 -37.39 22.25 19.86
C THR E 77 -36.38 21.45 20.68
N GLY E 78 -35.77 22.11 21.67
CA GLY E 78 -34.82 21.47 22.56
C GLY E 78 -35.53 20.70 23.65
N ASN E 79 -35.06 20.84 24.90
CA ASN E 79 -35.74 20.19 26.00
C ASN E 79 -37.08 20.88 26.27
N LYS E 80 -38.07 20.10 26.67
CA LYS E 80 -39.40 20.62 26.99
C LYS E 80 -39.94 19.90 28.22
N ARG E 81 -40.71 20.63 29.01
CA ARG E 81 -41.19 20.13 30.29
C ARG E 81 -42.65 20.56 30.50
N LEU E 82 -43.37 19.71 31.22
CA LEU E 82 -44.70 20.03 31.73
C LEU E 82 -44.64 20.01 33.25
N MET E 83 -45.13 21.08 33.87
CA MET E 83 -45.27 21.14 35.31
C MET E 83 -46.75 21.10 35.64
N LEU E 84 -47.16 20.08 36.38
CA LEU E 84 -48.55 19.81 36.69
C LEU E 84 -48.79 20.09 38.16
N PHE E 85 -49.71 20.92 38.44
CA PHE E 85 -49.93 21.24 39.84
C PHE E 85 -51.15 20.53 40.38
N PRO E 86 -51.18 20.24 41.68
CA PRO E 86 -52.34 19.52 42.23
C PRO E 86 -53.65 20.29 42.11
N ASP E 87 -53.59 21.62 42.15
CA ASP E 87 -54.78 22.44 42.00
C ASP E 87 -55.26 22.56 40.55
N GLY E 88 -54.60 21.88 39.62
CA GLY E 88 -55.01 21.89 38.22
C GLY E 88 -54.15 22.73 37.31
N ARG E 89 -53.28 23.58 37.86
CA ARG E 89 -52.43 24.42 37.05
C ARG E 89 -51.54 23.58 36.15
N VAL E 90 -51.27 24.09 34.94
CA VAL E 90 -50.42 23.42 33.97
C VAL E 90 -49.48 24.45 33.37
N ILE E 91 -48.18 24.12 33.34
CA ILE E 91 -47.14 25.01 32.83
C ILE E 91 -46.35 24.24 31.77
N TYR E 92 -46.26 24.81 30.58
CA TYR E 92 -45.52 24.21 29.47
C TYR E 92 -44.30 25.09 29.24
N ASN E 93 -43.12 24.49 29.33
CA ASN E 93 -41.87 25.22 29.21
C ASN E 93 -41.01 24.55 28.15
N ALA E 94 -40.52 25.32 27.20
CA ALA E 94 -39.82 24.69 26.09
C ALA E 94 -38.71 25.60 25.58
N ARG E 95 -37.57 24.99 25.29
CA ARG E 95 -36.48 25.69 24.63
C ARG E 95 -36.69 25.61 23.13
N PHE E 96 -36.50 26.73 22.43
CA PHE E 96 -36.81 26.81 21.00
C PHE E 96 -35.78 27.66 20.27
N LEU E 97 -35.36 27.19 19.10
CA LEU E 97 -34.53 27.96 18.19
C LEU E 97 -35.19 27.91 16.82
N GLY E 98 -35.42 29.09 16.22
CA GLY E 98 -36.14 29.12 14.97
C GLY E 98 -35.81 30.34 14.12
N SER E 99 -36.07 30.20 12.84
CA SER E 99 -35.90 31.29 11.88
C SER E 99 -37.23 31.97 11.67
N PHE E 100 -37.27 33.28 11.90
CA PHE E 100 -38.50 34.05 11.83
C PHE E 100 -38.42 35.07 10.71
N SER E 101 -39.60 35.46 10.24
CA SER E 101 -39.77 36.37 9.12
C SER E 101 -40.44 37.67 9.59
N ASN E 102 -40.13 38.74 8.87
CA ASN E 102 -40.72 40.07 9.05
C ASN E 102 -40.28 40.93 7.87
N ASP E 103 -41.10 41.92 7.54
CA ASP E 103 -40.73 42.87 6.50
C ASP E 103 -39.50 43.67 6.96
N MET E 104 -38.44 43.64 6.16
CA MET E 104 -37.18 44.29 6.50
C MET E 104 -36.72 45.12 5.31
N ASP E 105 -36.52 46.42 5.54
CA ASP E 105 -36.12 47.37 4.51
C ASP E 105 -34.64 47.68 4.71
N PHE E 106 -33.82 47.32 3.73
CA PHE E 106 -32.38 47.47 3.82
C PHE E 106 -31.84 48.58 2.92
N ARG E 107 -32.69 49.53 2.53
CA ARG E 107 -32.26 50.56 1.58
C ARG E 107 -31.22 51.48 2.22
N LEU E 108 -31.37 51.79 3.52
CA LEU E 108 -30.46 52.69 4.21
C LEU E 108 -29.23 51.98 4.77
N PHE E 109 -28.95 50.76 4.30
CA PHE E 109 -27.75 50.07 4.75
C PHE E 109 -26.51 50.86 4.36
N PRO E 110 -25.50 50.95 5.23
CA PRO E 110 -25.37 50.25 6.51
C PRO E 110 -25.96 51.00 7.70
N PHE E 111 -26.75 52.04 7.42
CA PHE E 111 -27.36 52.82 8.49
C PHE E 111 -28.80 52.40 8.76
N ASP E 112 -29.23 51.27 8.18
CA ASP E 112 -30.60 50.82 8.39
C ASP E 112 -30.81 50.43 9.84
N ARG E 113 -32.07 50.45 10.25
CA ARG E 113 -32.45 49.97 11.56
C ARG E 113 -33.71 49.13 11.40
N GLN E 114 -33.74 47.98 12.04
CA GLN E 114 -34.82 47.03 11.84
C GLN E 114 -35.47 46.70 13.16
N GLN E 115 -36.51 45.87 13.11
CA GLN E 115 -37.16 45.40 14.33
C GLN E 115 -37.56 43.94 14.12
N PHE E 116 -37.04 43.09 15.00
CA PHE E 116 -37.34 41.66 14.95
C PHE E 116 -38.68 41.40 15.63
N VAL E 117 -39.56 40.69 14.94
CA VAL E 117 -40.92 40.45 15.44
C VAL E 117 -41.10 38.95 15.64
N LEU E 118 -41.93 38.62 16.62
CA LEU E 118 -42.41 37.27 16.89
C LEU E 118 -43.91 37.29 16.96
N GLU E 119 -44.55 36.30 16.35
CA GLU E 119 -46.01 36.23 16.29
C GLU E 119 -46.43 34.85 16.75
N LEU E 120 -47.07 34.79 17.91
CA LEU E 120 -47.56 33.55 18.48
C LEU E 120 -49.07 33.50 18.31
N GLU E 121 -49.58 32.31 17.99
CA GLU E 121 -51.02 32.15 17.84
C GLU E 121 -51.35 30.70 18.09
N PRO E 122 -52.43 30.39 18.79
CA PRO E 122 -52.86 28.99 18.91
C PRO E 122 -53.21 28.43 17.53
N PHE E 123 -52.81 27.17 17.29
CA PHE E 123 -52.90 26.63 15.94
C PHE E 123 -54.33 26.25 15.57
N SER E 124 -55.04 25.57 16.46
CA SER E 124 -56.37 25.05 16.14
C SER E 124 -57.50 25.66 16.93
N TYR E 125 -57.25 26.15 18.15
CA TYR E 125 -58.31 26.61 19.04
C TYR E 125 -58.49 28.12 18.95
N ASN E 126 -59.75 28.55 18.88
CA ASN E 126 -60.08 29.96 18.65
C ASN E 126 -60.03 30.75 19.95
N ASN E 127 -60.49 32.01 19.90
CA ASN E 127 -60.49 32.87 21.07
C ASN E 127 -61.66 32.57 22.03
N GLN E 128 -62.79 32.11 21.49
CA GLN E 128 -63.87 31.65 22.37
C GLN E 128 -63.50 30.36 23.10
N GLN E 129 -62.48 29.64 22.62
CA GLN E 129 -62.03 28.42 23.26
C GLN E 129 -60.73 28.59 24.04
N GLN E 130 -59.84 29.49 23.62
CA GLN E 130 -58.54 29.61 24.27
C GLN E 130 -58.05 31.05 24.11
N ARG E 131 -57.75 31.69 25.24
CA ARG E 131 -57.50 33.11 25.34
C ARG E 131 -56.12 33.38 25.92
N PHE E 132 -55.49 34.47 25.48
CA PHE E 132 -54.21 34.91 26.02
C PHE E 132 -54.46 35.99 27.08
N SER E 133 -53.85 35.81 28.26
CA SER E 133 -54.05 36.76 29.34
C SER E 133 -52.88 37.72 29.51
N ASP E 134 -51.65 37.21 29.63
CA ASP E 134 -50.49 38.02 29.94
C ASP E 134 -49.36 37.69 28.97
N ILE E 135 -48.56 38.71 28.63
CA ILE E 135 -47.28 38.53 27.96
C ILE E 135 -46.20 39.18 28.80
N GLN E 136 -45.03 38.53 28.86
CA GLN E 136 -43.84 39.09 29.49
C GLN E 136 -42.64 38.62 28.68
N VAL E 137 -41.90 39.56 28.11
CA VAL E 137 -40.74 39.26 27.28
C VAL E 137 -39.50 39.74 28.02
N TYR E 138 -38.56 38.81 28.25
CA TYR E 138 -37.34 39.11 28.98
C TYR E 138 -36.13 38.91 28.10
N THR E 139 -35.32 39.96 27.98
CA THR E 139 -34.06 39.95 27.26
C THR E 139 -32.97 40.39 28.22
N GLU E 140 -31.83 39.69 28.20
CA GLU E 140 -30.73 40.09 29.07
C GLU E 140 -30.21 41.45 28.62
N ASN E 141 -29.74 42.24 29.60
CA ASN E 141 -29.36 43.62 29.31
C ASN E 141 -28.25 43.69 28.27
N ALA E 142 -27.12 43.02 28.53
CA ALA E 142 -26.00 42.93 27.59
C ALA E 142 -25.66 44.29 27.00
N ASP E 143 -25.29 45.21 27.89
CA ASP E 143 -25.07 46.60 27.51
C ASP E 143 -23.71 46.83 26.85
N ASN E 144 -22.89 45.80 26.68
CA ASN E 144 -21.64 45.89 25.92
C ASN E 144 -21.92 45.69 24.42
N GLU E 145 -22.55 46.72 23.84
CA GLU E 145 -23.04 46.64 22.47
C GLU E 145 -21.92 46.54 21.44
N GLU E 146 -20.75 47.09 21.77
CA GLU E 146 -19.65 47.25 20.81
C GLU E 146 -19.28 45.93 20.11
N ILE E 147 -19.55 44.79 20.73
CA ILE E 147 -19.14 43.52 20.15
C ILE E 147 -20.17 42.98 19.18
N ASP E 148 -21.45 43.18 19.51
CA ASP E 148 -22.55 42.60 18.74
C ASP E 148 -22.78 43.37 17.45
N GLU E 149 -23.23 42.64 16.42
CA GLU E 149 -23.52 43.26 15.13
C GLU E 149 -24.70 44.21 15.24
N TRP E 150 -25.74 43.81 15.97
CA TRP E 150 -26.94 44.61 16.14
C TRP E 150 -27.03 45.06 17.60
N TRP E 151 -27.60 46.25 17.80
CA TRP E 151 -27.78 46.83 19.11
C TRP E 151 -29.27 46.90 19.42
N ILE E 152 -29.70 46.18 20.45
CA ILE E 152 -31.06 46.31 20.95
C ILE E 152 -31.18 47.64 21.69
N ARG E 153 -32.24 48.39 21.40
CA ARG E 153 -32.38 49.73 21.96
C ARG E 153 -33.25 49.79 23.21
N GLY E 154 -34.31 49.00 23.28
CA GLY E 154 -35.19 49.03 24.43
C GLY E 154 -35.81 47.67 24.61
N LYS E 155 -36.52 47.49 25.72
CA LYS E 155 -37.21 46.23 25.93
C LYS E 155 -38.24 46.00 24.83
N ALA E 156 -38.70 44.75 24.75
CA ALA E 156 -39.61 44.36 23.69
C ALA E 156 -40.96 45.02 23.93
N SER E 157 -41.64 45.34 22.83
CA SER E 157 -43.00 45.85 22.87
C SER E 157 -43.94 44.69 22.58
N THR E 158 -44.94 44.52 23.43
CA THR E 158 -45.88 43.42 23.31
C THR E 158 -47.24 43.95 22.89
N HIS E 159 -48.05 43.08 22.30
CA HIS E 159 -49.39 43.48 21.88
C HIS E 159 -50.22 42.23 21.71
N ILE E 160 -51.28 42.11 22.51
CA ILE E 160 -52.29 41.09 22.31
C ILE E 160 -53.31 41.65 21.33
N SER E 161 -53.67 40.85 20.33
CA SER E 161 -54.67 41.27 19.37
C SER E 161 -55.57 40.09 19.07
N ASP E 162 -56.67 40.38 18.37
CA ASP E 162 -57.59 39.34 17.94
C ASP E 162 -57.66 39.41 16.43
N ILE E 163 -57.28 38.32 15.78
CA ILE E 163 -57.18 38.26 14.33
C ILE E 163 -58.40 37.49 13.83
N ARG E 164 -59.02 38.02 12.78
CA ARG E 164 -60.23 37.46 12.22
C ARG E 164 -59.89 36.94 10.83
N TYR E 165 -59.97 35.63 10.65
CA TYR E 165 -59.79 35.03 9.34
C TYR E 165 -61.14 35.06 8.63
N ASP E 166 -61.25 35.89 7.59
CA ASP E 166 -62.51 36.02 6.86
C ASP E 166 -62.87 34.70 6.19
N HIS E 167 -61.96 34.18 5.36
CA HIS E 167 -62.25 33.02 4.54
C HIS E 167 -62.35 31.78 5.43
N LEU E 168 -63.57 31.46 5.85
CA LEU E 168 -63.84 30.33 6.73
C LEU E 168 -65.20 29.77 6.35
N SER E 169 -65.80 28.95 7.23
CA SER E 169 -67.09 28.36 6.92
C SER E 169 -68.19 29.41 6.96
N SER E 170 -69.39 29.00 6.51
CA SER E 170 -70.54 29.88 6.47
C SER E 170 -71.64 29.48 7.46
N VAL E 171 -71.49 28.32 8.11
CA VAL E 171 -72.43 27.92 9.17
C VAL E 171 -71.93 28.34 10.55
N GLN E 172 -70.66 28.73 10.68
CA GLN E 172 -70.06 29.10 11.95
C GLN E 172 -70.39 30.55 12.26
N PRO E 173 -71.22 30.80 13.26
CA PRO E 173 -71.71 32.17 13.51
C PRO E 173 -70.60 33.15 13.90
N ASN E 174 -69.86 32.85 14.97
CA ASN E 174 -68.88 33.80 15.50
C ASN E 174 -67.55 33.20 15.87
N GLN E 175 -67.35 31.89 15.75
CA GLN E 175 -66.09 31.26 16.15
C GLN E 175 -65.08 31.30 15.00
N ASN E 176 -64.60 32.51 14.71
CA ASN E 176 -63.58 32.68 13.68
C ASN E 176 -62.46 33.64 14.10
N GLU E 177 -62.35 34.01 15.37
CA GLU E 177 -61.30 34.90 15.86
C GLU E 177 -60.28 34.13 16.69
N PHE E 178 -59.02 34.57 16.59
CA PHE E 178 -57.92 33.95 17.31
C PHE E 178 -57.12 34.99 18.07
N SER E 179 -56.54 34.57 19.19
CA SER E 179 -55.74 35.45 20.03
C SER E 179 -54.30 35.38 19.56
N ARG E 180 -53.74 36.51 19.11
CA ARG E 180 -52.38 36.55 18.60
C ARG E 180 -51.53 37.47 19.48
N ILE E 181 -50.39 36.95 19.91
CA ILE E 181 -49.40 37.71 20.66
C ILE E 181 -48.32 38.19 19.69
N THR E 182 -47.98 39.46 19.77
CA THR E 182 -46.98 40.05 18.88
C THR E 182 -45.91 40.71 19.72
N VAL E 183 -44.66 40.33 19.47
CA VAL E 183 -43.49 40.85 20.16
C VAL E 183 -42.62 41.56 19.12
N ARG E 184 -42.20 42.78 19.44
CA ARG E 184 -41.35 43.57 18.54
C ARG E 184 -40.14 44.04 19.33
N ILE E 185 -38.97 43.98 18.70
CA ILE E 185 -37.72 44.40 19.32
C ILE E 185 -36.99 45.27 18.31
N ASP E 186 -36.92 46.57 18.58
CA ASP E 186 -36.18 47.44 17.69
C ASP E 186 -34.69 47.25 17.89
N ALA E 187 -33.93 47.46 16.82
CA ALA E 187 -32.48 47.30 16.87
C ALA E 187 -31.87 48.09 15.74
N VAL E 188 -30.61 48.49 15.95
CA VAL E 188 -29.87 49.31 15.00
C VAL E 188 -28.55 48.60 14.67
N ARG E 189 -28.15 48.66 13.40
CA ARG E 189 -26.93 48.01 12.96
C ARG E 189 -25.71 48.81 13.38
N ASN E 190 -24.64 48.10 13.74
CA ASN E 190 -23.37 48.71 14.08
C ASN E 190 -22.63 49.01 12.79
N PRO E 191 -22.49 50.28 12.40
CA PRO E 191 -21.90 50.61 11.10
C PRO E 191 -20.39 50.80 11.11
N SER E 192 -19.73 50.55 12.24
CA SER E 192 -18.31 50.88 12.38
C SER E 192 -17.49 50.26 11.26
N TYR E 193 -17.65 48.95 11.04
CA TYR E 193 -16.86 48.30 10.00
C TYR E 193 -17.11 48.93 8.63
N TYR E 194 -18.38 49.19 8.30
CA TYR E 194 -18.68 49.77 7.00
C TYR E 194 -18.28 51.24 6.95
N LEU E 195 -18.27 51.91 8.10
CA LEU E 195 -17.76 53.27 8.16
C LEU E 195 -16.28 53.31 7.79
N TRP E 196 -15.46 52.52 8.49
CA TRP E 196 -14.02 52.65 8.39
C TRP E 196 -13.46 51.97 7.15
N SER E 197 -13.91 50.75 6.84
CA SER E 197 -13.30 50.00 5.76
C SER E 197 -14.02 50.15 4.42
N PHE E 198 -15.19 50.80 4.40
CA PHE E 198 -15.90 51.01 3.13
C PHE E 198 -16.10 52.48 2.81
N ILE E 199 -16.70 53.25 3.72
CA ILE E 199 -17.07 54.63 3.40
C ILE E 199 -15.82 55.49 3.28
N LEU E 200 -14.95 55.44 4.29
CA LEU E 200 -13.74 56.26 4.31
C LEU E 200 -12.79 55.97 3.16
N PRO E 201 -12.44 54.71 2.86
CA PRO E 201 -11.61 54.49 1.66
C PRO E 201 -12.29 54.93 0.39
N LEU E 202 -13.61 54.81 0.29
CA LEU E 202 -14.32 55.24 -0.91
C LEU E 202 -14.19 56.77 -1.09
N GLY E 203 -14.39 57.52 0.00
CA GLY E 203 -14.21 58.96 -0.08
C GLY E 203 -12.77 59.33 -0.44
N LEU E 204 -11.82 58.60 0.14
CA LEU E 204 -10.41 58.86 -0.19
C LEU E 204 -10.13 58.60 -1.67
N ILE E 205 -10.67 57.51 -2.20
CA ILE E 205 -10.47 57.16 -3.61
C ILE E 205 -11.10 58.22 -4.51
N ILE E 206 -12.30 58.71 -4.15
CA ILE E 206 -12.98 59.70 -4.99
C ILE E 206 -12.23 61.03 -4.97
N ALA E 207 -11.72 61.44 -3.81
CA ALA E 207 -10.92 62.66 -3.78
C ALA E 207 -9.65 62.49 -4.62
N ALA E 208 -8.96 61.37 -4.47
CA ALA E 208 -7.79 61.11 -5.30
C ALA E 208 -8.16 61.13 -6.78
N SER E 209 -9.34 60.63 -7.12
CA SER E 209 -9.79 60.68 -8.51
C SER E 209 -9.97 62.11 -8.98
N TRP E 210 -10.51 62.97 -8.12
CA TRP E 210 -10.61 64.39 -8.45
C TRP E 210 -9.24 65.02 -8.67
N SER E 211 -8.23 64.50 -7.99
CA SER E 211 -6.88 65.08 -8.07
C SER E 211 -6.25 64.95 -9.47
N VAL E 212 -7.00 64.47 -10.47
CA VAL E 212 -6.44 64.25 -11.80
C VAL E 212 -6.17 65.57 -12.51
N PHE E 213 -6.99 66.60 -12.23
CA PHE E 213 -6.85 67.85 -12.98
C PHE E 213 -5.53 68.56 -12.70
N TRP E 214 -4.75 68.10 -11.70
CA TRP E 214 -3.44 68.68 -11.40
C TRP E 214 -2.33 68.14 -12.30
N LEU E 215 -2.68 67.39 -13.34
CA LEU E 215 -1.71 67.00 -14.34
C LEU E 215 -1.54 68.13 -15.36
N GLU E 216 -0.31 68.31 -15.84
CA GLU E 216 -0.05 69.44 -16.74
C GLU E 216 -0.54 69.14 -18.16
N SER E 217 -0.18 67.97 -18.69
CA SER E 217 -0.54 67.62 -20.06
C SER E 217 -1.97 67.05 -20.11
N PHE E 218 -2.58 67.16 -21.30
CA PHE E 218 -3.90 66.58 -21.52
C PHE E 218 -3.84 65.06 -21.61
N SER E 219 -2.89 64.54 -22.38
CA SER E 219 -2.77 63.09 -22.55
C SER E 219 -2.60 62.38 -21.22
N GLU E 220 -1.79 62.96 -20.33
CA GLU E 220 -1.61 62.40 -18.99
C GLU E 220 -2.95 62.29 -18.26
N ARG E 221 -3.74 63.36 -18.27
CA ARG E 221 -5.05 63.38 -17.63
C ARG E 221 -5.95 62.28 -18.18
N LEU E 222 -6.09 62.23 -19.50
CA LEU E 222 -7.02 61.27 -20.10
C LEU E 222 -6.55 59.83 -19.86
N GLN E 223 -5.25 59.56 -19.96
CA GLN E 223 -4.76 58.21 -19.73
C GLN E 223 -4.96 57.78 -18.28
N THR E 224 -4.73 58.69 -17.33
CA THR E 224 -4.89 58.37 -15.91
C THR E 224 -6.36 58.16 -15.54
N SER E 225 -7.28 58.84 -16.24
CA SER E 225 -8.70 58.67 -15.96
C SER E 225 -9.12 57.21 -16.02
N PHE E 226 -8.51 56.44 -16.92
CA PHE E 226 -8.88 55.03 -17.06
C PHE E 226 -8.33 54.19 -15.90
N THR E 227 -7.13 54.53 -15.41
CA THR E 227 -6.63 53.87 -14.22
C THR E 227 -7.58 54.11 -13.05
N LEU E 228 -8.14 55.32 -12.98
CA LEU E 228 -9.12 55.65 -11.95
C LEU E 228 -10.41 54.87 -12.13
N MET E 229 -10.90 54.78 -13.37
CA MET E 229 -12.08 53.95 -13.65
C MET E 229 -11.87 52.52 -13.20
N LEU E 230 -10.72 51.95 -13.54
CA LEU E 230 -10.44 50.58 -13.13
C LEU E 230 -10.35 50.47 -11.61
N THR E 231 -9.80 51.50 -10.95
CA THR E 231 -9.77 51.52 -9.49
C THR E 231 -11.17 51.44 -8.92
N VAL E 232 -12.08 52.26 -9.43
CA VAL E 232 -13.45 52.25 -8.93
C VAL E 232 -14.11 50.90 -9.19
N VAL E 233 -13.84 50.31 -10.35
CA VAL E 233 -14.43 49.02 -10.68
C VAL E 233 -13.94 47.95 -9.71
N ALA E 234 -12.64 47.92 -9.46
CA ALA E 234 -12.09 46.96 -8.51
C ALA E 234 -12.69 47.17 -7.13
N TYR E 235 -12.91 48.44 -6.73
CA TYR E 235 -13.51 48.71 -5.43
C TYR E 235 -14.95 48.23 -5.36
N ALA E 236 -15.73 48.47 -6.41
CA ALA E 236 -17.11 48.01 -6.42
C ALA E 236 -17.17 46.50 -6.36
N PHE E 237 -16.22 45.84 -7.02
CA PHE E 237 -16.15 44.39 -6.97
C PHE E 237 -15.85 43.91 -5.56
N TYR E 238 -14.82 44.50 -4.92
CA TYR E 238 -14.52 44.17 -3.53
C TYR E 238 -15.76 44.31 -2.65
N THR E 239 -16.40 45.48 -2.73
CA THR E 239 -17.68 45.72 -2.07
C THR E 239 -18.66 44.58 -2.29
N SER E 240 -19.05 44.37 -3.56
CA SER E 240 -20.13 43.45 -3.87
C SER E 240 -19.81 42.01 -3.49
N ASN E 241 -18.54 41.63 -3.54
CA ASN E 241 -18.17 40.30 -3.08
C ASN E 241 -18.30 40.19 -1.56
N ILE E 242 -18.10 41.29 -0.84
CA ILE E 242 -18.25 41.25 0.62
C ILE E 242 -19.69 41.50 1.07
N LEU E 243 -20.34 42.53 0.53
CA LEU E 243 -21.62 42.99 1.07
C LEU E 243 -22.76 41.99 0.84
N PRO E 244 -23.82 42.06 1.65
CA PRO E 244 -24.89 41.05 1.56
C PRO E 244 -25.72 41.19 0.30
N ARG E 245 -26.23 40.05 -0.16
CA ARG E 245 -27.09 40.03 -1.33
C ARG E 245 -28.37 40.81 -1.06
N LEU E 246 -28.84 41.55 -2.06
CA LEU E 246 -30.04 42.35 -1.92
C LEU E 246 -30.64 42.57 -3.31
N PRO E 247 -31.93 42.86 -3.39
CA PRO E 247 -32.57 43.18 -4.69
C PRO E 247 -32.71 44.67 -5.01
N TYR E 248 -32.16 45.56 -4.20
CA TYR E 248 -32.25 46.99 -4.44
C TYR E 248 -30.95 47.66 -4.06
N THR E 249 -30.79 48.91 -4.48
CA THR E 249 -29.52 49.62 -4.32
C THR E 249 -29.40 50.12 -2.88
N THR E 250 -28.30 49.74 -2.21
CA THR E 250 -27.96 50.26 -0.90
C THR E 250 -27.37 51.66 -1.04
N VAL E 251 -27.14 52.30 0.13
CA VAL E 251 -26.44 53.58 0.15
C VAL E 251 -25.05 53.44 -0.47
N ILE E 252 -24.34 52.37 -0.13
CA ILE E 252 -23.00 52.12 -0.65
C ILE E 252 -23.04 51.93 -2.17
N ASP E 253 -24.07 51.25 -2.68
CA ASP E 253 -24.23 51.11 -4.13
C ASP E 253 -24.36 52.47 -4.80
N GLN E 254 -25.11 53.39 -4.17
CA GLN E 254 -25.22 54.73 -4.73
C GLN E 254 -23.90 55.47 -4.66
N MET E 255 -23.12 55.27 -3.59
CA MET E 255 -21.80 55.89 -3.53
C MET E 255 -20.89 55.36 -4.64
N ILE E 256 -20.98 54.06 -4.92
CA ILE E 256 -20.22 53.49 -6.03
C ILE E 256 -20.63 54.16 -7.34
N ILE E 257 -21.95 54.28 -7.56
CA ILE E 257 -22.45 54.93 -8.75
C ILE E 257 -21.97 56.38 -8.80
N ALA E 258 -21.88 57.03 -7.64
CA ALA E 258 -21.44 58.41 -7.58
C ALA E 258 -19.98 58.53 -8.00
N GLY E 259 -19.13 57.60 -7.55
CA GLY E 259 -17.76 57.59 -8.02
C GLY E 259 -17.67 57.35 -9.51
N TYR E 260 -18.48 56.42 -10.01
CA TYR E 260 -18.55 56.16 -11.45
C TYR E 260 -18.88 57.44 -12.23
N GLY E 261 -19.94 58.12 -11.80
CA GLY E 261 -20.36 59.32 -12.49
C GLY E 261 -19.34 60.44 -12.37
N SER E 262 -18.68 60.55 -11.23
CA SER E 262 -17.65 61.56 -11.06
C SER E 262 -16.52 61.33 -12.06
N ILE E 263 -16.05 60.09 -12.18
CA ILE E 263 -14.97 59.81 -13.12
C ILE E 263 -15.41 60.06 -14.55
N PHE E 264 -16.65 59.66 -14.88
CA PHE E 264 -17.13 59.83 -16.25
C PHE E 264 -17.29 61.31 -16.60
N ALA E 265 -17.86 62.09 -15.67
CA ALA E 265 -17.97 63.53 -15.86
C ALA E 265 -16.60 64.17 -15.95
N ALA E 266 -15.62 63.63 -15.23
CA ALA E 266 -14.26 64.14 -15.33
C ALA E 266 -13.69 63.93 -16.72
N ILE E 267 -13.93 62.76 -17.31
CA ILE E 267 -13.46 62.48 -18.67
C ILE E 267 -14.13 63.44 -19.64
N LEU E 268 -15.46 63.61 -19.51
CA LEU E 268 -16.20 64.51 -20.37
C LEU E 268 -15.66 65.93 -20.28
N LEU E 269 -15.42 66.41 -19.05
CA LEU E 269 -14.90 67.76 -18.86
C LEU E 269 -13.49 67.91 -19.41
N ILE E 270 -12.68 66.86 -19.32
CA ILE E 270 -11.32 66.91 -19.87
C ILE E 270 -11.38 67.11 -21.39
N ILE E 271 -12.18 66.28 -22.07
CA ILE E 271 -12.31 66.44 -23.53
C ILE E 271 -12.87 67.82 -23.87
N PHE E 272 -13.90 68.27 -23.13
CA PHE E 272 -14.49 69.58 -23.39
C PHE E 272 -13.45 70.68 -23.29
N ALA E 273 -12.66 70.68 -22.20
CA ALA E 273 -11.62 71.70 -22.05
C ALA E 273 -10.60 71.62 -23.18
N HIS E 274 -10.24 70.40 -23.60
CA HIS E 274 -9.27 70.25 -24.68
C HIS E 274 -9.81 70.79 -26.00
N HIS E 275 -11.13 70.69 -26.23
CA HIS E 275 -11.70 71.10 -27.51
C HIS E 275 -12.80 72.15 -27.34
N ARG E 276 -12.67 73.04 -26.34
CA ARG E 276 -13.66 74.10 -26.17
C ARG E 276 -13.45 75.21 -27.18
N GLN E 277 -12.23 75.75 -27.26
CA GLN E 277 -11.91 76.89 -28.09
C GLN E 277 -11.41 76.46 -29.46
N ALA E 278 -11.28 77.44 -30.35
CA ALA E 278 -10.67 77.26 -31.66
C ALA E 278 -9.21 77.69 -31.61
N ASN E 279 -8.44 77.20 -32.59
CA ASN E 279 -7.00 77.45 -32.70
C ASN E 279 -6.23 76.83 -31.55
N GLY E 280 -6.42 75.52 -31.38
CA GLY E 280 -5.60 74.70 -30.50
C GLY E 280 -5.42 75.18 -29.07
N VAL E 281 -6.35 75.98 -28.57
CA VAL E 281 -6.28 76.42 -27.17
C VAL E 281 -6.75 75.30 -26.26
N GLU E 282 -6.23 75.28 -25.04
CA GLU E 282 -6.55 74.27 -24.05
C GLU E 282 -7.62 74.70 -23.05
N ASP E 283 -7.97 75.97 -23.01
CA ASP E 283 -8.79 76.54 -21.94
C ASP E 283 -8.27 76.05 -20.58
N ASP E 284 -7.08 76.53 -20.24
CA ASP E 284 -6.47 76.11 -18.99
C ASP E 284 -7.24 76.69 -17.80
N LEU E 285 -7.90 77.83 -17.99
CA LEU E 285 -8.72 78.41 -16.92
C LEU E 285 -9.82 77.43 -16.50
N LEU E 286 -10.41 76.71 -17.46
CA LEU E 286 -11.44 75.73 -17.12
C LEU E 286 -10.88 74.61 -16.26
N ILE E 287 -9.68 74.14 -16.58
CA ILE E 287 -9.06 73.08 -15.78
C ILE E 287 -8.77 73.59 -14.37
N GLN E 288 -8.16 74.78 -14.25
CA GLN E 288 -7.90 75.35 -12.93
C GLN E 288 -9.19 75.53 -12.14
N ARG E 289 -10.28 75.92 -12.81
CA ARG E 289 -11.54 76.14 -12.13
C ARG E 289 -12.15 74.82 -11.64
N CYS E 290 -12.26 73.84 -12.52
CA CYS E 290 -12.83 72.55 -12.12
C CYS E 290 -11.98 71.86 -11.06
N ARG E 291 -10.68 72.16 -11.04
CA ARG E 291 -9.76 71.62 -10.05
C ARG E 291 -10.27 71.79 -8.62
N LEU E 292 -11.06 72.85 -8.38
CA LEU E 292 -11.68 73.08 -7.09
C LEU E 292 -13.21 73.04 -7.16
N ALA E 293 -13.80 73.25 -8.33
CA ALA E 293 -15.25 73.16 -8.47
C ALA E 293 -15.76 71.73 -8.30
N PHE E 294 -14.98 70.72 -8.74
CA PHE E 294 -15.38 69.33 -8.55
C PHE E 294 -15.56 68.96 -7.09
N PRO E 295 -14.61 69.24 -6.16
CA PRO E 295 -14.92 69.06 -4.74
C PRO E 295 -16.21 69.76 -4.32
N LEU E 296 -16.29 71.08 -4.58
CA LEU E 296 -17.44 71.86 -4.14
C LEU E 296 -18.73 71.38 -4.82
N GLY E 297 -18.69 71.20 -6.14
CA GLY E 297 -19.91 70.82 -6.86
C GLY E 297 -20.39 69.44 -6.48
N PHE E 298 -19.48 68.47 -6.41
CA PHE E 298 -19.88 67.10 -6.06
C PHE E 298 -20.34 67.00 -4.62
N LEU E 299 -19.72 67.74 -3.70
CA LEU E 299 -20.18 67.70 -2.32
C LEU E 299 -21.53 68.41 -2.17
N ALA E 300 -21.78 69.44 -2.98
CA ALA E 300 -23.11 70.04 -3.01
C ALA E 300 -24.14 69.05 -3.53
N ILE E 301 -23.78 68.26 -4.54
CA ILE E 301 -24.69 67.25 -5.07
C ILE E 301 -24.96 66.16 -4.03
N GLY E 302 -23.93 65.74 -3.30
CA GLY E 302 -24.12 64.74 -2.25
C GLY E 302 -24.95 65.26 -1.10
N CYS E 303 -24.81 66.56 -0.77
CA CYS E 303 -25.61 67.14 0.30
C CYS E 303 -27.05 67.38 -0.12
N VAL E 304 -27.29 67.65 -1.42
CA VAL E 304 -28.66 67.70 -1.92
C VAL E 304 -29.28 66.31 -1.92
N LEU E 305 -28.46 65.29 -2.21
CA LEU E 305 -28.93 63.91 -2.13
C LEU E 305 -29.32 63.54 -0.69
N VAL E 306 -28.49 63.92 0.28
CA VAL E 306 -28.78 63.66 1.69
C VAL E 306 -29.64 64.83 2.18
N ILE E 307 -30.95 64.68 2.00
CA ILE E 307 -31.91 65.69 2.46
C ILE E 307 -33.15 65.02 3.04
N PRO F 1 63.30 -7.19 16.88
CA PRO F 1 62.80 -7.97 15.75
C PRO F 1 62.57 -9.45 16.11
N VAL F 2 61.33 -9.86 16.37
CA VAL F 2 61.08 -11.21 16.86
C VAL F 2 61.08 -12.18 15.68
N ASP F 3 61.89 -13.23 15.79
CA ASP F 3 61.95 -14.28 14.77
C ASP F 3 60.97 -15.39 15.10
N VAL F 4 60.11 -15.71 14.13
CA VAL F 4 59.12 -16.76 14.26
C VAL F 4 59.39 -17.82 13.21
N SER F 5 59.52 -19.07 13.65
CA SER F 5 59.72 -20.21 12.78
C SER F 5 58.41 -20.98 12.71
N VAL F 6 57.94 -21.23 11.50
CA VAL F 6 56.64 -21.85 11.30
C VAL F 6 56.84 -23.23 10.69
N SER F 7 55.77 -24.02 10.73
CA SER F 7 55.67 -25.33 10.08
C SER F 7 54.19 -25.55 9.77
N ILE F 8 53.88 -25.84 8.51
CA ILE F 8 52.50 -26.02 8.07
C ILE F 8 52.32 -27.46 7.63
N PHE F 9 51.46 -28.19 8.34
CA PHE F 9 51.12 -29.55 7.97
C PHE F 9 49.83 -29.54 7.18
N ILE F 10 49.81 -30.22 6.03
CA ILE F 10 48.68 -30.22 5.11
C ILE F 10 48.09 -31.61 5.08
N ASN F 11 46.90 -31.77 5.66
CA ASN F 11 46.27 -33.08 5.70
C ASN F 11 45.52 -33.38 4.41
N LYS F 12 44.68 -32.44 3.96
CA LYS F 12 43.85 -32.69 2.78
C LYS F 12 43.46 -31.39 2.09
N ILE F 13 43.37 -31.47 0.76
CA ILE F 13 42.88 -30.41 -0.11
C ILE F 13 41.72 -31.00 -0.89
N TYR F 14 40.57 -30.31 -0.89
CA TYR F 14 39.37 -30.86 -1.50
C TYR F 14 38.38 -29.71 -1.76
N GLY F 15 37.15 -30.06 -2.08
CA GLY F 15 36.06 -29.09 -2.15
C GLY F 15 36.35 -27.92 -3.06
N VAL F 16 36.81 -28.20 -4.28
CA VAL F 16 37.09 -27.14 -5.22
C VAL F 16 35.79 -26.51 -5.68
N ASN F 17 35.70 -25.18 -5.61
CA ASN F 17 34.54 -24.43 -6.09
C ASN F 17 35.00 -23.59 -7.29
N THR F 18 34.55 -23.97 -8.48
CA THR F 18 35.06 -23.36 -9.71
C THR F 18 34.57 -21.92 -9.82
N LEU F 19 33.30 -21.67 -9.49
CA LEU F 19 32.77 -20.33 -9.61
C LEU F 19 33.41 -19.37 -8.60
N GLU F 20 33.63 -19.84 -7.37
CA GLU F 20 34.17 -18.97 -6.33
C GLU F 20 35.70 -18.92 -6.32
N GLN F 21 36.37 -19.80 -7.07
CA GLN F 21 37.83 -19.88 -7.04
C GLN F 21 38.34 -20.10 -5.62
N THR F 22 37.73 -21.09 -4.96
CA THR F 22 38.10 -21.47 -3.60
C THR F 22 38.42 -22.95 -3.55
N TYR F 23 39.15 -23.33 -2.49
CA TYR F 23 39.46 -24.73 -2.25
C TYR F 23 39.62 -24.93 -0.75
N LYS F 24 39.16 -26.07 -0.25
CA LYS F 24 39.21 -26.35 1.18
C LYS F 24 40.52 -27.06 1.54
N VAL F 25 41.16 -26.61 2.62
CA VAL F 25 42.41 -27.16 3.10
C VAL F 25 42.28 -27.45 4.59
N ASP F 26 42.61 -28.67 4.98
CA ASP F 26 42.62 -29.11 6.37
C ASP F 26 44.03 -29.53 6.73
N GLY F 27 44.52 -29.05 7.86
CA GLY F 27 45.87 -29.39 8.28
C GLY F 27 46.22 -28.80 9.62
N TYR F 28 47.51 -28.75 9.90
CA TYR F 28 48.03 -28.22 11.15
C TYR F 28 48.95 -27.02 10.86
N ILE F 29 49.11 -26.16 11.85
CA ILE F 29 50.03 -25.02 11.77
C ILE F 29 50.81 -24.92 13.07
N VAL F 30 52.13 -24.80 12.95
CA VAL F 30 53.03 -24.66 14.09
C VAL F 30 53.81 -23.38 13.91
N ALA F 31 54.00 -22.64 15.00
CA ALA F 31 54.77 -21.40 14.99
C ALA F 31 55.65 -21.37 16.23
N GLN F 32 56.93 -21.04 16.05
CA GLN F 32 57.90 -21.10 17.12
C GLN F 32 58.66 -19.78 17.21
N TRP F 33 58.81 -19.26 18.43
CA TRP F 33 59.68 -18.11 18.67
C TRP F 33 60.28 -18.25 20.06
N THR F 34 61.13 -17.30 20.45
CA THR F 34 61.85 -17.36 21.71
C THR F 34 61.55 -16.11 22.53
N GLY F 35 61.09 -16.32 23.77
CA GLY F 35 60.75 -15.21 24.64
C GLY F 35 61.58 -15.19 25.91
N LYS F 36 61.17 -14.39 26.90
CA LYS F 36 61.90 -14.36 28.16
C LYS F 36 61.77 -15.71 28.86
N PRO F 37 62.81 -16.17 29.54
CA PRO F 37 62.72 -17.44 30.28
C PRO F 37 61.62 -17.38 31.33
N ARG F 38 61.25 -18.55 31.83
CA ARG F 38 60.06 -18.64 32.67
C ARG F 38 60.18 -19.81 33.63
N LYS F 39 59.49 -19.71 34.76
CA LYS F 39 59.41 -20.79 35.72
C LYS F 39 58.28 -21.74 35.34
N THR F 40 58.60 -23.02 35.22
CA THR F 40 57.67 -24.08 34.94
C THR F 40 57.60 -25.00 36.16
N PRO F 41 56.61 -25.90 36.21
CA PRO F 41 56.69 -26.94 37.24
C PRO F 41 57.90 -27.83 37.01
N GLY F 42 58.91 -27.75 37.88
CA GLY F 42 60.19 -28.35 37.52
C GLY F 42 60.78 -27.61 36.32
N ASP F 43 61.81 -28.21 35.73
CA ASP F 43 62.34 -27.72 34.47
C ASP F 43 61.68 -28.37 33.26
N LYS F 44 60.62 -29.14 33.46
CA LYS F 44 59.95 -29.71 32.30
C LYS F 44 59.10 -28.63 31.63
N PRO F 45 58.98 -28.65 30.30
CA PRO F 45 58.18 -27.62 29.64
C PRO F 45 56.71 -27.77 30.01
N LEU F 46 55.99 -26.64 30.00
CA LEU F 46 54.59 -26.65 30.37
C LEU F 46 53.74 -26.65 29.10
N ILE F 47 52.63 -27.38 29.16
CA ILE F 47 51.72 -27.50 28.03
C ILE F 47 50.38 -26.90 28.44
N VAL F 48 49.85 -26.02 27.61
CA VAL F 48 48.60 -25.33 27.85
C VAL F 48 47.69 -25.62 26.67
N GLU F 49 46.44 -25.94 26.95
CA GLU F 49 45.48 -26.37 25.94
C GLU F 49 44.32 -25.38 25.88
N ASN F 50 43.54 -25.52 24.81
CA ASN F 50 42.71 -24.48 24.20
C ASN F 50 42.18 -23.40 25.14
N THR F 51 41.32 -23.75 26.10
CA THR F 51 40.65 -22.72 26.89
C THR F 51 41.66 -21.94 27.71
N GLN F 52 42.52 -22.66 28.44
CA GLN F 52 43.51 -22.03 29.29
C GLN F 52 44.39 -21.06 28.51
N ILE F 53 44.55 -21.29 27.20
CA ILE F 53 45.38 -20.40 26.37
C ILE F 53 44.96 -18.95 26.59
N GLU F 54 43.65 -18.68 26.46
CA GLU F 54 43.19 -17.30 26.59
C GLU F 54 43.56 -16.71 27.95
N ARG F 55 43.44 -17.52 29.00
CA ARG F 55 43.82 -17.06 30.34
C ARG F 55 45.23 -16.50 30.33
N TRP F 56 46.18 -17.24 29.75
CA TRP F 56 47.57 -16.77 29.75
C TRP F 56 47.71 -15.46 28.99
N ILE F 57 46.86 -15.22 28.00
CA ILE F 57 46.94 -13.95 27.28
C ILE F 57 46.52 -12.82 28.19
N ASN F 58 45.49 -13.05 29.02
CA ASN F 58 45.01 -12.00 29.91
C ASN F 58 46.03 -11.63 30.98
N ASN F 59 46.97 -12.52 31.30
CA ASN F 59 48.03 -12.22 32.27
C ASN F 59 49.27 -11.61 31.62
N GLY F 60 49.23 -11.32 30.33
CA GLY F 60 50.31 -10.61 29.68
C GLY F 60 51.07 -11.41 28.64
N LEU F 61 50.70 -12.65 28.38
CA LEU F 61 51.43 -13.44 27.40
C LEU F 61 51.20 -12.89 25.99
N TRP F 62 52.28 -12.76 25.23
CA TRP F 62 52.25 -12.18 23.89
C TRP F 62 52.17 -13.31 22.88
N VAL F 63 51.02 -13.42 22.24
CA VAL F 63 50.84 -14.39 21.15
C VAL F 63 50.40 -13.61 19.92
N PRO F 64 51.23 -13.52 18.89
CA PRO F 64 50.85 -12.72 17.71
C PRO F 64 49.79 -13.44 16.90
N ALA F 65 48.91 -12.65 16.29
CA ALA F 65 47.86 -13.19 15.45
C ALA F 65 48.38 -13.31 14.03
N LEU F 66 48.49 -14.54 13.54
CA LEU F 66 48.93 -14.80 12.18
C LEU F 66 47.70 -15.08 11.33
N GLU F 67 47.46 -14.24 10.32
CA GLU F 67 46.28 -14.32 9.49
C GLU F 67 46.60 -15.00 8.16
N PHE F 68 45.71 -15.89 7.75
CA PHE F 68 45.73 -16.41 6.39
C PHE F 68 45.21 -15.32 5.45
N ILE F 69 46.08 -14.80 4.59
CA ILE F 69 45.70 -13.69 3.72
C ILE F 69 44.61 -14.14 2.75
N ASN F 70 44.89 -15.19 1.99
CA ASN F 70 44.01 -15.67 0.94
C ASN F 70 42.85 -16.50 1.46
N VAL F 71 42.56 -16.46 2.75
CA VAL F 71 41.48 -17.25 3.34
C VAL F 71 40.15 -16.58 3.00
N VAL F 72 39.06 -17.32 3.18
CA VAL F 72 37.70 -16.82 2.96
C VAL F 72 36.97 -17.01 4.28
N GLY F 73 36.88 -15.93 5.08
CA GLY F 73 36.19 -16.00 6.35
C GLY F 73 36.98 -16.72 7.44
N SER F 74 36.51 -16.64 8.68
CA SER F 74 37.20 -17.29 9.79
C SER F 74 37.27 -18.79 9.59
N PRO F 75 38.45 -19.38 9.53
CA PRO F 75 38.56 -20.83 9.41
C PRO F 75 38.11 -21.51 10.70
N ASP F 76 37.95 -22.83 10.61
CA ASP F 76 37.44 -23.62 11.74
C ASP F 76 38.65 -24.07 12.55
N THR F 77 38.96 -23.33 13.61
CA THR F 77 40.08 -23.68 14.48
C THR F 77 39.67 -24.81 15.42
N GLY F 78 40.34 -25.95 15.29
CA GLY F 78 40.11 -27.11 16.14
C GLY F 78 40.84 -26.98 17.46
N ASN F 79 41.52 -28.05 17.91
CA ASN F 79 42.31 -27.96 19.12
C ASN F 79 43.55 -27.10 18.88
N LYS F 80 43.95 -26.34 19.90
CA LYS F 80 45.16 -25.53 19.85
C LYS F 80 45.90 -25.61 21.18
N ARG F 81 47.22 -25.53 21.10
CA ARG F 81 48.07 -25.74 22.26
C ARG F 81 49.21 -24.72 22.25
N LEU F 82 49.64 -24.38 23.45
CA LEU F 82 50.84 -23.60 23.70
C LEU F 82 51.85 -24.47 24.45
N MET F 83 53.08 -24.53 23.95
CA MET F 83 54.16 -25.19 24.65
C MET F 83 55.13 -24.11 25.10
N LEU F 84 55.36 -24.05 26.40
CA LEU F 84 56.19 -23.03 27.04
C LEU F 84 57.45 -23.70 27.60
N PHE F 85 58.60 -23.19 27.20
CA PHE F 85 59.89 -23.73 27.59
C PHE F 85 60.55 -22.86 28.66
N PRO F 86 61.36 -23.45 29.54
CA PRO F 86 62.01 -22.64 30.56
C PRO F 86 63.00 -21.64 30.00
N ASP F 87 63.66 -21.94 28.87
CA ASP F 87 64.57 -20.99 28.25
C ASP F 87 63.86 -19.87 27.52
N GLY F 88 62.52 -19.85 27.53
CA GLY F 88 61.74 -18.79 26.91
C GLY F 88 61.05 -19.18 25.62
N ARG F 89 61.42 -20.29 24.99
CA ARG F 89 60.80 -20.67 23.74
C ARG F 89 59.29 -20.87 23.91
N VAL F 90 58.55 -20.51 22.87
CA VAL F 90 57.09 -20.63 22.83
C VAL F 90 56.69 -21.20 21.47
N ILE F 91 55.88 -22.26 21.50
CA ILE F 91 55.44 -22.94 20.28
C ILE F 91 53.91 -23.04 20.31
N TYR F 92 53.27 -22.55 19.26
CA TYR F 92 51.82 -22.56 19.11
C TYR F 92 51.45 -23.55 18.02
N ASN F 93 50.61 -24.53 18.36
CA ASN F 93 50.23 -25.59 17.43
C ASN F 93 48.71 -25.64 17.35
N ALA F 94 48.18 -25.60 16.14
CA ALA F 94 46.73 -25.49 15.99
C ALA F 94 46.25 -26.23 14.75
N ARG F 95 45.13 -26.94 14.89
CA ARG F 95 44.47 -27.59 13.77
C ARG F 95 43.54 -26.58 13.10
N PHE F 96 43.57 -26.53 11.77
CA PHE F 96 42.80 -25.54 11.04
C PHE F 96 42.23 -26.13 9.76
N LEU F 97 40.98 -25.80 9.49
CA LEU F 97 40.32 -26.14 8.24
C LEU F 97 39.76 -24.84 7.67
N GLY F 98 40.07 -24.54 6.42
CA GLY F 98 39.67 -23.27 5.86
C GLY F 98 39.51 -23.31 4.36
N SER F 99 38.74 -22.35 3.86
CA SER F 99 38.55 -22.16 2.44
C SER F 99 39.51 -21.07 1.98
N PHE F 100 40.34 -21.38 0.98
CA PHE F 100 41.38 -20.48 0.53
C PHE F 100 41.13 -20.09 -0.92
N SER F 101 41.64 -18.91 -1.29
CA SER F 101 41.45 -18.35 -2.62
C SER F 101 42.77 -18.24 -3.34
N ASN F 102 42.69 -18.36 -4.66
CA ASN F 102 43.85 -18.23 -5.55
C ASN F 102 43.30 -18.16 -6.96
N ASP F 103 44.08 -17.55 -7.85
CA ASP F 103 43.72 -17.51 -9.26
C ASP F 103 43.68 -18.92 -9.84
N MET F 104 42.52 -19.31 -10.38
CA MET F 104 42.32 -20.64 -10.93
C MET F 104 41.70 -20.50 -12.32
N ASP F 105 42.39 -21.05 -13.33
CA ASP F 105 41.98 -20.98 -14.73
C ASP F 105 41.48 -22.36 -15.15
N PHE F 106 40.20 -22.45 -15.50
CA PHE F 106 39.60 -23.73 -15.85
C PHE F 106 39.32 -23.87 -17.35
N ARG F 107 40.01 -23.08 -18.19
CA ARG F 107 39.70 -23.08 -19.61
C ARG F 107 40.05 -24.42 -20.26
N LEU F 108 41.16 -25.02 -19.84
CA LEU F 108 41.61 -26.29 -20.41
C LEU F 108 40.98 -27.48 -19.70
N PHE F 109 39.88 -27.27 -18.98
CA PHE F 109 39.17 -28.36 -18.34
C PHE F 109 38.71 -29.36 -19.40
N PRO F 110 38.77 -30.66 -19.11
CA PRO F 110 39.12 -31.28 -17.83
C PRO F 110 40.61 -31.55 -17.68
N PHE F 111 41.42 -30.94 -18.54
CA PHE F 111 42.87 -31.10 -18.52
C PHE F 111 43.58 -29.98 -17.78
N ASP F 112 42.85 -29.16 -17.04
CA ASP F 112 43.44 -28.02 -16.35
C ASP F 112 44.42 -28.49 -15.28
N ARG F 113 45.33 -27.59 -14.91
CA ARG F 113 46.22 -27.80 -13.78
C ARG F 113 46.24 -26.52 -12.96
N GLN F 114 46.16 -26.67 -11.64
CA GLN F 114 46.03 -25.53 -10.75
C GLN F 114 47.14 -25.59 -9.72
N GLN F 115 47.17 -24.58 -8.85
CA GLN F 115 48.12 -24.55 -7.74
C GLN F 115 47.44 -23.96 -6.52
N PHE F 116 47.37 -24.75 -5.47
CA PHE F 116 46.75 -24.28 -4.23
C PHE F 116 47.80 -23.50 -3.45
N VAL F 117 47.49 -22.27 -3.09
CA VAL F 117 48.45 -21.42 -2.41
C VAL F 117 47.87 -21.03 -1.07
N LEU F 118 48.77 -20.83 -0.12
CA LEU F 118 48.45 -20.32 1.21
C LEU F 118 49.37 -19.15 1.47
N GLU F 119 48.82 -18.10 2.09
CA GLU F 119 49.56 -16.88 2.36
C GLU F 119 49.36 -16.52 3.82
N LEU F 120 50.43 -16.60 4.59
CA LEU F 120 50.43 -16.27 6.00
C LEU F 120 51.10 -14.92 6.23
N GLU F 121 50.55 -14.12 7.14
CA GLU F 121 51.14 -12.83 7.44
C GLU F 121 50.73 -12.40 8.83
N PRO F 122 51.61 -11.80 9.61
CA PRO F 122 51.20 -11.26 10.91
C PRO F 122 50.16 -10.17 10.72
N PHE F 123 49.13 -10.18 11.59
CA PHE F 123 47.99 -9.28 11.37
C PHE F 123 48.33 -7.85 11.76
N SER F 124 49.00 -7.66 12.91
CA SER F 124 49.28 -6.34 13.44
C SER F 124 50.76 -6.00 13.48
N TYR F 125 51.65 -6.98 13.58
CA TYR F 125 53.06 -6.70 13.77
C TYR F 125 53.80 -6.79 12.43
N ASN F 126 54.63 -5.78 12.15
CA ASN F 126 55.34 -5.70 10.88
C ASN F 126 56.62 -6.53 10.96
N ASN F 127 57.48 -6.42 9.94
CA ASN F 127 58.73 -7.19 9.93
C ASN F 127 59.80 -6.55 10.80
N GLN F 128 59.77 -5.23 10.95
CA GLN F 128 60.67 -4.58 11.88
C GLN F 128 60.31 -4.90 13.32
N GLN F 129 59.09 -5.41 13.56
CA GLN F 129 58.64 -5.83 14.88
C GLN F 129 58.59 -7.35 15.04
N GLN F 130 58.28 -8.09 13.97
CA GLN F 130 58.10 -9.54 14.07
C GLN F 130 58.40 -10.15 12.72
N ARG F 131 59.35 -11.10 12.71
CA ARG F 131 59.97 -11.61 11.49
C ARG F 131 59.75 -13.11 11.38
N PHE F 132 59.65 -13.59 10.14
CA PHE F 132 59.53 -15.02 9.87
C PHE F 132 60.89 -15.59 9.48
N SER F 133 61.29 -16.69 10.14
CA SER F 133 62.59 -17.31 9.89
C SER F 133 62.50 -18.54 9.00
N ASP F 134 61.62 -19.50 9.33
CA ASP F 134 61.58 -20.78 8.65
C ASP F 134 60.16 -21.11 8.21
N ILE F 135 60.07 -21.79 7.06
CA ILE F 135 58.83 -22.44 6.61
C ILE F 135 59.13 -23.92 6.43
N GLN F 136 58.17 -24.76 6.80
CA GLN F 136 58.27 -26.19 6.55
C GLN F 136 56.86 -26.68 6.22
N VAL F 137 56.67 -27.13 4.98
CA VAL F 137 55.39 -27.64 4.52
C VAL F 137 55.59 -29.11 4.23
N TYR F 138 54.79 -29.95 4.88
CA TYR F 138 54.87 -31.40 4.76
C TYR F 138 53.57 -31.91 4.16
N THR F 139 53.69 -32.72 3.12
CA THR F 139 52.55 -33.32 2.44
C THR F 139 52.66 -34.83 2.51
N GLU F 140 51.55 -35.49 2.83
CA GLU F 140 51.53 -36.94 2.87
C GLU F 140 51.78 -37.49 1.47
N ASN F 141 52.45 -38.64 1.40
CA ASN F 141 52.79 -39.21 0.11
C ASN F 141 51.54 -39.55 -0.69
N ALA F 142 50.63 -40.33 -0.10
CA ALA F 142 49.34 -40.67 -0.71
C ALA F 142 49.50 -41.12 -2.16
N ASP F 143 50.26 -42.21 -2.34
CA ASP F 143 50.62 -42.67 -3.67
C ASP F 143 49.52 -43.47 -4.36
N ASN F 144 48.37 -43.71 -3.71
CA ASN F 144 47.22 -44.26 -4.41
C ASN F 144 46.39 -43.12 -5.03
N GLU F 145 47.02 -42.42 -5.98
CA GLU F 145 46.44 -41.21 -6.55
C GLU F 145 45.24 -41.51 -7.44
N GLU F 146 45.16 -42.72 -8.00
CA GLU F 146 44.15 -43.07 -8.99
C GLU F 146 42.74 -42.78 -8.48
N ILE F 147 42.55 -42.75 -7.16
CA ILE F 147 41.23 -42.54 -6.59
C ILE F 147 40.94 -41.06 -6.39
N ASP F 148 41.96 -40.26 -6.07
CA ASP F 148 41.73 -38.86 -5.71
C ASP F 148 41.39 -38.05 -6.96
N GLU F 149 40.59 -37.00 -6.75
CA GLU F 149 40.20 -36.11 -7.85
C GLU F 149 41.40 -35.35 -8.41
N TRP F 150 42.29 -34.90 -7.54
CA TRP F 150 43.47 -34.17 -7.99
C TRP F 150 44.73 -34.98 -7.69
N TRP F 151 45.72 -34.84 -8.57
CA TRP F 151 47.00 -35.51 -8.43
C TRP F 151 48.02 -34.42 -8.12
N ILE F 152 48.65 -34.49 -6.95
CA ILE F 152 49.72 -33.56 -6.63
C ILE F 152 50.94 -33.93 -7.46
N ARG F 153 51.61 -32.91 -8.00
CA ARG F 153 52.76 -33.14 -8.88
C ARG F 153 54.10 -33.10 -8.16
N GLY F 154 54.27 -32.23 -7.16
CA GLY F 154 55.53 -32.14 -6.45
C GLY F 154 55.31 -31.65 -5.04
N LYS F 155 56.39 -31.69 -4.26
CA LYS F 155 56.35 -31.14 -2.91
C LYS F 155 56.09 -29.64 -2.97
N ALA F 156 55.74 -29.06 -1.82
CA ALA F 156 55.36 -27.66 -1.81
C ALA F 156 56.57 -26.76 -2.06
N SER F 157 56.33 -25.66 -2.77
CA SER F 157 57.35 -24.62 -2.94
C SER F 157 57.02 -23.48 -1.99
N THR F 158 58.02 -23.06 -1.21
CA THR F 158 57.82 -22.02 -0.22
C THR F 158 58.63 -20.77 -0.58
N HIS F 159 58.20 -19.63 -0.03
CA HIS F 159 58.88 -18.37 -0.28
C HIS F 159 58.48 -17.36 0.79
N ILE F 160 59.46 -16.87 1.56
CA ILE F 160 59.24 -15.72 2.44
C ILE F 160 59.52 -14.46 1.64
N SER F 161 58.64 -13.47 1.77
CA SER F 161 58.78 -12.21 1.07
C SER F 161 58.39 -11.08 2.02
N ASP F 162 58.65 -9.85 1.60
CA ASP F 162 58.29 -8.66 2.35
C ASP F 162 57.29 -7.84 1.54
N ILE F 163 56.12 -7.61 2.12
CA ILE F 163 55.03 -6.92 1.45
C ILE F 163 54.98 -5.48 1.96
N ARG F 164 54.82 -4.54 1.04
CA ARG F 164 54.85 -3.11 1.32
C ARG F 164 53.44 -2.55 1.10
N TYR F 165 52.79 -2.14 2.18
CA TYR F 165 51.50 -1.47 2.10
C TYR F 165 51.72 0.03 1.94
N ASP F 166 51.39 0.56 0.77
CA ASP F 166 51.56 1.99 0.51
C ASP F 166 50.61 2.83 1.37
N HIS F 167 49.30 2.59 1.21
CA HIS F 167 48.27 3.41 1.83
C HIS F 167 48.19 3.17 3.34
N LEU F 168 48.87 3.99 4.13
CA LEU F 168 48.84 3.85 5.58
C LEU F 168 49.00 5.24 6.20
N SER F 169 49.33 5.29 7.50
CA SER F 169 49.47 6.55 8.21
C SER F 169 50.73 7.30 7.76
N SER F 170 50.86 8.54 8.26
CA SER F 170 51.95 9.41 7.86
C SER F 170 52.99 9.65 8.96
N VAL F 171 52.78 9.15 10.17
CA VAL F 171 53.79 9.29 11.22
C VAL F 171 54.74 8.09 11.27
N GLN F 172 54.39 6.99 10.61
CA GLN F 172 55.20 5.77 10.63
C GLN F 172 56.25 5.85 9.53
N PRO F 173 57.54 5.99 9.86
CA PRO F 173 58.55 6.25 8.82
C PRO F 173 58.71 5.11 7.81
N ASN F 174 59.03 3.90 8.28
CA ASN F 174 59.30 2.79 7.39
C ASN F 174 58.67 1.48 7.83
N GLN F 175 57.96 1.44 8.95
CA GLN F 175 57.35 0.20 9.44
C GLN F 175 56.01 0.00 8.72
N ASN F 176 56.15 -0.29 7.42
CA ASN F 176 55.04 -0.57 6.52
C ASN F 176 55.29 -1.83 5.71
N GLU F 177 56.31 -2.60 6.08
CA GLU F 177 56.61 -3.87 5.44
C GLU F 177 56.29 -5.00 6.41
N PHE F 178 55.77 -6.09 5.86
CA PHE F 178 55.39 -7.26 6.65
C PHE F 178 56.02 -8.50 6.05
N SER F 179 56.29 -9.49 6.90
CA SER F 179 56.88 -10.73 6.46
C SER F 179 55.73 -11.66 6.07
N ARG F 180 55.69 -12.06 4.80
CA ARG F 180 54.62 -12.88 4.27
C ARG F 180 55.20 -14.22 3.83
N ILE F 181 54.59 -15.30 4.29
CA ILE F 181 54.96 -16.65 3.91
C ILE F 181 54.01 -17.09 2.80
N THR F 182 54.56 -17.64 1.71
CA THR F 182 53.75 -18.08 0.58
C THR F 182 54.08 -19.53 0.29
N VAL F 183 53.05 -20.37 0.28
CA VAL F 183 53.16 -21.81 0.05
C VAL F 183 52.39 -22.13 -1.22
N ARG F 184 53.01 -22.88 -2.13
CA ARG F 184 52.37 -23.24 -3.39
C ARG F 184 52.46 -24.74 -3.60
N ILE F 185 51.37 -25.35 -4.04
CA ILE F 185 51.29 -26.78 -4.30
C ILE F 185 50.63 -26.98 -5.67
N ASP F 186 51.42 -27.39 -6.65
CA ASP F 186 50.87 -27.66 -7.98
C ASP F 186 50.07 -28.96 -7.96
N ALA F 187 49.07 -29.04 -8.83
CA ALA F 187 48.19 -30.20 -8.91
C ALA F 187 47.58 -30.25 -10.29
N VAL F 188 47.22 -31.47 -10.71
CA VAL F 188 46.65 -31.72 -12.03
C VAL F 188 45.34 -32.48 -11.84
N ARG F 189 44.33 -32.13 -12.63
CA ARG F 189 43.03 -32.76 -12.52
C ARG F 189 43.04 -34.14 -13.17
N ASN F 190 42.31 -35.08 -12.56
CA ASN F 190 42.17 -36.42 -13.08
C ASN F 190 41.11 -36.41 -14.17
N PRO F 191 41.51 -36.59 -15.43
CA PRO F 191 40.55 -36.50 -16.54
C PRO F 191 39.87 -37.80 -16.93
N SER F 192 40.09 -38.88 -16.17
CA SER F 192 39.59 -40.21 -16.57
C SER F 192 38.07 -40.20 -16.76
N TYR F 193 37.32 -39.71 -15.76
CA TYR F 193 35.87 -39.71 -15.86
C TYR F 193 35.40 -38.90 -17.06
N TYR F 194 35.97 -37.71 -17.26
CA TYR F 194 35.53 -36.85 -18.35
C TYR F 194 36.01 -37.37 -19.70
N LEU F 195 37.15 -38.07 -19.73
CA LEU F 195 37.58 -38.74 -20.95
C LEU F 195 36.58 -39.81 -21.36
N TRP F 196 36.32 -40.76 -20.46
CA TRP F 196 35.59 -41.96 -20.86
C TRP F 196 34.09 -41.74 -20.92
N SER F 197 33.51 -41.05 -19.93
CA SER F 197 32.07 -40.90 -19.87
C SER F 197 31.57 -39.65 -20.57
N PHE F 198 32.45 -38.74 -20.99
CA PHE F 198 32.02 -37.56 -21.71
C PHE F 198 32.64 -37.44 -23.10
N ILE F 199 33.98 -37.48 -23.22
CA ILE F 199 34.62 -37.19 -24.49
C ILE F 199 34.34 -38.29 -25.51
N LEU F 200 34.59 -39.54 -25.12
CA LEU F 200 34.42 -40.67 -26.03
C LEU F 200 32.99 -40.80 -26.55
N PRO F 201 31.95 -40.74 -25.72
CA PRO F 201 30.59 -40.78 -26.29
C PRO F 201 30.29 -39.62 -27.22
N LEU F 202 30.82 -38.43 -26.93
CA LEU F 202 30.59 -37.29 -27.82
C LEU F 202 31.22 -37.52 -29.19
N GLY F 203 32.45 -38.02 -29.21
CA GLY F 203 33.08 -38.34 -30.47
C GLY F 203 32.34 -39.44 -31.22
N LEU F 204 31.84 -40.44 -30.50
CA LEU F 204 31.07 -41.51 -31.13
C LEU F 204 29.80 -40.97 -31.75
N ILE F 205 29.11 -40.06 -31.05
CA ILE F 205 27.90 -39.44 -31.58
C ILE F 205 28.24 -38.64 -32.83
N ILE F 206 29.39 -37.95 -32.83
CA ILE F 206 29.79 -37.15 -33.99
C ILE F 206 30.09 -38.05 -35.19
N ALA F 207 30.75 -39.19 -34.97
CA ALA F 207 30.97 -40.15 -36.04
C ALA F 207 29.65 -40.70 -36.56
N ALA F 208 28.74 -41.04 -35.64
CA ALA F 208 27.41 -41.48 -36.05
C ALA F 208 26.70 -40.41 -36.87
N SER F 209 26.91 -39.14 -36.52
CA SER F 209 26.34 -38.05 -37.30
C SER F 209 26.93 -38.03 -38.71
N TRP F 210 28.24 -38.26 -38.80
CA TRP F 210 28.88 -38.37 -40.11
C TRP F 210 28.26 -39.50 -40.92
N SER F 211 27.79 -40.54 -40.25
CA SER F 211 27.21 -41.66 -40.99
C SER F 211 25.87 -41.29 -41.66
N VAL F 212 25.46 -40.01 -41.66
CA VAL F 212 24.18 -39.65 -42.26
C VAL F 212 24.26 -39.72 -43.78
N PHE F 213 25.44 -39.46 -44.35
CA PHE F 213 25.58 -39.39 -45.79
C PHE F 213 25.39 -40.75 -46.45
N TRP F 214 25.36 -41.83 -45.67
CA TRP F 214 25.12 -43.16 -46.20
C TRP F 214 23.63 -43.48 -46.34
N LEU F 215 22.77 -42.48 -46.19
CA LEU F 215 21.35 -42.64 -46.48
C LEU F 215 21.11 -42.47 -47.98
N GLU F 216 20.15 -43.23 -48.52
CA GLU F 216 19.93 -43.20 -49.96
C GLU F 216 19.15 -41.97 -50.40
N SER F 217 18.01 -41.71 -49.78
CA SER F 217 17.15 -40.60 -50.18
C SER F 217 17.60 -39.30 -49.52
N PHE F 218 17.21 -38.19 -50.15
CA PHE F 218 17.45 -36.87 -49.56
C PHE F 218 16.56 -36.65 -48.36
N SER F 219 15.28 -37.03 -48.47
CA SER F 219 14.37 -36.91 -47.34
C SER F 219 14.90 -37.66 -46.13
N GLU F 220 15.45 -38.86 -46.35
CA GLU F 220 16.06 -39.63 -45.26
C GLU F 220 17.16 -38.84 -44.57
N ARG F 221 18.08 -38.28 -45.36
CA ARG F 221 19.20 -37.52 -44.83
C ARG F 221 18.71 -36.33 -43.99
N LEU F 222 17.86 -35.49 -44.60
CA LEU F 222 17.45 -34.26 -43.92
C LEU F 222 16.61 -34.56 -42.67
N GLN F 223 15.70 -35.53 -42.75
CA GLN F 223 14.89 -35.86 -41.58
C GLN F 223 15.76 -36.44 -40.46
N THR F 224 16.75 -37.26 -40.79
CA THR F 224 17.61 -37.84 -39.76
C THR F 224 18.51 -36.78 -39.12
N SER F 225 18.89 -35.75 -39.88
CA SER F 225 19.72 -34.68 -39.32
C SER F 225 19.08 -34.03 -38.09
N PHE F 226 17.75 -33.91 -38.07
CA PHE F 226 17.09 -33.25 -36.96
C PHE F 226 17.09 -34.12 -35.71
N THR F 227 16.89 -35.43 -35.86
CA THR F 227 17.06 -36.33 -34.73
C THR F 227 18.49 -36.30 -34.20
N LEU F 228 19.47 -36.17 -35.11
CA LEU F 228 20.87 -36.04 -34.65
C LEU F 228 21.08 -34.73 -33.88
N MET F 229 20.50 -33.64 -34.37
CA MET F 229 20.55 -32.37 -33.64
C MET F 229 19.97 -32.55 -32.24
N LEU F 230 18.81 -33.23 -32.15
CA LEU F 230 18.18 -33.47 -30.85
C LEU F 230 19.07 -34.32 -29.96
N THR F 231 19.74 -35.32 -30.53
CA THR F 231 20.67 -36.13 -29.75
C THR F 231 21.78 -35.26 -29.15
N VAL F 232 22.36 -34.40 -29.98
CA VAL F 232 23.45 -33.54 -29.52
C VAL F 232 22.94 -32.59 -28.44
N VAL F 233 21.70 -32.11 -28.58
CA VAL F 233 21.13 -31.19 -27.58
C VAL F 233 20.92 -31.93 -26.26
N ALA F 234 20.36 -33.14 -26.31
CA ALA F 234 20.17 -33.91 -25.10
C ALA F 234 21.52 -34.19 -24.42
N TYR F 235 22.55 -34.47 -25.23
CA TYR F 235 23.87 -34.69 -24.66
C TYR F 235 24.41 -33.43 -24.01
N ALA F 236 24.25 -32.27 -24.65
CA ALA F 236 24.71 -31.02 -24.07
C ALA F 236 23.98 -30.74 -22.77
N PHE F 237 22.70 -31.11 -22.71
CA PHE F 237 21.93 -30.96 -21.48
C PHE F 237 22.52 -31.83 -20.37
N TYR F 238 22.72 -33.12 -20.66
CA TYR F 238 23.33 -34.04 -19.71
C TYR F 238 24.68 -33.51 -19.18
N THR F 239 25.57 -33.17 -20.12
CA THR F 239 26.84 -32.52 -19.79
C THR F 239 26.64 -31.36 -18.81
N SER F 240 25.88 -30.34 -19.24
CA SER F 240 25.79 -29.11 -18.49
C SER F 240 25.15 -29.31 -17.12
N ASN F 241 24.26 -30.30 -16.99
CA ASN F 241 23.74 -30.59 -15.65
C ASN F 241 24.81 -31.21 -14.77
N ILE F 242 25.75 -31.96 -15.36
CA ILE F 242 26.81 -32.58 -14.55
C ILE F 242 27.99 -31.61 -14.32
N LEU F 243 28.46 -30.95 -15.38
CA LEU F 243 29.72 -30.21 -15.29
C LEU F 243 29.57 -28.96 -14.41
N PRO F 244 30.67 -28.50 -13.81
CA PRO F 244 30.58 -27.33 -12.92
C PRO F 244 30.35 -26.05 -13.69
N ARG F 245 29.62 -25.12 -13.07
CA ARG F 245 29.35 -23.83 -13.70
C ARG F 245 30.65 -23.05 -13.92
N LEU F 246 30.70 -22.33 -15.03
CA LEU F 246 31.86 -21.53 -15.41
C LEU F 246 31.36 -20.39 -16.30
N PRO F 247 32.14 -19.31 -16.42
CA PRO F 247 31.76 -18.21 -17.33
C PRO F 247 32.41 -18.25 -18.71
N TYR F 248 33.15 -19.31 -19.06
CA TYR F 248 33.81 -19.38 -20.35
C TYR F 248 33.73 -20.80 -20.88
N THR F 249 34.12 -20.96 -22.14
CA THR F 249 33.99 -22.22 -22.85
C THR F 249 35.09 -23.18 -22.40
N THR F 250 34.70 -24.35 -21.89
CA THR F 250 35.67 -25.41 -21.62
C THR F 250 36.00 -26.13 -22.91
N VAL F 251 36.97 -27.05 -22.85
CA VAL F 251 37.25 -27.89 -24.01
C VAL F 251 36.02 -28.69 -24.41
N ILE F 252 35.31 -29.23 -23.42
CA ILE F 252 34.10 -30.02 -23.67
C ILE F 252 33.02 -29.15 -24.33
N ASP F 253 32.85 -27.91 -23.86
CA ASP F 253 31.91 -27.00 -24.51
C ASP F 253 32.31 -26.78 -25.97
N GLN F 254 33.60 -26.70 -26.23
CA GLN F 254 34.05 -26.50 -27.61
C GLN F 254 33.75 -27.72 -28.48
N MET F 255 33.90 -28.93 -27.93
CA MET F 255 33.51 -30.12 -28.70
C MET F 255 32.01 -30.14 -28.95
N ILE F 256 31.22 -29.69 -27.97
CA ILE F 256 29.77 -29.58 -28.16
C ILE F 256 29.47 -28.64 -29.33
N ILE F 257 30.12 -27.47 -29.31
CA ILE F 257 29.96 -26.49 -30.39
C ILE F 257 30.42 -27.08 -31.72
N ALA F 258 31.46 -27.92 -31.68
CA ALA F 258 31.95 -28.55 -32.90
C ALA F 258 30.93 -29.52 -33.48
N GLY F 259 30.29 -30.31 -32.62
CA GLY F 259 29.23 -31.19 -33.09
C GLY F 259 28.06 -30.42 -33.67
N TYR F 260 27.65 -29.35 -32.97
CA TYR F 260 26.60 -28.48 -33.49
C TYR F 260 26.94 -27.98 -34.89
N GLY F 261 28.15 -27.44 -35.05
CA GLY F 261 28.56 -26.89 -36.34
C GLY F 261 28.68 -27.96 -37.42
N SER F 262 29.13 -29.16 -37.04
CA SER F 262 29.20 -30.26 -37.99
C SER F 262 27.82 -30.58 -38.53
N ILE F 263 26.83 -30.71 -37.63
CA ILE F 263 25.48 -31.03 -38.07
C ILE F 263 24.91 -29.90 -38.93
N PHE F 264 25.19 -28.65 -38.57
CA PHE F 264 24.64 -27.52 -39.33
C PHE F 264 25.26 -27.44 -40.73
N ALA F 265 26.58 -27.60 -40.83
CA ALA F 265 27.22 -27.62 -42.13
C ALA F 265 26.79 -28.82 -42.96
N ALA F 266 26.51 -29.96 -42.30
CA ALA F 266 26.00 -31.12 -43.02
C ALA F 266 24.63 -30.83 -43.61
N ILE F 267 23.76 -30.16 -42.86
CA ILE F 267 22.45 -29.78 -43.40
C ILE F 267 22.62 -28.85 -44.60
N LEU F 268 23.51 -27.86 -44.48
CA LEU F 268 23.78 -26.95 -45.58
C LEU F 268 24.24 -27.71 -46.83
N LEU F 269 25.19 -28.63 -46.65
CA LEU F 269 25.71 -29.39 -47.80
C LEU F 269 24.65 -30.31 -48.40
N ILE F 270 23.78 -30.88 -47.55
CA ILE F 270 22.70 -31.73 -48.04
C ILE F 270 21.75 -30.92 -48.94
N ILE F 271 21.33 -29.75 -48.46
CA ILE F 271 20.45 -28.90 -49.26
C ILE F 271 21.13 -28.50 -50.56
N PHE F 272 22.42 -28.12 -50.48
CA PHE F 272 23.16 -27.75 -51.68
C PHE F 272 23.18 -28.89 -52.69
N ALA F 273 23.48 -30.11 -52.22
CA ALA F 273 23.47 -31.26 -53.11
C ALA F 273 22.08 -31.47 -53.72
N HIS F 274 21.03 -31.21 -52.95
CA HIS F 274 19.67 -31.36 -53.48
C HIS F 274 19.39 -30.36 -54.61
N HIS F 275 19.96 -29.15 -54.55
CA HIS F 275 19.68 -28.15 -55.57
C HIS F 275 20.95 -27.69 -56.27
N ARG F 276 21.96 -28.56 -56.37
CA ARG F 276 23.18 -28.20 -57.09
C ARG F 276 23.00 -28.31 -58.60
N GLN F 277 22.69 -29.51 -59.07
CA GLN F 277 22.48 -29.75 -60.49
C GLN F 277 21.13 -29.21 -60.94
N ALA F 278 21.02 -28.93 -62.24
CA ALA F 278 19.79 -28.41 -62.80
C ALA F 278 18.68 -29.45 -62.76
N ASN F 279 17.45 -28.97 -62.61
CA ASN F 279 16.21 -29.75 -62.55
C ASN F 279 16.11 -30.61 -61.29
N GLY F 280 17.08 -30.56 -60.39
CA GLY F 280 16.99 -31.24 -59.11
C GLY F 280 17.71 -32.56 -58.99
N VAL F 281 18.73 -32.82 -59.81
CA VAL F 281 19.52 -34.04 -59.67
C VAL F 281 20.17 -34.04 -58.30
N GLU F 282 19.84 -35.06 -57.48
CA GLU F 282 20.26 -35.08 -56.08
C GLU F 282 21.78 -35.09 -55.92
N ASP F 283 22.52 -35.48 -56.96
CA ASP F 283 23.99 -35.41 -56.98
C ASP F 283 24.58 -36.21 -55.82
N ASP F 284 24.41 -37.53 -55.92
CA ASP F 284 24.95 -38.43 -54.91
C ASP F 284 26.48 -38.47 -54.93
N LEU F 285 27.11 -38.14 -56.06
CA LEU F 285 28.57 -38.09 -56.09
C LEU F 285 29.11 -37.12 -55.05
N LEU F 286 28.46 -35.96 -54.89
CA LEU F 286 28.88 -35.00 -53.88
C LEU F 286 28.71 -35.60 -52.49
N ILE F 287 27.61 -36.34 -52.29
CA ILE F 287 27.34 -36.96 -50.99
C ILE F 287 28.43 -37.98 -50.68
N GLN F 288 28.88 -38.72 -51.69
CA GLN F 288 29.91 -39.73 -51.49
C GLN F 288 31.28 -39.10 -51.25
N ARG F 289 31.56 -37.99 -51.93
CA ARG F 289 32.82 -37.29 -51.68
C ARG F 289 32.86 -36.73 -50.26
N CYS F 290 31.78 -36.07 -49.84
CA CYS F 290 31.78 -35.46 -48.51
C CYS F 290 31.66 -36.51 -47.41
N ARG F 291 31.12 -37.70 -47.71
CA ARG F 291 31.01 -38.75 -46.70
C ARG F 291 32.37 -39.16 -46.16
N LEU F 292 33.45 -38.86 -46.89
CA LEU F 292 34.82 -39.06 -46.43
C LEU F 292 35.55 -37.75 -46.16
N ALA F 293 35.29 -36.72 -46.95
CA ALA F 293 35.98 -35.44 -46.71
C ALA F 293 35.55 -34.81 -45.38
N PHE F 294 34.26 -34.92 -45.04
CA PHE F 294 33.74 -34.31 -43.82
C PHE F 294 34.41 -34.83 -42.56
N PRO F 295 34.58 -36.15 -42.37
CA PRO F 295 35.44 -36.59 -41.26
C PRO F 295 36.88 -36.12 -41.41
N LEU F 296 37.42 -36.16 -42.62
CA LEU F 296 38.81 -35.76 -42.85
C LEU F 296 39.00 -34.27 -42.61
N GLY F 297 38.19 -33.45 -43.26
CA GLY F 297 38.26 -32.01 -43.03
C GLY F 297 37.93 -31.62 -41.61
N PHE F 298 37.02 -32.37 -40.96
CA PHE F 298 36.71 -32.11 -39.55
C PHE F 298 37.94 -32.34 -38.68
N LEU F 299 38.62 -33.47 -38.87
CA LEU F 299 39.82 -33.73 -38.07
C LEU F 299 40.93 -32.76 -38.42
N ALA F 300 41.01 -32.31 -39.68
CA ALA F 300 41.97 -31.27 -40.03
C ALA F 300 41.70 -29.99 -39.26
N ILE F 301 40.44 -29.55 -39.23
CA ILE F 301 40.08 -28.33 -38.52
C ILE F 301 40.28 -28.49 -37.01
N GLY F 302 40.06 -29.69 -36.48
CA GLY F 302 40.30 -29.91 -35.06
C GLY F 302 41.77 -29.87 -34.70
N CYS F 303 42.61 -30.48 -35.55
CA CYS F 303 44.06 -30.39 -35.35
C CYS F 303 44.56 -28.96 -35.52
N VAL F 304 43.91 -28.16 -36.37
CA VAL F 304 44.23 -26.74 -36.46
C VAL F 304 43.82 -26.03 -35.17
N LEU F 305 42.65 -26.37 -34.63
CA LEU F 305 42.16 -25.73 -33.42
C LEU F 305 43.07 -26.00 -32.23
N VAL F 306 43.46 -27.26 -32.02
CA VAL F 306 44.48 -27.58 -31.03
C VAL F 306 45.82 -27.14 -31.61
N ILE F 307 46.28 -25.94 -31.24
CA ILE F 307 47.44 -25.31 -31.87
C ILE F 307 48.73 -25.90 -31.35
N PRO G 1 53.81 -41.60 32.85
CA PRO G 1 53.07 -42.14 31.69
C PRO G 1 51.67 -42.61 32.06
N VAL G 2 50.65 -41.76 31.81
CA VAL G 2 49.29 -42.03 32.25
C VAL G 2 48.61 -43.01 31.30
N ASP G 3 48.05 -44.07 31.85
CA ASP G 3 47.28 -45.03 31.06
C ASP G 3 45.83 -44.57 31.04
N VAL G 4 45.28 -44.39 29.84
CA VAL G 4 43.91 -43.95 29.65
C VAL G 4 43.17 -45.02 28.87
N SER G 5 42.02 -45.46 29.39
CA SER G 5 41.18 -46.45 28.74
C SER G 5 39.96 -45.74 28.17
N VAL G 6 39.68 -45.98 26.89
CA VAL G 6 38.62 -45.27 26.20
C VAL G 6 37.50 -46.26 25.89
N SER G 7 36.34 -45.72 25.52
CA SER G 7 35.20 -46.51 25.07
C SER G 7 34.41 -45.62 24.13
N ILE G 8 34.20 -46.09 22.90
CA ILE G 8 33.52 -45.33 21.87
C ILE G 8 32.25 -46.07 21.49
N PHE G 9 31.11 -45.42 21.70
CA PHE G 9 29.82 -45.93 21.29
C PHE G 9 29.47 -45.28 19.96
N ILE G 10 29.01 -46.09 19.00
CA ILE G 10 28.69 -45.61 17.67
C ILE G 10 27.19 -45.73 17.48
N ASN G 11 26.53 -44.56 17.38
CA ASN G 11 25.08 -44.47 17.22
C ASN G 11 24.66 -44.59 15.76
N LYS G 12 25.27 -43.80 14.87
CA LYS G 12 24.87 -43.85 13.46
C LYS G 12 26.00 -43.38 12.55
N ILE G 13 26.08 -44.01 11.37
CA ILE G 13 26.99 -43.62 10.31
C ILE G 13 26.12 -43.34 9.09
N TYR G 14 26.32 -42.18 8.47
CA TYR G 14 25.48 -41.75 7.34
C TYR G 14 26.21 -40.68 6.55
N GLY G 15 25.49 -40.02 5.65
CA GLY G 15 26.00 -38.84 4.97
C GLY G 15 27.29 -39.03 4.21
N VAL G 16 27.35 -40.05 3.36
CA VAL G 16 28.55 -40.29 2.57
C VAL G 16 28.72 -39.16 1.55
N ASN G 17 29.91 -38.58 1.51
CA ASN G 17 30.26 -37.57 0.53
C ASN G 17 31.33 -38.17 -0.37
N THR G 18 30.92 -38.51 -1.61
CA THR G 18 31.79 -39.29 -2.48
C THR G 18 33.00 -38.47 -2.94
N LEU G 19 32.76 -37.22 -3.34
CA LEU G 19 33.88 -36.42 -3.82
C LEU G 19 34.86 -36.08 -2.70
N GLU G 20 34.35 -35.79 -1.51
CA GLU G 20 35.21 -35.41 -0.41
C GLU G 20 35.75 -36.60 0.38
N GLN G 21 35.21 -37.81 0.15
CA GLN G 21 35.60 -38.99 0.90
C GLN G 21 35.45 -38.76 2.40
N THR G 22 34.27 -38.27 2.78
CA THR G 22 33.91 -38.04 4.17
C THR G 22 32.59 -38.75 4.47
N TYR G 23 32.34 -38.96 5.75
CA TYR G 23 31.12 -39.59 6.22
C TYR G 23 30.80 -39.06 7.60
N LYS G 24 29.51 -38.90 7.90
CA LYS G 24 29.10 -38.35 9.18
C LYS G 24 28.92 -39.51 10.16
N VAL G 25 29.45 -39.32 11.37
CA VAL G 25 29.40 -40.32 12.42
C VAL G 25 28.93 -39.63 13.70
N ASP G 26 27.89 -40.19 14.32
CA ASP G 26 27.35 -39.71 15.59
C ASP G 26 27.45 -40.83 16.61
N GLY G 27 27.94 -40.49 17.79
CA GLY G 27 28.07 -41.48 18.85
C GLY G 27 28.56 -40.84 20.13
N TYR G 28 29.08 -41.68 21.03
CA TYR G 28 29.61 -41.24 22.30
C TYR G 28 31.09 -41.58 22.40
N ILE G 29 31.80 -40.86 23.24
CA ILE G 29 33.20 -41.15 23.55
C ILE G 29 33.40 -41.08 25.05
N VAL G 30 34.00 -42.13 25.61
CA VAL G 30 34.26 -42.24 27.03
C VAL G 30 35.76 -42.45 27.21
N ALA G 31 36.33 -41.76 28.20
CA ALA G 31 37.75 -41.89 28.52
C ALA G 31 37.90 -41.91 30.02
N GLN G 32 38.67 -42.87 30.53
CA GLN G 32 38.84 -43.06 31.96
C GLN G 32 40.31 -43.11 32.27
N TRP G 33 40.71 -42.43 33.35
CA TRP G 33 42.07 -42.53 33.85
C TRP G 33 42.05 -42.42 35.37
N THR G 34 43.22 -42.53 35.99
CA THR G 34 43.33 -42.58 37.44
C THR G 34 44.19 -41.41 37.89
N GLY G 35 43.62 -40.57 38.75
CA GLY G 35 44.30 -39.38 39.22
C GLY G 35 44.50 -39.30 40.71
N LYS G 36 44.79 -38.09 41.18
CA LYS G 36 45.01 -37.86 42.60
C LYS G 36 43.73 -38.16 43.37
N PRO G 37 43.81 -38.76 44.56
CA PRO G 37 42.59 -38.96 45.35
C PRO G 37 41.98 -37.61 45.69
N ARG G 38 40.71 -37.63 46.10
CA ARG G 38 40.03 -36.36 46.30
C ARG G 38 38.89 -36.54 47.29
N LYS G 39 38.59 -35.47 48.03
CA LYS G 39 37.43 -35.47 48.90
C LYS G 39 36.25 -34.95 48.09
N THR G 40 35.17 -35.70 48.09
CA THR G 40 33.94 -35.34 47.41
C THR G 40 32.83 -35.07 48.42
N PRO G 41 31.72 -34.47 47.99
CA PRO G 41 30.54 -34.43 48.87
C PRO G 41 30.04 -35.83 49.13
N GLY G 42 30.16 -36.31 50.37
CA GLY G 42 29.99 -37.73 50.63
C GLY G 42 31.11 -38.50 49.93
N ASP G 43 30.97 -39.83 49.95
CA ASP G 43 31.89 -40.68 49.20
C ASP G 43 31.39 -41.02 47.81
N LYS G 44 30.25 -40.47 47.39
CA LYS G 44 29.74 -40.70 46.05
C LYS G 44 30.48 -39.83 45.05
N PRO G 45 30.67 -40.32 43.83
CA PRO G 45 31.43 -39.53 42.84
C PRO G 45 30.73 -38.22 42.54
N LEU G 46 31.52 -37.23 42.13
CA LEU G 46 30.99 -35.90 41.85
C LEU G 46 30.70 -35.80 40.36
N ILE G 47 29.63 -35.10 40.02
CA ILE G 47 29.13 -35.02 38.66
C ILE G 47 29.27 -33.57 38.18
N VAL G 48 29.83 -33.41 36.98
CA VAL G 48 30.00 -32.10 36.37
C VAL G 48 29.37 -32.14 34.98
N GLU G 49 28.52 -31.17 34.65
CA GLU G 49 27.75 -31.18 33.39
C GLU G 49 28.03 -29.94 32.52
N ASN G 50 29.09 -30.05 31.74
CA ASN G 50 29.59 -29.16 30.69
C ASN G 50 30.11 -27.82 31.20
N THR G 51 29.27 -27.09 31.93
CA THR G 51 29.62 -25.71 32.25
C THR G 51 30.73 -25.72 33.29
N GLN G 52 30.46 -26.39 34.42
CA GLN G 52 31.44 -26.47 35.48
C GLN G 52 32.74 -27.10 34.97
N ILE G 53 32.66 -27.93 33.91
CA ILE G 53 33.89 -28.56 33.40
C ILE G 53 34.93 -27.49 33.15
N GLU G 54 34.53 -26.43 32.44
CA GLU G 54 35.46 -25.37 32.10
C GLU G 54 36.06 -24.76 33.37
N ARG G 55 35.20 -24.47 34.35
CA ARG G 55 35.66 -23.92 35.63
C ARG G 55 36.72 -24.82 36.25
N TRP G 56 36.47 -26.14 36.27
CA TRP G 56 37.37 -27.08 36.92
C TRP G 56 38.76 -27.07 36.30
N ILE G 57 38.89 -26.71 35.03
CA ILE G 57 40.22 -26.64 34.44
C ILE G 57 40.99 -25.48 35.05
N ASN G 58 40.30 -24.35 35.30
CA ASN G 58 40.94 -23.19 35.90
C ASN G 58 41.37 -23.44 37.35
N ASN G 59 40.75 -24.41 38.03
CA ASN G 59 41.12 -24.74 39.41
C ASN G 59 42.22 -25.79 39.47
N GLY G 60 42.74 -26.23 38.33
CA GLY G 60 43.89 -27.12 38.29
C GLY G 60 43.62 -28.51 37.78
N LEU G 61 42.37 -28.83 37.43
CA LEU G 61 42.07 -30.18 36.96
C LEU G 61 42.67 -30.41 35.58
N TRP G 62 43.26 -31.59 35.39
CA TRP G 62 43.96 -31.94 34.16
C TRP G 62 43.02 -32.78 33.29
N VAL G 63 42.56 -32.21 32.19
CA VAL G 63 41.73 -32.93 31.22
C VAL G 63 42.40 -32.89 29.85
N PRO G 64 42.92 -34.02 29.37
CA PRO G 64 43.69 -34.02 28.12
C PRO G 64 42.79 -33.85 26.90
N ALA G 65 43.34 -33.23 25.86
CA ALA G 65 42.61 -33.05 24.62
C ALA G 65 42.90 -34.22 23.71
N LEU G 66 41.86 -35.02 23.42
CA LEU G 66 42.00 -36.15 22.51
C LEU G 66 41.38 -35.75 21.18
N GLU G 67 42.19 -35.73 20.13
CA GLU G 67 41.79 -35.23 18.82
C GLU G 67 41.45 -36.37 17.86
N PHE G 68 40.33 -36.22 17.16
CA PHE G 68 40.01 -37.09 16.04
C PHE G 68 40.95 -36.71 14.89
N ILE G 69 41.84 -37.62 14.52
CA ILE G 69 42.84 -37.32 13.51
C ILE G 69 42.16 -37.06 12.16
N ASN G 70 41.39 -38.05 11.68
CA ASN G 70 40.78 -37.97 10.37
C ASN G 70 39.50 -37.11 10.33
N VAL G 71 39.24 -36.29 11.36
CA VAL G 71 38.03 -35.47 11.38
C VAL G 71 38.19 -34.29 10.42
N VAL G 72 37.06 -33.67 10.08
CA VAL G 72 37.03 -32.52 9.18
C VAL G 72 36.37 -31.39 9.97
N GLY G 73 37.18 -30.47 10.50
CA GLY G 73 36.65 -29.34 11.22
C GLY G 73 36.19 -29.66 12.63
N SER G 74 35.86 -28.61 13.37
CA SER G 74 35.38 -28.77 14.74
C SER G 74 34.11 -29.61 14.75
N PRO G 75 34.10 -30.78 15.38
CA PRO G 75 32.88 -31.57 15.47
C PRO G 75 31.86 -30.92 16.39
N ASP G 76 30.64 -31.43 16.32
CA ASP G 76 29.53 -30.86 17.10
C ASP G 76 29.51 -31.63 18.42
N THR G 77 30.14 -31.04 19.43
CA THR G 77 30.17 -31.66 20.75
C THR G 77 28.83 -31.43 21.45
N GLY G 78 28.12 -32.53 21.73
CA GLY G 78 26.85 -32.43 22.42
C GLY G 78 27.06 -32.28 23.91
N ASN G 79 26.29 -33.01 24.72
CA ASN G 79 26.49 -32.95 26.17
C ASN G 79 27.76 -33.68 26.59
N LYS G 80 28.40 -33.16 27.64
CA LYS G 80 29.58 -33.82 28.20
C LYS G 80 29.50 -33.78 29.71
N ARG G 81 30.07 -34.80 30.32
CA ARG G 81 30.00 -34.99 31.75
C ARG G 81 31.37 -35.43 32.25
N LEU G 82 31.68 -35.00 33.46
CA LEU G 82 32.83 -35.49 34.19
C LEU G 82 32.32 -36.18 35.45
N MET G 83 32.74 -37.41 35.65
CA MET G 83 32.48 -38.14 36.88
C MET G 83 33.81 -38.25 37.60
N LEU G 84 33.86 -37.74 38.82
CA LEU G 84 35.09 -37.68 39.60
C LEU G 84 34.95 -38.64 40.77
N PHE G 85 35.88 -39.54 40.88
CA PHE G 85 35.73 -40.46 41.99
C PHE G 85 36.70 -40.09 43.11
N PRO G 86 36.34 -40.35 44.37
CA PRO G 86 37.24 -39.96 45.47
C PRO G 86 38.57 -40.69 45.44
N ASP G 87 38.60 -41.92 44.92
CA ASP G 87 39.83 -42.69 44.81
C ASP G 87 40.75 -42.19 43.70
N GLY G 88 40.38 -41.12 43.00
CA GLY G 88 41.20 -40.52 41.97
C GLY G 88 40.75 -40.80 40.55
N ARG G 89 39.89 -41.78 40.35
CA ARG G 89 39.42 -42.09 39.00
C ARG G 89 38.68 -40.88 38.42
N VAL G 90 38.85 -40.67 37.11
CA VAL G 90 38.20 -39.58 36.39
C VAL G 90 37.65 -40.14 35.09
N ILE G 91 36.38 -39.85 34.81
CA ILE G 91 35.68 -40.39 33.65
C ILE G 91 35.08 -39.21 32.88
N TYR G 92 35.44 -39.11 31.60
CA TYR G 92 34.96 -38.08 30.69
C TYR G 92 34.05 -38.73 29.66
N ASN G 93 32.80 -38.27 29.60
CA ASN G 93 31.80 -38.86 28.71
C ASN G 93 31.22 -37.75 27.86
N ALA G 94 31.22 -37.92 26.54
CA ALA G 94 30.76 -36.84 25.68
C ALA G 94 30.09 -37.37 24.43
N ARG G 95 28.97 -36.76 24.08
CA ARG G 95 28.30 -37.05 22.83
C ARG G 95 28.95 -36.23 21.73
N PHE G 96 29.16 -36.86 20.57
CA PHE G 96 29.86 -36.20 19.49
C PHE G 96 29.27 -36.59 18.14
N LEU G 97 29.13 -35.60 17.26
CA LEU G 97 28.79 -35.82 15.86
C LEU G 97 29.84 -35.10 15.02
N GLY G 98 30.42 -35.81 14.06
CA GLY G 98 31.49 -35.23 13.28
C GLY G 98 31.59 -35.87 11.91
N SER G 99 32.22 -35.12 11.01
CA SER G 99 32.50 -35.58 9.66
C SER G 99 33.94 -36.09 9.61
N PHE G 100 34.12 -37.34 9.17
CA PHE G 100 35.41 -37.98 9.17
C PHE G 100 35.86 -38.31 7.75
N SER G 101 37.18 -38.43 7.59
CA SER G 101 37.82 -38.68 6.30
C SER G 101 38.52 -40.04 6.32
N ASN G 102 38.61 -40.64 5.14
CA ASN G 102 39.29 -41.91 4.93
C ASN G 102 39.39 -42.13 3.43
N ASP G 103 40.42 -42.88 3.03
CA ASP G 103 40.53 -43.26 1.63
C ASP G 103 39.34 -44.15 1.26
N MET G 104 38.57 -43.75 0.25
CA MET G 104 37.38 -44.49 -0.15
C MET G 104 37.40 -44.70 -1.66
N ASP G 105 37.34 -45.95 -2.10
CA ASP G 105 37.38 -46.31 -3.50
C ASP G 105 35.98 -46.73 -3.93
N PHE G 106 35.38 -45.97 -4.85
CA PHE G 106 34.02 -46.22 -5.29
C PHE G 106 33.95 -46.78 -6.71
N ARG G 107 35.02 -47.41 -7.19
CA ARG G 107 35.05 -47.90 -8.57
C ARG G 107 34.05 -49.02 -8.80
N LEU G 108 33.87 -49.90 -7.82
CA LEU G 108 32.95 -51.02 -7.95
C LEU G 108 31.51 -50.66 -7.58
N PHE G 109 31.21 -49.36 -7.49
CA PHE G 109 29.85 -48.94 -7.19
C PHE G 109 28.90 -49.46 -8.27
N PRO G 110 27.70 -49.90 -7.91
CA PRO G 110 27.03 -49.87 -6.59
C PRO G 110 27.30 -51.10 -5.75
N PHE G 111 28.30 -51.89 -6.17
CA PHE G 111 28.73 -53.07 -5.43
C PHE G 111 29.95 -52.80 -4.58
N ASP G 112 30.31 -51.53 -4.41
CA ASP G 112 31.48 -51.16 -3.64
C ASP G 112 31.28 -51.52 -2.18
N ARG G 113 32.40 -51.66 -1.47
CA ARG G 113 32.36 -51.84 -0.04
C ARG G 113 33.43 -50.94 0.54
N GLN G 114 33.08 -50.27 1.63
CA GLN G 114 33.96 -49.29 2.24
C GLN G 114 34.13 -49.66 3.70
N GLN G 115 34.95 -48.88 4.40
CA GLN G 115 35.11 -49.07 5.83
C GLN G 115 35.25 -47.71 6.49
N PHE G 116 34.35 -47.43 7.42
CA PHE G 116 34.37 -46.17 8.14
C PHE G 116 35.39 -46.28 9.26
N VAL G 117 36.33 -45.34 9.30
CA VAL G 117 37.41 -45.40 10.28
C VAL G 117 37.31 -44.17 11.17
N LEU G 118 37.77 -44.33 12.40
CA LEU G 118 37.92 -43.27 13.38
C LEU G 118 39.35 -43.32 13.85
N GLU G 119 39.97 -42.16 14.03
CA GLU G 119 41.37 -42.11 14.45
C GLU G 119 41.48 -41.13 15.60
N LEU G 120 41.79 -41.65 16.79
CA LEU G 120 41.96 -40.86 18.00
C LEU G 120 43.44 -40.76 18.34
N GLU G 121 43.84 -39.60 18.83
CA GLU G 121 45.22 -39.39 19.24
C GLU G 121 45.26 -38.26 20.25
N PRO G 122 46.04 -38.36 21.32
CA PRO G 122 46.20 -37.21 22.19
C PRO G 122 46.86 -36.04 21.44
N PHE G 123 46.33 -34.84 21.65
CA PHE G 123 46.75 -33.68 20.86
C PHE G 123 48.08 -33.12 21.35
N SER G 124 48.24 -32.98 22.68
CA SER G 124 49.40 -32.33 23.24
C SER G 124 50.31 -33.26 24.03
N TYR G 125 49.79 -34.32 24.63
CA TYR G 125 50.58 -35.19 25.48
C TYR G 125 51.00 -36.43 24.70
N ASN G 126 52.27 -36.81 24.85
CA ASN G 126 52.88 -37.89 24.10
C ASN G 126 52.56 -39.24 24.76
N ASN G 127 53.20 -40.31 24.27
CA ASN G 127 52.97 -41.64 24.82
C ASN G 127 53.75 -41.87 26.11
N GLN G 128 54.92 -41.23 26.26
CA GLN G 128 55.64 -41.28 27.51
C GLN G 128 54.91 -40.51 28.61
N GLN G 129 53.97 -39.63 28.24
CA GLN G 129 53.17 -38.87 29.19
C GLN G 129 51.74 -39.36 29.31
N GLN G 130 51.16 -39.88 28.22
CA GLN G 130 49.75 -40.26 28.24
C GLN G 130 49.55 -41.38 27.22
N ARG G 131 49.09 -42.53 27.70
CA ARG G 131 49.11 -43.79 26.97
C ARG G 131 47.70 -44.35 26.84
N PHE G 132 47.43 -45.04 25.73
CA PHE G 132 46.13 -45.68 25.57
C PHE G 132 46.23 -47.14 26.01
N SER G 133 45.36 -47.54 26.94
CA SER G 133 45.41 -48.91 27.45
C SER G 133 44.34 -49.79 26.85
N ASP G 134 43.08 -49.35 26.89
CA ASP G 134 41.95 -50.20 26.52
C ASP G 134 41.07 -49.45 25.53
N ILE G 135 40.53 -50.18 24.55
CA ILE G 135 39.48 -49.70 23.66
C ILE G 135 38.32 -50.67 23.71
N GLN G 136 37.10 -50.15 23.66
CA GLN G 136 35.91 -50.97 23.50
C GLN G 136 34.95 -50.18 22.63
N VAL G 137 34.65 -50.71 21.44
CA VAL G 137 33.78 -50.06 20.47
C VAL G 137 32.51 -50.89 20.38
N TYR G 138 31.37 -50.24 20.62
CA TYR G 138 30.08 -50.91 20.62
C TYR G 138 29.22 -50.35 19.51
N THR G 139 28.70 -51.24 18.66
CA THR G 139 27.79 -50.88 17.60
C THR G 139 26.52 -51.67 17.83
N GLU G 140 25.37 -51.00 17.74
CA GLU G 140 24.11 -51.70 17.92
C GLU G 140 23.93 -52.67 16.76
N ASN G 141 23.29 -53.81 17.04
CA ASN G 141 23.18 -54.87 16.05
C ASN G 141 22.40 -54.40 14.82
N ALA G 142 21.16 -53.92 15.04
CA ALA G 142 20.31 -53.36 14.00
C ALA G 142 20.30 -54.25 12.75
N ASP G 143 19.89 -55.49 12.93
CA ASP G 143 19.93 -56.47 11.86
C ASP G 143 18.75 -56.32 10.89
N ASN G 144 17.86 -55.35 11.12
CA ASN G 144 16.81 -55.04 10.14
C ASN G 144 17.42 -54.11 9.08
N GLU G 145 18.37 -54.68 8.34
CA GLU G 145 19.20 -53.95 7.38
C GLU G 145 18.43 -53.47 6.16
N GLU G 146 17.32 -54.13 5.83
CA GLU G 146 16.59 -53.86 4.59
C GLU G 146 16.28 -52.38 4.41
N ILE G 147 16.21 -51.62 5.50
CA ILE G 147 15.84 -50.21 5.45
C ILE G 147 17.06 -49.33 5.21
N ASP G 148 18.19 -49.71 5.79
CA ASP G 148 19.37 -48.86 5.78
C ASP G 148 20.06 -48.88 4.41
N GLU G 149 20.71 -47.74 4.10
CA GLU G 149 21.50 -47.63 2.86
C GLU G 149 22.73 -48.52 2.90
N TRP G 150 23.44 -48.56 4.04
CA TRP G 150 24.64 -49.34 4.21
C TRP G 150 24.42 -50.49 5.18
N TRP G 151 25.12 -51.59 4.94
CA TRP G 151 25.04 -52.79 5.76
C TRP G 151 26.38 -52.97 6.47
N ILE G 152 26.35 -52.91 7.79
CA ILE G 152 27.51 -53.24 8.60
C ILE G 152 27.72 -54.75 8.56
N ARG G 153 28.97 -55.18 8.36
CA ARG G 153 29.24 -56.61 8.26
C ARG G 153 29.68 -57.24 9.58
N GLY G 154 30.49 -56.54 10.36
CA GLY G 154 30.93 -57.08 11.64
C GLY G 154 31.18 -55.92 12.57
N LYS G 155 31.40 -56.25 13.85
CA LYS G 155 31.73 -55.20 14.80
C LYS G 155 33.08 -54.57 14.44
N ALA G 156 33.36 -53.43 15.06
CA ALA G 156 34.54 -52.68 14.69
C ALA G 156 35.82 -53.41 15.08
N SER G 157 36.86 -53.23 14.27
CA SER G 157 38.20 -53.72 14.54
C SER G 157 39.03 -52.57 15.09
N THR G 158 39.78 -52.84 16.14
CA THR G 158 40.57 -51.81 16.79
C THR G 158 42.05 -52.03 16.50
N HIS G 159 42.81 -50.97 16.68
CA HIS G 159 44.25 -51.05 16.45
C HIS G 159 44.89 -49.89 17.21
N ILE G 160 45.63 -50.20 18.28
CA ILE G 160 46.48 -49.24 18.94
C ILE G 160 47.87 -49.33 18.30
N SER G 161 48.44 -48.16 18.01
CA SER G 161 49.77 -48.09 17.44
C SER G 161 50.50 -46.90 18.06
N ASP G 162 51.79 -46.81 17.74
CA ASP G 162 52.65 -45.72 18.17
C ASP G 162 53.15 -44.99 16.94
N ILE G 163 52.87 -43.70 16.85
CA ILE G 163 53.20 -42.87 15.68
C ILE G 163 54.41 -42.02 15.97
N ARG G 164 55.34 -41.98 15.01
CA ARG G 164 56.60 -41.24 15.09
C ARG G 164 56.53 -40.07 14.13
N TYR G 165 56.49 -38.86 14.68
CA TYR G 165 56.57 -37.65 13.88
C TYR G 165 58.05 -37.29 13.73
N ASP G 166 58.58 -37.46 12.51
CA ASP G 166 59.99 -37.17 12.27
C ASP G 166 60.29 -35.69 12.44
N HIS G 167 59.62 -34.85 11.64
CA HIS G 167 59.96 -33.44 11.59
C HIS G 167 59.55 -32.73 12.86
N LEU G 168 60.49 -32.60 13.79
CA LEU G 168 60.28 -31.92 15.06
C LEU G 168 61.61 -31.28 15.45
N SER G 169 61.74 -30.90 16.72
CA SER G 169 62.97 -30.26 17.18
C SER G 169 64.12 -31.27 17.23
N SER G 170 65.31 -30.76 17.50
CA SER G 170 66.51 -31.57 17.62
C SER G 170 67.01 -31.66 19.05
N VAL G 171 66.38 -30.92 19.98
CA VAL G 171 66.69 -31.01 21.39
C VAL G 171 65.81 -32.03 22.10
N GLN G 172 64.75 -32.50 21.44
CA GLN G 172 63.80 -33.44 22.04
C GLN G 172 64.39 -34.84 21.92
N PRO G 173 64.84 -35.43 23.04
CA PRO G 173 65.61 -36.68 22.96
C PRO G 173 64.85 -37.88 22.42
N ASN G 174 63.74 -38.26 23.06
CA ASN G 174 63.02 -39.47 22.67
C ASN G 174 61.51 -39.33 22.66
N GLN G 175 60.96 -38.18 23.07
CA GLN G 175 59.52 -37.97 23.15
C GLN G 175 58.95 -37.43 21.82
N ASN G 176 58.88 -38.32 20.84
CA ASN G 176 58.31 -38.00 19.53
C ASN G 176 57.30 -39.06 19.08
N GLU G 177 56.88 -39.94 19.99
CA GLU G 177 55.90 -40.97 19.71
C GLU G 177 54.58 -40.63 20.39
N PHE G 178 53.49 -40.95 19.72
CA PHE G 178 52.15 -40.70 20.25
C PHE G 178 51.32 -41.97 20.13
N SER G 179 50.41 -42.14 21.09
CA SER G 179 49.56 -43.33 21.16
C SER G 179 48.31 -43.07 20.31
N ARG G 180 48.12 -43.86 19.25
CA ARG G 180 46.99 -43.63 18.33
C ARG G 180 46.05 -44.82 18.34
N ILE G 181 44.75 -44.54 18.50
CA ILE G 181 43.69 -45.53 18.42
C ILE G 181 43.07 -45.44 17.02
N THR G 182 42.87 -46.59 16.37
CA THR G 182 42.25 -46.65 15.05
C THR G 182 41.09 -47.64 15.11
N VAL G 183 39.90 -47.18 14.71
CA VAL G 183 38.69 -47.98 14.72
C VAL G 183 38.23 -48.13 13.27
N ARG G 184 37.91 -49.36 12.86
CA ARG G 184 37.50 -49.65 11.50
C ARG G 184 36.17 -50.40 11.51
N ILE G 185 35.28 -50.05 10.59
CA ILE G 185 33.96 -50.67 10.47
C ILE G 185 33.72 -51.00 9.01
N ASP G 186 33.73 -52.28 8.66
CA ASP G 186 33.47 -52.66 7.28
C ASP G 186 31.98 -52.49 6.98
N ALA G 187 31.68 -52.16 5.72
CA ALA G 187 30.28 -51.98 5.33
C ALA G 187 30.17 -52.15 3.83
N VAL G 188 28.98 -52.55 3.40
CA VAL G 188 28.70 -52.80 2.00
C VAL G 188 27.46 -52.00 1.60
N ARG G 189 27.49 -51.45 0.39
CA ARG G 189 26.39 -50.64 -0.10
C ARG G 189 25.25 -51.52 -0.57
N ASN G 190 24.02 -51.06 -0.34
CA ASN G 190 22.83 -51.77 -0.78
C ASN G 190 22.59 -51.46 -2.24
N PRO G 191 22.79 -52.42 -3.15
CA PRO G 191 22.67 -52.15 -4.58
C PRO G 191 21.30 -52.41 -5.18
N SER G 192 20.31 -52.76 -4.35
CA SER G 192 19.01 -53.19 -4.86
C SER G 192 18.39 -52.14 -5.78
N TYR G 193 18.35 -50.88 -5.34
CA TYR G 193 17.77 -49.82 -6.17
C TYR G 193 18.51 -49.71 -7.50
N TYR G 194 19.84 -49.74 -7.45
CA TYR G 194 20.65 -49.59 -8.66
C TYR G 194 20.58 -50.85 -9.52
N LEU G 195 20.32 -52.00 -8.90
CA LEU G 195 20.08 -53.22 -9.65
C LEU G 195 18.80 -53.09 -10.48
N TRP G 196 17.69 -52.78 -9.82
CA TRP G 196 16.37 -52.87 -10.46
C TRP G 196 16.10 -51.68 -11.38
N SER G 197 16.39 -50.47 -10.92
CA SER G 197 16.01 -49.29 -11.68
C SER G 197 17.12 -48.75 -12.58
N PHE G 198 18.34 -49.27 -12.47
CA PHE G 198 19.43 -48.83 -13.34
C PHE G 198 19.97 -49.97 -14.20
N ILE G 199 20.40 -51.07 -13.60
CA ILE G 199 21.06 -52.11 -14.38
C ILE G 199 20.06 -52.82 -15.29
N LEU G 200 18.95 -53.27 -14.72
CA LEU G 200 17.96 -54.03 -15.50
C LEU G 200 17.37 -53.23 -16.65
N PRO G 201 16.89 -51.99 -16.45
CA PRO G 201 16.38 -51.24 -17.61
C PRO G 201 17.46 -50.97 -18.65
N LEU G 202 18.71 -50.74 -18.23
CA LEU G 202 19.78 -50.49 -19.18
C LEU G 202 20.06 -51.74 -20.04
N GLY G 203 20.11 -52.91 -19.40
CA GLY G 203 20.25 -54.14 -20.17
C GLY G 203 19.09 -54.36 -21.11
N LEU G 204 17.87 -54.06 -20.65
CA LEU G 204 16.70 -54.19 -21.51
C LEU G 204 16.79 -53.24 -22.71
N ILE G 205 17.27 -52.01 -22.48
CA ILE G 205 17.45 -51.04 -23.55
C ILE G 205 18.48 -51.55 -24.56
N ILE G 206 19.56 -52.16 -24.06
CA ILE G 206 20.61 -52.68 -24.95
C ILE G 206 20.09 -53.86 -25.78
N ALA G 207 19.28 -54.73 -25.18
CA ALA G 207 18.66 -55.81 -25.95
C ALA G 207 17.72 -55.26 -27.02
N ALA G 208 16.88 -54.30 -26.64
CA ALA G 208 16.01 -53.68 -27.63
C ALA G 208 16.82 -53.04 -28.75
N SER G 209 17.98 -52.45 -28.41
CA SER G 209 18.84 -51.89 -29.44
C SER G 209 19.35 -52.98 -30.37
N TRP G 210 19.69 -54.14 -29.82
CA TRP G 210 20.07 -55.28 -30.64
C TRP G 210 18.95 -55.68 -31.60
N SER G 211 17.70 -55.46 -31.19
CA SER G 211 16.57 -55.87 -32.04
C SER G 211 16.47 -55.07 -33.35
N VAL G 212 17.43 -54.22 -33.71
CA VAL G 212 17.30 -53.41 -34.92
C VAL G 212 17.50 -54.26 -36.16
N PHE G 213 18.34 -55.30 -36.08
CA PHE G 213 18.67 -56.06 -37.28
C PHE G 213 17.48 -56.84 -37.83
N TRP G 214 16.36 -56.90 -37.10
CA TRP G 214 15.15 -57.55 -37.60
C TRP G 214 14.33 -56.60 -38.47
N LEU G 215 14.86 -55.44 -38.82
CA LEU G 215 14.21 -54.55 -39.78
C LEU G 215 14.55 -54.99 -41.19
N GLU G 216 13.57 -54.87 -42.10
CA GLU G 216 13.76 -55.35 -43.46
C GLU G 216 14.58 -54.38 -44.30
N SER G 217 14.22 -53.11 -44.26
CA SER G 217 14.90 -52.12 -45.10
C SER G 217 16.20 -51.67 -44.45
N PHE G 218 17.14 -51.22 -45.29
CA PHE G 218 18.39 -50.66 -44.80
C PHE G 218 18.17 -49.26 -44.22
N SER G 219 17.39 -48.44 -44.93
CA SER G 219 17.10 -47.09 -44.47
C SER G 219 16.43 -47.11 -43.09
N GLU G 220 15.47 -48.02 -42.91
CA GLU G 220 14.81 -48.16 -41.60
C GLU G 220 15.82 -48.47 -40.51
N ARG G 221 16.72 -49.44 -40.76
CA ARG G 221 17.73 -49.81 -39.78
C ARG G 221 18.58 -48.61 -39.39
N LEU G 222 19.14 -47.93 -40.39
CA LEU G 222 20.06 -46.83 -40.08
C LEU G 222 19.34 -45.68 -39.38
N GLN G 223 18.12 -45.35 -39.83
CA GLN G 223 17.39 -44.25 -39.19
C GLN G 223 17.02 -44.60 -37.75
N THR G 224 16.59 -45.84 -37.51
CA THR G 224 16.20 -46.24 -36.16
C THR G 224 17.40 -46.27 -35.22
N SER G 225 18.59 -46.55 -35.77
CA SER G 225 19.80 -46.55 -34.96
C SER G 225 19.99 -45.22 -34.23
N PHE G 226 19.59 -44.11 -34.86
CA PHE G 226 19.78 -42.80 -34.24
C PHE G 226 18.77 -42.55 -33.12
N THR G 227 17.53 -43.03 -33.30
CA THR G 227 16.58 -43.00 -32.19
C THR G 227 17.07 -43.82 -31.01
N LEU G 228 17.74 -44.95 -31.31
CA LEU G 228 18.31 -45.77 -30.24
C LEU G 228 19.45 -45.05 -29.53
N MET G 229 20.34 -44.40 -30.30
CA MET G 229 21.41 -43.59 -29.71
C MET G 229 20.84 -42.51 -28.80
N LEU G 230 19.81 -41.82 -29.27
CA LEU G 230 19.17 -40.78 -28.45
C LEU G 230 18.54 -41.37 -27.19
N THR G 231 17.94 -42.55 -27.30
CA THR G 231 17.38 -43.21 -26.12
C THR G 231 18.48 -43.47 -25.08
N VAL G 232 19.61 -44.01 -25.54
CA VAL G 232 20.72 -44.31 -24.64
C VAL G 232 21.25 -43.01 -24.01
N VAL G 233 21.25 -41.91 -24.79
CA VAL G 233 21.71 -40.64 -24.26
C VAL G 233 20.78 -40.15 -23.16
N ALA G 234 19.47 -40.24 -23.38
CA ALA G 234 18.51 -39.83 -22.37
C ALA G 234 18.69 -40.67 -21.10
N TYR G 235 18.93 -41.96 -21.26
CA TYR G 235 19.15 -42.82 -20.10
C TYR G 235 20.43 -42.45 -19.37
N ALA G 236 21.51 -42.17 -20.11
CA ALA G 236 22.75 -41.76 -19.49
C ALA G 236 22.58 -40.48 -18.70
N PHE G 237 21.76 -39.55 -19.20
CA PHE G 237 21.49 -38.32 -18.47
C PHE G 237 20.72 -38.63 -17.18
N TYR G 238 19.67 -39.44 -17.26
CA TYR G 238 18.93 -39.83 -16.05
C TYR G 238 19.89 -40.40 -15.01
N THR G 239 20.72 -41.35 -15.43
CA THR G 239 21.81 -41.88 -14.62
C THR G 239 22.59 -40.76 -13.94
N SER G 240 23.23 -39.90 -14.74
CA SER G 240 24.17 -38.93 -14.19
C SER G 240 23.49 -37.92 -13.26
N ASN G 241 22.22 -37.61 -13.50
CA ASN G 241 21.54 -36.73 -12.57
C ASN G 241 21.27 -37.42 -11.23
N ILE G 242 21.07 -38.74 -11.23
CA ILE G 242 20.85 -39.44 -9.96
C ILE G 242 22.15 -39.86 -9.30
N LEU G 243 23.09 -40.44 -10.04
CA LEU G 243 24.25 -41.09 -9.43
C LEU G 243 25.19 -40.06 -8.79
N PRO G 244 25.96 -40.48 -7.78
CA PRO G 244 26.84 -39.51 -7.09
C PRO G 244 28.04 -39.10 -7.93
N ARG G 245 28.44 -37.84 -7.77
CA ARG G 245 29.63 -37.35 -8.47
C ARG G 245 30.86 -38.14 -8.07
N LEU G 246 31.75 -38.37 -9.03
CA LEU G 246 32.96 -39.14 -8.80
C LEU G 246 34.00 -38.68 -9.80
N PRO G 247 35.29 -38.93 -9.52
CA PRO G 247 36.34 -38.63 -10.51
C PRO G 247 36.76 -39.82 -11.36
N TYR G 248 36.09 -40.96 -11.26
CA TYR G 248 36.42 -42.16 -12.02
C TYR G 248 35.15 -42.85 -12.48
N THR G 249 35.33 -43.82 -13.38
CA THR G 249 34.22 -44.51 -14.02
C THR G 249 33.65 -45.57 -13.08
N THR G 250 32.35 -45.49 -12.79
CA THR G 250 31.67 -46.56 -12.07
C THR G 250 31.35 -47.71 -13.03
N VAL G 251 30.86 -48.82 -12.46
CA VAL G 251 30.41 -49.93 -13.28
C VAL G 251 29.27 -49.49 -14.20
N ILE G 252 28.33 -48.72 -13.67
CA ILE G 252 27.19 -48.24 -14.46
C ILE G 252 27.65 -47.34 -15.60
N ASP G 253 28.65 -46.48 -15.33
CA ASP G 253 29.23 -45.66 -16.40
C ASP G 253 29.82 -46.53 -17.50
N GLN G 254 30.46 -47.64 -17.11
CA GLN G 254 30.98 -48.58 -18.10
C GLN G 254 29.86 -49.21 -18.90
N MET G 255 28.73 -49.53 -18.24
CA MET G 255 27.58 -50.06 -18.97
C MET G 255 27.03 -49.05 -19.97
N ILE G 256 27.00 -47.77 -19.58
CA ILE G 256 26.55 -46.72 -20.49
C ILE G 256 27.46 -46.65 -21.71
N ILE G 257 28.78 -46.63 -21.47
CA ILE G 257 29.74 -46.60 -22.57
C ILE G 257 29.57 -47.84 -23.44
N ALA G 258 29.24 -48.97 -22.82
CA ALA G 258 29.02 -50.20 -23.57
C ALA G 258 27.80 -50.09 -24.49
N GLY G 259 26.73 -49.46 -24.01
CA GLY G 259 25.59 -49.22 -24.88
C GLY G 259 25.94 -48.30 -26.03
N TYR G 260 26.68 -47.22 -25.74
CA TYR G 260 27.16 -46.31 -26.78
C TYR G 260 27.93 -47.08 -27.86
N GLY G 261 28.90 -47.89 -27.42
CA GLY G 261 29.70 -48.65 -28.36
C GLY G 261 28.91 -49.70 -29.11
N SER G 262 27.92 -50.30 -28.45
CA SER G 262 27.06 -51.26 -29.11
C SER G 262 26.34 -50.62 -30.28
N ILE G 263 25.74 -49.45 -30.04
CA ILE G 263 25.03 -48.77 -31.11
C ILE G 263 26.00 -48.32 -32.21
N PHE G 264 27.19 -47.86 -31.83
CA PHE G 264 28.15 -47.42 -32.84
C PHE G 264 28.60 -48.59 -33.72
N ALA G 265 28.88 -49.74 -33.09
CA ALA G 265 29.24 -50.93 -33.84
C ALA G 265 28.08 -51.43 -34.69
N ALA G 266 26.85 -51.23 -34.22
CA ALA G 266 25.68 -51.58 -35.03
C ALA G 266 25.60 -50.74 -36.29
N ILE G 267 25.85 -49.43 -36.16
CA ILE G 267 25.85 -48.54 -37.33
C ILE G 267 26.97 -48.95 -38.30
N LEU G 268 28.16 -49.18 -37.75
CA LEU G 268 29.29 -49.60 -38.58
C LEU G 268 28.98 -50.89 -39.33
N LEU G 269 28.42 -51.89 -38.63
CA LEU G 269 28.12 -53.18 -39.26
C LEU G 269 27.01 -53.02 -40.29
N ILE G 270 26.04 -52.15 -40.04
CA ILE G 270 24.96 -51.91 -41.00
C ILE G 270 25.52 -51.34 -42.30
N ILE G 271 26.34 -50.30 -42.18
CA ILE G 271 26.95 -49.70 -43.37
C ILE G 271 27.81 -50.74 -44.10
N PHE G 272 28.60 -51.50 -43.34
CA PHE G 272 29.43 -52.54 -43.95
C PHE G 272 28.58 -53.55 -44.71
N ALA G 273 27.50 -54.04 -44.08
CA ALA G 273 26.62 -55.00 -44.73
C ALA G 273 26.04 -54.44 -46.01
N HIS G 274 25.69 -53.16 -46.02
CA HIS G 274 25.17 -52.56 -47.25
C HIS G 274 26.24 -52.50 -48.32
N HIS G 275 27.51 -52.29 -47.93
CA HIS G 275 28.59 -52.10 -48.90
C HIS G 275 29.72 -53.12 -48.72
N ARG G 276 29.40 -54.35 -48.29
CA ARG G 276 30.45 -55.35 -48.08
C ARG G 276 30.96 -55.93 -49.40
N GLN G 277 30.07 -56.10 -50.38
CA GLN G 277 30.41 -56.81 -51.60
C GLN G 277 30.21 -55.93 -52.81
N ALA G 278 30.87 -56.29 -53.91
CA ALA G 278 30.55 -55.75 -55.21
C ALA G 278 29.12 -56.14 -55.59
N ASN G 279 28.68 -55.65 -56.75
CA ASN G 279 27.35 -55.90 -57.33
C ASN G 279 26.24 -55.22 -56.51
N GLY G 280 26.61 -54.58 -55.40
CA GLY G 280 25.73 -53.66 -54.71
C GLY G 280 24.59 -54.27 -53.91
N VAL G 281 24.35 -55.58 -54.02
CA VAL G 281 23.26 -56.22 -53.29
C VAL G 281 23.73 -56.50 -51.86
N GLU G 282 22.82 -56.30 -50.90
CA GLU G 282 23.18 -56.33 -49.50
C GLU G 282 23.60 -57.73 -49.04
N ASP G 283 24.55 -57.75 -48.10
CA ASP G 283 25.00 -58.98 -47.44
C ASP G 283 23.97 -59.35 -46.38
N ASP G 284 22.83 -59.86 -46.84
CA ASP G 284 21.77 -60.22 -45.91
C ASP G 284 22.17 -61.39 -45.02
N LEU G 285 23.08 -62.25 -45.51
CA LEU G 285 23.60 -63.31 -44.66
C LEU G 285 24.27 -62.73 -43.42
N LEU G 286 25.01 -61.63 -43.59
CA LEU G 286 25.68 -60.98 -42.46
C LEU G 286 24.65 -60.43 -41.48
N ILE G 287 23.55 -59.86 -41.99
CA ILE G 287 22.52 -59.31 -41.12
C ILE G 287 21.86 -60.42 -40.32
N GLN G 288 21.45 -61.50 -40.99
CA GLN G 288 20.87 -62.64 -40.30
C GLN G 288 21.83 -63.18 -39.23
N ARG G 289 23.12 -63.26 -39.57
CA ARG G 289 24.11 -63.74 -38.62
C ARG G 289 24.18 -62.84 -37.39
N CYS G 290 24.54 -61.57 -37.60
CA CYS G 290 24.76 -60.66 -36.48
C CYS G 290 23.51 -60.51 -35.63
N ARG G 291 22.32 -60.63 -36.25
CA ARG G 291 21.04 -60.52 -35.56
C ARG G 291 21.02 -61.14 -34.17
N LEU G 292 21.45 -62.40 -34.06
CA LEU G 292 21.61 -63.02 -32.76
C LEU G 292 23.00 -63.61 -32.57
N ALA G 293 23.98 -63.15 -33.36
CA ALA G 293 25.38 -63.46 -33.08
C ALA G 293 26.10 -62.34 -32.35
N PHE G 294 25.54 -61.12 -32.32
CA PHE G 294 26.16 -60.01 -31.59
C PHE G 294 25.93 -60.13 -30.09
N PRO G 295 24.74 -60.56 -29.63
CA PRO G 295 24.59 -60.82 -28.18
C PRO G 295 25.64 -61.76 -27.59
N LEU G 296 26.02 -62.83 -28.30
CA LEU G 296 26.98 -63.79 -27.74
C LEU G 296 28.36 -63.16 -27.58
N GLY G 297 28.86 -62.48 -28.62
CA GLY G 297 30.15 -61.84 -28.52
C GLY G 297 30.16 -60.71 -27.51
N PHE G 298 29.04 -59.97 -27.40
CA PHE G 298 28.98 -58.90 -26.43
C PHE G 298 28.95 -59.43 -25.00
N LEU G 299 28.24 -60.53 -24.78
CA LEU G 299 28.24 -61.13 -23.45
C LEU G 299 29.60 -61.76 -23.13
N ALA G 300 30.32 -62.24 -24.13
CA ALA G 300 31.70 -62.70 -23.90
C ALA G 300 32.59 -61.54 -23.49
N ILE G 301 32.45 -60.39 -24.15
CA ILE G 301 33.21 -59.20 -23.78
C ILE G 301 32.87 -58.76 -22.36
N GLY G 302 31.58 -58.79 -22.01
CA GLY G 302 31.18 -58.39 -20.67
C GLY G 302 31.62 -59.37 -19.59
N CYS G 303 31.73 -60.66 -19.92
CA CYS G 303 32.24 -61.63 -18.97
C CYS G 303 33.76 -61.51 -18.78
N VAL G 304 34.48 -61.22 -19.87
CA VAL G 304 35.90 -60.89 -19.72
C VAL G 304 36.07 -59.62 -18.90
N LEU G 305 35.09 -58.70 -18.98
CA LEU G 305 35.15 -57.47 -18.19
C LEU G 305 35.28 -57.74 -16.69
N VAL G 306 34.74 -58.85 -16.21
CA VAL G 306 34.91 -59.21 -14.79
C VAL G 306 36.34 -59.69 -14.61
N ILE G 307 37.20 -58.78 -14.17
CA ILE G 307 38.65 -58.99 -14.16
C ILE G 307 39.31 -57.83 -13.43
N PRO H 1 16.23 -40.33 44.96
CA PRO H 1 15.53 -40.45 43.67
C PRO H 1 14.63 -39.24 43.37
N VAL H 2 15.09 -38.33 42.51
CA VAL H 2 14.37 -37.08 42.24
C VAL H 2 13.23 -37.37 41.27
N ASP H 3 12.02 -36.94 41.63
CA ASP H 3 10.87 -37.07 40.74
C ASP H 3 10.83 -35.84 39.83
N VAL H 4 10.87 -36.06 38.52
CA VAL H 4 10.84 -34.98 37.55
C VAL H 4 9.61 -35.18 36.67
N SER H 5 8.79 -34.15 36.56
CA SER H 5 7.62 -34.15 35.70
C SER H 5 7.93 -33.28 34.49
N VAL H 6 7.72 -33.82 33.29
CA VAL H 6 8.08 -33.15 32.06
C VAL H 6 6.82 -32.77 31.29
N SER H 7 7.00 -31.92 30.29
CA SER H 7 5.95 -31.57 29.33
C SER H 7 6.65 -31.18 28.04
N ILE H 8 6.30 -31.85 26.94
CA ILE H 8 6.91 -31.60 25.64
C ILE H 8 5.84 -31.09 24.70
N PHE H 9 6.00 -29.85 24.24
CA PHE H 9 5.10 -29.24 23.28
C PHE H 9 5.74 -29.34 21.90
N ILE H 10 4.97 -29.78 20.91
CA ILE H 10 5.48 -29.96 19.56
C ILE H 10 4.81 -28.92 18.69
N ASN H 11 5.61 -27.97 18.21
CA ASN H 11 5.10 -26.86 17.43
C ASN H 11 4.99 -27.25 15.96
N LYS H 12 6.05 -27.85 15.42
CA LYS H 12 6.02 -28.24 14.02
C LYS H 12 7.00 -29.38 13.78
N ILE H 13 6.61 -30.28 12.87
CA ILE H 13 7.43 -31.37 12.39
C ILE H 13 7.56 -31.22 10.88
N TYR H 14 8.79 -31.26 10.36
CA TYR H 14 9.00 -31.04 8.94
C TYR H 14 10.38 -31.60 8.58
N GLY H 15 10.87 -31.24 7.40
CA GLY H 15 12.23 -31.54 7.01
C GLY H 15 12.63 -33.01 7.05
N VAL H 16 11.80 -33.87 6.45
CA VAL H 16 12.14 -35.27 6.40
C VAL H 16 13.30 -35.47 5.42
N ASN H 17 14.32 -36.20 5.86
CA ASN H 17 15.48 -36.57 5.03
C ASN H 17 15.42 -38.08 4.84
N THR H 18 15.14 -38.49 3.61
CA THR H 18 14.89 -39.91 3.33
C THR H 18 16.17 -40.72 3.46
N LEU H 19 17.27 -40.20 2.90
CA LEU H 19 18.52 -40.95 2.95
C LEU H 19 19.05 -41.05 4.37
N GLU H 20 18.96 -39.95 5.13
CA GLU H 20 19.47 -39.92 6.50
C GLU H 20 18.47 -40.42 7.53
N GLN H 21 17.20 -40.57 7.14
CA GLN H 21 16.13 -40.94 8.09
C GLN H 21 16.12 -39.96 9.28
N THR H 22 16.08 -38.67 8.95
CA THR H 22 15.99 -37.61 9.93
C THR H 22 14.80 -36.71 9.60
N TYR H 23 14.34 -35.99 10.62
CA TYR H 23 13.26 -35.02 10.45
C TYR H 23 13.44 -33.95 11.51
N LYS H 24 13.13 -32.70 11.14
CA LYS H 24 13.32 -31.58 12.05
C LYS H 24 12.06 -31.39 12.88
N VAL H 25 12.26 -31.15 14.18
CA VAL H 25 11.19 -30.98 15.14
C VAL H 25 11.45 -29.70 15.92
N ASP H 26 10.45 -28.81 15.95
CA ASP H 26 10.50 -27.56 16.69
C ASP H 26 9.41 -27.61 17.73
N GLY H 27 9.76 -27.28 18.96
CA GLY H 27 8.78 -27.27 20.04
C GLY H 27 9.38 -26.74 21.31
N TYR H 28 8.68 -26.98 22.41
CA TYR H 28 9.15 -26.55 23.72
C TYR H 28 9.35 -27.78 24.60
N ILE H 29 10.19 -27.63 25.62
CA ILE H 29 10.39 -28.68 26.60
C ILE H 29 10.33 -28.06 27.99
N VAL H 30 9.54 -28.67 28.86
CA VAL H 30 9.36 -28.21 30.24
C VAL H 30 9.71 -29.38 31.14
N ALA H 31 10.41 -29.07 32.23
CA ALA H 31 10.79 -30.07 33.23
C ALA H 31 10.56 -29.45 34.59
N GLN H 32 9.90 -30.21 35.47
CA GLN H 32 9.53 -29.71 36.80
C GLN H 32 10.01 -30.72 37.83
N TRP H 33 10.62 -30.21 38.91
CA TRP H 33 10.96 -31.06 40.04
C TRP H 33 10.83 -30.24 41.31
N THR H 34 11.10 -30.88 42.45
CA THR H 34 10.94 -30.27 43.75
C THR H 34 12.28 -30.30 44.44
N GLY H 35 12.78 -29.13 44.83
CA GLY H 35 14.09 -29.04 45.45
C GLY H 35 14.01 -28.45 46.84
N LYS H 36 15.16 -28.06 47.37
CA LYS H 36 15.20 -27.46 48.69
C LYS H 36 14.46 -26.13 48.68
N PRO H 37 13.72 -25.81 49.74
CA PRO H 37 13.02 -24.52 49.78
C PRO H 37 14.00 -23.35 49.70
N ARG H 38 13.46 -22.18 49.40
CA ARG H 38 14.30 -21.04 49.10
C ARG H 38 13.57 -19.74 49.42
N LYS H 39 14.34 -18.72 49.76
CA LYS H 39 13.80 -17.38 49.96
C LYS H 39 13.85 -16.63 48.63
N THR H 40 12.72 -16.06 48.24
CA THR H 40 12.59 -15.23 47.05
C THR H 40 12.28 -13.80 47.46
N PRO H 41 12.38 -12.85 46.54
CA PRO H 41 11.84 -11.51 46.84
C PRO H 41 10.34 -11.61 47.02
N GLY H 42 9.85 -11.42 48.25
CA GLY H 42 8.49 -11.81 48.55
C GLY H 42 8.34 -13.32 48.42
N ASP H 43 7.09 -13.78 48.48
CA ASP H 43 6.81 -15.19 48.23
C ASP H 43 6.48 -15.47 46.78
N LYS H 44 6.59 -14.48 45.90
CA LYS H 44 6.34 -14.75 44.49
C LYS H 44 7.54 -15.47 43.88
N PRO H 45 7.31 -16.37 42.91
CA PRO H 45 8.43 -17.11 42.32
C PRO H 45 9.35 -16.20 41.53
N LEU H 46 10.62 -16.60 41.45
CA LEU H 46 11.62 -15.83 40.74
C LEU H 46 11.83 -16.42 39.34
N ILE H 47 12.10 -15.55 38.37
CA ILE H 47 12.26 -15.93 36.97
C ILE H 47 13.70 -15.63 36.58
N VAL H 48 14.34 -16.59 35.91
CA VAL H 48 15.72 -16.47 35.45
C VAL H 48 15.74 -16.75 33.95
N GLU H 49 16.45 -15.91 33.21
CA GLU H 49 16.48 -15.96 31.75
C GLU H 49 17.89 -16.28 31.26
N ASN H 50 17.95 -16.72 30.00
CA ASN H 50 19.00 -17.55 29.43
C ASN H 50 20.41 -17.40 30.03
N THR H 51 21.04 -16.23 29.88
CA THR H 51 22.43 -16.12 30.29
C THR H 51 22.55 -16.34 31.80
N GLN H 52 21.69 -15.68 32.57
CA GLN H 52 21.75 -15.79 34.03
C GLN H 52 21.67 -17.25 34.50
N ILE H 53 21.04 -18.13 33.71
CA ILE H 53 20.96 -19.54 34.10
C ILE H 53 22.35 -20.07 34.44
N GLU H 54 23.32 -19.82 33.55
CA GLU H 54 24.67 -20.32 33.78
C GLU H 54 25.22 -19.84 35.11
N ARG H 55 24.99 -18.55 35.43
CA ARG H 55 25.43 -18.03 36.72
C ARG H 55 24.89 -18.87 37.85
N TRP H 56 23.59 -19.18 37.82
CA TRP H 56 22.98 -19.95 38.91
C TRP H 56 23.62 -21.32 39.04
N ILE H 57 24.13 -21.88 37.93
CA ILE H 57 24.78 -23.19 38.01
C ILE H 57 26.10 -23.06 38.75
N ASN H 58 26.84 -21.98 38.49
CA ASN H 58 28.15 -21.79 39.12
C ASN H 58 28.06 -21.55 40.62
N ASN H 59 26.93 -21.05 41.11
CA ASN H 59 26.73 -20.80 42.53
C ASN H 59 26.12 -21.97 43.27
N GLY H 60 25.93 -23.11 42.60
CA GLY H 60 25.53 -24.34 43.28
C GLY H 60 24.17 -24.88 42.92
N LEU H 61 23.43 -24.23 42.03
CA LEU H 61 22.11 -24.74 41.68
C LEU H 61 22.25 -26.01 40.84
N TRP H 62 21.38 -26.98 41.10
CA TRP H 62 21.45 -28.27 40.44
C TRP H 62 20.52 -28.26 39.22
N VAL H 63 21.12 -28.24 38.04
CA VAL H 63 20.35 -28.30 36.79
C VAL H 63 20.80 -29.50 35.97
N PRO H 64 20.00 -30.56 35.90
CA PRO H 64 20.42 -31.76 35.17
C PRO H 64 20.32 -31.59 33.66
N ALA H 65 21.23 -32.26 32.96
CA ALA H 65 21.27 -32.23 31.51
C ALA H 65 20.44 -33.38 30.97
N LEU H 66 19.35 -33.05 30.29
CA LEU H 66 18.50 -34.05 29.67
C LEU H 66 18.82 -34.09 28.17
N GLU H 67 19.27 -35.25 27.69
CA GLU H 67 19.73 -35.40 26.33
C GLU H 67 18.65 -36.06 25.47
N PHE H 68 18.44 -35.49 24.28
CA PHE H 68 17.66 -36.15 23.24
C PHE H 68 18.50 -37.29 22.67
N ILE H 69 18.06 -38.53 22.87
CA ILE H 69 18.83 -39.69 22.44
C ILE H 69 18.96 -39.69 20.91
N ASN H 70 17.82 -39.69 20.22
CA ASN H 70 17.74 -39.82 18.79
C ASN H 70 18.06 -38.52 18.03
N VAL H 71 18.67 -37.53 18.69
CA VAL H 71 18.98 -36.28 18.03
C VAL H 71 20.19 -36.47 17.12
N VAL H 72 20.39 -35.53 16.21
CA VAL H 72 21.53 -35.52 15.30
C VAL H 72 22.28 -34.22 15.57
N GLY H 73 23.34 -34.29 16.35
CA GLY H 73 24.12 -33.12 16.69
C GLY H 73 23.42 -32.24 17.72
N SER H 74 24.16 -31.27 18.22
CA SER H 74 23.61 -30.35 19.21
C SER H 74 22.40 -29.64 18.63
N PRO H 75 21.21 -29.79 19.21
CA PRO H 75 20.04 -29.07 18.70
C PRO H 75 20.15 -27.58 18.94
N ASP H 76 19.28 -26.83 18.26
CA ASP H 76 19.27 -25.39 18.36
C ASP H 76 18.35 -24.99 19.52
N THR H 77 18.95 -24.83 20.69
CA THR H 77 18.19 -24.43 21.87
C THR H 77 17.96 -22.93 21.84
N GLY H 78 16.69 -22.52 21.80
CA GLY H 78 16.32 -21.12 21.80
C GLY H 78 16.35 -20.50 23.17
N ASN H 79 15.32 -19.74 23.53
CA ASN H 79 15.24 -19.14 24.85
C ASN H 79 14.98 -20.19 25.91
N LYS H 80 15.54 -19.97 27.10
CA LYS H 80 15.33 -20.86 28.23
C LYS H 80 15.14 -20.04 29.51
N ARG H 81 14.33 -20.59 30.40
CA ARG H 81 13.93 -19.93 31.62
C ARG H 81 13.95 -20.94 32.76
N LEU H 82 14.28 -20.43 33.94
CA LEU H 82 14.14 -21.16 35.19
C LEU H 82 13.12 -20.43 36.03
N MET H 83 12.11 -21.14 36.49
CA MET H 83 11.15 -20.60 37.44
C MET H 83 11.44 -21.27 38.77
N LEU H 84 11.77 -20.45 39.76
CA LEU H 84 12.20 -20.92 41.07
C LEU H 84 11.12 -20.55 42.08
N PHE H 85 10.62 -21.51 42.75
CA PHE H 85 9.57 -21.26 43.71
C PHE H 85 10.12 -21.31 45.13
N PRO H 86 9.54 -20.54 46.05
CA PRO H 86 10.06 -20.56 47.43
C PRO H 86 9.91 -21.91 48.11
N ASP H 87 8.90 -22.69 47.75
CA ASP H 87 8.71 -24.02 48.32
C ASP H 87 9.69 -25.05 47.76
N GLY H 88 10.60 -24.66 46.88
CA GLY H 88 11.61 -25.55 46.36
C GLY H 88 11.39 -26.01 44.94
N ARG H 89 10.18 -25.84 44.39
CA ARG H 89 9.93 -26.27 43.03
C ARG H 89 10.85 -25.55 42.07
N VAL H 90 11.28 -26.26 41.02
CA VAL H 90 12.14 -25.70 39.99
C VAL H 90 11.61 -26.18 38.65
N ILE H 91 11.43 -25.23 37.71
CA ILE H 91 10.84 -25.51 36.41
C ILE H 91 11.77 -24.95 35.34
N TYR H 92 12.19 -25.81 34.42
CA TYR H 92 13.07 -25.46 33.31
C TYR H 92 12.26 -25.50 32.03
N ASN H 93 12.27 -24.38 31.29
CA ASN H 93 11.48 -24.24 30.07
C ASN H 93 12.39 -23.79 28.95
N ALA H 94 12.38 -24.50 27.83
CA ALA H 94 13.30 -24.15 26.76
C ALA H 94 12.69 -24.46 25.40
N ARG H 95 12.84 -23.50 24.49
CA ARG H 95 12.44 -23.69 23.10
C ARG H 95 13.58 -24.42 22.39
N PHE H 96 13.23 -25.41 21.58
CA PHE H 96 14.23 -26.25 20.93
C PHE H 96 13.83 -26.61 19.52
N LEU H 97 14.81 -26.58 18.62
CA LEU H 97 14.67 -27.09 17.27
C LEU H 97 15.82 -28.07 17.02
N GLY H 98 15.49 -29.27 16.57
CA GLY H 98 16.53 -30.28 16.37
C GLY H 98 16.15 -31.30 15.32
N SER H 99 17.18 -31.92 14.76
CA SER H 99 17.00 -32.98 13.78
C SER H 99 17.07 -34.32 14.49
N PHE H 100 16.03 -35.13 14.33
CA PHE H 100 15.93 -36.39 15.04
C PHE H 100 15.94 -37.55 14.05
N SER H 101 16.40 -38.70 14.55
CA SER H 101 16.57 -39.91 13.77
C SER H 101 15.62 -40.98 14.28
N ASN H 102 15.20 -41.85 13.37
CA ASN H 102 14.37 -43.00 13.68
C ASN H 102 14.33 -43.89 12.45
N ASP H 103 14.08 -45.18 12.66
CA ASP H 103 13.91 -46.09 11.54
C ASP H 103 12.70 -45.65 10.72
N MET H 104 12.90 -45.36 9.45
CA MET H 104 11.84 -44.90 8.57
C MET H 104 11.86 -45.73 7.29
N ASP H 105 10.74 -46.39 7.01
CA ASP H 105 10.62 -47.28 5.87
C ASP H 105 9.81 -46.58 4.79
N PHE H 106 10.44 -46.32 3.65
CA PHE H 106 9.81 -45.58 2.57
C PHE H 106 9.42 -46.48 1.39
N ARG H 107 9.25 -47.78 1.66
CA ARG H 107 8.98 -48.73 0.58
C ARG H 107 7.59 -48.53 -0.02
N LEU H 108 6.59 -48.22 0.81
CA LEU H 108 5.23 -48.02 0.32
C LEU H 108 5.00 -46.60 -0.16
N PHE H 109 6.07 -45.84 -0.38
CA PHE H 109 5.96 -44.50 -0.90
C PHE H 109 5.33 -44.54 -2.29
N PRO H 110 4.45 -43.59 -2.64
CA PRO H 110 4.09 -42.39 -1.88
C PRO H 110 2.93 -42.61 -0.92
N PHE H 111 2.58 -43.88 -0.70
CA PHE H 111 1.54 -44.26 0.24
C PHE H 111 2.11 -44.66 1.58
N ASP H 112 3.39 -44.38 1.82
CA ASP H 112 4.04 -44.76 3.07
C ASP H 112 3.42 -44.01 4.24
N ARG H 113 3.59 -44.58 5.42
CA ARG H 113 3.21 -43.93 6.65
C ARG H 113 4.34 -44.14 7.64
N GLN H 114 4.69 -43.09 8.36
CA GLN H 114 5.86 -43.07 9.24
C GLN H 114 5.43 -42.72 10.65
N GLN H 115 6.39 -42.69 11.56
CA GLN H 115 6.11 -42.26 12.93
C GLN H 115 7.31 -41.48 13.46
N PHE H 116 7.07 -40.23 13.82
CA PHE H 116 8.12 -39.38 14.37
C PHE H 116 8.26 -39.67 15.86
N VAL H 117 9.47 -39.97 16.29
CA VAL H 117 9.75 -40.35 17.67
C VAL H 117 10.70 -39.34 18.29
N LEU H 118 10.54 -39.14 19.60
CA LEU H 118 11.44 -38.36 20.42
C LEU H 118 11.83 -39.20 21.62
N GLU H 119 13.11 -39.17 21.97
CA GLU H 119 13.64 -40.00 23.05
C GLU H 119 14.45 -39.11 23.99
N LEU H 120 13.94 -38.90 25.19
CA LEU H 120 14.58 -38.10 26.21
C LEU H 120 15.16 -39.00 27.29
N GLU H 121 16.34 -38.64 27.78
CA GLU H 121 16.98 -39.42 28.83
C GLU H 121 17.92 -38.52 29.62
N PRO H 122 17.97 -38.65 30.95
CA PRO H 122 18.97 -37.88 31.71
C PRO H 122 20.37 -38.28 31.29
N PHE H 123 21.23 -37.28 31.13
CA PHE H 123 22.55 -37.53 30.55
C PHE H 123 23.49 -38.17 31.56
N SER H 124 23.53 -37.65 32.80
CA SER H 124 24.50 -38.07 33.80
C SER H 124 23.89 -38.78 34.99
N TYR H 125 22.63 -38.52 35.30
CA TYR H 125 22.01 -39.05 36.51
C TYR H 125 21.19 -40.29 36.17
N ASN H 126 21.32 -41.33 36.99
CA ASN H 126 20.69 -42.61 36.74
C ASN H 126 19.24 -42.60 37.24
N ASN H 127 18.59 -43.77 37.21
CA ASN H 127 17.20 -43.85 37.67
C ASN H 127 17.11 -43.95 39.18
N GLN H 128 18.10 -44.57 39.84
CA GLN H 128 18.12 -44.59 41.29
C GLN H 128 18.36 -43.20 41.87
N GLN H 129 18.90 -42.28 41.05
CA GLN H 129 19.13 -40.91 41.47
C GLN H 129 18.13 -39.91 40.90
N GLN H 130 17.58 -40.16 39.71
CA GLN H 130 16.70 -39.17 39.08
C GLN H 130 15.68 -39.88 38.20
N ARG H 131 14.41 -39.64 38.50
CA ARG H 131 13.28 -40.38 37.96
C ARG H 131 12.30 -39.45 37.27
N PHE H 132 11.64 -39.97 36.24
CA PHE H 132 10.59 -39.26 35.53
C PHE H 132 9.23 -39.70 36.08
N SER H 133 8.38 -38.73 36.41
CA SER H 133 7.05 -39.02 36.94
C SER H 133 5.96 -38.87 35.89
N ASP H 134 5.92 -37.74 35.17
CA ASP H 134 4.84 -37.42 34.26
C ASP H 134 5.38 -37.03 32.89
N ILE H 135 4.65 -37.41 31.84
CA ILE H 135 4.87 -36.90 30.49
C ILE H 135 3.58 -36.28 29.99
N GLN H 136 3.72 -35.20 29.22
CA GLN H 136 2.59 -34.54 28.59
C GLN H 136 3.04 -34.07 27.21
N VAL H 137 2.43 -34.62 26.16
CA VAL H 137 2.76 -34.27 24.78
C VAL H 137 1.55 -33.59 24.16
N TYR H 138 1.76 -32.38 23.65
CA TYR H 138 0.70 -31.58 23.05
C TYR H 138 1.00 -31.30 21.59
N THR H 139 0.05 -31.58 20.72
CA THR H 139 0.16 -31.30 19.29
C THR H 139 -0.99 -30.39 18.86
N GLU H 140 -0.67 -29.40 18.04
CA GLU H 140 -1.66 -28.45 17.55
C GLU H 140 -2.68 -29.16 16.66
N ASN H 141 -3.92 -28.63 16.67
CA ASN H 141 -5.01 -29.29 15.95
C ASN H 141 -4.71 -29.38 14.45
N ALA H 142 -4.47 -28.24 13.82
CA ALA H 142 -4.08 -28.15 12.40
C ALA H 142 -4.94 -29.06 11.53
N ASP H 143 -6.24 -28.83 11.57
CA ASP H 143 -7.17 -29.70 10.86
C ASP H 143 -7.26 -29.36 9.38
N ASN H 144 -6.58 -28.31 8.92
CA ASN H 144 -6.47 -28.01 7.49
C ASN H 144 -5.28 -28.75 6.90
N GLU H 145 -5.41 -30.08 6.85
CA GLU H 145 -4.30 -30.95 6.45
C GLU H 145 -3.93 -30.80 4.97
N GLU H 146 -4.90 -30.38 4.14
CA GLU H 146 -4.73 -30.40 2.69
C GLU H 146 -3.47 -29.68 2.22
N ILE H 147 -2.97 -28.72 3.00
CA ILE H 147 -1.80 -27.96 2.59
C ILE H 147 -0.51 -28.62 3.07
N ASP H 148 -0.53 -29.23 4.25
CA ASP H 148 0.68 -29.77 4.87
C ASP H 148 1.08 -31.08 4.18
N GLU H 149 2.41 -31.31 4.13
CA GLU H 149 2.94 -32.50 3.47
C GLU H 149 2.57 -33.78 4.20
N TRP H 150 2.67 -33.79 5.53
CA TRP H 150 2.40 -34.97 6.34
C TRP H 150 1.15 -34.72 7.17
N TRP H 151 0.40 -35.78 7.42
CA TRP H 151 -0.84 -35.71 8.18
C TRP H 151 -0.66 -36.45 9.50
N ILE H 152 -0.81 -35.72 10.61
CA ILE H 152 -0.83 -36.36 11.91
C ILE H 152 -2.15 -37.11 12.06
N ARG H 153 -2.09 -38.35 12.55
CA ARG H 153 -3.29 -39.16 12.66
C ARG H 153 -3.95 -39.09 14.02
N GLY H 154 -3.18 -39.06 15.10
CA GLY H 154 -3.73 -39.05 16.43
C GLY H 154 -2.78 -38.39 17.40
N LYS H 155 -3.22 -38.26 18.65
CA LYS H 155 -2.34 -37.73 19.68
C LYS H 155 -1.13 -38.65 19.87
N ALA H 156 -0.11 -38.10 20.53
CA ALA H 156 1.12 -38.85 20.70
C ALA H 156 0.91 -39.99 21.68
N SER H 157 1.64 -41.08 21.45
CA SER H 157 1.70 -42.18 22.39
C SER H 157 2.95 -42.01 23.23
N THR H 158 2.81 -42.12 24.54
CA THR H 158 3.91 -41.91 25.46
C THR H 158 4.32 -43.22 26.12
N HIS H 159 5.56 -43.25 26.61
CA HIS H 159 6.05 -44.46 27.27
C HIS H 159 7.27 -44.10 28.12
N ILE H 160 7.16 -44.28 29.42
CA ILE H 160 8.32 -44.24 30.30
C ILE H 160 8.87 -45.66 30.35
N SER H 161 10.18 -45.80 30.23
CA SER H 161 10.81 -47.10 30.27
C SER H 161 12.10 -47.01 31.07
N ASP H 162 12.67 -48.17 31.36
CA ASP H 162 13.93 -48.28 32.08
C ASP H 162 14.94 -48.94 31.17
N ILE H 163 16.04 -48.23 30.89
CA ILE H 163 17.06 -48.65 29.95
C ILE H 163 18.25 -49.21 30.74
N ARG H 164 18.78 -50.33 30.28
CA ARG H 164 19.88 -51.03 30.93
C ARG H 164 21.10 -50.93 30.04
N TYR H 165 22.11 -50.18 30.47
CA TYR H 165 23.39 -50.12 29.77
C TYR H 165 24.28 -51.24 30.30
N ASP H 166 24.54 -52.24 29.45
CA ASP H 166 25.40 -53.34 29.86
C ASP H 166 26.82 -52.84 30.12
N HIS H 167 27.43 -52.26 29.09
CA HIS H 167 28.82 -51.83 29.14
C HIS H 167 28.93 -50.57 30.00
N LEU H 168 29.26 -50.76 31.28
CA LEU H 168 29.40 -49.67 32.24
C LEU H 168 30.51 -50.09 33.21
N SER H 169 30.59 -49.43 34.36
CA SER H 169 31.64 -49.79 35.30
C SER H 169 31.35 -51.16 35.92
N SER H 170 32.32 -51.66 36.69
CA SER H 170 32.23 -53.00 37.27
C SER H 170 32.02 -53.01 38.78
N VAL H 171 32.08 -51.85 39.44
CA VAL H 171 31.79 -51.76 40.87
C VAL H 171 30.35 -51.37 41.16
N GLN H 172 29.58 -50.97 40.14
CA GLN H 172 28.23 -50.43 40.34
C GLN H 172 27.19 -51.53 40.53
N PRO H 173 26.66 -51.67 41.75
CA PRO H 173 25.74 -52.78 42.06
C PRO H 173 24.43 -52.72 41.29
N ASN H 174 23.72 -51.59 41.42
CA ASN H 174 22.40 -51.46 40.82
C ASN H 174 22.18 -50.14 40.11
N GLN H 175 23.13 -49.21 40.13
CA GLN H 175 22.99 -47.92 39.44
C GLN H 175 23.46 -48.07 38.00
N ASN H 176 22.69 -48.83 37.23
CA ASN H 176 22.96 -49.04 35.81
C ASN H 176 21.71 -48.90 34.95
N GLU H 177 20.61 -48.44 35.52
CA GLU H 177 19.34 -48.25 34.83
C GLU H 177 19.04 -46.77 34.70
N PHE H 178 18.39 -46.40 33.60
CA PHE H 178 18.04 -45.01 33.33
C PHE H 178 16.57 -44.88 32.98
N SER H 179 16.01 -43.73 33.31
CA SER H 179 14.62 -43.41 33.02
C SER H 179 14.56 -42.77 31.64
N ARG H 180 13.90 -43.41 30.68
CA ARG H 180 13.83 -42.91 29.32
C ARG H 180 12.39 -42.62 28.94
N ILE H 181 12.14 -41.43 28.43
CA ILE H 181 10.84 -41.04 27.92
C ILE H 181 10.85 -41.22 26.41
N THR H 182 9.82 -41.89 25.89
CA THR H 182 9.70 -42.15 24.46
C THR H 182 8.34 -41.64 24.02
N VAL H 183 8.34 -40.74 23.04
CA VAL H 183 7.12 -40.15 22.49
C VAL H 183 7.06 -40.52 21.01
N ARG H 184 5.89 -41.00 20.56
CA ARG H 184 5.68 -41.42 19.18
C ARG H 184 4.47 -40.72 18.61
N ILE H 185 4.57 -40.28 17.36
CA ILE H 185 3.49 -39.57 16.67
C ILE H 185 3.38 -40.17 15.27
N ASP H 186 2.31 -40.93 15.02
CA ASP H 186 2.14 -41.53 13.71
C ASP H 186 1.70 -40.46 12.70
N ALA H 187 2.03 -40.68 11.42
CA ALA H 187 1.71 -39.73 10.39
C ALA H 187 1.66 -40.44 9.04
N VAL H 188 0.88 -39.87 8.11
CA VAL H 188 0.65 -40.44 6.80
C VAL H 188 1.03 -39.41 5.74
N ARG H 189 1.69 -39.86 4.68
CA ARG H 189 2.12 -38.96 3.63
C ARG H 189 0.94 -38.60 2.72
N ASN H 190 0.92 -37.36 2.24
CA ASN H 190 -0.09 -36.86 1.31
C ASN H 190 0.28 -37.27 -0.11
N PRO H 191 -0.47 -38.17 -0.73
CA PRO H 191 -0.08 -38.71 -2.05
C PRO H 191 -0.64 -37.96 -3.25
N SER H 192 -1.34 -36.84 -3.02
CA SER H 192 -2.05 -36.17 -4.11
C SER H 192 -1.12 -35.81 -5.26
N TYR H 193 0.01 -35.15 -4.96
CA TYR H 193 0.92 -34.74 -6.03
C TYR H 193 1.44 -35.95 -6.80
N TYR H 194 1.84 -37.01 -6.09
CA TYR H 194 2.40 -38.19 -6.76
C TYR H 194 1.32 -39.04 -7.43
N LEU H 195 0.10 -39.03 -6.89
CA LEU H 195 -1.00 -39.70 -7.59
C LEU H 195 -1.27 -39.02 -8.93
N TRP H 196 -1.51 -37.71 -8.89
CA TRP H 196 -2.02 -37.01 -10.06
C TRP H 196 -0.92 -36.68 -11.07
N SER H 197 0.24 -36.22 -10.62
CA SER H 197 1.27 -35.82 -11.55
C SER H 197 2.28 -36.92 -11.87
N PHE H 198 2.22 -38.06 -11.17
CA PHE H 198 3.13 -39.16 -11.49
C PHE H 198 2.41 -40.44 -11.88
N ILE H 199 1.50 -40.97 -11.05
CA ILE H 199 0.94 -42.29 -11.31
C ILE H 199 0.01 -42.25 -12.53
N LEU H 200 -0.93 -41.31 -12.54
CA LEU H 200 -1.90 -41.23 -13.63
C LEU H 200 -1.24 -40.99 -14.99
N PRO H 201 -0.32 -40.03 -15.15
CA PRO H 201 0.35 -39.90 -16.46
C PRO H 201 1.13 -41.13 -16.85
N LEU H 202 1.75 -41.82 -15.87
CA LEU H 202 2.51 -43.02 -16.18
C LEU H 202 1.61 -44.13 -16.72
N GLY H 203 0.46 -44.33 -16.07
CA GLY H 203 -0.51 -45.30 -16.57
C GLY H 203 -1.04 -44.93 -17.94
N LEU H 204 -1.27 -43.63 -18.16
CA LEU H 204 -1.73 -43.19 -19.48
C LEU H 204 -0.69 -43.49 -20.55
N ILE H 205 0.59 -43.25 -20.23
CA ILE H 205 1.67 -43.55 -21.16
C ILE H 205 1.73 -45.05 -21.43
N ILE H 206 1.52 -45.87 -20.40
CA ILE H 206 1.56 -47.32 -20.57
C ILE H 206 0.42 -47.80 -21.47
N ALA H 207 -0.78 -47.23 -21.29
CA ALA H 207 -1.87 -47.58 -22.19
C ALA H 207 -1.55 -47.18 -23.62
N ALA H 208 -1.06 -45.95 -23.80
CA ALA H 208 -0.66 -45.52 -25.14
C ALA H 208 0.38 -46.47 -25.72
N SER H 209 1.29 -46.98 -24.89
CA SER H 209 2.26 -47.94 -25.36
C SER H 209 1.58 -49.22 -25.84
N TRP H 210 0.55 -49.66 -25.12
CA TRP H 210 -0.25 -50.80 -25.56
C TRP H 210 -0.91 -50.54 -26.91
N SER H 211 -1.25 -49.27 -27.19
CA SER H 211 -1.93 -48.92 -28.45
C SER H 211 -1.03 -49.13 -29.71
N VAL H 212 0.16 -49.71 -29.56
CA VAL H 212 1.06 -49.86 -30.70
C VAL H 212 0.58 -50.95 -31.65
N PHE H 213 -0.10 -51.98 -31.14
CA PHE H 213 -0.48 -53.12 -31.96
C PHE H 213 -1.52 -52.78 -33.02
N TRP H 214 -2.11 -51.58 -32.97
CA TRP H 214 -3.10 -51.15 -33.97
C TRP H 214 -2.47 -50.58 -35.23
N LEU H 215 -1.15 -50.68 -35.40
CA LEU H 215 -0.52 -50.29 -36.65
C LEU H 215 -0.59 -51.44 -37.65
N GLU H 216 -0.74 -51.09 -38.93
CA GLU H 216 -0.89 -52.11 -39.97
C GLU H 216 0.45 -52.73 -40.35
N SER H 217 1.46 -51.90 -40.59
CA SER H 217 2.76 -52.39 -41.02
C SER H 217 3.61 -52.87 -39.84
N PHE H 218 4.54 -53.79 -40.13
CA PHE H 218 5.46 -54.27 -39.12
C PHE H 218 6.51 -53.21 -38.77
N SER H 219 7.06 -52.56 -39.80
CA SER H 219 8.05 -51.51 -39.57
C SER H 219 7.48 -50.40 -38.70
N GLU H 220 6.23 -49.99 -38.95
CA GLU H 220 5.59 -48.97 -38.13
C GLU H 220 5.57 -49.37 -36.66
N ARG H 221 5.11 -50.59 -36.38
CA ARG H 221 5.03 -51.07 -35.00
C ARG H 221 6.42 -51.09 -34.34
N LEU H 222 7.40 -51.71 -35.01
CA LEU H 222 8.70 -51.85 -34.38
C LEU H 222 9.37 -50.50 -34.16
N GLN H 223 9.26 -49.59 -35.13
CA GLN H 223 9.85 -48.26 -34.98
C GLN H 223 9.17 -47.48 -33.86
N THR H 224 7.85 -47.59 -33.75
CA THR H 224 7.13 -46.89 -32.69
C THR H 224 7.49 -47.42 -31.31
N SER H 225 7.80 -48.73 -31.22
CA SER H 225 8.21 -49.28 -29.93
C SER H 225 9.39 -48.53 -29.35
N PHE H 226 10.33 -48.10 -30.19
CA PHE H 226 11.52 -47.43 -29.69
C PHE H 226 11.20 -46.01 -29.22
N THR H 227 10.31 -45.31 -29.93
CA THR H 227 9.84 -44.02 -29.45
C THR H 227 9.15 -44.18 -28.10
N LEU H 228 8.43 -45.29 -27.90
CA LEU H 228 7.81 -45.56 -26.62
C LEU H 228 8.86 -45.80 -25.53
N MET H 229 9.90 -46.56 -25.86
CA MET H 229 11.01 -46.77 -24.93
C MET H 229 11.62 -45.43 -24.52
N LEU H 230 11.87 -44.56 -25.50
CA LEU H 230 12.46 -43.25 -25.20
C LEU H 230 11.52 -42.40 -24.34
N THR H 231 10.22 -42.48 -24.62
CA THR H 231 9.25 -41.77 -23.79
C THR H 231 9.34 -42.23 -22.35
N VAL H 232 9.38 -43.56 -22.15
CA VAL H 232 9.47 -44.10 -20.80
C VAL H 232 10.78 -43.67 -20.12
N VAL H 233 11.86 -43.59 -20.89
CA VAL H 233 13.15 -43.19 -20.33
C VAL H 233 13.09 -41.74 -19.85
N ALA H 234 12.56 -40.85 -20.71
CA ALA H 234 12.43 -39.46 -20.31
C ALA H 234 11.52 -39.30 -19.10
N TYR H 235 10.44 -40.09 -19.05
CA TYR H 235 9.54 -40.01 -17.90
C TYR H 235 10.21 -40.47 -16.63
N ALA H 236 10.94 -41.59 -16.68
CA ALA H 236 11.65 -42.08 -15.51
C ALA H 236 12.72 -41.09 -15.06
N PHE H 237 13.32 -40.40 -16.01
CA PHE H 237 14.30 -39.37 -15.68
C PHE H 237 13.64 -38.22 -14.92
N TYR H 238 12.54 -37.69 -15.45
CA TYR H 238 11.78 -36.65 -14.77
C TYR H 238 11.40 -37.08 -13.35
N THR H 239 10.80 -38.27 -13.24
CA THR H 239 10.51 -38.90 -11.97
C THR H 239 11.71 -38.85 -11.03
N SER H 240 12.82 -39.48 -11.42
CA SER H 240 13.94 -39.62 -10.51
C SER H 240 14.55 -38.28 -10.14
N ASN H 241 14.46 -37.28 -11.03
CA ASN H 241 14.95 -35.96 -10.65
C ASN H 241 14.05 -35.33 -9.59
N ILE H 242 12.77 -35.63 -9.61
CA ILE H 242 11.88 -35.06 -8.60
C ILE H 242 11.87 -35.92 -7.33
N LEU H 243 11.74 -37.23 -7.47
CA LEU H 243 11.51 -38.10 -6.32
C LEU H 243 12.74 -38.15 -5.41
N PRO H 244 12.54 -38.46 -4.12
CA PRO H 244 13.67 -38.43 -3.18
C PRO H 244 14.63 -39.57 -3.41
N ARG H 245 15.92 -39.31 -3.16
CA ARG H 245 16.91 -40.37 -3.27
C ARG H 245 16.59 -41.45 -2.23
N LEU H 246 16.77 -42.70 -2.63
CA LEU H 246 16.48 -43.84 -1.76
C LEU H 246 17.33 -45.01 -2.18
N PRO H 247 17.57 -45.98 -1.31
CA PRO H 247 18.36 -47.16 -1.65
C PRO H 247 17.57 -48.37 -2.13
N TYR H 248 16.25 -48.24 -2.32
CA TYR H 248 15.41 -49.35 -2.77
C TYR H 248 14.35 -48.83 -3.72
N THR H 249 13.67 -49.75 -4.40
CA THR H 249 12.70 -49.37 -5.42
C THR H 249 11.40 -48.89 -4.74
N THR H 250 10.96 -47.69 -5.10
CA THR H 250 9.66 -47.26 -4.65
C THR H 250 8.56 -47.93 -5.48
N VAL H 251 7.31 -47.74 -5.06
CA VAL H 251 6.18 -48.23 -5.84
C VAL H 251 6.20 -47.63 -7.24
N ILE H 252 6.48 -46.32 -7.33
CA ILE H 252 6.56 -45.63 -8.61
C ILE H 252 7.70 -46.21 -9.46
N ASP H 253 8.85 -46.51 -8.83
CA ASP H 253 9.92 -47.20 -9.54
C ASP H 253 9.46 -48.56 -10.06
N GLN H 254 8.61 -49.26 -9.29
CA GLN H 254 8.06 -50.53 -9.74
C GLN H 254 7.17 -50.32 -10.96
N MET H 255 6.39 -49.24 -10.97
CA MET H 255 5.56 -48.94 -12.13
C MET H 255 6.42 -48.65 -13.35
N ILE H 256 7.51 -47.92 -13.16
CA ILE H 256 8.42 -47.60 -14.27
C ILE H 256 8.99 -48.90 -14.85
N ILE H 257 9.48 -49.78 -13.97
CA ILE H 257 10.01 -51.06 -14.42
C ILE H 257 8.92 -51.86 -15.13
N ALA H 258 7.67 -51.73 -14.66
CA ALA H 258 6.56 -52.43 -15.29
C ALA H 258 6.34 -51.94 -16.71
N GLY H 259 6.42 -50.62 -16.91
CA GLY H 259 6.33 -50.06 -18.25
C GLY H 259 7.46 -50.53 -19.13
N TYR H 260 8.69 -50.54 -18.58
CA TYR H 260 9.84 -51.06 -19.31
C TYR H 260 9.59 -52.49 -19.78
N GLY H 261 9.17 -53.36 -18.87
CA GLY H 261 8.95 -54.75 -19.21
C GLY H 261 7.80 -54.92 -20.19
N SER H 262 6.77 -54.10 -20.07
CA SER H 262 5.66 -54.13 -21.01
C SER H 262 6.15 -53.82 -22.42
N ILE H 263 6.93 -52.75 -22.57
CA ILE H 263 7.44 -52.37 -23.88
C ILE H 263 8.37 -53.44 -24.43
N PHE H 264 9.23 -54.01 -23.57
CA PHE H 264 10.20 -54.99 -24.06
C PHE H 264 9.49 -56.28 -24.50
N ALA H 265 8.51 -56.74 -23.71
CA ALA H 265 7.75 -57.91 -24.11
C ALA H 265 6.94 -57.65 -25.37
N ALA H 266 6.49 -56.40 -25.55
CA ALA H 266 5.81 -56.03 -26.79
C ALA H 266 6.75 -56.13 -27.99
N ILE H 267 7.99 -55.68 -27.82
CA ILE H 267 8.98 -55.81 -28.90
C ILE H 267 9.23 -57.28 -29.22
N LEU H 268 9.38 -58.09 -28.17
CA LEU H 268 9.57 -59.53 -28.36
C LEU H 268 8.42 -60.13 -29.15
N LEU H 269 7.18 -59.78 -28.78
CA LEU H 269 6.01 -60.33 -29.46
C LEU H 269 5.92 -59.83 -30.90
N ILE H 270 6.34 -58.59 -31.16
CA ILE H 270 6.33 -58.05 -32.52
C ILE H 270 7.27 -58.87 -33.41
N ILE H 271 8.51 -59.05 -32.94
CA ILE H 271 9.47 -59.85 -33.71
C ILE H 271 8.96 -61.29 -33.87
N PHE H 272 8.40 -61.87 -32.80
CA PHE H 272 7.86 -63.21 -32.86
C PHE H 272 6.78 -63.34 -33.93
N ALA H 273 5.82 -62.40 -33.94
CA ALA H 273 4.76 -62.43 -34.93
C ALA H 273 5.33 -62.30 -36.34
N HIS H 274 6.35 -61.46 -36.53
CA HIS H 274 6.92 -61.34 -37.87
C HIS H 274 7.63 -62.61 -38.31
N HIS H 275 8.25 -63.36 -37.38
CA HIS H 275 9.01 -64.55 -37.74
C HIS H 275 8.54 -65.83 -37.04
N ARG H 276 7.24 -65.96 -36.74
CA ARG H 276 6.81 -67.20 -36.10
C ARG H 276 6.64 -68.34 -37.11
N GLN H 277 5.72 -68.18 -38.04
CA GLN H 277 5.23 -69.30 -38.83
C GLN H 277 6.24 -69.74 -39.88
N ALA H 278 6.02 -70.92 -40.44
CA ALA H 278 6.84 -71.42 -41.53
C ALA H 278 6.70 -70.51 -42.75
N ASN H 279 7.81 -70.36 -43.47
CA ASN H 279 7.93 -69.40 -44.57
C ASN H 279 7.62 -67.97 -44.10
N GLY H 280 7.82 -67.70 -42.82
CA GLY H 280 7.70 -66.37 -42.27
C GLY H 280 6.33 -65.74 -42.33
N VAL H 281 5.26 -66.54 -42.27
CA VAL H 281 3.91 -65.99 -42.29
C VAL H 281 3.72 -65.06 -41.10
N GLU H 282 3.14 -63.88 -41.36
CA GLU H 282 3.07 -62.84 -40.33
C GLU H 282 2.23 -63.24 -39.13
N ASP H 283 1.31 -64.20 -39.29
CA ASP H 283 0.40 -64.62 -38.22
C ASP H 283 -0.21 -63.39 -37.54
N ASP H 284 -1.04 -62.69 -38.32
CA ASP H 284 -1.68 -61.48 -37.83
C ASP H 284 -2.70 -61.79 -36.74
N LEU H 285 -3.20 -63.02 -36.71
CA LEU H 285 -4.11 -63.42 -35.64
C LEU H 285 -3.47 -63.21 -34.27
N LEU H 286 -2.17 -63.50 -34.14
CA LEU H 286 -1.47 -63.31 -32.87
C LEU H 286 -1.44 -61.82 -32.50
N ILE H 287 -1.18 -60.95 -33.46
CA ILE H 287 -1.14 -59.51 -33.17
C ILE H 287 -2.52 -59.01 -32.74
N GLN H 288 -3.57 -59.43 -33.46
CA GLN H 288 -4.91 -58.97 -33.12
C GLN H 288 -5.36 -59.52 -31.77
N ARG H 289 -4.99 -60.76 -31.46
CA ARG H 289 -5.29 -61.33 -30.15
C ARG H 289 -4.58 -60.57 -29.05
N CYS H 290 -3.27 -60.38 -29.18
CA CYS H 290 -2.51 -59.73 -28.12
C CYS H 290 -2.91 -58.28 -27.95
N ARG H 291 -3.33 -57.61 -29.03
CA ARG H 291 -3.74 -56.21 -28.97
C ARG H 291 -4.78 -55.97 -27.88
N LEU H 292 -5.57 -56.99 -27.53
CA LEU H 292 -6.52 -56.89 -26.43
C LEU H 292 -6.18 -57.79 -25.25
N ALA H 293 -5.51 -58.92 -25.49
CA ALA H 293 -5.19 -59.83 -24.39
C ALA H 293 -4.05 -59.29 -23.52
N PHE H 294 -3.16 -58.47 -24.08
CA PHE H 294 -2.05 -57.94 -23.31
C PHE H 294 -2.50 -57.03 -22.18
N PRO H 295 -3.50 -56.15 -22.35
CA PRO H 295 -4.07 -55.49 -21.16
C PRO H 295 -4.62 -56.47 -20.14
N LEU H 296 -5.23 -57.58 -20.57
CA LEU H 296 -5.76 -58.56 -19.63
C LEU H 296 -4.65 -59.18 -18.79
N GLY H 297 -3.61 -59.70 -19.45
CA GLY H 297 -2.51 -60.30 -18.73
C GLY H 297 -1.76 -59.30 -17.87
N PHE H 298 -1.58 -58.08 -18.38
CA PHE H 298 -0.91 -57.02 -17.62
C PHE H 298 -1.69 -56.66 -16.35
N LEU H 299 -3.01 -56.51 -16.48
CA LEU H 299 -3.83 -56.14 -15.34
C LEU H 299 -3.94 -57.29 -14.34
N ALA H 300 -3.97 -58.54 -14.81
CA ALA H 300 -3.96 -59.66 -13.88
C ALA H 300 -2.64 -59.74 -13.13
N ILE H 301 -1.52 -59.53 -13.84
CA ILE H 301 -0.20 -59.51 -13.20
C ILE H 301 -0.15 -58.40 -12.16
N GLY H 302 -0.70 -57.23 -12.47
CA GLY H 302 -0.68 -56.13 -11.51
C GLY H 302 -1.57 -56.39 -10.30
N CYS H 303 -2.75 -56.98 -10.53
CA CYS H 303 -3.66 -57.30 -9.43
C CYS H 303 -3.00 -58.29 -8.47
N VAL H 304 -2.37 -59.34 -9.01
CA VAL H 304 -1.68 -60.30 -8.15
C VAL H 304 -0.37 -59.72 -7.59
N LEU H 305 0.17 -58.67 -8.20
CA LEU H 305 1.42 -58.07 -7.75
C LEU H 305 1.25 -57.20 -6.51
N VAL H 306 0.05 -57.11 -5.94
CA VAL H 306 -0.16 -56.40 -4.68
C VAL H 306 0.13 -57.36 -3.54
N ILE H 307 0.63 -58.55 -3.88
CA ILE H 307 1.09 -59.56 -2.90
C ILE H 307 2.13 -58.97 -1.96
N PRO I 1 2.30 -4.79 36.17
CA PRO I 1 2.13 -4.93 34.71
C PRO I 1 2.90 -3.85 33.91
N VAL I 2 4.05 -4.24 33.37
CA VAL I 2 4.96 -3.31 32.70
C VAL I 2 4.44 -3.01 31.31
N ASP I 3 4.36 -1.73 30.95
CA ASP I 3 3.94 -1.34 29.61
C ASP I 3 5.16 -1.32 28.68
N VAL I 4 5.06 -2.08 27.58
CA VAL I 4 6.13 -2.20 26.60
C VAL I 4 5.62 -1.67 25.27
N SER I 5 6.36 -0.71 24.70
CA SER I 5 6.05 -0.17 23.39
C SER I 5 7.08 -0.73 22.42
N VAL I 6 6.62 -1.35 21.35
CA VAL I 6 7.51 -2.01 20.42
C VAL I 6 7.46 -1.28 19.08
N SER I 7 8.46 -1.54 18.26
CA SER I 7 8.52 -1.06 16.89
C SER I 7 9.36 -2.05 16.11
N ILE I 8 8.81 -2.59 15.03
CA ILE I 8 9.46 -3.62 14.23
C ILE I 8 9.71 -3.05 12.85
N PHE I 9 10.97 -2.90 12.49
CA PHE I 9 11.33 -2.46 11.16
C PHE I 9 11.58 -3.68 10.30
N ILE I 10 11.00 -3.70 9.10
CA ILE I 10 11.15 -4.83 8.19
C ILE I 10 11.95 -4.36 7.00
N ASN I 11 13.19 -4.83 6.91
CA ASN I 11 14.07 -4.40 5.83
C ASN I 11 13.82 -5.22 4.57
N LYS I 12 13.72 -6.54 4.71
CA LYS I 12 13.50 -7.35 3.52
C LYS I 12 12.81 -8.66 3.89
N ILE I 13 11.97 -9.14 2.98
CA ILE I 13 11.33 -10.44 3.06
C ILE I 13 11.69 -11.22 1.80
N TYR I 14 12.20 -12.44 1.99
CA TYR I 14 12.70 -13.22 0.86
C TYR I 14 12.77 -14.68 1.29
N GLY I 15 13.45 -15.51 0.49
CA GLY I 15 13.73 -16.87 0.88
C GLY I 15 12.51 -17.70 1.22
N VAL I 16 11.52 -17.72 0.33
CA VAL I 16 10.35 -18.55 0.56
C VAL I 16 10.73 -20.01 0.40
N ASN I 17 10.36 -20.84 1.37
CA ASN I 17 10.57 -22.29 1.30
C ASN I 17 9.19 -22.93 1.20
N THR I 18 8.90 -23.50 0.02
CA THR I 18 7.56 -23.97 -0.26
C THR I 18 7.22 -25.20 0.57
N LEU I 19 8.14 -26.17 0.62
CA LEU I 19 7.86 -27.40 1.34
C LEU I 19 7.84 -27.17 2.85
N GLU I 20 8.73 -26.33 3.37
CA GLU I 20 8.78 -26.09 4.80
C GLU I 20 7.82 -25.01 5.27
N GLN I 21 7.27 -24.22 4.34
CA GLN I 21 6.41 -23.08 4.65
C GLN I 21 7.13 -22.09 5.56
N THR I 22 8.32 -21.66 5.13
CA THR I 22 9.11 -20.67 5.85
C THR I 22 9.48 -19.53 4.90
N TYR I 23 9.82 -18.39 5.51
CA TYR I 23 10.23 -17.21 4.77
C TYR I 23 11.19 -16.42 5.65
N LYS I 24 12.23 -15.86 5.04
CA LYS I 24 13.25 -15.13 5.78
C LYS I 24 12.90 -13.65 5.85
N VAL I 25 13.03 -13.08 7.05
CA VAL I 25 12.69 -11.69 7.33
C VAL I 25 13.89 -11.06 8.03
N ASP I 26 14.38 -9.96 7.48
CA ASP I 26 15.48 -9.20 8.04
C ASP I 26 14.98 -7.82 8.37
N GLY I 27 15.25 -7.38 9.59
CA GLY I 27 14.79 -6.07 10.02
C GLY I 27 15.27 -5.74 11.41
N TYR I 28 14.64 -4.74 12.02
CA TYR I 28 14.99 -4.30 13.37
C TYR I 28 13.80 -4.47 14.31
N ILE I 29 14.11 -4.56 15.61
CA ILE I 29 13.09 -4.62 16.64
C ILE I 29 13.51 -3.68 17.76
N VAL I 30 12.57 -2.82 18.19
CA VAL I 30 12.80 -1.88 19.27
C VAL I 30 11.73 -2.13 20.33
N ALA I 31 12.12 -2.06 21.60
CA ALA I 31 11.20 -2.24 22.71
C ALA I 31 11.52 -1.23 23.79
N GLN I 32 10.51 -0.56 24.32
CA GLN I 32 10.69 0.51 25.30
C GLN I 32 9.81 0.29 26.52
N TRP I 33 10.36 0.53 27.70
CA TRP I 33 9.55 0.55 28.91
C TRP I 33 10.13 1.59 29.86
N THR I 34 9.45 1.78 30.99
CA THR I 34 9.80 2.81 31.97
C THR I 34 10.05 2.15 33.32
N GLY I 35 11.24 2.36 33.86
CA GLY I 35 11.61 1.80 35.14
C GLY I 35 11.92 2.91 36.12
N LYS I 36 12.56 2.58 37.23
CA LYS I 36 12.94 3.60 38.18
C LYS I 36 13.93 4.56 37.52
N PRO I 37 13.88 5.85 37.85
CA PRO I 37 14.85 6.80 37.28
C PRO I 37 16.27 6.41 37.63
N ARG I 38 17.23 7.02 36.94
CA ARG I 38 18.61 6.54 37.03
C ARG I 38 19.58 7.68 36.80
N LYS I 39 20.76 7.56 37.40
CA LYS I 39 21.86 8.48 37.21
C LYS I 39 22.70 8.04 36.02
N THR I 40 22.91 8.94 35.08
CA THR I 40 23.76 8.73 33.92
C THR I 40 24.96 9.66 34.00
N PRO I 41 25.99 9.44 33.17
CA PRO I 41 27.02 10.46 33.01
C PRO I 41 26.41 11.72 32.41
N GLY I 42 26.34 12.81 33.18
CA GLY I 42 25.50 13.92 32.80
C GLY I 42 24.03 13.50 32.85
N ASP I 43 23.16 14.37 32.35
CA ASP I 43 21.77 13.99 32.22
C ASP I 43 21.44 13.37 30.86
N LYS I 44 22.46 13.16 30.03
CA LYS I 44 22.23 12.56 28.73
C LYS I 44 22.08 11.05 28.86
N PRO I 45 21.25 10.43 28.03
CA PRO I 45 21.06 8.98 28.13
C PRO I 45 22.34 8.23 27.80
N LEU I 46 22.46 7.04 28.41
CA LEU I 46 23.65 6.22 28.24
C LEU I 46 23.39 5.18 27.16
N ILE I 47 24.43 4.86 26.40
CA ILE I 47 24.36 3.90 25.30
C ILE I 47 25.22 2.70 25.67
N VAL I 48 24.65 1.51 25.52
CA VAL I 48 25.31 0.26 25.85
C VAL I 48 25.28 -0.63 24.60
N GLU I 49 26.41 -1.21 24.26
CA GLU I 49 26.57 -1.95 23.02
C GLU I 49 26.86 -3.41 23.36
N ASN I 50 26.64 -4.27 22.36
CA ASN I 50 26.32 -5.69 22.52
C ASN I 50 26.88 -6.37 23.78
N THR I 51 28.20 -6.47 23.88
CA THR I 51 28.79 -7.25 24.96
C THR I 51 28.43 -6.63 26.31
N GLN I 52 28.64 -5.32 26.43
CA GLN I 52 28.38 -4.63 27.70
C GLN I 52 26.97 -4.85 28.20
N ILE I 53 26.02 -5.10 27.28
CA ILE I 53 24.63 -5.33 27.70
C ILE I 53 24.59 -6.42 28.78
N GLU I 54 25.25 -7.55 28.51
CA GLU I 54 25.21 -8.67 29.45
C GLU I 54 25.72 -8.24 30.82
N ARG I 55 26.79 -7.43 30.85
CA ARG I 55 27.32 -6.93 32.12
C ARG I 55 26.21 -6.27 32.93
N TRP I 56 25.45 -5.38 32.29
CA TRP I 56 24.41 -4.64 32.99
C TRP I 56 23.34 -5.58 33.54
N ILE I 57 23.12 -6.72 32.90
CA ILE I 57 22.14 -7.68 33.39
C ILE I 57 22.62 -8.31 34.70
N ASN I 58 23.92 -8.59 34.80
CA ASN I 58 24.45 -9.23 36.00
C ASN I 58 24.38 -8.32 37.22
N ASN I 59 24.28 -7.00 37.02
CA ASN I 59 24.21 -6.04 38.11
C ASN I 59 22.77 -5.79 38.56
N GLY I 60 21.81 -6.53 38.01
CA GLY I 60 20.43 -6.45 38.45
C GLY I 60 19.47 -5.90 37.42
N LEU I 61 19.93 -5.56 36.21
CA LEU I 61 19.05 -4.99 35.21
C LEU I 61 18.05 -6.04 34.73
N TRP I 62 16.80 -5.61 34.58
CA TRP I 62 15.71 -6.47 34.15
C TRP I 62 15.52 -6.27 32.65
N VAL I 63 15.89 -7.27 31.86
CA VAL I 63 15.67 -7.22 30.43
C VAL I 63 14.86 -8.44 30.02
N PRO I 64 13.60 -8.28 29.64
CA PRO I 64 12.78 -9.46 29.30
C PRO I 64 13.16 -10.05 27.95
N ALA I 65 13.01 -11.37 27.85
CA ALA I 65 13.29 -12.09 26.61
C ALA I 65 12.02 -12.14 25.80
N LEU I 66 12.03 -11.49 24.64
CA LEU I 66 10.88 -11.47 23.75
C LEU I 66 11.13 -12.47 22.63
N GLU I 67 10.27 -13.48 22.53
CA GLU I 67 10.44 -14.57 21.59
C GLU I 67 9.56 -14.37 20.36
N PHE I 68 10.15 -14.55 19.17
CA PHE I 68 9.35 -14.69 17.98
C PHE I 68 8.70 -16.07 18.02
N ILE I 69 7.37 -16.08 18.14
CA ILE I 69 6.65 -17.33 18.32
C ILE I 69 6.84 -18.22 17.10
N ASN I 70 6.48 -17.70 15.93
CA ASN I 70 6.50 -18.45 14.68
C ASN I 70 7.89 -18.52 14.03
N VAL I 71 8.97 -18.25 14.77
CA VAL I 71 10.31 -18.35 14.19
C VAL I 71 10.76 -19.80 14.14
N VAL I 72 11.81 -20.06 13.35
CA VAL I 72 12.39 -21.39 13.17
C VAL I 72 13.83 -21.29 13.67
N GLY I 73 14.06 -21.71 14.92
CA GLY I 73 15.37 -21.69 15.49
C GLY I 73 15.84 -20.30 15.89
N SER I 74 16.94 -20.21 16.61
CA SER I 74 17.46 -18.91 17.03
C SER I 74 17.81 -18.08 15.80
N PRO I 75 17.18 -16.92 15.60
CA PRO I 75 17.54 -16.07 14.46
C PRO I 75 18.92 -15.46 14.66
N ASP I 76 19.45 -14.89 13.58
CA ASP I 76 20.80 -14.31 13.61
C ASP I 76 20.66 -12.88 14.10
N THR I 77 20.80 -12.71 15.41
CA THR I 77 20.70 -11.39 16.03
C THR I 77 22.00 -10.64 15.80
N GLY I 78 21.92 -9.52 15.09
CA GLY I 78 23.09 -8.70 14.79
C GLY I 78 23.49 -7.82 15.95
N ASN I 79 23.78 -6.54 15.68
CA ASN I 79 24.13 -5.62 16.76
C ASN I 79 22.92 -5.32 17.62
N LYS I 80 23.18 -5.13 18.92
CA LYS I 80 22.12 -4.78 19.86
C LYS I 80 22.63 -3.68 20.79
N ARG I 81 21.70 -2.83 21.21
CA ARG I 81 22.03 -1.68 22.02
C ARG I 81 20.96 -1.49 23.08
N LEU I 82 21.39 -0.97 24.22
CA LEU I 82 20.51 -0.51 25.27
C LEU I 82 20.68 1.00 25.43
N MET I 83 19.58 1.73 25.38
CA MET I 83 19.58 3.15 25.65
C MET I 83 18.87 3.36 26.97
N LEU I 84 19.58 3.95 27.93
CA LEU I 84 19.08 4.13 29.29
C LEU I 84 18.88 5.62 29.54
N PHE I 85 17.71 5.98 29.93
CA PHE I 85 17.41 7.39 30.14
C PHE I 85 17.39 7.70 31.63
N PRO I 86 17.74 8.93 32.01
CA PRO I 86 17.73 9.29 33.44
C PRO I 86 16.34 9.24 34.05
N ASP I 87 15.29 9.50 33.26
CA ASP I 87 13.92 9.45 33.75
C ASP I 87 13.40 8.04 33.95
N GLY I 88 14.21 7.02 33.69
CA GLY I 88 13.82 5.63 33.87
C GLY I 88 13.54 4.88 32.59
N ARG I 89 13.38 5.57 31.46
CA ARG I 89 13.10 4.89 30.20
C ARG I 89 14.26 3.96 29.85
N VAL I 90 13.91 2.83 29.24
CA VAL I 90 14.85 1.82 28.77
C VAL I 90 14.40 1.41 27.38
N ILE I 91 15.33 1.43 26.43
CA ILE I 91 15.02 1.11 25.03
C ILE I 91 16.02 0.07 24.56
N TYR I 92 15.52 -1.04 24.05
CA TYR I 92 16.29 -2.15 23.53
C TYR I 92 16.13 -2.14 22.02
N ASN I 93 17.25 -2.07 21.30
CA ASN I 93 17.22 -1.98 19.84
C ASN I 93 18.12 -3.09 19.31
N ALA I 94 17.58 -3.92 18.42
CA ALA I 94 18.34 -5.07 17.95
C ALA I 94 18.01 -5.39 16.50
N ARG I 95 19.05 -5.67 15.73
CA ARG I 95 18.89 -6.14 14.36
C ARG I 95 18.69 -7.65 14.38
N PHE I 96 17.77 -8.15 13.57
CA PHE I 96 17.45 -9.57 13.56
C PHE I 96 17.14 -10.04 12.15
N LEU I 97 17.68 -11.21 11.80
CA LEU I 97 17.33 -11.92 10.59
C LEU I 97 16.96 -13.33 10.94
N GLY I 98 15.79 -13.77 10.49
CA GLY I 98 15.30 -15.09 10.88
C GLY I 98 14.35 -15.69 9.88
N SER I 99 14.25 -17.01 9.95
CA SER I 99 13.31 -17.76 9.13
C SER I 99 12.06 -18.03 9.96
N PHE I 100 10.91 -17.60 9.43
CA PHE I 100 9.65 -17.65 10.15
C PHE I 100 8.68 -18.56 9.41
N SER I 101 7.74 -19.14 10.16
CA SER I 101 6.78 -20.09 9.64
C SER I 101 5.37 -19.49 9.74
N ASN I 102 4.52 -19.94 8.83
CA ASN I 102 3.11 -19.60 8.79
C ASN I 102 2.47 -20.54 7.78
N ASP I 103 1.18 -20.79 7.95
CA ASP I 103 0.45 -21.60 6.98
C ASP I 103 0.46 -20.90 5.63
N MET I 104 0.99 -21.58 4.61
CA MET I 104 1.09 -21.00 3.27
C MET I 104 0.53 -21.99 2.27
N ASP I 105 -0.45 -21.54 1.49
CA ASP I 105 -1.15 -22.38 0.54
C ASP I 105 -0.69 -22.02 -0.87
N PHE I 106 -0.06 -22.98 -1.54
CA PHE I 106 0.51 -22.77 -2.87
C PHE I 106 -0.30 -23.48 -3.96
N ARG I 107 -1.57 -23.79 -3.68
CA ARG I 107 -2.35 -24.57 -4.64
C ARG I 107 -2.60 -23.78 -5.92
N LEU I 108 -2.86 -22.47 -5.80
CA LEU I 108 -3.17 -21.65 -6.95
C LEU I 108 -1.92 -21.08 -7.62
N PHE I 109 -0.75 -21.65 -7.34
CA PHE I 109 0.48 -21.19 -7.97
C PHE I 109 0.35 -21.33 -9.49
N PRO I 110 0.86 -20.37 -10.27
CA PRO I 110 1.66 -19.21 -9.87
C PRO I 110 0.83 -17.99 -9.53
N PHE I 111 -0.48 -18.17 -9.34
CA PHE I 111 -1.36 -17.08 -8.97
C PHE I 111 -1.65 -17.01 -7.48
N ASP I 112 -0.90 -17.74 -6.66
CA ASP I 112 -1.14 -17.78 -5.23
C ASP I 112 -0.93 -16.42 -4.58
N ARG I 113 -1.54 -16.25 -3.42
CA ARG I 113 -1.40 -15.06 -2.60
C ARG I 113 -1.18 -15.50 -1.17
N GLN I 114 -0.20 -14.88 -0.50
CA GLN I 114 0.20 -15.28 0.85
C GLN I 114 0.17 -14.06 1.77
N GLN I 115 0.47 -14.28 3.05
CA GLN I 115 0.66 -13.20 4.01
C GLN I 115 1.74 -13.61 5.00
N PHE I 116 2.80 -12.82 5.07
CA PHE I 116 3.91 -13.09 5.97
C PHE I 116 3.56 -12.58 7.37
N VAL I 117 3.63 -13.47 8.36
CA VAL I 117 3.21 -13.10 9.71
C VAL I 117 4.42 -13.19 10.63
N LEU I 118 4.40 -12.34 11.66
CA LEU I 118 5.37 -12.30 12.73
C LEU I 118 4.62 -12.34 14.04
N GLU I 119 5.12 -13.11 15.01
CA GLU I 119 4.45 -13.24 16.30
C GLU I 119 5.46 -13.05 17.42
N LEU I 120 5.28 -11.96 18.17
CA LEU I 120 6.13 -11.59 19.30
C LEU I 120 5.40 -11.89 20.59
N GLU I 121 6.12 -12.43 21.57
CA GLU I 121 5.47 -12.73 22.85
C GLU I 121 6.52 -12.75 23.94
N PRO I 122 6.23 -12.21 25.13
CA PRO I 122 7.18 -12.36 26.23
C PRO I 122 7.36 -13.83 26.56
N PHE I 123 8.62 -14.23 26.78
CA PHE I 123 8.91 -15.64 26.93
C PHE I 123 8.55 -16.15 28.32
N SER I 124 8.89 -15.40 29.36
CA SER I 124 8.74 -15.86 30.74
C SER I 124 7.70 -15.10 31.54
N TYR I 125 7.44 -13.84 31.22
CA TYR I 125 6.57 -13.00 32.03
C TYR I 125 5.16 -12.94 31.43
N ASN I 126 4.15 -13.08 32.29
CA ASN I 126 2.77 -13.17 31.83
C ASN I 126 2.19 -11.77 31.59
N ASN I 127 0.88 -11.69 31.33
CA ASN I 127 0.22 -10.41 31.06
C ASN I 127 -0.06 -9.62 32.33
N GLN I 128 -0.31 -10.32 33.45
CA GLN I 128 -0.43 -9.66 34.73
C GLN I 128 0.89 -9.06 35.20
N GLN I 129 2.00 -9.51 34.61
CA GLN I 129 3.33 -9.00 34.94
C GLN I 129 3.90 -8.08 33.87
N GLN I 130 3.58 -8.30 32.59
CA GLN I 130 4.17 -7.51 31.51
C GLN I 130 3.25 -7.52 30.30
N ARG I 131 2.84 -6.33 29.84
CA ARG I 131 1.82 -6.18 28.81
C ARG I 131 2.36 -5.35 27.65
N PHE I 132 1.82 -5.58 26.46
CA PHE I 132 2.17 -4.82 25.26
C PHE I 132 1.23 -3.64 25.10
N SER I 133 1.78 -2.44 24.91
CA SER I 133 0.98 -1.23 24.76
C SER I 133 0.86 -0.79 23.31
N ASP I 134 1.98 -0.65 22.60
CA ASP I 134 2.00 -0.07 21.27
C ASP I 134 2.76 -0.98 20.30
N ILE I 135 2.30 -0.99 19.04
CA ILE I 135 3.02 -1.59 17.92
C ILE I 135 3.22 -0.53 16.85
N GLN I 136 4.38 -0.58 16.20
CA GLN I 136 4.67 0.26 15.03
C GLN I 136 5.45 -0.61 14.06
N VAL I 137 4.87 -0.90 12.91
CA VAL I 137 5.52 -1.72 11.90
C VAL I 137 5.76 -0.83 10.69
N TYR I 138 7.02 -0.74 10.27
CA TYR I 138 7.40 0.10 9.15
C TYR I 138 7.92 -0.79 8.03
N THR I 139 7.34 -0.64 6.84
CA THR I 139 7.70 -1.42 5.68
C THR I 139 8.12 -0.47 4.57
N GLU I 140 9.21 -0.80 3.90
CA GLU I 140 9.67 0.01 2.78
C GLU I 140 8.69 -0.05 1.63
N ASN I 141 8.59 1.06 0.89
CA ASN I 141 7.61 1.15 -0.18
C ASN I 141 7.87 0.10 -1.26
N ALA I 142 9.09 0.09 -1.80
CA ALA I 142 9.52 -0.87 -2.82
C ALA I 142 8.49 -0.99 -3.94
N ASP I 143 8.19 0.14 -4.56
CA ASP I 143 7.15 0.26 -5.56
C ASP I 143 7.60 -0.16 -6.96
N ASN I 144 8.85 -0.59 -7.13
CA ASN I 144 9.30 -1.17 -8.40
C ASN I 144 8.85 -2.63 -8.44
N GLU I 145 7.52 -2.78 -8.57
CA GLU I 145 6.89 -4.07 -8.40
C GLU I 145 7.30 -5.05 -9.50
N GLU I 146 7.57 -4.54 -10.71
CA GLU I 146 7.86 -5.40 -11.86
C GLU I 146 9.05 -6.33 -11.61
N ILE I 147 10.00 -5.91 -10.77
CA ILE I 147 11.22 -6.68 -10.55
C ILE I 147 11.09 -7.65 -9.39
N ASP I 148 10.36 -7.27 -8.35
CA ASP I 148 10.32 -8.07 -7.15
C ASP I 148 9.46 -9.31 -7.36
N GLU I 149 9.84 -10.39 -6.67
CA GLU I 149 9.10 -11.64 -6.79
C GLU I 149 7.68 -11.49 -6.28
N TRP I 150 7.53 -10.81 -5.14
CA TRP I 150 6.24 -10.62 -4.50
C TRP I 150 5.86 -9.14 -4.53
N TRP I 151 4.55 -8.89 -4.57
CA TRP I 151 4.01 -7.54 -4.52
C TRP I 151 3.33 -7.38 -3.18
N ILE I 152 3.85 -6.46 -2.38
CA ILE I 152 3.20 -6.10 -1.12
C ILE I 152 1.95 -5.28 -1.43
N ARG I 153 0.87 -5.57 -0.72
CA ARG I 153 -0.40 -4.91 -1.04
C ARG I 153 -0.62 -3.63 -0.23
N GLY I 154 -0.24 -3.64 1.03
CA GLY I 154 -0.44 -2.50 1.89
C GLY I 154 0.56 -2.49 3.01
N LYS I 155 0.49 -1.44 3.82
CA LYS I 155 1.29 -1.36 5.03
C LYS I 155 0.91 -2.52 5.95
N ALA I 156 1.73 -2.79 6.95
CA ALA I 156 1.47 -3.95 7.77
C ALA I 156 0.23 -3.77 8.63
N SER I 157 -0.47 -4.86 8.86
CA SER I 157 -1.60 -4.91 9.80
C SER I 157 -1.15 -5.54 11.12
N THR I 158 -1.54 -4.93 12.24
CA THR I 158 -1.14 -5.42 13.54
C THR I 158 -2.33 -5.92 14.35
N HIS I 159 -2.04 -6.69 15.40
CA HIS I 159 -3.07 -7.21 16.28
C HIS I 159 -2.44 -7.61 17.61
N ILE I 160 -2.82 -6.90 18.69
CA ILE I 160 -2.49 -7.35 20.03
C ILE I 160 -3.61 -8.25 20.54
N SER I 161 -3.23 -9.37 21.14
CA SER I 161 -4.20 -10.29 21.72
C SER I 161 -3.64 -10.82 23.02
N ASP I 162 -4.49 -11.52 23.77
CA ASP I 162 -4.09 -12.16 25.02
C ASP I 162 -4.33 -13.66 24.86
N ILE I 163 -3.26 -14.43 24.99
CA ILE I 163 -3.26 -15.87 24.74
C ILE I 163 -3.35 -16.60 26.07
N ARG I 164 -4.22 -17.60 26.13
CA ARG I 164 -4.52 -18.36 27.34
C ARG I 164 -4.03 -19.78 27.13
N TYR I 165 -2.99 -20.18 27.86
CA TYR I 165 -2.50 -21.56 27.82
C TYR I 165 -3.25 -22.38 28.87
N ASP I 166 -4.10 -23.30 28.41
CA ASP I 166 -4.83 -24.16 29.34
C ASP I 166 -3.87 -25.05 30.10
N HIS I 167 -3.11 -25.88 29.39
CA HIS I 167 -2.22 -26.87 29.99
C HIS I 167 -1.04 -26.15 30.61
N LEU I 168 -1.11 -25.92 31.92
CA LEU I 168 -0.06 -25.19 32.63
C LEU I 168 0.10 -25.80 34.02
N SER I 169 0.77 -25.06 34.91
CA SER I 169 1.04 -25.54 36.25
C SER I 169 -0.25 -25.58 37.08
N SER I 170 -0.12 -26.08 38.31
CA SER I 170 -1.24 -26.23 39.23
C SER I 170 -1.20 -25.22 40.36
N VAL I 171 -0.12 -24.43 40.46
CA VAL I 171 -0.03 -23.36 41.45
C VAL I 171 -0.52 -22.02 40.92
N GLN I 172 -0.68 -21.89 39.60
CA GLN I 172 -1.02 -20.62 38.97
C GLN I 172 -2.54 -20.43 38.94
N PRO I 173 -3.11 -19.55 39.79
CA PRO I 173 -4.57 -19.40 39.81
C PRO I 173 -5.11 -18.78 38.53
N ASN I 174 -4.58 -17.61 38.18
CA ASN I 174 -5.05 -16.83 37.04
C ASN I 174 -3.94 -16.25 36.19
N GLN I 175 -2.66 -16.43 36.57
CA GLN I 175 -1.53 -15.90 35.82
C GLN I 175 -1.10 -16.89 34.75
N ASN I 176 -1.95 -17.03 33.74
CA ASN I 176 -1.69 -17.91 32.61
C ASN I 176 -1.94 -17.27 31.25
N GLU I 177 -2.13 -15.96 31.19
CA GLU I 177 -2.36 -15.25 29.94
C GLU I 177 -1.13 -14.43 29.57
N PHE I 178 -0.86 -14.34 28.26
CA PHE I 178 0.30 -13.62 27.75
C PHE I 178 -0.10 -12.62 26.66
N SER I 179 0.67 -11.54 26.57
CA SER I 179 0.42 -10.50 25.59
C SER I 179 1.16 -10.84 24.30
N ARG I 180 0.41 -11.06 23.22
CA ARG I 180 1.02 -11.45 21.95
C ARG I 180 0.77 -10.38 20.89
N ILE I 181 1.83 -9.95 20.22
CA ILE I 181 1.78 -9.04 19.09
C ILE I 181 1.83 -9.87 17.82
N THR I 182 0.94 -9.60 16.87
CA THR I 182 0.88 -10.33 15.61
C THR I 182 0.95 -9.30 14.49
N VAL I 183 1.90 -9.44 13.59
CA VAL I 183 2.06 -8.54 12.45
C VAL I 183 1.85 -9.36 11.18
N ARG I 184 1.05 -8.83 10.27
CA ARG I 184 0.70 -9.52 9.04
C ARG I 184 0.98 -8.60 7.86
N ILE I 185 1.52 -9.17 6.79
CA ILE I 185 1.82 -8.44 5.57
C ILE I 185 1.30 -9.25 4.40
N ASP I 186 0.22 -8.78 3.78
CA ASP I 186 -0.33 -9.49 2.64
C ASP I 186 0.56 -9.26 1.42
N ALA I 187 0.58 -10.25 0.52
CA ALA I 187 1.39 -10.15 -0.68
C ALA I 187 0.84 -11.08 -1.75
N VAL I 188 1.08 -10.72 -3.00
CA VAL I 188 0.59 -11.46 -4.16
C VAL I 188 1.78 -11.78 -5.06
N ARG I 189 1.81 -12.98 -5.62
CA ARG I 189 2.93 -13.38 -6.46
C ARG I 189 2.81 -12.79 -7.86
N ASN I 190 3.94 -12.35 -8.41
CA ASN I 190 4.02 -11.80 -9.75
C ASN I 190 4.09 -12.95 -10.76
N PRO I 191 3.06 -13.17 -11.55
CA PRO I 191 3.00 -14.36 -12.43
C PRO I 191 3.58 -14.18 -13.83
N SER I 192 4.18 -13.04 -14.14
CA SER I 192 4.64 -12.77 -15.51
C SER I 192 5.60 -13.86 -16.01
N TYR I 193 6.62 -14.18 -15.21
CA TYR I 193 7.62 -15.16 -15.63
C TYR I 193 6.98 -16.52 -15.92
N TYR I 194 6.09 -16.97 -15.03
CA TYR I 194 5.48 -18.28 -15.23
C TYR I 194 4.45 -18.25 -16.36
N LEU I 195 3.84 -17.08 -16.60
CA LEU I 195 2.97 -16.92 -17.76
C LEU I 195 3.76 -17.09 -19.06
N TRP I 196 4.84 -16.33 -19.20
CA TRP I 196 5.51 -16.26 -20.50
C TRP I 196 6.41 -17.45 -20.77
N SER I 197 7.22 -17.86 -19.79
CA SER I 197 8.18 -18.92 -20.05
C SER I 197 7.69 -20.30 -19.69
N PHE I 198 6.52 -20.42 -19.05
CA PHE I 198 5.99 -21.73 -18.73
C PHE I 198 4.62 -21.97 -19.34
N ILE I 199 3.64 -21.10 -19.09
CA ILE I 199 2.27 -21.38 -19.51
C ILE I 199 2.15 -21.31 -21.03
N LEU I 200 2.67 -20.25 -21.64
CA LEU I 200 2.58 -20.05 -23.08
C LEU I 200 3.24 -21.16 -23.89
N PRO I 201 4.47 -21.60 -23.60
CA PRO I 201 5.03 -22.72 -24.37
C PRO I 201 4.24 -24.01 -24.20
N LEU I 202 3.69 -24.25 -23.02
CA LEU I 202 2.87 -25.45 -22.80
C LEU I 202 1.61 -25.39 -23.67
N GLY I 203 0.97 -24.23 -23.73
CA GLY I 203 -0.18 -24.06 -24.61
C GLY I 203 0.21 -24.25 -26.07
N LEU I 204 1.39 -23.75 -26.45
CA LEU I 204 1.86 -23.93 -27.82
C LEU I 204 2.04 -25.41 -28.16
N ILE I 205 2.62 -26.18 -27.22
CA ILE I 205 2.79 -27.61 -27.42
C ILE I 205 1.44 -28.32 -27.53
N ILE I 206 0.48 -27.91 -26.70
CA ILE I 206 -0.84 -28.57 -26.73
C ILE I 206 -1.55 -28.27 -28.05
N ALA I 207 -1.46 -27.03 -28.52
CA ALA I 207 -2.06 -26.67 -29.81
C ALA I 207 -1.41 -27.44 -30.95
N ALA I 208 -0.07 -27.52 -30.95
CA ALA I 208 0.61 -28.35 -31.95
C ALA I 208 0.14 -29.80 -31.86
N SER I 209 -0.13 -30.29 -30.65
CA SER I 209 -0.64 -31.65 -30.50
C SER I 209 -1.98 -31.79 -31.18
N TRP I 210 -2.83 -30.77 -31.03
CA TRP I 210 -4.10 -30.74 -31.75
C TRP I 210 -3.89 -30.76 -33.25
N SER I 211 -2.77 -30.18 -33.72
CA SER I 211 -2.51 -30.10 -35.17
C SER I 211 -2.26 -31.47 -35.80
N VAL I 212 -2.43 -32.57 -35.07
CA VAL I 212 -2.14 -33.90 -35.63
C VAL I 212 -3.23 -34.31 -36.61
N PHE I 213 -4.47 -33.86 -36.39
CA PHE I 213 -5.61 -34.28 -37.20
C PHE I 213 -5.55 -33.75 -38.62
N TRP I 214 -4.62 -32.84 -38.94
CA TRP I 214 -4.42 -32.36 -40.30
C TRP I 214 -3.51 -33.28 -41.10
N LEU I 215 -3.15 -34.44 -40.54
CA LEU I 215 -2.40 -35.44 -41.27
C LEU I 215 -3.35 -36.28 -42.12
N GLU I 216 -2.88 -36.65 -43.32
CA GLU I 216 -3.75 -37.38 -44.23
C GLU I 216 -3.82 -38.86 -43.87
N SER I 217 -2.66 -39.50 -43.66
CA SER I 217 -2.63 -40.92 -43.39
C SER I 217 -2.93 -41.21 -41.92
N PHE I 218 -3.42 -42.43 -41.67
CA PHE I 218 -3.64 -42.89 -40.30
C PHE I 218 -2.32 -43.23 -39.62
N SER I 219 -1.44 -43.94 -40.33
CA SER I 219 -0.15 -44.30 -39.76
C SER I 219 0.64 -43.06 -39.34
N GLU I 220 0.62 -42.02 -40.18
CA GLU I 220 1.29 -40.77 -39.83
C GLU I 220 0.74 -40.20 -38.52
N ARG I 221 -0.59 -40.15 -38.41
CA ARG I 221 -1.23 -39.63 -37.20
C ARG I 221 -0.79 -40.40 -35.96
N LEU I 222 -0.93 -41.72 -36.00
CA LEU I 222 -0.62 -42.50 -34.80
C LEU I 222 0.86 -42.43 -34.45
N GLN I 223 1.74 -42.49 -35.44
CA GLN I 223 3.17 -42.43 -35.16
C GLN I 223 3.55 -41.07 -34.57
N THR I 224 2.94 -40.00 -35.08
CA THR I 224 3.21 -38.66 -34.57
C THR I 224 2.69 -38.48 -33.14
N SER I 225 1.60 -39.19 -32.81
CA SER I 225 1.02 -39.07 -31.46
C SER I 225 2.04 -39.37 -30.36
N PHE I 226 2.90 -40.36 -30.58
CA PHE I 226 3.87 -40.73 -29.54
C PHE I 226 5.02 -39.73 -29.44
N THR I 227 5.45 -39.17 -30.58
CA THR I 227 6.42 -38.08 -30.53
C THR I 227 5.86 -36.89 -29.76
N LEU I 228 4.55 -36.64 -29.91
CA LEU I 228 3.91 -35.58 -29.13
C LEU I 228 3.87 -35.92 -27.64
N MET I 229 3.54 -37.18 -27.32
CA MET I 229 3.59 -37.63 -25.93
C MET I 229 4.98 -37.40 -25.34
N LEU I 230 6.02 -37.76 -26.09
CA LEU I 230 7.39 -37.57 -25.63
C LEU I 230 7.72 -36.09 -25.45
N THR I 231 7.22 -35.24 -26.35
CA THR I 231 7.43 -33.80 -26.20
C THR I 231 6.84 -33.30 -24.88
N VAL I 232 5.60 -33.71 -24.59
CA VAL I 232 4.95 -33.28 -23.34
C VAL I 232 5.70 -33.82 -22.12
N VAL I 233 6.21 -35.04 -22.21
CA VAL I 233 6.96 -35.61 -21.10
C VAL I 233 8.22 -34.79 -20.84
N ALA I 234 8.95 -34.47 -21.92
CA ALA I 234 10.15 -33.66 -21.79
C ALA I 234 9.82 -32.29 -21.19
N TYR I 235 8.69 -31.71 -21.59
CA TYR I 235 8.30 -30.42 -21.04
C TYR I 235 8.00 -30.54 -19.55
N ALA I 236 7.29 -31.59 -19.15
CA ALA I 236 6.98 -31.78 -17.73
C ALA I 236 8.25 -31.96 -16.93
N PHE I 237 9.25 -32.62 -17.51
CA PHE I 237 10.54 -32.78 -16.84
C PHE I 237 11.19 -31.41 -16.62
N TYR I 238 11.29 -30.62 -17.69
CA TYR I 238 11.87 -29.26 -17.59
C TYR I 238 11.16 -28.43 -16.52
N THR I 239 9.84 -28.36 -16.63
CA THR I 239 9.00 -27.71 -15.62
C THR I 239 9.37 -28.14 -14.20
N SER I 240 9.18 -29.43 -13.91
CA SER I 240 9.33 -29.87 -12.52
C SER I 240 10.74 -29.69 -12.02
N ASN I 241 11.74 -29.74 -12.90
CA ASN I 241 13.11 -29.49 -12.44
C ASN I 241 13.29 -28.03 -12.05
N ILE I 242 12.61 -27.11 -12.73
CA ILE I 242 12.74 -25.70 -12.35
C ILE I 242 11.73 -25.30 -11.27
N LEU I 243 10.47 -25.71 -11.40
CA LEU I 243 9.41 -25.21 -10.53
C LEU I 243 9.59 -25.72 -9.09
N PRO I 244 9.02 -25.01 -8.11
CA PRO I 244 9.29 -25.37 -6.71
C PRO I 244 8.61 -26.67 -6.28
N ARG I 245 9.29 -27.39 -5.39
CA ARG I 245 8.74 -28.61 -4.82
C ARG I 245 7.48 -28.29 -4.04
N LEU I 246 6.50 -29.18 -4.12
CA LEU I 246 5.22 -28.98 -3.44
C LEU I 246 4.61 -30.35 -3.19
N PRO I 247 3.70 -30.45 -2.21
CA PRO I 247 2.99 -31.71 -1.96
C PRO I 247 1.64 -31.84 -2.65
N TYR I 248 1.25 -30.89 -3.50
CA TYR I 248 0.00 -30.93 -4.22
C TYR I 248 0.20 -30.36 -5.62
N THR I 249 -0.79 -30.57 -6.48
CA THR I 249 -0.68 -30.22 -7.88
C THR I 249 -0.86 -28.71 -8.05
N THR I 250 0.09 -28.08 -8.74
CA THR I 250 -0.05 -26.68 -9.11
C THR I 250 -0.99 -26.55 -10.30
N VAL I 251 -1.32 -25.31 -10.65
CA VAL I 251 -2.10 -25.06 -11.86
C VAL I 251 -1.35 -25.62 -13.07
N ILE I 252 -0.03 -25.37 -13.12
CA ILE I 252 0.80 -25.86 -14.21
C ILE I 252 0.78 -27.38 -14.26
N ASP I 253 0.79 -28.04 -13.09
CA ASP I 253 0.67 -29.50 -13.08
C ASP I 253 -0.62 -29.95 -13.75
N GLN I 254 -1.71 -29.23 -13.49
CA GLN I 254 -3.00 -29.57 -14.08
C GLN I 254 -3.00 -29.33 -15.59
N MET I 255 -2.34 -28.27 -16.06
CA MET I 255 -2.22 -28.06 -17.50
C MET I 255 -1.40 -29.18 -18.15
N ILE I 256 -0.36 -29.65 -17.45
CA ILE I 256 0.41 -30.79 -17.94
C ILE I 256 -0.49 -32.01 -18.06
N ILE I 257 -1.25 -32.29 -17.00
CA ILE I 257 -2.16 -33.42 -17.00
C ILE I 257 -3.20 -33.28 -18.11
N ALA I 258 -3.63 -32.04 -18.37
CA ALA I 258 -4.61 -31.77 -19.42
C ALA I 258 -4.02 -32.06 -20.80
N GLY I 259 -2.76 -31.68 -21.02
CA GLY I 259 -2.10 -32.04 -22.28
C GLY I 259 -1.98 -33.54 -22.44
N TYR I 260 -1.60 -34.23 -21.36
CA TYR I 260 -1.54 -35.69 -21.37
C TYR I 260 -2.88 -36.29 -21.81
N GLY I 261 -3.96 -35.86 -21.15
CA GLY I 261 -5.27 -36.38 -21.46
C GLY I 261 -5.73 -36.03 -22.86
N SER I 262 -5.35 -34.84 -23.33
CA SER I 262 -5.69 -34.44 -24.69
C SER I 262 -5.08 -35.39 -25.70
N ILE I 263 -3.78 -35.67 -25.57
CA ILE I 263 -3.13 -36.58 -26.51
C ILE I 263 -3.71 -37.99 -26.39
N PHE I 264 -4.03 -38.42 -25.17
CA PHE I 264 -4.56 -39.77 -24.99
C PHE I 264 -5.94 -39.91 -25.64
N ALA I 265 -6.82 -38.90 -25.44
CA ALA I 265 -8.12 -38.91 -26.11
C ALA I 265 -7.97 -38.80 -27.62
N ALA I 266 -6.95 -38.09 -28.09
CA ALA I 266 -6.70 -38.02 -29.53
C ALA I 266 -6.36 -39.39 -30.08
N ILE I 267 -5.53 -40.15 -29.37
CA ILE I 267 -5.21 -41.51 -29.77
C ILE I 267 -6.47 -42.37 -29.78
N LEU I 268 -7.30 -42.24 -28.74
CA LEU I 268 -8.55 -42.99 -28.70
C LEU I 268 -9.41 -42.70 -29.93
N LEU I 269 -9.56 -41.42 -30.28
CA LEU I 269 -10.36 -41.06 -31.43
C LEU I 269 -9.73 -41.54 -32.75
N ILE I 270 -8.40 -41.54 -32.82
CA ILE I 270 -7.71 -42.03 -34.01
C ILE I 270 -8.01 -43.52 -34.21
N ILE I 271 -7.88 -44.30 -33.14
CA ILE I 271 -8.19 -45.73 -33.22
C ILE I 271 -9.64 -45.93 -33.63
N PHE I 272 -10.55 -45.16 -33.02
CA PHE I 272 -11.97 -45.26 -33.38
C PHE I 272 -12.17 -44.99 -34.87
N ALA I 273 -11.55 -43.92 -35.37
CA ALA I 273 -11.66 -43.59 -36.79
C ALA I 273 -11.14 -44.72 -37.67
N HIS I 274 -10.04 -45.37 -37.25
CA HIS I 274 -9.52 -46.49 -38.03
C HIS I 274 -10.48 -47.67 -38.04
N HIS I 275 -11.22 -47.89 -36.94
CA HIS I 275 -12.11 -49.05 -36.83
C HIS I 275 -13.56 -48.64 -36.60
N ARG I 276 -13.98 -47.51 -37.17
CA ARG I 276 -15.35 -47.06 -37.02
C ARG I 276 -16.32 -47.86 -37.88
N GLN I 277 -16.14 -47.80 -39.20
CA GLN I 277 -17.09 -48.39 -40.13
C GLN I 277 -16.73 -49.82 -40.47
N ALA I 278 -17.73 -50.58 -40.89
CA ALA I 278 -17.48 -51.89 -41.47
C ALA I 278 -16.85 -51.73 -42.85
N ASN I 279 -16.14 -52.79 -43.27
CA ASN I 279 -15.38 -52.80 -44.52
C ASN I 279 -14.29 -51.74 -44.55
N GLY I 280 -13.77 -51.37 -43.36
CA GLY I 280 -12.58 -50.55 -43.26
C GLY I 280 -12.64 -49.15 -43.87
N VAL I 281 -13.43 -48.25 -43.29
CA VAL I 281 -13.48 -46.86 -43.72
C VAL I 281 -12.91 -46.00 -42.61
N GLU I 282 -12.00 -45.09 -42.97
CA GLU I 282 -11.30 -44.27 -41.98
C GLU I 282 -12.17 -43.17 -41.41
N ASP I 283 -13.27 -42.82 -42.08
CA ASP I 283 -14.14 -41.71 -41.67
C ASP I 283 -13.30 -40.44 -41.46
N ASP I 284 -12.79 -39.92 -42.58
CA ASP I 284 -12.04 -38.68 -42.50
C ASP I 284 -12.94 -37.53 -42.10
N LEU I 285 -14.26 -37.66 -42.34
CA LEU I 285 -15.20 -36.68 -41.85
C LEU I 285 -15.12 -36.54 -40.33
N LEU I 286 -14.98 -37.68 -39.63
CA LEU I 286 -14.82 -37.62 -38.18
C LEU I 286 -13.52 -36.91 -37.81
N ILE I 287 -12.47 -37.15 -38.58
CA ILE I 287 -11.19 -36.50 -38.33
C ILE I 287 -11.32 -34.99 -38.50
N GLN I 288 -12.03 -34.56 -39.55
CA GLN I 288 -12.29 -33.14 -39.77
C GLN I 288 -13.13 -32.54 -38.65
N ARG I 289 -14.16 -33.26 -38.21
CA ARG I 289 -15.02 -32.78 -37.13
C ARG I 289 -14.22 -32.55 -35.86
N CYS I 290 -13.42 -33.56 -35.45
CA CYS I 290 -12.66 -33.39 -34.22
C CYS I 290 -11.54 -32.36 -34.39
N ARG I 291 -11.04 -32.18 -35.62
CA ARG I 291 -10.01 -31.19 -35.90
C ARG I 291 -10.36 -29.80 -35.37
N LEU I 292 -11.64 -29.45 -35.37
CA LEU I 292 -12.09 -28.18 -34.83
C LEU I 292 -12.83 -28.33 -33.51
N ALA I 293 -13.48 -29.47 -33.27
CA ALA I 293 -14.18 -29.67 -32.01
C ALA I 293 -13.21 -29.80 -30.83
N PHE I 294 -12.00 -30.30 -31.06
CA PHE I 294 -11.07 -30.60 -29.99
C PHE I 294 -10.45 -29.33 -29.41
N PRO I 295 -10.00 -28.37 -30.22
CA PRO I 295 -9.61 -27.08 -29.62
C PRO I 295 -10.75 -26.45 -28.84
N LEU I 296 -11.95 -26.43 -29.43
CA LEU I 296 -13.13 -25.96 -28.71
C LEU I 296 -13.41 -26.81 -27.47
N GLY I 297 -13.26 -28.14 -27.60
CA GLY I 297 -13.51 -29.01 -26.47
C GLY I 297 -12.61 -28.69 -25.29
N PHE I 298 -11.30 -28.57 -25.53
CA PHE I 298 -10.37 -28.28 -24.45
C PHE I 298 -10.57 -26.88 -23.90
N LEU I 299 -10.80 -25.89 -24.76
CA LEU I 299 -10.97 -24.53 -24.24
C LEU I 299 -12.22 -24.44 -23.38
N ALA I 300 -13.30 -25.08 -23.81
CA ALA I 300 -14.51 -25.12 -22.99
C ALA I 300 -14.27 -25.89 -21.69
N ILE I 301 -13.52 -26.99 -21.76
CA ILE I 301 -13.25 -27.77 -20.56
C ILE I 301 -12.45 -26.95 -19.55
N GLY I 302 -11.49 -26.16 -20.04
CA GLY I 302 -10.70 -25.34 -19.13
C GLY I 302 -11.49 -24.20 -18.54
N CYS I 303 -12.33 -23.55 -19.36
CA CYS I 303 -13.19 -22.49 -18.86
C CYS I 303 -14.21 -23.02 -17.86
N VAL I 304 -14.62 -24.28 -18.00
CA VAL I 304 -15.41 -24.94 -16.96
C VAL I 304 -14.56 -25.15 -15.72
N LEU I 305 -13.36 -25.72 -15.90
CA LEU I 305 -12.49 -26.07 -14.78
C LEU I 305 -12.16 -24.86 -13.91
N VAL I 306 -12.17 -23.65 -14.49
CA VAL I 306 -11.82 -22.45 -13.74
C VAL I 306 -12.93 -22.09 -12.76
N ILE I 307 -14.00 -22.89 -12.73
CA ILE I 307 -15.10 -22.68 -11.78
C ILE I 307 -14.60 -22.89 -10.36
N PRO J 1 31.01 16.02 19.11
CA PRO J 1 30.86 15.43 17.77
C PRO J 1 32.17 14.79 17.27
N VAL J 2 32.26 13.46 17.36
CA VAL J 2 33.51 12.75 17.07
C VAL J 2 33.68 12.60 15.57
N ASP J 3 34.85 13.02 15.06
CA ASP J 3 35.18 12.86 13.65
C ASP J 3 35.84 11.50 13.46
N VAL J 4 35.28 10.68 12.56
CA VAL J 4 35.79 9.34 12.29
C VAL J 4 36.21 9.24 10.83
N SER J 5 37.45 8.79 10.61
CA SER J 5 37.98 8.55 9.28
C SER J 5 38.08 7.05 9.08
N VAL J 6 37.48 6.54 8.00
CA VAL J 6 37.43 5.10 7.76
C VAL J 6 38.27 4.77 6.54
N SER J 7 38.52 3.48 6.36
CA SER J 7 39.19 2.98 5.16
C SER J 7 38.71 1.54 4.95
N ILE J 8 38.18 1.26 3.76
CA ILE J 8 37.63 -0.05 3.42
C ILE J 8 38.47 -0.65 2.32
N PHE J 9 39.09 -1.78 2.60
CA PHE J 9 39.83 -2.55 1.61
C PHE J 9 38.92 -3.69 1.12
N ILE J 10 38.84 -3.85 -0.20
CA ILE J 10 37.96 -4.85 -0.81
C ILE J 10 38.84 -5.91 -1.47
N ASN J 11 38.85 -7.11 -0.87
CA ASN J 11 39.67 -8.21 -1.34
C ASN J 11 38.98 -9.05 -2.43
N LYS J 12 37.72 -9.44 -2.22
CA LYS J 12 37.05 -10.25 -3.22
C LYS J 12 35.54 -10.11 -3.11
N ILE J 13 34.87 -10.14 -4.27
CA ILE J 13 33.41 -10.17 -4.36
C ILE J 13 33.03 -11.38 -5.21
N TYR J 14 32.08 -12.16 -4.71
CA TYR J 14 31.69 -13.42 -5.35
C TYR J 14 30.30 -13.80 -4.88
N GLY J 15 29.90 -15.04 -5.14
CA GLY J 15 28.69 -15.60 -4.58
C GLY J 15 27.42 -14.83 -4.85
N VAL J 16 27.16 -14.51 -6.12
CA VAL J 16 25.93 -13.81 -6.47
C VAL J 16 24.74 -14.74 -6.28
N ASN J 17 23.73 -14.28 -5.52
CA ASN J 17 22.50 -15.03 -5.31
C ASN J 17 21.39 -14.25 -6.00
N THR J 18 20.89 -14.79 -7.10
CA THR J 18 19.99 -14.04 -7.96
C THR J 18 18.63 -13.81 -7.30
N LEU J 19 18.05 -14.85 -6.70
CA LEU J 19 16.73 -14.69 -6.13
C LEU J 19 16.73 -13.78 -4.91
N GLU J 20 17.76 -13.88 -4.06
CA GLU J 20 17.83 -13.08 -2.86
C GLU J 20 18.44 -11.71 -3.09
N GLN J 21 19.05 -11.48 -4.25
CA GLN J 21 19.74 -10.22 -4.55
C GLN J 21 20.81 -9.93 -3.50
N THR J 22 21.68 -10.92 -3.27
CA THR J 22 22.79 -10.82 -2.33
C THR J 22 24.10 -11.13 -3.05
N TYR J 23 25.20 -10.68 -2.45
CA TYR J 23 26.53 -10.95 -2.98
C TYR J 23 27.52 -10.95 -1.82
N LYS J 24 28.51 -11.84 -1.87
CA LYS J 24 29.48 -11.98 -0.79
C LYS J 24 30.68 -11.06 -1.05
N VAL J 25 31.10 -10.34 0.00
CA VAL J 25 32.22 -9.41 -0.06
C VAL J 25 33.16 -9.71 1.10
N ASP J 26 34.43 -9.91 0.80
CA ASP J 26 35.46 -10.13 1.79
C ASP J 26 36.53 -9.06 1.63
N GLY J 27 36.93 -8.47 2.76
CA GLY J 27 37.92 -7.42 2.73
C GLY J 27 38.25 -6.96 4.13
N TYR J 28 38.81 -5.76 4.23
CA TYR J 28 39.16 -5.18 5.53
C TYR J 28 38.39 -3.88 5.73
N ILE J 29 38.23 -3.51 7.00
CA ILE J 29 37.61 -2.23 7.38
C ILE J 29 38.51 -1.58 8.43
N VAL J 30 38.84 -0.31 8.19
CA VAL J 30 39.68 0.47 9.08
C VAL J 30 38.89 1.70 9.51
N ALA J 31 38.99 2.04 10.79
CA ALA J 31 38.32 3.21 11.32
C ALA J 31 39.31 3.91 12.24
N GLN J 32 39.50 5.21 12.02
CA GLN J 32 40.49 5.97 12.77
C GLN J 32 39.83 7.21 13.34
N TRP J 33 40.10 7.48 14.61
CA TRP J 33 39.64 8.73 15.22
C TRP J 33 40.67 9.17 16.24
N THR J 34 40.40 10.30 16.89
CA THR J 34 41.32 10.91 17.84
C THR J 34 40.60 10.96 19.18
N GLY J 35 41.21 10.36 20.19
CA GLY J 35 40.60 10.32 21.51
C GLY J 35 41.45 10.96 22.58
N LYS J 36 41.08 10.69 23.82
CA LYS J 36 41.81 11.24 24.95
C LYS J 36 43.22 10.65 24.96
N PRO J 37 44.24 11.44 25.29
CA PRO J 37 45.61 10.91 25.33
C PRO J 37 45.76 9.79 26.35
N ARG J 38 46.85 9.04 26.22
CA ARG J 38 47.05 7.83 27.00
C ARG J 38 48.53 7.53 27.10
N LYS J 39 48.92 6.84 28.16
CA LYS J 39 50.29 6.38 28.31
C LYS J 39 50.40 5.00 27.68
N THR J 40 51.37 4.83 26.80
CA THR J 40 51.67 3.56 26.14
C THR J 40 53.03 3.02 26.61
N PRO J 41 53.34 1.76 26.31
CA PRO J 41 54.73 1.31 26.52
C PRO J 41 55.69 2.08 25.63
N GLY J 42 56.55 2.92 26.21
CA GLY J 42 57.26 3.90 25.42
C GLY J 42 56.29 4.92 24.82
N ASP J 43 56.80 5.72 23.89
CA ASP J 43 55.92 6.60 23.14
C ASP J 43 55.40 5.97 21.87
N LYS J 44 55.73 4.70 21.65
CA LYS J 44 55.29 3.90 20.51
C LYS J 44 53.88 3.34 20.74
N PRO J 45 53.10 3.17 19.68
CA PRO J 45 51.70 2.73 19.85
C PRO J 45 51.58 1.34 20.43
N LEU J 46 50.45 1.11 21.11
CA LEU J 46 50.14 -0.18 21.71
C LEU J 46 49.19 -0.94 20.79
N ILE J 47 49.36 -2.25 20.72
CA ILE J 47 48.57 -3.11 19.83
C ILE J 47 47.78 -4.08 20.70
N VAL J 48 46.48 -4.20 20.43
CA VAL J 48 45.59 -5.11 21.14
C VAL J 48 44.91 -5.99 20.09
N GLU J 49 44.89 -7.29 20.35
CA GLU J 49 44.42 -8.28 19.38
C GLU J 49 43.18 -8.98 19.91
N ASN J 50 42.46 -9.65 18.99
CA ASN J 50 41.03 -9.88 19.07
C ASN J 50 40.43 -9.96 20.46
N THR J 51 40.76 -11.00 21.24
CA THR J 51 40.05 -11.23 22.49
C THR J 51 40.29 -10.07 23.46
N GLN J 52 41.55 -9.68 23.63
CA GLN J 52 41.89 -8.62 24.57
C GLN J 52 41.09 -7.34 24.31
N ILE J 53 40.70 -7.10 23.05
CA ILE J 53 39.91 -5.89 22.72
C ILE J 53 38.73 -5.77 23.66
N GLU J 54 37.96 -6.85 23.79
CA GLU J 54 36.76 -6.84 24.63
C GLU J 54 37.10 -6.44 26.05
N ARG J 55 38.22 -6.95 26.58
CA ARG J 55 38.66 -6.58 27.93
C ARG J 55 38.74 -5.07 28.07
N TRP J 56 39.37 -4.41 27.08
CA TRP J 56 39.55 -2.96 27.17
C TRP J 56 38.22 -2.24 27.25
N ILE J 57 37.17 -2.80 26.64
CA ILE J 57 35.86 -2.16 26.67
C ILE J 57 35.28 -2.20 28.09
N ASN J 58 35.50 -3.30 28.81
CA ASN J 58 34.97 -3.40 30.16
C ASN J 58 35.63 -2.42 31.12
N ASN J 59 36.84 -1.96 30.81
CA ASN J 59 37.56 -0.99 31.63
C ASN J 59 37.25 0.45 31.24
N GLY J 60 36.33 0.67 30.30
CA GLY J 60 35.87 2.01 29.96
C GLY J 60 36.24 2.47 28.57
N LEU J 61 36.94 1.67 27.78
CA LEU J 61 37.31 2.10 26.44
C LEU J 61 36.08 2.18 25.56
N TRP J 62 35.98 3.26 24.79
CA TRP J 62 34.82 3.52 23.94
C TRP J 62 35.16 3.10 22.52
N VAL J 63 34.52 2.04 22.05
CA VAL J 63 34.62 1.61 20.64
C VAL J 63 33.21 1.55 20.07
N PRO J 64 32.85 2.43 19.15
CA PRO J 64 31.47 2.44 18.62
C PRO J 64 31.22 1.27 17.68
N ALA J 65 29.98 0.81 17.64
CA ALA J 65 29.60 -0.30 16.76
C ALA J 65 29.18 0.26 15.42
N LEU J 66 29.94 -0.07 14.38
CA LEU J 66 29.62 0.35 13.03
C LEU J 66 28.93 -0.81 12.32
N GLU J 67 27.69 -0.59 11.92
CA GLU J 67 26.86 -1.62 11.32
C GLU J 67 26.82 -1.45 9.81
N PHE J 68 26.99 -2.56 9.10
CA PHE J 68 26.70 -2.64 7.68
C PHE J 68 25.17 -2.74 7.54
N ILE J 69 24.56 -1.72 6.94
CA ILE J 69 23.11 -1.70 6.80
C ILE J 69 22.65 -2.81 5.85
N ASN J 70 23.22 -2.83 4.64
CA ASN J 70 22.77 -3.74 3.59
C ASN J 70 23.30 -5.17 3.76
N VAL J 71 23.84 -5.51 4.93
CA VAL J 71 24.37 -6.85 5.15
C VAL J 71 23.20 -7.81 5.39
N VAL J 72 23.49 -9.10 5.28
CA VAL J 72 22.50 -10.16 5.50
C VAL J 72 23.02 -10.99 6.65
N GLY J 73 22.50 -10.74 7.85
CA GLY J 73 22.91 -11.48 9.03
C GLY J 73 24.28 -11.05 9.53
N SER J 74 24.63 -11.55 10.70
CA SER J 74 25.91 -11.22 11.31
C SER J 74 27.04 -11.67 10.38
N PRO J 75 27.87 -10.76 9.89
CA PRO J 75 29.00 -11.16 9.04
C PRO J 75 30.08 -11.87 9.86
N ASP J 76 31.00 -12.51 9.14
CA ASP J 76 32.06 -13.28 9.77
C ASP J 76 33.27 -12.38 10.00
N THR J 77 33.37 -11.82 11.20
CA THR J 77 34.49 -10.97 11.54
C THR J 77 35.69 -11.87 11.85
N GLY J 78 36.75 -11.74 11.06
CA GLY J 78 37.95 -12.52 11.28
C GLY J 78 38.78 -11.93 12.41
N ASN J 79 40.10 -11.82 12.22
CA ASN J 79 40.91 -11.16 13.24
C ASN J 79 40.64 -9.67 13.24
N LYS J 80 40.68 -9.07 14.44
CA LYS J 80 40.47 -7.64 14.61
C LYS J 80 41.49 -7.10 15.61
N ARG J 81 41.90 -5.86 15.40
CA ARG J 81 42.96 -5.26 16.19
C ARG J 81 42.61 -3.81 16.50
N LEU J 82 43.07 -3.36 17.67
CA LEU J 82 43.03 -1.96 18.08
C LEU J 82 44.46 -1.47 18.21
N MET J 83 44.77 -0.35 17.57
CA MET J 83 46.04 0.32 17.74
C MET J 83 45.78 1.63 18.49
N LEU J 84 46.43 1.77 19.64
CA LEU J 84 46.23 2.90 20.55
C LEU J 84 47.47 3.77 20.54
N PHE J 85 47.28 5.05 20.28
CA PHE J 85 48.39 5.99 20.26
C PHE J 85 48.40 6.85 21.52
N PRO J 86 49.58 7.27 21.96
CA PRO J 86 49.65 8.09 23.18
C PRO J 86 48.96 9.43 23.05
N ASP J 87 48.94 10.00 21.84
CA ASP J 87 48.28 11.27 21.57
C ASP J 87 46.76 11.16 21.52
N GLY J 88 46.21 9.96 21.73
CA GLY J 88 44.78 9.75 21.75
C GLY J 88 44.23 9.07 20.51
N ARG J 89 44.99 9.00 19.42
CA ARG J 89 44.49 8.36 18.22
C ARG J 89 44.17 6.90 18.49
N VAL J 90 43.09 6.42 17.86
CA VAL J 90 42.64 5.04 17.99
C VAL J 90 42.27 4.52 16.61
N ILE J 91 42.79 3.34 16.27
CA ILE J 91 42.59 2.76 14.95
C ILE J 91 42.05 1.35 15.16
N TYR J 92 40.89 1.06 14.57
CA TYR J 92 40.25 -0.24 14.64
C TYR J 92 40.34 -0.86 13.25
N ASN J 93 40.96 -2.03 13.16
CA ASN J 93 41.17 -2.70 11.87
C ASN J 93 40.66 -4.13 11.96
N ALA J 94 39.82 -4.52 11.01
CA ALA J 94 39.18 -5.84 11.11
C ALA J 94 38.97 -6.45 9.74
N ARG J 95 39.23 -7.75 9.65
CA ARG J 95 38.91 -8.52 8.45
C ARG J 95 37.46 -8.97 8.53
N PHE J 96 36.74 -8.88 7.41
CA PHE J 96 35.31 -9.19 7.40
C PHE J 96 34.92 -9.87 6.10
N LEU J 97 34.07 -10.88 6.23
CA LEU J 97 33.42 -11.51 5.08
C LEU J 97 31.92 -11.52 5.36
N GLY J 98 31.13 -11.01 4.43
CA GLY J 98 29.71 -10.87 4.68
C GLY J 98 28.90 -10.88 3.40
N SER J 99 27.62 -11.20 3.57
CA SER J 99 26.66 -11.17 2.47
C SER J 99 25.93 -9.83 2.52
N PHE J 100 25.95 -9.10 1.41
CA PHE J 100 25.34 -7.79 1.33
C PHE J 100 24.19 -7.83 0.32
N SER J 101 23.23 -6.93 0.52
CA SER J 101 22.02 -6.87 -0.28
C SER J 101 21.99 -5.56 -1.05
N ASN J 102 21.31 -5.58 -2.20
CA ASN J 102 21.07 -4.40 -3.02
C ASN J 102 20.05 -4.79 -4.07
N ASP J 103 19.28 -3.80 -4.54
CA ASP J 103 18.39 -4.05 -5.67
C ASP J 103 19.22 -4.39 -6.89
N MET J 104 18.93 -5.55 -7.50
CA MET J 104 19.68 -6.04 -8.63
C MET J 104 18.73 -6.45 -9.73
N ASP J 105 18.93 -5.89 -10.93
CA ASP J 105 18.06 -6.12 -12.08
C ASP J 105 18.79 -7.02 -13.05
N PHE J 106 18.25 -8.22 -13.29
CA PHE J 106 18.88 -9.21 -14.16
C PHE J 106 18.12 -9.37 -15.48
N ARG J 107 17.35 -8.35 -15.88
CA ARG J 107 16.51 -8.50 -17.07
C ARG J 107 17.37 -8.64 -18.32
N LEU J 108 18.47 -7.88 -18.41
CA LEU J 108 19.36 -7.95 -19.55
C LEU J 108 20.44 -9.00 -19.39
N PHE J 109 20.24 -9.95 -18.48
CA PHE J 109 21.19 -11.04 -18.32
C PHE J 109 21.26 -11.83 -19.63
N PRO J 110 22.45 -12.29 -20.04
CA PRO J 110 23.76 -12.23 -19.36
C PRO J 110 24.57 -10.98 -19.66
N PHE J 111 23.94 -9.99 -20.28
CA PHE J 111 24.62 -8.75 -20.61
C PHE J 111 24.37 -7.67 -19.57
N ASP J 112 23.79 -8.03 -18.43
CA ASP J 112 23.49 -7.10 -17.37
C ASP J 112 24.77 -6.53 -16.77
N ARG J 113 24.62 -5.40 -16.09
CA ARG J 113 25.68 -4.81 -15.29
C ARG J 113 25.04 -4.41 -13.97
N GLN J 114 25.73 -4.67 -12.88
CA GLN J 114 25.19 -4.41 -11.55
C GLN J 114 26.15 -3.52 -10.79
N GLN J 115 25.77 -3.16 -9.57
CA GLN J 115 26.63 -2.35 -8.71
C GLN J 115 26.56 -2.88 -7.29
N PHE J 116 27.70 -3.35 -6.79
CA PHE J 116 27.77 -3.86 -5.43
C PHE J 116 27.96 -2.68 -4.49
N VAL J 117 27.07 -2.54 -3.52
CA VAL J 117 27.10 -1.39 -2.64
C VAL J 117 27.37 -1.88 -1.23
N LEU J 118 28.04 -1.04 -0.46
CA LEU J 118 28.28 -1.25 0.96
C LEU J 118 27.80 0.00 1.68
N GLU J 119 27.11 -0.18 2.79
CA GLU J 119 26.52 0.93 3.54
C GLU J 119 26.95 0.81 4.98
N LEU J 120 27.80 1.72 5.41
CA LEU J 120 28.30 1.76 6.78
C LEU J 120 27.60 2.86 7.55
N GLU J 121 27.25 2.55 8.80
CA GLU J 121 26.61 3.57 9.60
C GLU J 121 26.81 3.23 11.06
N PRO J 122 27.07 4.21 11.92
CA PRO J 122 27.13 3.92 13.35
C PRO J 122 25.78 3.41 13.84
N PHE J 123 25.84 2.40 14.72
CA PHE J 123 24.63 1.69 15.14
C PHE J 123 23.82 2.53 16.12
N SER J 124 24.49 3.12 17.12
CA SER J 124 23.82 3.81 18.20
C SER J 124 24.09 5.32 18.24
N TYR J 125 25.23 5.77 17.74
CA TYR J 125 25.64 7.15 17.91
C TYR J 125 25.28 7.96 16.68
N ASN J 126 24.70 9.14 16.91
CA ASN J 126 24.20 10.00 15.84
C ASN J 126 25.35 10.87 15.29
N ASN J 127 25.00 11.82 14.43
CA ASN J 127 25.99 12.71 13.83
C ASN J 127 26.39 13.85 14.75
N GLN J 128 25.49 14.30 15.63
CA GLN J 128 25.86 15.29 16.63
C GLN J 128 26.83 14.73 17.66
N GLN J 129 26.87 13.40 17.79
CA GLN J 129 27.77 12.72 18.72
C GLN J 129 28.96 12.07 18.02
N GLN J 130 28.78 11.59 16.79
CA GLN J 130 29.83 10.86 16.08
C GLN J 130 29.63 11.00 14.58
N ARG J 131 30.64 11.54 13.90
CA ARG J 131 30.54 11.96 12.51
C ARG J 131 31.59 11.23 11.65
N PHE J 132 31.23 10.99 10.40
CA PHE J 132 32.15 10.39 9.44
C PHE J 132 32.84 11.50 8.67
N SER J 133 34.18 11.45 8.61
CA SER J 133 34.99 12.46 7.96
C SER J 133 35.47 12.02 6.58
N ASP J 134 36.03 10.83 6.47
CA ASP J 134 36.72 10.40 5.26
C ASP J 134 36.19 9.07 4.78
N ILE J 135 36.22 8.88 3.46
CA ILE J 135 36.05 7.56 2.84
C ILE J 135 37.28 7.27 2.00
N GLN J 136 37.75 6.03 2.08
CA GLN J 136 38.85 5.57 1.23
C GLN J 136 38.57 4.11 0.91
N VAL J 137 38.31 3.81 -0.35
CA VAL J 137 38.04 2.44 -0.80
C VAL J 137 39.18 2.03 -1.71
N TYR J 138 39.85 0.95 -1.36
CA TYR J 138 40.96 0.43 -2.15
C TYR J 138 40.57 -0.93 -2.69
N THR J 139 40.67 -1.07 -4.01
CA THR J 139 40.36 -2.32 -4.69
C THR J 139 41.61 -2.76 -5.43
N GLU J 140 41.91 -4.04 -5.34
CA GLU J 140 43.07 -4.56 -6.04
C GLU J 140 42.81 -4.45 -7.54
N ASN J 141 43.88 -4.21 -8.30
CA ASN J 141 43.72 -3.95 -9.72
C ASN J 141 43.08 -5.15 -10.41
N ALA J 142 43.73 -6.31 -10.33
CA ALA J 142 43.24 -7.55 -10.90
C ALA J 142 42.69 -7.33 -12.31
N ASP J 143 43.50 -6.65 -13.12
CA ASP J 143 43.06 -6.29 -14.46
C ASP J 143 43.30 -7.41 -15.46
N ASN J 144 43.93 -8.49 -15.03
CA ASN J 144 44.05 -9.71 -15.84
C ASN J 144 42.84 -10.61 -15.58
N GLU J 145 41.66 -10.12 -15.95
CA GLU J 145 40.45 -10.85 -15.59
C GLU J 145 40.27 -12.11 -16.44
N GLU J 146 39.74 -11.97 -17.67
CA GLU J 146 39.45 -13.05 -18.61
C GLU J 146 38.79 -14.30 -18.01
N ILE J 147 38.84 -14.45 -16.69
CA ILE J 147 38.42 -15.66 -16.00
C ILE J 147 37.31 -15.34 -15.02
N ASP J 148 37.35 -14.14 -14.46
CA ASP J 148 36.43 -13.83 -13.39
C ASP J 148 35.02 -13.70 -13.94
N GLU J 149 34.05 -14.09 -13.11
CA GLU J 149 32.66 -14.03 -13.54
C GLU J 149 32.25 -12.59 -13.82
N TRP J 150 32.69 -11.66 -12.98
CA TRP J 150 32.40 -10.24 -13.13
C TRP J 150 33.65 -9.45 -13.45
N TRP J 151 33.47 -8.38 -14.22
CA TRP J 151 34.53 -7.46 -14.59
C TRP J 151 34.24 -6.13 -13.92
N ILE J 152 35.14 -5.71 -13.02
CA ILE J 152 35.05 -4.39 -12.44
C ILE J 152 35.46 -3.37 -13.49
N ARG J 153 34.68 -2.29 -13.63
CA ARG J 153 34.96 -1.33 -14.68
C ARG J 153 35.76 -0.12 -14.23
N GLY J 154 35.56 0.37 -13.01
CA GLY J 154 36.27 1.54 -12.54
C GLY J 154 36.44 1.50 -11.04
N LYS J 155 37.20 2.46 -10.53
CA LYS J 155 37.39 2.57 -9.09
C LYS J 155 36.06 2.83 -8.40
N ALA J 156 36.06 2.60 -7.09
CA ALA J 156 34.82 2.69 -6.34
C ALA J 156 34.35 4.14 -6.23
N SER J 157 33.03 4.32 -6.23
CA SER J 157 32.46 5.64 -5.98
C SER J 157 32.02 5.69 -4.53
N THR J 158 32.43 6.74 -3.82
CA THR J 158 32.15 6.89 -2.41
C THR J 158 31.22 8.08 -2.20
N HIS J 159 30.51 8.07 -1.07
CA HIS J 159 29.62 9.19 -0.74
C HIS J 159 29.27 9.15 0.73
N ILE J 160 29.64 10.20 1.48
CA ILE J 160 29.12 10.40 2.82
C ILE J 160 27.83 11.20 2.71
N SER J 161 26.79 10.76 3.42
CA SER J 161 25.49 11.42 3.42
C SER J 161 24.96 11.44 4.84
N ASP J 162 23.85 12.16 5.03
CA ASP J 162 23.19 12.22 6.33
C ASP J 162 21.77 11.68 6.18
N ILE J 163 21.46 10.62 6.92
CA ILE J 163 20.20 9.91 6.83
C ILE J 163 19.29 10.32 7.98
N ARG J 164 18.02 10.56 7.66
CA ARG J 164 17.02 11.00 8.63
C ARG J 164 16.02 9.88 8.82
N TYR J 165 15.99 9.30 10.01
CA TYR J 165 14.96 8.35 10.37
C TYR J 165 13.77 9.13 10.91
N ASP J 166 12.67 9.15 10.16
CA ASP J 166 11.51 9.92 10.60
C ASP J 166 10.95 9.34 11.89
N HIS J 167 10.52 8.08 11.85
CA HIS J 167 9.81 7.49 12.97
C HIS J 167 10.75 7.20 14.14
N LEU J 168 10.83 8.14 15.06
CA LEU J 168 11.62 8.07 16.28
C LEU J 168 10.86 8.84 17.34
N SER J 169 11.53 9.21 18.43
CA SER J 169 10.81 9.96 19.46
C SER J 169 10.49 11.37 18.95
N SER J 170 9.65 12.07 19.71
CA SER J 170 9.22 13.41 19.34
C SER J 170 9.76 14.49 20.27
N VAL J 171 10.45 14.10 21.36
CA VAL J 171 11.09 15.06 22.24
C VAL J 171 12.54 15.33 21.83
N GLN J 172 13.09 14.52 20.92
CA GLN J 172 14.46 14.63 20.47
C GLN J 172 14.52 15.71 19.40
N PRO J 173 15.11 16.89 19.70
CA PRO J 173 15.02 18.03 18.77
C PRO J 173 15.67 17.79 17.43
N ASN J 174 16.96 17.48 17.41
CA ASN J 174 17.67 17.32 16.15
C ASN J 174 18.60 16.12 16.11
N GLN J 175 18.73 15.36 17.20
CA GLN J 175 19.61 14.20 17.21
C GLN J 175 18.83 12.97 16.72
N ASN J 176 18.47 13.04 15.43
CA ASN J 176 17.82 11.93 14.75
C ASN J 176 18.41 11.68 13.37
N GLU J 177 19.55 12.30 13.05
CA GLU J 177 20.24 12.09 11.78
C GLU J 177 21.53 11.34 12.02
N PHE J 178 21.91 10.47 11.07
CA PHE J 178 23.10 9.65 11.20
C PHE J 178 23.99 9.79 9.97
N SER J 179 25.30 9.64 10.18
CA SER J 179 26.27 9.79 9.10
C SER J 179 26.46 8.43 8.44
N ARG J 180 26.14 8.34 7.15
CA ARG J 180 26.21 7.07 6.41
C ARG J 180 27.26 7.14 5.31
N ILE J 181 28.12 6.14 5.26
CA ILE J 181 29.11 5.96 4.20
C ILE J 181 28.53 5.00 3.19
N THR J 182 28.59 5.35 1.90
CA THR J 182 28.06 4.52 0.84
C THR J 182 29.16 4.28 -0.18
N VAL J 183 29.43 3.01 -0.47
CA VAL J 183 30.45 2.60 -1.42
C VAL J 183 29.74 1.85 -2.53
N ARG J 184 30.04 2.19 -3.78
CA ARG J 184 29.42 1.53 -4.93
C ARG J 184 30.52 1.10 -5.89
N ILE J 185 30.39 -0.11 -6.42
CA ILE J 185 31.34 -0.66 -7.38
C ILE J 185 30.55 -1.26 -8.53
N ASP J 186 30.60 -0.61 -9.70
CA ASP J 186 29.93 -1.13 -10.88
C ASP J 186 30.70 -2.31 -11.45
N ALA J 187 29.97 -3.20 -12.11
CA ALA J 187 30.58 -4.40 -12.67
C ALA J 187 29.69 -4.92 -13.79
N VAL J 188 30.32 -5.63 -14.72
CA VAL J 188 29.62 -6.20 -15.87
C VAL J 188 29.90 -7.69 -15.92
N ARG J 189 28.88 -8.46 -16.26
CA ARG J 189 29.01 -9.92 -16.26
C ARG J 189 29.74 -10.41 -17.51
N ASN J 190 30.54 -11.47 -17.35
CA ASN J 190 31.29 -12.08 -18.44
C ASN J 190 30.36 -13.01 -19.22
N PRO J 191 30.00 -12.64 -20.44
CA PRO J 191 29.01 -13.40 -21.22
C PRO J 191 29.59 -14.43 -22.18
N SER J 192 30.90 -14.68 -22.16
CA SER J 192 31.52 -15.55 -23.17
C SER J 192 30.82 -16.92 -23.24
N TYR J 193 30.63 -17.56 -22.07
CA TYR J 193 30.00 -18.88 -22.06
C TYR J 193 28.60 -18.84 -22.67
N TYR J 194 27.81 -17.84 -22.31
CA TYR J 194 26.44 -17.77 -22.81
C TYR J 194 26.41 -17.35 -24.28
N LEU J 195 27.42 -16.61 -24.73
CA LEU J 195 27.56 -16.31 -26.15
C LEU J 195 27.79 -17.58 -26.95
N TRP J 196 28.83 -18.34 -26.60
CA TRP J 196 29.27 -19.46 -27.45
C TRP J 196 28.44 -20.72 -27.23
N SER J 197 28.10 -21.05 -26.00
CA SER J 197 27.39 -22.28 -25.70
C SER J 197 25.87 -22.12 -25.60
N PHE J 198 25.35 -20.89 -25.63
CA PHE J 198 23.90 -20.66 -25.64
C PHE J 198 23.43 -19.91 -26.87
N ILE J 199 24.00 -18.73 -27.15
CA ILE J 199 23.48 -17.89 -28.22
C ILE J 199 23.77 -18.51 -29.58
N LEU J 200 25.03 -18.87 -29.82
CA LEU J 200 25.39 -19.48 -31.10
C LEU J 200 24.66 -20.79 -31.36
N PRO J 201 24.61 -21.75 -30.42
CA PRO J 201 23.82 -22.96 -30.68
C PRO J 201 22.34 -22.68 -30.84
N LEU J 202 21.79 -21.70 -30.12
CA LEU J 202 20.37 -21.40 -30.29
C LEU J 202 20.08 -20.89 -31.70
N GLY J 203 20.93 -19.97 -32.19
CA GLY J 203 20.76 -19.48 -33.55
C GLY J 203 20.93 -20.59 -34.58
N LEU J 204 21.91 -21.47 -34.36
CA LEU J 204 22.10 -22.58 -35.28
C LEU J 204 20.89 -23.50 -35.29
N ILE J 205 20.33 -23.79 -34.12
CA ILE J 205 19.14 -24.65 -34.03
C ILE J 205 17.95 -23.99 -34.71
N ILE J 206 17.75 -22.69 -34.51
CA ILE J 206 16.60 -22.04 -35.11
C ILE J 206 16.76 -21.97 -36.63
N ALA J 207 17.98 -21.71 -37.12
CA ALA J 207 18.18 -21.73 -38.57
C ALA J 207 17.94 -23.12 -39.15
N ALA J 208 18.49 -24.15 -38.51
CA ALA J 208 18.21 -25.51 -38.95
C ALA J 208 16.71 -25.80 -38.93
N SER J 209 16.01 -25.29 -37.93
CA SER J 209 14.56 -25.48 -37.87
C SER J 209 13.86 -24.81 -39.04
N TRP J 210 14.32 -23.61 -39.41
CA TRP J 210 13.80 -22.96 -40.61
C TRP J 210 14.06 -23.82 -41.85
N SER J 211 15.13 -24.59 -41.84
CA SER J 211 15.42 -25.40 -43.03
C SER J 211 14.37 -26.51 -43.29
N VAL J 212 13.26 -26.56 -42.54
CA VAL J 212 12.29 -27.63 -42.70
C VAL J 212 11.49 -27.46 -44.00
N PHE J 213 11.26 -26.21 -44.43
CA PHE J 213 10.42 -25.96 -45.60
C PHE J 213 11.04 -26.50 -46.89
N TRP J 214 12.30 -26.96 -46.85
CA TRP J 214 12.93 -27.57 -48.01
C TRP J 214 12.54 -29.04 -48.18
N LEU J 215 11.57 -29.52 -47.41
CA LEU J 215 11.06 -30.87 -47.61
C LEU J 215 10.05 -30.83 -48.76
N GLU J 216 10.06 -31.90 -49.57
CA GLU J 216 9.21 -31.94 -50.75
C GLU J 216 7.77 -32.30 -50.39
N SER J 217 7.59 -33.34 -49.57
CA SER J 217 6.27 -33.81 -49.20
C SER J 217 5.70 -32.98 -48.05
N PHE J 218 4.37 -32.97 -47.96
CA PHE J 218 3.71 -32.30 -46.85
C PHE J 218 3.85 -33.09 -45.56
N SER J 219 3.63 -34.41 -45.64
CA SER J 219 3.73 -35.27 -44.46
C SER J 219 5.11 -35.17 -43.83
N GLU J 220 6.16 -35.16 -44.65
CA GLU J 220 7.52 -35.00 -44.13
C GLU J 220 7.65 -33.71 -43.34
N ARG J 221 7.18 -32.60 -43.92
CA ARG J 221 7.26 -31.31 -43.24
C ARG J 221 6.57 -31.34 -41.89
N LEU J 222 5.30 -31.77 -41.88
CA LEU J 222 4.54 -31.70 -40.64
C LEU J 222 5.12 -32.64 -39.59
N GLN J 223 5.53 -33.85 -40.00
CA GLN J 223 6.08 -34.79 -39.04
C GLN J 223 7.41 -34.29 -38.48
N THR J 224 8.27 -33.72 -39.33
CA THR J 224 9.57 -33.21 -38.88
C THR J 224 9.41 -32.01 -37.95
N SER J 225 8.34 -31.23 -38.14
CA SER J 225 8.09 -30.09 -37.26
C SER J 225 8.05 -30.52 -35.79
N PHE J 226 7.55 -31.72 -35.52
CA PHE J 226 7.43 -32.16 -34.13
C PHE J 226 8.79 -32.54 -33.55
N THR J 227 9.66 -33.14 -34.36
CA THR J 227 11.03 -33.36 -33.93
C THR J 227 11.72 -32.03 -33.63
N LEU J 228 11.41 -30.99 -34.41
CA LEU J 228 11.96 -29.67 -34.12
C LEU J 228 11.41 -29.11 -32.82
N MET J 229 10.10 -29.28 -32.58
CA MET J 229 9.50 -28.87 -31.31
C MET J 229 10.21 -29.55 -30.14
N LEU J 230 10.41 -30.86 -30.25
CA LEU J 230 11.06 -31.60 -29.18
C LEU J 230 12.51 -31.13 -28.99
N THR J 231 13.20 -30.82 -30.11
CA THR J 231 14.56 -30.29 -30.05
C THR J 231 14.60 -28.98 -29.27
N VAL J 232 13.69 -28.06 -29.58
CA VAL J 232 13.65 -26.80 -28.85
C VAL J 232 13.30 -27.02 -27.38
N VAL J 233 12.43 -27.99 -27.09
CA VAL J 233 12.07 -28.25 -25.68
C VAL J 233 13.30 -28.73 -24.91
N ALA J 234 14.03 -29.67 -25.50
CA ALA J 234 15.24 -30.16 -24.85
C ALA J 234 16.26 -29.05 -24.66
N TYR J 235 16.38 -28.16 -25.66
CA TYR J 235 17.33 -27.06 -25.53
C TYR J 235 16.90 -26.09 -24.43
N ALA J 236 15.61 -25.78 -24.36
CA ALA J 236 15.12 -24.89 -23.32
C ALA J 236 15.30 -25.50 -21.94
N PHE J 237 15.14 -26.81 -21.83
CA PHE J 237 15.39 -27.48 -20.55
C PHE J 237 16.86 -27.39 -20.17
N TYR J 238 17.76 -27.71 -21.10
CA TYR J 238 19.18 -27.54 -20.85
C TYR J 238 19.48 -26.12 -20.37
N THR J 239 18.95 -25.12 -21.10
CA THR J 239 19.02 -23.74 -20.68
C THR J 239 18.61 -23.55 -19.22
N SER J 240 17.34 -23.85 -18.91
CA SER J 240 16.81 -23.54 -17.59
C SER J 240 17.52 -24.32 -16.49
N ASN J 241 18.05 -25.49 -16.82
CA ASN J 241 18.85 -26.24 -15.86
C ASN J 241 20.18 -25.53 -15.59
N ILE J 242 20.71 -24.80 -16.57
CA ILE J 242 21.95 -24.05 -16.36
C ILE J 242 21.69 -22.69 -15.74
N LEU J 243 20.73 -21.93 -16.27
CA LEU J 243 20.58 -20.53 -15.89
C LEU J 243 20.09 -20.37 -14.45
N PRO J 244 20.40 -19.25 -13.81
CA PRO J 244 20.04 -19.08 -12.40
C PRO J 244 18.54 -18.87 -12.21
N ARG J 245 18.03 -19.36 -11.08
CA ARG J 245 16.63 -19.14 -10.76
C ARG J 245 16.36 -17.65 -10.64
N LEU J 246 15.19 -17.23 -11.11
CA LEU J 246 14.82 -15.82 -11.12
C LEU J 246 13.31 -15.71 -11.05
N PRO J 247 12.79 -14.56 -10.62
CA PRO J 247 11.34 -14.32 -10.64
C PRO J 247 10.81 -13.57 -11.86
N TYR J 248 11.65 -13.31 -12.87
CA TYR J 248 11.23 -12.61 -14.08
C TYR J 248 11.94 -13.22 -15.28
N THR J 249 11.45 -12.88 -16.47
CA THR J 249 11.96 -13.47 -17.71
C THR J 249 13.30 -12.84 -18.10
N THR J 250 14.32 -13.66 -18.30
CA THR J 250 15.61 -13.20 -18.80
C THR J 250 15.54 -12.97 -20.32
N VAL J 251 16.64 -12.41 -20.85
CA VAL J 251 16.81 -12.30 -22.30
C VAL J 251 16.81 -13.69 -22.95
N ILE J 252 17.50 -14.64 -22.32
CA ILE J 252 17.55 -16.00 -22.83
C ILE J 252 16.16 -16.62 -22.87
N ASP J 253 15.34 -16.34 -21.84
CA ASP J 253 13.95 -16.80 -21.86
C ASP J 253 13.21 -16.23 -23.06
N GLN J 254 13.50 -14.98 -23.42
CA GLN J 254 12.86 -14.38 -24.60
C GLN J 254 13.29 -15.10 -25.87
N MET J 255 14.57 -15.48 -25.95
CA MET J 255 15.05 -16.23 -27.12
C MET J 255 14.41 -17.62 -27.19
N ILE J 256 14.22 -18.25 -26.03
CA ILE J 256 13.56 -19.56 -25.98
C ILE J 256 12.12 -19.44 -26.47
N ILE J 257 11.38 -18.46 -25.95
CA ILE J 257 10.00 -18.25 -26.35
C ILE J 257 9.95 -17.93 -27.84
N ALA J 258 10.97 -17.23 -28.33
CA ALA J 258 11.04 -16.91 -29.75
C ALA J 258 11.21 -18.16 -30.60
N GLY J 259 12.06 -19.10 -30.15
CA GLY J 259 12.18 -20.36 -30.86
C GLY J 259 10.88 -21.14 -30.86
N TYR J 260 10.21 -21.18 -29.70
CA TYR J 260 8.89 -21.82 -29.61
C TYR J 260 7.92 -21.23 -30.61
N GLY J 261 7.78 -19.89 -30.62
CA GLY J 261 6.85 -19.25 -31.51
C GLY J 261 7.22 -19.42 -32.97
N SER J 262 8.52 -19.44 -33.27
CA SER J 262 8.96 -19.66 -34.63
C SER J 262 8.50 -21.02 -35.12
N ILE J 263 8.71 -22.06 -34.32
CA ILE J 263 8.28 -23.39 -34.72
C ILE J 263 6.76 -23.46 -34.84
N PHE J 264 6.04 -22.84 -33.91
CA PHE J 264 4.57 -22.92 -33.96
C PHE J 264 4.03 -22.19 -35.19
N ALA J 265 4.55 -21.01 -35.48
CA ALA J 265 4.15 -20.29 -36.68
C ALA J 265 4.56 -21.01 -37.95
N ALA J 266 5.70 -21.72 -37.92
CA ALA J 266 6.10 -22.52 -39.07
C ALA J 266 5.10 -23.65 -39.32
N ILE J 267 4.64 -24.29 -38.25
CA ILE J 267 3.61 -25.33 -38.38
C ILE J 267 2.33 -24.73 -38.93
N LEU J 268 1.93 -23.57 -38.39
CA LEU J 268 0.73 -22.90 -38.89
C LEU J 268 0.86 -22.61 -40.38
N LEU J 269 2.01 -22.07 -40.79
CA LEU J 269 2.22 -21.73 -42.20
C LEU J 269 2.25 -22.98 -43.08
N ILE J 270 2.78 -24.09 -42.58
CA ILE J 270 2.79 -25.33 -43.36
C ILE J 270 1.38 -25.81 -43.62
N ILE J 271 0.56 -25.86 -42.56
CA ILE J 271 -0.83 -26.31 -42.72
C ILE J 271 -1.60 -25.37 -43.65
N PHE J 272 -1.46 -24.06 -43.44
CA PHE J 272 -2.15 -23.10 -44.31
C PHE J 272 -1.70 -23.26 -45.76
N ALA J 273 -0.39 -23.36 -45.99
CA ALA J 273 0.13 -23.51 -47.34
C ALA J 273 -0.44 -24.75 -48.01
N HIS J 274 -0.56 -25.85 -47.27
CA HIS J 274 -1.15 -27.05 -47.86
C HIS J 274 -2.65 -26.89 -48.11
N HIS J 275 -3.35 -26.10 -47.28
CA HIS J 275 -4.81 -26.00 -47.34
C HIS J 275 -5.32 -24.58 -47.58
N ARG J 276 -4.61 -23.75 -48.34
CA ARG J 276 -5.13 -22.39 -48.58
C ARG J 276 -6.24 -22.42 -49.62
N ASP J 283 -3.17 -26.40 -53.99
CA ASP J 283 -2.79 -25.02 -53.72
C ASP J 283 -1.61 -24.97 -52.76
N ASP J 284 -0.44 -25.43 -53.20
CA ASP J 284 0.73 -25.51 -52.34
C ASP J 284 1.96 -24.76 -52.84
N LEU J 285 2.32 -24.92 -54.12
CA LEU J 285 3.68 -24.64 -54.57
C LEU J 285 4.10 -23.18 -54.39
N LEU J 286 3.19 -22.23 -54.65
CA LEU J 286 3.59 -20.83 -54.75
C LEU J 286 4.14 -20.25 -53.45
N ILE J 287 3.51 -20.55 -52.31
CA ILE J 287 3.91 -19.91 -51.06
C ILE J 287 5.33 -20.29 -50.62
N GLN J 288 5.76 -21.52 -50.88
CA GLN J 288 6.84 -22.10 -50.10
C GLN J 288 8.22 -21.60 -50.49
N ARG J 289 8.33 -20.45 -51.14
CA ARG J 289 9.61 -19.77 -51.22
C ARG J 289 10.00 -19.13 -49.89
N CYS J 290 9.23 -19.36 -48.82
CA CYS J 290 9.65 -18.97 -47.48
C CYS J 290 10.98 -19.61 -47.08
N ARG J 291 11.44 -20.60 -47.84
CA ARG J 291 12.73 -21.23 -47.61
C ARG J 291 13.91 -20.27 -47.77
N LEU J 292 13.66 -19.01 -48.17
CA LEU J 292 14.72 -18.02 -48.26
C LEU J 292 15.27 -17.64 -46.89
N ALA J 293 14.47 -17.76 -45.84
CA ALA J 293 14.88 -17.34 -44.52
C ALA J 293 15.96 -18.21 -43.90
N PHE J 294 16.19 -19.41 -44.43
CA PHE J 294 17.22 -20.30 -43.91
C PHE J 294 18.62 -19.90 -44.37
N PRO J 295 18.89 -19.76 -45.68
CA PRO J 295 20.21 -19.25 -46.07
C PRO J 295 20.43 -17.80 -45.68
N LEU J 296 19.36 -17.00 -45.60
CA LEU J 296 19.49 -15.65 -45.05
C LEU J 296 19.90 -15.70 -43.58
N GLY J 297 19.37 -16.66 -42.83
CA GLY J 297 19.80 -16.84 -41.46
C GLY J 297 21.26 -17.24 -41.36
N PHE J 298 21.70 -18.15 -42.23
CA PHE J 298 23.11 -18.53 -42.22
C PHE J 298 24.02 -17.36 -42.61
N LEU J 299 23.58 -16.53 -43.56
CA LEU J 299 24.38 -15.38 -43.97
C LEU J 299 24.45 -14.35 -42.85
N ALA J 300 23.33 -14.14 -42.15
CA ALA J 300 23.37 -13.28 -40.97
C ALA J 300 24.30 -13.84 -39.91
N ILE J 301 24.34 -15.17 -39.76
CA ILE J 301 25.21 -15.79 -38.76
C ILE J 301 26.67 -15.58 -39.13
N GLY J 302 27.02 -15.77 -40.40
CA GLY J 302 28.40 -15.54 -40.81
C GLY J 302 28.81 -14.09 -40.69
N CYS J 303 27.92 -13.17 -41.06
CA CYS J 303 28.22 -11.75 -40.97
C CYS J 303 28.42 -11.31 -39.52
N VAL J 304 27.57 -11.80 -38.61
CA VAL J 304 27.72 -11.41 -37.20
C VAL J 304 28.93 -12.11 -36.58
N LEU J 305 29.29 -13.30 -37.07
CA LEU J 305 30.55 -13.91 -36.66
C LEU J 305 31.73 -13.05 -37.05
N VAL J 306 31.68 -12.46 -38.24
CA VAL J 306 32.70 -11.49 -38.65
C VAL J 306 32.71 -10.30 -37.70
N ILE J 307 31.57 -9.63 -37.57
CA ILE J 307 31.45 -8.44 -36.73
C ILE J 307 31.63 -8.77 -35.24
C1B LMT K . -14.39 52.85 16.22
C2B LMT K . -15.72 53.59 16.05
C3B LMT K . -15.94 54.57 17.14
C4B LMT K . -15.80 53.96 18.47
C5B LMT K . -14.42 53.29 18.65
C6B LMT K . -14.57 51.85 19.06
O1B LMT K . -13.60 53.03 15.13
O2B LMT K . -15.75 54.28 14.78
O3B LMT K . -17.29 55.16 17.00
O4' LMT K . -15.94 54.98 19.47
O5B LMT K . -13.64 53.33 17.41
O6B LMT K . -13.34 51.37 19.57
C1' LMT K . -10.26 52.64 13.33
C2' LMT K . -10.45 51.46 14.28
C3' LMT K . -11.84 51.44 14.81
C4' LMT K . -12.21 52.71 15.49
C5' LMT K . -11.33 53.95 15.23
C6' LMT K . -10.54 54.24 16.49
O1' LMT K . -9.01 52.58 12.72
O2' LMT K . -10.19 50.23 13.60
O3' LMT K . -11.99 50.37 15.77
O5' LMT K . -10.39 53.93 14.07
O6' LMT K . -11.25 53.82 17.61
C1 LMT K . -8.54 53.79 12.13
C1B LMT L . 6.24 29.20 10.32
C2B LMT L . 6.03 29.73 11.73
C3B LMT L . 7.28 29.68 12.53
C4B LMT L . 7.81 28.30 12.61
C5B LMT L . 8.08 27.73 11.20
C6B LMT L . 8.46 26.27 11.30
O1B LMT L . 6.91 30.15 9.58
O2B LMT L . 5.54 31.08 11.64
O3B LMT L . 7.01 30.20 13.89
O4' LMT L . 9.03 28.29 13.35
O5B LMT L . 6.94 27.88 10.28
O6B LMT L . 8.57 25.69 10.02
C1' LMT L . 7.80 30.79 5.57
C2' LMT L . 6.55 29.96 5.86
C3' LMT L . 6.15 30.07 7.28
C4' LMT L . 7.24 29.66 8.23
C5' LMT L . 8.64 30.20 7.86
C6' LMT L . 9.72 29.32 8.49
O1' LMT L . 8.12 30.64 4.22
O2' LMT L . 5.50 30.45 5.01
O3' LMT L . 5.01 29.21 7.51
O5' LMT L . 8.93 30.32 6.40
O6' LMT L . 9.52 27.96 8.24
C1 LMT L . 8.25 31.87 3.50
C1B LMT M . -1.82 15.71 -17.92
C2B LMT M . -0.93 14.70 -17.21
C3B LMT M . 0.12 14.17 -18.11
C4B LMT M . -0.51 13.47 -19.24
C5B LMT M . -1.38 14.42 -20.09
C6B LMT M . -2.26 13.61 -20.99
O1B LMT M . -1.21 16.94 -17.83
O2B LMT M . -0.30 15.36 -16.07
O3B LMT M . 1.00 13.26 -17.37
O4' LMT M . 0.52 12.92 -20.07
O5B LMT M . -2.21 15.37 -19.32
O6B LMT M . -2.81 14.41 -22.02
C1' LMT M . -1.31 20.47 -20.22
C2' LMT M . -2.63 19.84 -19.77
C3' LMT M . -2.45 18.86 -18.65
C4' LMT M . -1.45 17.80 -19.01
C5' LMT M . -0.12 18.43 -19.45
C6' LMT M . 0.86 17.34 -19.88
O1' LMT M . -1.54 21.23 -21.36
O2' LMT M . -3.52 20.88 -19.34
O3' LMT M . -3.70 18.22 -18.34
O5' LMT M . -0.29 19.43 -20.53
O6' LMT M . 0.58 16.88 -21.16
C1 LMT M . -1.55 22.64 -21.15
C1B LMT N . -27.96 30.62 -28.91
C2B LMT N . -27.66 29.13 -28.96
C3B LMT N . -27.20 28.74 -30.32
C4B LMT N . -28.15 29.13 -31.38
C5B LMT N . -28.67 30.58 -31.28
C6B LMT N . -29.89 30.77 -32.13
O1B LMT N . -26.78 31.30 -29.12
O2B LMT N . -26.63 28.83 -27.99
O3B LMT N . -26.99 27.29 -30.37
O4' LMT N . -27.48 28.98 -32.64
O5B LMT N . -28.98 31.00 -29.91
O6B LMT N . -30.43 32.07 -32.00
C1' LMT N . -25.57 35.27 -28.18
C2' LMT N . -26.58 34.57 -27.27
C3' LMT N . -26.59 33.10 -27.47
C4' LMT N . -26.92 32.75 -28.89
C5' LMT N . -25.99 33.48 -29.86
C6' LMT N . -26.44 33.28 -31.31
O1' LMT N . -25.63 36.65 -27.99
O2' LMT N . -26.25 34.88 -25.91
O3' LMT N . -27.56 32.52 -26.57
O5' LMT N . -25.87 34.95 -29.61
O6' LMT N . -27.70 33.82 -31.52
C1 LMT N . -24.47 37.37 -28.41
C1B LMT O . -35.56 54.32 -7.02
C2B LMT O . -36.59 53.62 -7.90
C3B LMT O . -37.34 54.57 -8.76
C4B LMT O . -37.99 55.63 -7.96
C5B LMT O . -37.00 56.37 -7.05
C6B LMT O . -37.51 56.36 -5.63
O1B LMT O . -34.32 53.90 -7.42
O2B LMT O . -35.91 52.66 -8.74
O3B LMT O . -38.36 53.81 -9.51
O4' LMT O . -38.60 56.57 -8.85
O5B LMT O . -35.65 55.80 -7.09
O6B LMT O . -37.73 57.68 -5.19
C1' LMT O . -30.46 55.61 -7.63
C2' LMT O . -31.13 55.48 -6.25
C3' LMT O . -32.31 54.56 -6.29
C4' LMT O . -33.31 54.97 -7.32
C5' LMT O . -32.68 55.21 -8.69
C6' LMT O . -33.70 55.92 -9.58
O1' LMT O . -29.44 56.57 -7.55
O2' LMT O . -30.17 54.99 -5.29
O3' LMT O . -32.97 54.59 -5.00
O5' LMT O . -31.43 56.01 -8.67
O6' LMT O . -34.36 56.92 -8.87
C1 LMT O . -28.86 56.92 -8.80
C1B LMT P . 36.80 -16.89 -26.65
C2B LMT P . 36.62 -15.37 -26.50
C3B LMT P . 37.57 -14.55 -27.30
C4B LMT P . 38.95 -15.04 -27.15
C5B LMT P . 39.03 -16.45 -27.76
C6B LMT P . 40.45 -16.96 -27.72
O1B LMT P . 35.85 -17.41 -27.49
O2B LMT P . 35.28 -15.01 -26.86
O3B LMT P . 37.48 -13.15 -26.85
O4' LMT P . 39.86 -14.17 -27.82
O5B LMT P . 38.16 -17.38 -27.04
O6B LMT P . 40.53 -18.18 -28.44
C1' LMT P . 35.24 -21.19 -29.23
C2' LMT P . 36.14 -21.10 -27.99
C3' LMT P . 35.75 -19.85 -27.29
C4' LMT P . 36.31 -18.69 -28.06
C5' LMT P . 35.94 -18.74 -29.55
C6' LMT P . 37.11 -18.15 -30.34
O1' LMT P . 35.40 -22.42 -29.86
O2' LMT P . 36.05 -22.26 -27.14
O3' LMT P . 36.28 -19.85 -25.94
O5' LMT P . 35.59 -20.07 -30.16
O6' LMT P . 38.26 -18.90 -30.13
C1 LMT P . 34.65 -22.59 -31.05
C1B LMT Q . 41.14 -45.90 -16.89
C2B LMT Q . 42.12 -44.78 -17.28
C3B LMT Q . 43.26 -45.25 -18.08
C4B LMT Q . 43.96 -46.36 -17.41
C5B LMT Q . 43.00 -47.56 -17.23
C6B LMT Q . 43.70 -48.66 -16.46
O1B LMT Q . 40.21 -46.10 -17.88
O2B LMT Q . 41.40 -43.78 -18.04
O3B LMT Q . 44.22 -44.14 -18.28
O4' LMT Q . 45.08 -46.75 -18.20
O5B LMT Q . 41.78 -47.20 -16.51
O6B LMT Q . 45.07 -48.69 -16.78
C1' LMT Q . 36.55 -47.84 -18.26
C2' LMT Q . 37.24 -48.10 -16.92
C3' LMT Q . 38.39 -47.19 -16.69
C4' LMT Q . 39.47 -47.36 -17.72
C5' LMT Q . 38.95 -47.74 -19.12
C6' LMT Q . 39.42 -49.14 -19.53
O1' LMT Q . 35.79 -48.96 -18.61
O2' LMT Q . 36.29 -47.94 -15.84
O3' LMT Q . 38.94 -47.47 -15.39
O5' LMT Q . 37.50 -47.53 -19.37
O6' LMT Q . 38.75 -50.16 -18.84
C1 LMT Q . 35.21 -48.90 -19.91
C1B LMT R . 13.87 -56.63 -3.44
C2B LMT R . 15.23 -57.20 -3.02
C3B LMT R . 15.15 -58.65 -2.70
C4B LMT R . 14.11 -58.91 -1.69
C5B LMT R . 12.71 -58.46 -2.17
C6B LMT R . 11.99 -57.72 -1.09
O1B LMT R . 13.97 -56.15 -4.73
O2B LMT R . 16.21 -56.97 -4.06
O3B LMT R . 16.46 -59.13 -2.21
O4' LMT R . 14.08 -60.32 -1.42
O5B LMT R . 12.77 -57.62 -3.38
O6B LMT R . 10.63 -58.10 -1.06
C1' LMT R . 11.00 -55.75 -7.75
C2' LMT R . 10.77 -55.06 -6.41
C3' LMT R . 12.01 -55.03 -5.58
C4' LMT R . 12.70 -56.36 -5.47
C5' LMT R . 12.97 -57.06 -6.82
C6' LMT R . 13.38 -58.48 -6.51
O1' LMT R . 9.78 -55.89 -8.39
O2' LMT R . 10.35 -53.70 -6.64
O3' LMT R . 11.65 -54.59 -4.26
O5' LMT R . 11.68 -57.08 -7.58
O6' LMT R . 12.57 -59.02 -5.52
C1 LMT R . 9.53 -54.99 -9.49
C1B LMT S . -7.29 -33.46 -4.54
C2B LMT S . -7.06 -34.43 -3.38
C3B LMT S . -8.28 -35.17 -2.92
C4B LMT S . -9.47 -34.31 -2.83
C5B LMT S . -9.74 -33.63 -4.18
C6B LMT S . -11.00 -32.82 -4.12
O1B LMT S . -7.04 -34.07 -5.74
O2B LMT S . -6.06 -35.39 -3.79
O3B LMT S . -7.99 -35.75 -1.59
O4' LMT S . -10.61 -35.11 -2.46
O5B LMT S . -8.61 -32.77 -4.55
O6B LMT S . -11.13 -32.02 -5.28
C1' LMT S . -6.77 -32.63 -9.72
C2' LMT S . -6.31 -31.71 -8.59
C3' LMT S . -6.11 -32.45 -7.31
C4' LMT S . -7.34 -33.19 -6.90
C5' LMT S . -7.93 -34.04 -8.04
C6' LMT S . -9.31 -34.55 -7.65
O1' LMT S . -6.98 -31.91 -10.90
O2' LMT S . -5.06 -31.08 -8.97
O3' LMT S . -5.73 -31.51 -6.29
O5' LMT S . -8.03 -33.33 -9.34
O6' LMT S . -10.16 -33.47 -7.42
C1 LMT S . -6.74 -32.66 -12.10
C1B LMT T . 6.20 -8.32 -19.05
C2B LMT T . 4.75 -8.17 -18.58
C3B LMT T . 4.43 -6.82 -18.04
C4B LMT T . 5.38 -5.76 -18.42
C5B LMT T . 5.95 -5.97 -19.83
C6B LMT T . 6.88 -4.84 -20.18
O1B LMT T . 6.37 -9.53 -19.67
O2B LMT T . 3.85 -8.48 -19.66
O3B LMT T . 4.38 -6.92 -16.56
O4' LMT T . 4.73 -4.48 -18.36
O5B LMT T . 6.68 -7.24 -19.94
O6B LMT T . 7.98 -5.34 -20.91
C1' LMT T . 7.85 -11.34 -23.09
C2' LMT T . 8.85 -10.56 -22.25
C3' LMT T . 8.33 -10.23 -20.90
C4' LMT T . 7.11 -9.38 -20.93
C5' LMT T . 6.18 -9.67 -22.11
C6' LMT T . 6.18 -8.52 -23.11
O1' LMT T . 8.12 -11.16 -24.44
O2' LMT T . 10.05 -11.36 -22.10
O3' LMT T . 9.34 -9.52 -20.15
O5' LMT T . 6.42 -10.96 -22.82
O6' LMT T . 6.98 -7.47 -22.68
C1 LMT T . 8.97 -12.15 -25.03
#